data_3UG5
#
_entry.id   3UG5
#
_cell.length_a   102.200
_cell.length_b   160.933
_cell.length_c   156.172
_cell.angle_alpha   90.00
_cell.angle_beta   91.84
_cell.angle_gamma   90.00
#
_symmetry.space_group_name_H-M   'P 1 21 1'
#
loop_
_entity.id
_entity.type
_entity.pdbx_description
1 polymer Alpha-L-arabinofuranosidase
2 non-polymer 2-AMINO-2-HYDROXYMETHYL-PROPANE-1,3-DIOL
3 non-polymer beta-D-xylopyranose
4 water water
#
_entity_poly.entity_id   1
_entity_poly.type   'polypeptide(L)'
_entity_poly.pdbx_seq_one_letter_code
;MGSSHHHHHHSSGLVPRGSHMSYGIVVDPKEVVKPISRHIYGHFTEHLGRCIYGGIYEEGSPLSDERGFRKDVLEAVKRI
KVPNLRWPGGNFVSNYHWEDGIGPKDQRPVRFDLAWQQEETNRFGTDEFIEYCREIGAEPYISINMGTGTLDEALHWLEY
CNGKGNTYYAQLRRKYGHPEPYNVKFWGIGNEMYGEWQVGHMTADEYARAAKEYTKWMKVFDPTIKAIAVGCDDPIWNLR
VLQEAGDVIDFISYHFYTGSDDYYETVSTVYLLKERLIGVKKLIDMVDTARKRGVKIALDEWNVWYRVSDNKLEEPYDLK
DGIFACGVLVLLQKMSDIVPLANLAQLVNALGAIHTEKDGLILTPVYKAFELIVNHSGEKLVKTHVESETYNIEGVMFIN
KMPFSVENAPFLDAAASISEDGKKLFIAVVNYRKEDALKVPIRVEGLGQKKATVYTLTGPDVNARNTMENPNVVDITSET
ITVDTEFEHTFKPFSCSVIEVELE
;
_entity_poly.pdbx_strand_id   A,B,C,D,E,F
#
loop_
_chem_comp.id
_chem_comp.type
_chem_comp.name
_chem_comp.formula
TRS non-polymer 2-AMINO-2-HYDROXYMETHYL-PROPANE-1,3-DIOL 'C4 H12 N O3 1'
XYP D-saccharide, beta linking beta-D-xylopyranose 'C5 H10 O5'
#
# COMPACT_ATOMS: atom_id res chain seq x y z
N SER A 22 -35.43 45.53 10.81
CA SER A 22 -35.86 44.16 10.41
C SER A 22 -35.46 43.68 8.97
N TYR A 23 -35.81 44.48 7.97
CA TYR A 23 -35.30 44.30 6.60
C TYR A 23 -34.72 45.63 6.18
N GLY A 24 -33.60 45.64 5.48
CA GLY A 24 -33.04 46.88 5.00
C GLY A 24 -31.90 46.65 4.04
N ILE A 25 -31.66 47.62 3.15
CA ILE A 25 -30.50 47.51 2.28
C ILE A 25 -29.79 48.84 2.22
N VAL A 26 -28.47 48.81 2.36
CA VAL A 26 -27.66 50.01 2.26
C VAL A 26 -26.59 49.76 1.19
N VAL A 27 -26.49 50.67 0.24
CA VAL A 27 -25.56 50.51 -0.82
C VAL A 27 -24.69 51.76 -0.88
N ASP A 28 -23.40 51.58 -1.14
CA ASP A 28 -22.51 52.68 -1.41
C ASP A 28 -21.79 52.47 -2.75
N PRO A 29 -22.27 53.15 -3.80
CA PRO A 29 -21.73 52.94 -5.13
C PRO A 29 -20.35 53.46 -5.29
N LYS A 30 -19.76 53.98 -4.21
CA LYS A 30 -18.40 54.53 -4.38
C LYS A 30 -17.34 53.66 -3.76
N GLU A 31 -17.81 52.68 -3.01
CA GLU A 31 -16.99 51.66 -2.40
C GLU A 31 -17.12 50.42 -3.29
N VAL A 32 -16.24 50.34 -4.29
CA VAL A 32 -16.08 49.14 -5.09
C VAL A 32 -15.39 48.04 -4.26
N VAL A 33 -16.12 46.95 -3.98
CA VAL A 33 -15.52 45.80 -3.33
C VAL A 33 -14.56 44.97 -4.25
N LYS A 34 -15.02 44.48 -5.38
CA LYS A 34 -14.16 43.72 -6.28
C LYS A 34 -14.83 43.63 -7.63
N PRO A 35 -14.08 43.19 -8.64
CA PRO A 35 -14.73 43.00 -9.94
C PRO A 35 -15.57 41.74 -9.90
N ILE A 36 -16.50 41.64 -10.85
CA ILE A 36 -17.34 40.49 -10.92
C ILE A 36 -16.91 39.77 -12.18
N SER A 37 -16.50 38.51 -12.05
CA SER A 37 -16.02 37.78 -13.22
C SER A 37 -17.16 37.63 -14.22
N ARG A 38 -16.93 38.01 -15.46
CA ARG A 38 -17.98 37.83 -16.44
C ARG A 38 -18.35 36.34 -16.68
N HIS A 39 -17.50 35.39 -16.24
CA HIS A 39 -17.74 33.99 -16.57
C HIS A 39 -18.61 33.24 -15.60
N ILE A 40 -19.13 33.90 -14.55
CA ILE A 40 -20.14 33.29 -13.66
C ILE A 40 -21.46 32.98 -14.38
N TYR A 41 -21.69 33.58 -15.55
CA TYR A 41 -22.96 33.35 -16.26
C TYR A 41 -22.82 32.32 -17.38
N GLY A 42 -21.95 31.36 -17.20
CA GLY A 42 -21.66 30.46 -18.34
C GLY A 42 -22.69 29.37 -18.46
N HIS A 43 -22.67 28.73 -19.60
CA HIS A 43 -23.67 27.72 -19.89
C HIS A 43 -23.02 26.41 -20.34
N PHE A 44 -23.81 25.43 -20.72
CA PHE A 44 -23.27 24.09 -20.91
C PHE A 44 -24.22 23.34 -21.81
N THR A 45 -23.70 22.70 -22.86
CA THR A 45 -24.49 21.84 -23.69
C THR A 45 -23.78 20.47 -23.84
N GLU A 46 -24.38 19.42 -23.29
CA GLU A 46 -23.89 18.05 -23.51
C GLU A 46 -24.63 17.38 -24.67
N HIS A 47 -23.97 16.40 -25.30
CA HIS A 47 -24.64 15.42 -26.13
C HIS A 47 -25.48 14.48 -25.32
N LEU A 48 -26.64 14.97 -24.89
CA LEU A 48 -27.53 14.22 -24.02
C LEU A 48 -28.97 14.42 -24.52
N GLY A 49 -29.67 13.34 -24.84
CA GLY A 49 -31.06 13.48 -25.31
C GLY A 49 -31.20 14.64 -26.29
N ARG A 50 -32.08 15.59 -26.04
CA ARG A 50 -32.35 16.58 -27.09
C ARG A 50 -31.64 17.95 -26.89
N CYS A 51 -30.52 17.94 -26.16
CA CYS A 51 -29.82 19.16 -25.94
C CYS A 51 -29.18 19.65 -27.26
N ILE A 52 -28.42 18.76 -27.92
CA ILE A 52 -27.82 19.15 -29.18
C ILE A 52 -28.91 18.89 -30.30
N TYR A 53 -29.12 17.61 -30.62
CA TYR A 53 -30.02 17.18 -31.71
C TYR A 53 -31.50 17.45 -31.34
N GLY A 54 -32.10 18.47 -31.95
CA GLY A 54 -33.48 18.81 -31.61
C GLY A 54 -33.49 19.99 -30.63
N GLY A 55 -32.32 20.44 -30.16
CA GLY A 55 -32.20 21.58 -29.31
C GLY A 55 -31.56 22.72 -30.07
N ILE A 56 -30.26 22.86 -29.94
CA ILE A 56 -29.61 23.98 -30.59
C ILE A 56 -29.45 23.59 -32.06
N TYR A 57 -29.54 22.30 -32.39
CA TYR A 57 -29.14 21.85 -33.73
C TYR A 57 -30.18 20.94 -34.31
N GLU A 58 -30.70 21.28 -35.47
CA GLU A 58 -31.78 20.48 -36.04
C GLU A 58 -31.78 20.66 -37.54
N GLU A 59 -31.06 19.77 -38.21
CA GLU A 59 -30.82 19.88 -39.63
C GLU A 59 -32.13 19.66 -40.41
N GLY A 60 -32.37 20.53 -41.39
CA GLY A 60 -33.57 20.41 -42.21
C GLY A 60 -34.85 20.97 -41.59
N SER A 61 -34.79 21.51 -40.37
CA SER A 61 -36.01 22.08 -39.81
C SER A 61 -36.32 23.46 -40.45
N PRO A 62 -37.62 23.71 -40.69
CA PRO A 62 -38.08 25.03 -41.15
C PRO A 62 -37.64 26.13 -40.17
N LEU A 63 -37.36 25.74 -38.91
CA LEU A 63 -36.89 26.69 -37.91
C LEU A 63 -35.37 26.90 -37.89
N SER A 64 -34.64 26.16 -38.72
CA SER A 64 -33.15 26.22 -38.66
C SER A 64 -32.59 26.97 -39.84
N ASP A 65 -31.40 27.56 -39.67
CA ASP A 65 -30.64 28.14 -40.76
C ASP A 65 -29.86 27.08 -41.60
N GLU A 66 -29.05 27.55 -42.54
CA GLU A 66 -28.31 26.71 -43.51
C GLU A 66 -27.29 25.82 -42.79
N ARG A 67 -26.83 26.29 -41.61
CA ARG A 67 -25.93 25.51 -40.75
C ARG A 67 -26.64 24.46 -39.89
N GLY A 68 -27.97 24.43 -39.89
CA GLY A 68 -28.67 23.51 -39.00
C GLY A 68 -28.97 24.09 -37.60
N PHE A 69 -28.62 25.35 -37.36
CA PHE A 69 -28.89 25.96 -36.06
C PHE A 69 -30.34 26.44 -35.95
N ARG A 70 -31.08 25.90 -34.98
CA ARG A 70 -32.44 26.42 -34.66
C ARG A 70 -32.40 27.92 -34.41
N LYS A 71 -33.18 28.68 -35.20
CA LYS A 71 -33.02 30.12 -35.22
C LYS A 71 -33.73 30.77 -34.04
N ASP A 72 -34.82 30.16 -33.62
CA ASP A 72 -35.55 30.59 -32.45
C ASP A 72 -34.70 30.34 -31.18
N VAL A 73 -34.13 29.15 -31.05
CA VAL A 73 -33.17 28.89 -29.97
C VAL A 73 -32.01 29.87 -30.02
N LEU A 74 -31.49 30.14 -31.21
CA LEU A 74 -30.38 31.07 -31.33
C LEU A 74 -30.70 32.47 -30.81
N GLU A 75 -31.89 32.95 -31.14
CA GLU A 75 -32.33 34.24 -30.65
C GLU A 75 -32.47 34.26 -29.10
N ALA A 76 -33.09 33.24 -28.52
CA ALA A 76 -33.19 33.11 -27.08
C ALA A 76 -31.79 32.99 -26.44
N VAL A 77 -30.87 32.25 -27.05
CA VAL A 77 -29.51 32.18 -26.53
C VAL A 77 -28.73 33.50 -26.63
N LYS A 78 -28.89 34.22 -27.75
CA LYS A 78 -28.20 35.52 -27.86
C LYS A 78 -28.72 36.49 -26.81
N ARG A 79 -30.00 36.37 -26.46
CA ARG A 79 -30.60 37.25 -25.50
C ARG A 79 -29.95 37.12 -24.13
N ILE A 80 -29.41 35.95 -23.77
CA ILE A 80 -28.77 35.84 -22.43
C ILE A 80 -27.25 35.98 -22.43
N LYS A 81 -26.67 36.45 -23.52
CA LYS A 81 -25.27 36.92 -23.56
C LYS A 81 -24.24 35.92 -23.01
N VAL A 82 -24.17 34.76 -23.64
CA VAL A 82 -23.42 33.69 -23.06
C VAL A 82 -21.91 34.04 -23.01
N PRO A 83 -21.29 34.11 -21.81
CA PRO A 83 -19.86 34.43 -21.83
C PRO A 83 -18.97 33.23 -22.24
N ASN A 84 -19.36 32.00 -21.89
CA ASN A 84 -18.60 30.83 -22.29
C ASN A 84 -19.54 29.65 -22.27
N LEU A 85 -19.23 28.70 -23.13
CA LEU A 85 -20.13 27.58 -23.34
C LEU A 85 -19.34 26.26 -23.24
N ARG A 86 -19.77 25.38 -22.35
CA ARG A 86 -19.11 24.10 -22.09
C ARG A 86 -19.67 23.01 -22.99
N TRP A 87 -18.77 22.17 -23.52
CA TRP A 87 -19.13 21.10 -24.45
C TRP A 87 -17.94 20.09 -24.54
N PRO A 88 -18.20 18.81 -24.85
CA PRO A 88 -19.48 18.14 -25.14
C PRO A 88 -20.08 17.35 -23.95
N GLY A 89 -19.55 17.55 -22.72
CA GLY A 89 -19.94 16.70 -21.62
C GLY A 89 -19.17 17.11 -20.40
N GLY A 90 -19.52 16.62 -19.21
CA GLY A 90 -20.63 15.71 -19.05
C GLY A 90 -20.23 14.26 -19.27
N ASN A 91 -21.04 13.32 -18.74
CA ASN A 91 -20.67 11.90 -18.85
C ASN A 91 -20.36 11.47 -20.28
N PHE A 92 -21.07 12.03 -21.26
CA PHE A 92 -20.78 11.79 -22.66
C PHE A 92 -19.28 11.84 -23.03
N VAL A 93 -18.55 12.87 -22.54
CA VAL A 93 -17.21 13.11 -23.08
C VAL A 93 -16.24 12.04 -22.69
N SER A 94 -16.54 11.31 -21.63
CA SER A 94 -15.62 10.27 -21.12
C SER A 94 -15.64 9.01 -21.98
N ASN A 95 -16.45 9.00 -23.04
CA ASN A 95 -16.25 7.98 -24.09
C ASN A 95 -16.40 8.60 -25.50
N TYR A 96 -15.96 9.84 -25.64
CA TYR A 96 -16.03 10.55 -26.91
C TYR A 96 -14.68 10.71 -27.54
N HIS A 97 -14.58 10.42 -28.84
CA HIS A 97 -13.31 10.57 -29.55
C HIS A 97 -13.54 11.68 -30.54
N TRP A 98 -12.98 12.83 -30.22
CA TRP A 98 -13.31 14.04 -30.93
C TRP A 98 -13.07 13.91 -32.47
N GLU A 99 -12.10 13.09 -32.88
CA GLU A 99 -11.85 12.94 -34.32
C GLU A 99 -13.02 12.36 -35.09
N ASP A 100 -13.91 11.69 -34.38
CA ASP A 100 -15.12 11.20 -34.95
C ASP A 100 -16.04 12.31 -35.45
N GLY A 101 -15.81 13.53 -34.99
CA GLY A 101 -16.78 14.60 -35.20
C GLY A 101 -16.26 15.71 -36.09
N ILE A 102 -15.19 15.44 -36.87
CA ILE A 102 -14.62 16.42 -37.80
C ILE A 102 -14.57 15.93 -39.26
N GLY A 103 -14.39 16.88 -40.17
CA GLY A 103 -14.44 16.55 -41.59
C GLY A 103 -15.85 16.49 -42.17
N PRO A 104 -15.94 16.12 -43.47
CA PRO A 104 -17.25 16.06 -44.19
C PRO A 104 -18.20 15.17 -43.39
N LYS A 105 -19.40 15.70 -43.12
CA LYS A 105 -20.38 15.04 -42.23
C LYS A 105 -20.74 13.63 -42.63
N ASP A 106 -20.89 13.40 -43.93
CA ASP A 106 -21.27 12.08 -44.43
C ASP A 106 -20.25 11.01 -44.01
N GLN A 107 -18.99 11.39 -43.88
CA GLN A 107 -17.99 10.40 -43.51
C GLN A 107 -17.76 10.25 -41.99
N ARG A 108 -18.50 10.99 -41.17
CA ARG A 108 -18.30 10.86 -39.70
C ARG A 108 -18.97 9.56 -39.27
N PRO A 109 -18.28 8.72 -38.50
CA PRO A 109 -18.87 7.42 -38.08
C PRO A 109 -19.94 7.55 -37.01
N VAL A 110 -20.94 6.68 -37.05
CA VAL A 110 -21.95 6.59 -36.02
C VAL A 110 -21.31 5.79 -34.89
N ARG A 111 -21.42 6.30 -33.66
CA ARG A 111 -20.85 5.62 -32.51
C ARG A 111 -21.96 5.33 -31.52
N PHE A 112 -21.76 4.33 -30.69
CA PHE A 112 -22.67 4.07 -29.62
C PHE A 112 -22.17 4.86 -28.34
N ASP A 113 -22.91 5.86 -27.89
CA ASP A 113 -22.51 6.59 -26.68
C ASP A 113 -22.90 5.75 -25.48
N LEU A 114 -21.92 5.23 -24.75
CA LEU A 114 -22.19 4.46 -23.51
C LEU A 114 -22.91 5.31 -22.40
N ALA A 115 -22.70 6.61 -22.38
CA ALA A 115 -23.27 7.44 -21.28
C ALA A 115 -24.82 7.42 -21.27
N TRP A 116 -25.41 7.66 -22.42
CA TRP A 116 -26.85 7.83 -22.54
C TRP A 116 -27.47 6.75 -23.46
N GLN A 117 -26.62 5.85 -23.95
CA GLN A 117 -27.03 4.68 -24.69
C GLN A 117 -27.73 5.00 -26.01
N GLN A 118 -27.14 5.88 -26.79
CA GLN A 118 -27.73 6.26 -28.04
C GLN A 118 -26.72 6.15 -29.17
N GLU A 119 -27.25 6.10 -30.38
CA GLU A 119 -26.44 6.27 -31.59
C GLU A 119 -26.11 7.74 -31.83
N GLU A 120 -24.85 8.08 -31.66
CA GLU A 120 -24.40 9.44 -31.89
C GLU A 120 -23.94 9.51 -33.35
N THR A 121 -24.51 10.42 -34.14
CA THR A 121 -24.14 10.48 -35.55
C THR A 121 -22.87 11.34 -35.76
N ASN A 122 -22.49 12.11 -34.74
CA ASN A 122 -21.35 13.03 -34.83
C ASN A 122 -21.53 14.15 -35.84
N ARG A 123 -22.78 14.34 -36.28
CA ARG A 123 -23.03 15.40 -37.27
C ARG A 123 -22.87 16.79 -36.64
N PHE A 124 -22.96 16.90 -35.30
CA PHE A 124 -22.48 18.09 -34.55
C PHE A 124 -21.13 17.74 -33.87
N GLY A 125 -20.07 18.38 -34.29
CA GLY A 125 -18.72 18.08 -33.82
C GLY A 125 -17.98 19.41 -33.60
N THR A 126 -16.67 19.32 -33.46
CA THR A 126 -15.87 20.44 -32.98
C THR A 126 -16.08 21.69 -33.84
N ASP A 127 -16.07 21.54 -35.16
CA ASP A 127 -16.20 22.71 -36.04
C ASP A 127 -17.58 23.40 -35.90
N GLU A 128 -18.67 22.61 -35.81
CA GLU A 128 -20.03 23.17 -35.59
C GLU A 128 -20.11 23.80 -34.20
N PHE A 129 -19.46 23.20 -33.19
CA PHE A 129 -19.54 23.74 -31.85
C PHE A 129 -18.89 25.14 -31.84
N ILE A 130 -17.70 25.23 -32.44
CA ILE A 130 -17.00 26.51 -32.50
C ILE A 130 -17.80 27.56 -33.31
N GLU A 131 -18.43 27.15 -34.42
CA GLU A 131 -19.26 28.04 -35.23
C GLU A 131 -20.39 28.51 -34.31
N TYR A 132 -20.97 27.58 -33.54
CA TYR A 132 -22.05 27.99 -32.63
C TYR A 132 -21.60 29.05 -31.63
N CYS A 133 -20.41 28.87 -31.06
CA CYS A 133 -19.90 29.78 -30.05
C CYS A 133 -19.69 31.16 -30.67
N ARG A 134 -19.09 31.19 -31.87
CA ARG A 134 -18.77 32.44 -32.55
C ARG A 134 -20.09 33.18 -32.85
N GLU A 135 -21.12 32.43 -33.21
CA GLU A 135 -22.36 33.05 -33.60
C GLU A 135 -23.01 33.73 -32.39
N ILE A 136 -22.84 33.17 -31.19
CA ILE A 136 -23.52 33.70 -30.01
C ILE A 136 -22.57 34.55 -29.16
N GLY A 137 -21.33 34.69 -29.61
CA GLY A 137 -20.30 35.47 -28.89
C GLY A 137 -19.63 34.83 -27.65
N ALA A 138 -19.76 33.52 -27.48
CA ALA A 138 -19.32 32.86 -26.24
C ALA A 138 -17.88 32.30 -26.44
N GLU A 139 -17.06 32.28 -25.39
CA GLU A 139 -15.77 31.58 -25.41
C GLU A 139 -16.05 30.08 -25.31
N PRO A 140 -15.49 29.29 -26.21
CA PRO A 140 -15.69 27.84 -26.02
C PRO A 140 -14.91 27.24 -24.81
N TYR A 141 -15.52 26.22 -24.21
CA TYR A 141 -14.94 25.56 -23.07
C TYR A 141 -15.12 24.04 -23.37
N ILE A 142 -14.02 23.40 -23.77
CA ILE A 142 -14.01 21.99 -24.17
C ILE A 142 -13.51 21.11 -23.06
N SER A 143 -14.30 20.09 -22.72
CA SER A 143 -13.87 18.98 -21.82
C SER A 143 -13.22 17.85 -22.62
N ILE A 144 -12.14 17.28 -22.08
CA ILE A 144 -11.46 16.22 -22.80
C ILE A 144 -11.89 14.87 -22.27
N ASN A 145 -11.64 13.81 -23.06
CA ASN A 145 -11.99 12.46 -22.70
C ASN A 145 -10.84 11.80 -21.94
N MET A 146 -10.98 11.65 -20.64
CA MET A 146 -9.97 10.95 -19.85
C MET A 146 -10.43 9.53 -19.53
N GLY A 147 -11.62 9.13 -19.99
CA GLY A 147 -12.19 7.79 -19.68
C GLY A 147 -11.62 6.75 -20.67
N THR A 148 -11.86 6.91 -21.97
CA THR A 148 -11.23 6.06 -22.95
C THR A 148 -10.23 6.84 -23.78
N GLY A 149 -10.03 8.13 -23.46
CA GLY A 149 -9.09 8.97 -24.21
C GLY A 149 -7.63 8.79 -23.78
N THR A 150 -6.69 9.42 -24.50
CA THR A 150 -5.27 9.35 -24.12
C THR A 150 -4.75 10.77 -24.11
N LEU A 151 -3.55 10.94 -23.62
CA LEU A 151 -2.83 12.22 -23.66
C LEU A 151 -2.64 12.68 -25.08
N ASP A 152 -2.16 11.79 -25.95
CA ASP A 152 -1.97 12.15 -27.37
C ASP A 152 -3.25 12.69 -27.99
N GLU A 153 -4.36 12.00 -27.75
CA GLU A 153 -5.64 12.43 -28.30
C GLU A 153 -6.04 13.84 -27.77
N ALA A 154 -5.71 14.18 -26.51
CA ALA A 154 -6.13 15.44 -25.97
C ALA A 154 -5.23 16.49 -26.59
N LEU A 155 -3.96 16.17 -26.75
CA LEU A 155 -3.01 17.09 -27.39
C LEU A 155 -3.38 17.32 -28.82
N HIS A 156 -3.93 16.31 -29.50
CA HIS A 156 -4.25 16.55 -30.90
C HIS A 156 -5.48 17.45 -31.00
N TRP A 157 -6.44 17.31 -30.10
CA TRP A 157 -7.63 18.15 -30.08
C TRP A 157 -7.20 19.62 -29.88
N LEU A 158 -6.23 19.81 -28.99
CA LEU A 158 -5.73 21.11 -28.60
C LEU A 158 -4.95 21.69 -29.78
N GLU A 159 -4.16 20.84 -30.44
CA GLU A 159 -3.47 21.24 -31.66
C GLU A 159 -4.44 21.61 -32.78
N TYR A 160 -5.43 20.77 -33.03
CA TYR A 160 -6.44 21.11 -34.04
C TYR A 160 -7.08 22.50 -33.73
N CYS A 161 -7.44 22.74 -32.46
CA CYS A 161 -8.18 23.97 -32.11
C CYS A 161 -7.26 25.20 -32.09
N ASN A 162 -6.06 25.07 -31.52
CA ASN A 162 -5.22 26.21 -31.16
C ASN A 162 -3.89 26.38 -31.94
N GLY A 163 -3.48 25.34 -32.70
CA GLY A 163 -2.16 25.35 -33.39
C GLY A 163 -2.06 26.45 -34.44
N LYS A 164 -1.01 27.23 -34.40
CA LYS A 164 -0.71 28.22 -35.47
C LYS A 164 0.34 27.74 -36.47
N GLY A 165 0.92 26.56 -36.29
CA GLY A 165 2.09 26.24 -37.08
C GLY A 165 1.72 25.30 -38.21
N ASN A 166 2.62 24.37 -38.52
CA ASN A 166 2.36 23.42 -39.58
C ASN A 166 2.19 22.03 -39.14
N THR A 167 1.82 21.81 -37.88
CA THR A 167 1.57 20.45 -37.38
C THR A 167 0.41 19.83 -38.13
N TYR A 168 0.40 18.54 -38.29
CA TYR A 168 -0.70 17.82 -38.91
C TYR A 168 -2.13 18.33 -38.53
N TYR A 169 -2.42 18.47 -37.24
CA TYR A 169 -3.78 18.85 -36.83
C TYR A 169 -4.15 20.33 -37.06
N ALA A 170 -3.23 21.26 -36.84
CA ALA A 170 -3.42 22.67 -37.25
C ALA A 170 -3.76 22.70 -38.74
N GLN A 171 -2.99 21.97 -39.57
CA GLN A 171 -3.25 21.93 -41.03
C GLN A 171 -4.61 21.33 -41.32
N LEU A 172 -4.96 20.27 -40.58
CA LEU A 172 -6.24 19.63 -40.76
C LEU A 172 -7.44 20.59 -40.51
N ARG A 173 -7.29 21.48 -39.52
CA ARG A 173 -8.34 22.44 -39.22
C ARG A 173 -8.50 23.33 -40.44
N ARG A 174 -7.38 23.75 -41.02
CA ARG A 174 -7.41 24.62 -42.21
C ARG A 174 -7.96 23.88 -43.38
N LYS A 175 -7.53 22.62 -43.58
CA LYS A 175 -8.11 21.86 -44.67
C LYS A 175 -9.67 21.77 -44.57
N TYR A 176 -10.21 21.74 -43.36
CA TYR A 176 -11.62 21.57 -43.21
C TYR A 176 -12.40 22.90 -43.21
N GLY A 177 -11.68 24.02 -43.42
CA GLY A 177 -12.24 25.28 -43.82
C GLY A 177 -11.98 26.38 -42.82
N HIS A 178 -11.07 26.17 -41.85
CA HIS A 178 -10.80 27.25 -40.90
C HIS A 178 -9.33 27.57 -40.68
N PRO A 179 -8.78 28.44 -41.52
CA PRO A 179 -7.32 28.73 -41.38
C PRO A 179 -6.90 29.29 -40.00
N GLU A 180 -7.68 30.18 -39.42
CA GLU A 180 -7.29 30.83 -38.18
C GLU A 180 -7.54 29.92 -36.98
N PRO A 181 -6.63 29.91 -36.01
CA PRO A 181 -6.90 29.04 -34.87
C PRO A 181 -8.14 29.52 -34.10
N TYR A 182 -8.80 28.59 -33.42
CA TYR A 182 -10.00 28.86 -32.66
C TYR A 182 -9.66 29.52 -31.31
N ASN A 183 -8.45 29.29 -30.84
CA ASN A 183 -8.03 29.79 -29.54
C ASN A 183 -9.03 29.41 -28.41
N VAL A 184 -9.26 28.11 -28.21
CA VAL A 184 -10.08 27.66 -27.08
C VAL A 184 -9.30 27.92 -25.78
N LYS A 185 -9.87 28.66 -24.85
CA LYS A 185 -9.12 29.09 -23.69
C LYS A 185 -9.32 28.19 -22.48
N PHE A 186 -10.50 27.57 -22.39
CA PHE A 186 -10.89 26.78 -21.22
C PHE A 186 -10.88 25.31 -21.65
N TRP A 187 -10.19 24.51 -20.87
CA TRP A 187 -10.06 23.09 -21.14
C TRP A 187 -10.38 22.31 -19.84
N GLY A 188 -11.38 21.42 -19.91
CA GLY A 188 -11.81 20.59 -18.78
C GLY A 188 -11.03 19.29 -18.74
N ILE A 189 -10.19 19.12 -17.72
CA ILE A 189 -9.29 18.00 -17.66
C ILE A 189 -10.09 16.83 -17.06
N GLY A 190 -10.85 16.16 -17.90
CA GLY A 190 -11.71 15.07 -17.41
C GLY A 190 -13.09 15.54 -16.96
N ASN A 191 -14.01 14.63 -16.74
CA ASN A 191 -15.32 14.94 -16.24
C ASN A 191 -15.69 13.91 -15.19
N GLU A 192 -16.07 14.37 -13.99
CA GLU A 192 -16.50 13.48 -12.88
C GLU A 192 -15.78 12.10 -12.84
N MET A 193 -14.46 12.13 -12.88
CA MET A 193 -13.69 10.88 -12.95
C MET A 193 -13.77 10.10 -11.65
N TYR A 194 -14.34 10.69 -10.58
CA TYR A 194 -14.52 9.95 -9.30
C TYR A 194 -15.71 9.01 -9.34
N GLY A 195 -16.69 9.28 -10.18
CA GLY A 195 -17.94 8.53 -10.12
C GLY A 195 -17.89 7.18 -10.83
N GLU A 196 -18.45 6.17 -10.18
CA GLU A 196 -18.48 4.80 -10.69
C GLU A 196 -19.26 4.78 -12.03
N TRP A 197 -20.14 5.76 -12.23
CA TRP A 197 -20.94 5.82 -13.43
C TRP A 197 -20.12 6.33 -14.66
N GLN A 198 -18.90 6.85 -14.44
CA GLN A 198 -18.14 7.46 -15.51
C GLN A 198 -17.34 6.33 -16.19
N VAL A 199 -17.36 6.30 -17.52
CA VAL A 199 -16.49 5.40 -18.25
C VAL A 199 -15.02 5.59 -17.83
N GLY A 200 -14.29 4.54 -17.46
CA GLY A 200 -12.86 4.70 -17.10
C GLY A 200 -12.62 5.50 -15.81
N HIS A 201 -13.58 5.46 -14.90
CA HIS A 201 -13.39 6.14 -13.64
C HIS A 201 -12.12 5.74 -12.84
N MET A 202 -11.66 6.69 -12.01
CA MET A 202 -10.37 6.60 -11.40
C MET A 202 -10.45 6.79 -9.90
N THR A 203 -9.46 6.21 -9.20
CA THR A 203 -9.22 6.57 -7.81
C THR A 203 -8.67 8.00 -7.80
N ALA A 204 -8.68 8.58 -6.62
CA ALA A 204 -8.14 9.90 -6.38
C ALA A 204 -6.69 10.03 -6.78
N ASP A 205 -5.85 9.10 -6.33
CA ASP A 205 -4.42 9.06 -6.74
C ASP A 205 -4.28 8.94 -8.23
N GLU A 206 -5.03 8.04 -8.84
CA GLU A 206 -4.95 7.94 -10.32
C GLU A 206 -5.29 9.22 -11.04
N TYR A 207 -6.41 9.85 -10.67
CA TYR A 207 -6.89 11.04 -11.35
C TYR A 207 -5.95 12.19 -11.06
N ALA A 208 -5.45 12.29 -9.84
CA ALA A 208 -4.56 13.42 -9.49
C ALA A 208 -3.26 13.34 -10.31
N ARG A 209 -2.68 12.15 -10.45
CA ARG A 209 -1.47 12.01 -11.31
C ARG A 209 -1.80 12.37 -12.75
N ALA A 210 -2.90 11.80 -13.23
CA ALA A 210 -3.32 12.04 -14.63
C ALA A 210 -3.64 13.51 -14.97
N ALA A 211 -4.24 14.23 -14.00
CA ALA A 211 -4.57 15.64 -14.15
C ALA A 211 -3.30 16.43 -14.30
N LYS A 212 -2.32 16.15 -13.46
CA LYS A 212 -1.01 16.78 -13.56
C LYS A 212 -0.39 16.46 -14.93
N GLU A 213 -0.33 15.20 -15.31
CA GLU A 213 0.32 14.81 -16.58
C GLU A 213 -0.37 15.50 -17.80
N TYR A 214 -1.71 15.39 -17.86
CA TYR A 214 -2.43 15.97 -19.05
C TYR A 214 -2.26 17.46 -19.09
N THR A 215 -2.42 18.10 -17.92
CA THR A 215 -2.33 19.54 -17.88
C THR A 215 -0.97 20.07 -18.23
N LYS A 216 0.04 19.45 -17.67
CA LYS A 216 1.39 19.92 -17.92
C LYS A 216 1.79 19.79 -19.37
N TRP A 217 1.47 18.69 -20.01
CA TRP A 217 1.88 18.61 -21.43
C TRP A 217 0.99 19.44 -22.37
N MET A 218 -0.31 19.55 -22.06
CA MET A 218 -1.17 20.44 -22.85
C MET A 218 -0.64 21.90 -22.77
N LYS A 219 -0.10 22.28 -21.61
CA LYS A 219 0.39 23.67 -21.45
C LYS A 219 1.77 23.88 -22.08
N VAL A 220 2.49 22.78 -22.27
CA VAL A 220 3.72 22.84 -23.05
C VAL A 220 3.37 23.22 -24.46
N PHE A 221 2.31 22.63 -25.03
CA PHE A 221 1.88 23.04 -26.36
C PHE A 221 1.25 24.43 -26.38
N ASP A 222 0.30 24.70 -25.50
CA ASP A 222 -0.26 26.06 -25.43
C ASP A 222 -0.30 26.53 -23.97
N PRO A 223 0.68 27.35 -23.54
CA PRO A 223 0.73 27.80 -22.14
C PRO A 223 -0.34 28.80 -21.76
N THR A 224 -1.19 29.22 -22.70
CA THR A 224 -2.19 30.22 -22.37
C THR A 224 -3.50 29.63 -21.85
N ILE A 225 -3.69 28.33 -22.00
CA ILE A 225 -4.95 27.75 -21.67
C ILE A 225 -5.21 27.75 -20.16
N LYS A 226 -6.48 27.79 -19.77
CA LYS A 226 -6.89 27.52 -18.40
C LYS A 226 -7.38 26.06 -18.31
N ALA A 227 -6.84 25.36 -17.33
CA ALA A 227 -7.21 23.98 -17.07
C ALA A 227 -8.11 23.84 -15.85
N ILE A 228 -9.26 23.20 -16.07
CA ILE A 228 -10.18 22.88 -14.98
C ILE A 228 -10.05 21.38 -14.62
N ALA A 229 -9.62 21.12 -13.40
CA ALA A 229 -9.51 19.74 -12.90
C ALA A 229 -10.75 19.39 -12.10
N VAL A 230 -11.06 18.09 -12.04
CA VAL A 230 -12.24 17.54 -11.39
C VAL A 230 -12.15 17.59 -9.84
N GLY A 231 -13.11 18.26 -9.20
CA GLY A 231 -13.33 18.21 -7.76
C GLY A 231 -14.67 17.55 -7.48
N CYS A 232 -14.90 17.19 -6.22
CA CYS A 232 -16.26 16.80 -5.80
C CYS A 232 -16.50 17.13 -4.29
N ASP A 233 -17.31 16.34 -3.60
CA ASP A 233 -17.49 16.55 -2.16
C ASP A 233 -16.56 15.73 -1.31
N ASP A 234 -15.81 14.79 -1.91
CA ASP A 234 -14.88 14.01 -1.14
C ASP A 234 -13.61 14.88 -0.89
N PRO A 235 -13.42 15.30 0.36
CA PRO A 235 -12.29 16.19 0.60
C PRO A 235 -10.90 15.55 0.33
N ILE A 236 -10.76 14.24 0.47
CA ILE A 236 -9.46 13.57 0.18
C ILE A 236 -9.17 13.67 -1.33
N TRP A 237 -10.19 13.39 -2.13
CA TRP A 237 -10.12 13.58 -3.57
C TRP A 237 -9.63 14.99 -3.91
N ASN A 238 -10.34 16.02 -3.43
CA ASN A 238 -9.96 17.40 -3.73
C ASN A 238 -8.48 17.65 -3.34
N LEU A 239 -8.10 17.19 -2.16
CA LEU A 239 -6.73 17.44 -1.70
C LEU A 239 -5.70 16.75 -2.59
N ARG A 240 -5.96 15.51 -3.00
CA ARG A 240 -4.97 14.80 -3.82
C ARG A 240 -4.76 15.53 -5.10
N VAL A 241 -5.85 15.95 -5.74
CA VAL A 241 -5.80 16.70 -6.99
C VAL A 241 -5.03 17.99 -6.77
N LEU A 242 -5.40 18.75 -5.72
CA LEU A 242 -4.69 20.02 -5.45
C LEU A 242 -3.21 19.76 -5.16
N GLN A 243 -2.90 18.72 -4.38
CA GLN A 243 -1.49 18.40 -4.04
C GLN A 243 -0.61 18.01 -5.23
N GLU A 244 -1.21 17.28 -6.16
CA GLU A 244 -0.46 16.76 -7.25
C GLU A 244 -0.42 17.76 -8.40
N ALA A 245 -1.53 18.46 -8.65
CA ALA A 245 -1.58 19.29 -9.85
C ALA A 245 -1.77 20.79 -9.55
N GLY A 246 -1.76 21.14 -8.26
CA GLY A 246 -1.93 22.51 -7.80
C GLY A 246 -0.98 23.55 -8.40
N ASP A 247 0.17 23.09 -8.92
CA ASP A 247 1.15 23.96 -9.54
C ASP A 247 0.83 24.22 -11.01
N VAL A 248 -0.06 23.41 -11.63
CA VAL A 248 -0.37 23.70 -13.04
C VAL A 248 -1.85 23.99 -13.40
N ILE A 249 -2.81 23.51 -12.61
CA ILE A 249 -4.23 23.71 -12.92
C ILE A 249 -4.66 25.14 -12.61
N ASP A 250 -5.83 25.55 -13.10
CA ASP A 250 -6.33 26.88 -12.80
C ASP A 250 -7.56 26.87 -11.94
N PHE A 251 -8.39 25.84 -12.09
CA PHE A 251 -9.58 25.68 -11.28
C PHE A 251 -9.69 24.23 -10.87
N ILE A 252 -10.36 24.01 -9.73
CA ILE A 252 -10.91 22.72 -9.34
C ILE A 252 -12.45 22.91 -9.44
N SER A 253 -13.16 21.91 -9.97
CA SER A 253 -14.52 22.14 -10.38
C SER A 253 -15.41 21.61 -9.30
N TYR A 254 -16.67 22.04 -9.32
CA TYR A 254 -17.62 21.56 -8.31
C TYR A 254 -18.96 21.44 -9.02
N HIS A 255 -19.71 20.34 -8.80
CA HIS A 255 -21.02 20.15 -9.42
C HIS A 255 -22.05 20.21 -8.33
N PHE A 256 -23.17 20.92 -8.54
CA PHE A 256 -24.19 21.09 -7.50
C PHE A 256 -25.57 20.95 -8.06
N TYR A 257 -26.28 19.90 -7.70
CA TYR A 257 -27.64 19.72 -8.10
C TYR A 257 -28.54 19.62 -6.87
N THR A 258 -29.73 20.23 -6.93
CA THR A 258 -30.51 20.41 -5.75
C THR A 258 -32.00 20.33 -6.04
N GLY A 259 -32.82 20.47 -4.99
CA GLY A 259 -34.25 20.62 -5.22
C GLY A 259 -35.08 19.53 -4.57
N SER A 260 -36.29 19.94 -4.22
CA SER A 260 -37.33 19.06 -3.75
C SER A 260 -38.64 19.76 -4.05
N ASP A 261 -39.73 19.04 -3.84
CA ASP A 261 -41.05 19.63 -4.00
C ASP A 261 -41.33 20.76 -3.02
N ASP A 262 -40.66 20.82 -1.87
CA ASP A 262 -40.93 21.91 -0.98
C ASP A 262 -40.22 23.18 -1.43
N TYR A 263 -40.94 24.29 -1.44
CA TYR A 263 -40.38 25.61 -1.84
C TYR A 263 -39.13 26.02 -1.05
N TYR A 264 -39.23 26.11 0.26
CA TYR A 264 -38.07 26.57 1.06
C TYR A 264 -36.90 25.59 0.96
N GLU A 265 -37.20 24.30 0.93
CA GLU A 265 -36.18 23.30 0.80
C GLU A 265 -35.32 23.48 -0.45
N THR A 266 -35.93 23.97 -1.53
CA THR A 266 -35.19 24.22 -2.75
C THR A 266 -34.33 25.48 -2.64
N VAL A 267 -34.97 26.60 -2.32
CA VAL A 267 -34.29 27.92 -2.45
C VAL A 267 -33.29 28.13 -1.36
N SER A 268 -33.49 27.46 -0.22
CA SER A 268 -32.53 27.66 0.85
C SER A 268 -31.21 27.02 0.46
N THR A 269 -31.20 26.12 -0.55
CA THR A 269 -29.94 25.44 -0.92
C THR A 269 -28.97 26.35 -1.63
N VAL A 270 -29.38 27.58 -1.92
CA VAL A 270 -28.43 28.63 -2.33
C VAL A 270 -27.35 28.76 -1.23
N TYR A 271 -27.81 28.74 0.02
CA TYR A 271 -26.94 28.98 1.17
C TYR A 271 -26.23 27.67 1.60
N LEU A 272 -26.70 26.52 1.13
CA LEU A 272 -25.93 25.29 1.26
C LEU A 272 -24.73 25.33 0.30
N LEU A 273 -25.04 25.66 -0.95
CA LEU A 273 -24.03 25.87 -1.96
C LEU A 273 -22.96 26.80 -1.46
N LYS A 274 -23.40 27.91 -0.88
CA LYS A 274 -22.43 28.87 -0.35
C LYS A 274 -21.41 28.21 0.61
N GLU A 275 -21.87 27.36 1.51
CA GLU A 275 -20.96 26.74 2.48
C GLU A 275 -20.02 25.68 1.79
N ARG A 276 -20.53 25.00 0.76
CA ARG A 276 -19.74 24.09 -0.08
C ARG A 276 -18.61 24.79 -0.74
N LEU A 277 -18.88 25.94 -1.34
CA LEU A 277 -17.87 26.72 -2.04
C LEU A 277 -16.77 27.21 -1.06
N ILE A 278 -17.18 27.67 0.12
CA ILE A 278 -16.22 28.18 1.09
C ILE A 278 -15.36 27.01 1.57
N GLY A 279 -15.98 25.85 1.77
CA GLY A 279 -15.24 24.65 2.11
C GLY A 279 -14.17 24.35 1.10
N VAL A 280 -14.53 24.35 -0.20
CA VAL A 280 -13.56 23.96 -1.21
C VAL A 280 -12.48 25.05 -1.31
N LYS A 281 -12.88 26.32 -1.20
CA LYS A 281 -11.89 27.39 -1.09
C LYS A 281 -10.89 27.12 0.06
N LYS A 282 -11.38 26.71 1.23
CA LYS A 282 -10.46 26.47 2.34
C LYS A 282 -9.49 25.29 2.04
N LEU A 283 -9.95 24.26 1.29
CA LEU A 283 -9.03 23.19 0.86
C LEU A 283 -7.92 23.76 0.02
N ILE A 284 -8.28 24.58 -0.95
CA ILE A 284 -7.24 25.24 -1.72
C ILE A 284 -6.27 26.00 -0.81
N ASP A 285 -6.77 26.76 0.16
CA ASP A 285 -5.90 27.56 1.07
C ASP A 285 -4.90 26.66 1.76
N MET A 286 -5.24 25.39 1.97
CA MET A 286 -4.41 24.49 2.72
C MET A 286 -3.36 23.78 1.84
N VAL A 287 -3.28 24.06 0.56
CA VAL A 287 -2.28 23.38 -0.23
C VAL A 287 -1.40 24.47 -0.82
N ASP A 288 -0.14 24.51 -0.39
CA ASP A 288 0.73 25.65 -0.71
C ASP A 288 0.87 26.00 -2.20
N THR A 289 1.12 24.99 -3.05
CA THR A 289 1.26 25.28 -4.48
C THR A 289 -0.06 25.86 -5.01
N ALA A 290 -1.18 25.19 -4.73
CA ALA A 290 -2.48 25.71 -5.20
C ALA A 290 -2.79 27.15 -4.66
N ARG A 291 -2.46 27.41 -3.40
CA ARG A 291 -2.85 28.69 -2.80
C ARG A 291 -1.99 29.79 -3.41
N LYS A 292 -0.68 29.51 -3.59
CA LYS A 292 0.27 30.48 -4.07
C LYS A 292 0.00 30.76 -5.56
N ARG A 293 -0.43 29.73 -6.28
CA ARG A 293 -0.79 29.87 -7.70
C ARG A 293 -2.09 30.65 -7.91
N GLY A 294 -2.92 30.77 -6.87
CA GLY A 294 -4.28 31.32 -6.97
C GLY A 294 -5.32 30.42 -7.67
N VAL A 295 -5.26 29.09 -7.46
CA VAL A 295 -6.25 28.17 -8.06
C VAL A 295 -7.62 28.58 -7.55
N LYS A 296 -8.63 28.65 -8.43
CA LYS A 296 -10.02 28.93 -7.95
C LYS A 296 -10.99 27.78 -8.24
N ILE A 297 -12.28 28.04 -8.06
CA ILE A 297 -13.31 27.05 -8.23
C ILE A 297 -14.09 27.33 -9.49
N ALA A 298 -14.40 26.27 -10.25
CA ALA A 298 -15.27 26.37 -11.45
C ALA A 298 -16.51 25.62 -11.09
N LEU A 299 -17.63 26.33 -10.92
CA LEU A 299 -18.84 25.63 -10.59
C LEU A 299 -19.40 25.21 -11.95
N ASP A 300 -18.83 24.21 -12.62
CA ASP A 300 -19.13 24.02 -14.04
C ASP A 300 -20.31 23.10 -14.36
N GLU A 301 -21.06 22.69 -13.35
CA GLU A 301 -22.39 22.13 -13.54
C GLU A 301 -23.22 22.57 -12.34
N TRP A 302 -24.38 23.18 -12.59
CA TRP A 302 -25.30 23.42 -11.52
C TRP A 302 -26.71 23.65 -12.02
N ASN A 303 -27.68 23.20 -11.20
CA ASN A 303 -29.09 23.41 -11.43
C ASN A 303 -29.91 22.75 -10.37
N VAL A 304 -31.21 22.98 -10.38
CA VAL A 304 -32.15 22.10 -9.75
C VAL A 304 -32.22 20.85 -10.61
N TRP A 305 -32.26 19.70 -9.96
CA TRP A 305 -32.46 18.45 -10.63
C TRP A 305 -32.87 17.42 -9.58
N TYR A 306 -34.14 17.01 -9.56
CA TYR A 306 -34.63 16.04 -8.53
C TYR A 306 -35.85 15.26 -8.96
N ARG A 307 -36.53 15.67 -10.02
CA ARG A 307 -37.75 14.99 -10.41
C ARG A 307 -37.55 13.86 -11.43
N VAL A 308 -36.66 14.05 -12.39
CA VAL A 308 -36.52 13.09 -13.52
C VAL A 308 -35.17 12.35 -13.43
N SER A 309 -35.19 11.04 -13.63
CA SER A 309 -33.94 10.26 -13.70
C SER A 309 -33.94 9.31 -14.89
N ASP A 310 -33.34 9.70 -15.99
CA ASP A 310 -33.46 8.95 -17.24
C ASP A 310 -32.38 9.46 -18.17
N ASN A 311 -32.56 9.18 -19.46
CA ASN A 311 -31.63 9.44 -20.57
C ASN A 311 -31.84 10.77 -21.27
N LYS A 312 -32.81 11.55 -20.79
CA LYS A 312 -33.24 12.81 -21.44
C LYS A 312 -33.28 14.02 -20.48
N LEU A 313 -33.65 13.77 -19.21
CA LEU A 313 -33.54 14.72 -18.11
C LEU A 313 -34.29 16.02 -18.37
N GLU A 314 -35.47 15.92 -19.00
CA GLU A 314 -36.26 17.10 -19.32
C GLU A 314 -37.02 17.59 -18.10
N GLU A 315 -36.25 18.16 -17.17
CA GLU A 315 -36.69 18.62 -15.87
C GLU A 315 -37.70 19.82 -16.04
N PRO A 316 -38.94 19.63 -15.57
CA PRO A 316 -39.87 20.70 -15.85
C PRO A 316 -39.73 21.82 -14.82
N TYR A 317 -38.72 22.70 -14.97
CA TYR A 317 -38.56 23.84 -14.06
C TYR A 317 -39.82 24.71 -13.87
N ASP A 318 -40.06 25.10 -12.62
CA ASP A 318 -41.09 26.05 -12.22
C ASP A 318 -40.48 27.26 -11.53
N LEU A 319 -41.31 28.20 -11.06
CA LEU A 319 -40.79 29.47 -10.59
C LEU A 319 -39.88 29.32 -9.34
N LYS A 320 -40.29 28.48 -8.41
CA LYS A 320 -39.45 28.06 -7.29
C LYS A 320 -37.98 27.76 -7.76
N ASP A 321 -37.83 27.00 -8.85
CA ASP A 321 -36.51 26.64 -9.35
C ASP A 321 -35.79 27.85 -9.94
N GLY A 322 -36.55 28.77 -10.53
CA GLY A 322 -35.95 29.97 -11.11
C GLY A 322 -35.50 30.92 -10.00
N ILE A 323 -36.15 30.84 -8.86
CA ILE A 323 -35.74 31.71 -7.75
C ILE A 323 -34.44 31.16 -7.13
N PHE A 324 -34.34 29.83 -7.00
CA PHE A 324 -33.02 29.18 -6.76
C PHE A 324 -31.96 29.73 -7.71
N ALA A 325 -32.22 29.68 -9.02
CA ALA A 325 -31.23 30.15 -9.98
C ALA A 325 -30.86 31.64 -9.78
N CYS A 326 -31.85 32.50 -9.53
CA CYS A 326 -31.53 33.91 -9.19
C CYS A 326 -30.68 34.01 -7.94
N GLY A 327 -31.04 33.25 -6.89
CA GLY A 327 -30.22 33.21 -5.65
C GLY A 327 -28.76 32.86 -5.94
N VAL A 328 -28.52 31.84 -6.79
CA VAL A 328 -27.13 31.45 -7.13
C VAL A 328 -26.40 32.58 -7.86
N LEU A 329 -27.09 33.21 -8.81
CA LEU A 329 -26.39 34.26 -9.57
C LEU A 329 -26.04 35.44 -8.71
N VAL A 330 -26.93 35.77 -7.74
CA VAL A 330 -26.62 36.80 -6.77
C VAL A 330 -25.48 36.34 -5.88
N LEU A 331 -25.53 35.09 -5.45
CA LEU A 331 -24.45 34.57 -4.65
C LEU A 331 -23.12 34.63 -5.46
N LEU A 332 -23.16 34.19 -6.73
CA LEU A 332 -21.95 34.22 -7.58
C LEU A 332 -21.42 35.66 -7.81
N GLN A 333 -22.30 36.65 -7.89
CA GLN A 333 -21.81 38.03 -7.99
C GLN A 333 -21.01 38.44 -6.73
N LYS A 334 -21.43 37.95 -5.55
CA LYS A 334 -20.78 38.34 -4.32
C LYS A 334 -19.51 37.49 -4.06
N MET A 335 -19.34 36.34 -4.74
CA MET A 335 -18.24 35.41 -4.47
C MET A 335 -17.40 35.09 -5.70
N SER A 336 -17.45 35.92 -6.75
CA SER A 336 -16.82 35.53 -8.02
C SER A 336 -15.31 35.56 -7.96
N ASP A 337 -14.78 36.23 -6.94
CA ASP A 337 -13.35 36.11 -6.77
C ASP A 337 -12.93 34.67 -6.41
N ILE A 338 -13.76 33.93 -5.67
CA ILE A 338 -13.53 32.50 -5.32
C ILE A 338 -14.00 31.55 -6.45
N VAL A 339 -15.07 31.97 -7.14
CA VAL A 339 -15.74 31.15 -8.21
C VAL A 339 -15.91 31.98 -9.45
N PRO A 340 -14.85 32.10 -10.24
CA PRO A 340 -14.98 33.03 -11.34
C PRO A 340 -15.66 32.42 -12.58
N LEU A 341 -15.88 31.11 -12.57
CA LEU A 341 -16.43 30.45 -13.70
C LEU A 341 -17.57 29.55 -13.21
N ALA A 342 -18.75 29.64 -13.85
CA ALA A 342 -19.86 28.79 -13.45
C ALA A 342 -20.60 28.46 -14.71
N ASN A 343 -21.25 27.31 -14.75
CA ASN A 343 -21.98 26.90 -15.92
C ASN A 343 -23.23 26.23 -15.52
N LEU A 344 -24.37 26.77 -15.93
CA LEU A 344 -25.63 26.14 -15.63
C LEU A 344 -25.68 24.82 -16.44
N ALA A 345 -26.23 23.77 -15.88
CA ALA A 345 -26.34 22.51 -16.63
C ALA A 345 -27.83 22.32 -16.81
N GLN A 346 -28.41 22.52 -17.98
CA GLN A 346 -27.77 22.80 -19.23
C GLN A 346 -28.69 23.76 -20.01
N LEU A 347 -28.26 24.13 -21.20
CA LEU A 347 -28.85 25.21 -21.94
C LEU A 347 -30.20 24.84 -22.52
N VAL A 348 -30.31 23.65 -23.10
CA VAL A 348 -31.47 23.31 -23.91
C VAL A 348 -31.87 21.86 -23.63
N ASN A 349 -33.14 21.68 -23.30
CA ASN A 349 -33.81 20.41 -23.05
C ASN A 349 -33.31 19.55 -21.88
N ALA A 350 -32.03 19.14 -21.94
CA ALA A 350 -31.48 18.28 -20.86
C ALA A 350 -31.24 19.23 -19.69
N LEU A 351 -31.95 18.98 -18.60
CA LEU A 351 -32.01 19.93 -17.47
C LEU A 351 -32.14 21.39 -17.97
N GLY A 352 -33.02 21.60 -18.96
CA GLY A 352 -32.83 22.71 -19.90
C GLY A 352 -33.45 24.01 -19.43
N ALA A 353 -32.67 25.10 -19.48
CA ALA A 353 -33.16 26.45 -19.31
C ALA A 353 -34.25 26.75 -20.37
N ILE A 354 -33.96 26.36 -21.62
CA ILE A 354 -34.87 26.41 -22.75
C ILE A 354 -35.37 25.00 -23.01
N HIS A 355 -36.66 24.86 -23.30
CA HIS A 355 -37.22 23.60 -23.71
C HIS A 355 -37.75 23.71 -25.15
N THR A 356 -37.31 22.84 -26.07
CA THR A 356 -37.79 22.92 -27.45
C THR A 356 -38.75 21.83 -27.77
N GLU A 357 -39.59 22.13 -28.75
CA GLU A 357 -40.38 21.14 -29.49
C GLU A 357 -40.07 21.38 -31.00
N LYS A 358 -40.61 20.53 -31.87
CA LYS A 358 -40.36 20.65 -33.29
C LYS A 358 -40.89 21.98 -33.92
N ASP A 359 -41.82 22.63 -33.22
CA ASP A 359 -42.47 23.80 -33.78
C ASP A 359 -42.43 24.97 -32.85
N GLY A 360 -41.58 24.91 -31.83
CA GLY A 360 -41.34 26.07 -31.01
C GLY A 360 -40.46 25.83 -29.80
N LEU A 361 -40.51 26.76 -28.86
CA LEU A 361 -39.71 26.66 -27.67
C LEU A 361 -40.44 27.28 -26.50
N ILE A 362 -39.98 26.92 -25.31
CA ILE A 362 -40.47 27.41 -24.05
C ILE A 362 -39.24 27.96 -23.31
N LEU A 363 -39.39 29.16 -22.76
CA LEU A 363 -38.38 29.72 -21.90
C LEU A 363 -38.76 29.46 -20.43
N THR A 364 -38.03 28.58 -19.74
CA THR A 364 -38.36 28.26 -18.36
C THR A 364 -37.95 29.35 -17.40
N PRO A 365 -38.46 29.30 -16.17
CA PRO A 365 -38.09 30.35 -15.22
C PRO A 365 -36.56 30.34 -14.93
N VAL A 366 -35.92 29.18 -15.16
CA VAL A 366 -34.46 29.10 -14.99
C VAL A 366 -33.82 29.96 -16.08
N TYR A 367 -34.36 29.91 -17.30
CA TYR A 367 -33.90 30.78 -18.36
C TYR A 367 -34.16 32.22 -17.93
N LYS A 368 -35.38 32.52 -17.50
CA LYS A 368 -35.74 33.90 -17.07
C LYS A 368 -34.78 34.44 -16.01
N ALA A 369 -34.30 33.60 -15.09
CA ALA A 369 -33.29 34.13 -14.10
C ALA A 369 -32.11 34.75 -14.80
N PHE A 370 -31.57 34.07 -15.83
CA PHE A 370 -30.47 34.58 -16.57
C PHE A 370 -30.88 35.81 -17.36
N GLU A 371 -32.04 35.72 -18.01
CA GLU A 371 -32.55 36.85 -18.79
C GLU A 371 -32.59 38.16 -17.95
N LEU A 372 -33.11 38.06 -16.71
CA LEU A 372 -33.06 39.18 -15.75
C LEU A 372 -31.64 39.60 -15.44
N ILE A 373 -30.85 38.72 -14.82
CA ILE A 373 -29.56 39.15 -14.27
C ILE A 373 -28.54 39.52 -15.29
N VAL A 374 -28.40 38.75 -16.40
CA VAL A 374 -27.25 39.03 -17.28
C VAL A 374 -27.51 40.35 -17.98
N ASN A 375 -28.79 40.73 -18.12
CA ASN A 375 -29.17 41.97 -18.81
C ASN A 375 -29.24 43.17 -17.87
N HIS A 376 -29.15 42.93 -16.57
CA HIS A 376 -29.22 44.06 -15.64
C HIS A 376 -28.24 43.88 -14.50
N SER A 377 -26.95 44.07 -14.75
CA SER A 377 -25.93 43.74 -13.76
C SER A 377 -24.65 44.45 -14.16
N GLY A 378 -23.82 44.85 -13.19
CA GLY A 378 -22.61 45.59 -13.58
C GLY A 378 -21.35 44.71 -13.56
N GLU A 379 -20.18 45.30 -13.82
CA GLU A 379 -18.91 44.56 -13.90
C GLU A 379 -18.17 44.59 -12.57
N LYS A 380 -18.67 45.37 -11.60
CA LYS A 380 -18.02 45.56 -10.29
C LYS A 380 -19.02 45.53 -9.19
N LEU A 381 -18.67 44.84 -8.11
CA LEU A 381 -19.52 44.77 -6.96
C LEU A 381 -19.26 45.95 -6.01
N VAL A 382 -20.31 46.53 -5.46
CA VAL A 382 -20.09 47.70 -4.58
C VAL A 382 -20.59 47.32 -3.21
N LYS A 383 -20.19 48.05 -2.18
CA LYS A 383 -20.50 47.73 -0.79
C LYS A 383 -22.02 47.65 -0.68
N THR A 384 -22.51 46.52 -0.13
CA THR A 384 -23.93 46.24 -0.01
C THR A 384 -24.12 45.58 1.34
N HIS A 385 -24.90 46.21 2.22
CA HIS A 385 -25.17 45.64 3.53
C HIS A 385 -26.63 45.31 3.62
N VAL A 386 -26.98 44.10 4.06
CA VAL A 386 -28.38 43.70 4.06
C VAL A 386 -28.84 43.29 5.45
N GLU A 387 -29.99 43.78 5.90
CA GLU A 387 -30.58 43.25 7.12
C GLU A 387 -31.71 42.35 6.73
N SER A 388 -31.81 41.17 7.34
CA SER A 388 -32.88 40.29 6.95
C SER A 388 -33.14 39.40 8.09
N GLU A 389 -34.39 39.04 8.31
CA GLU A 389 -34.65 37.87 9.11
C GLU A 389 -34.08 36.62 8.42
N THR A 390 -33.88 35.58 9.23
CA THR A 390 -33.29 34.33 8.79
C THR A 390 -34.13 33.14 9.27
N TYR A 391 -34.01 32.01 8.60
CA TYR A 391 -34.60 30.79 9.11
C TYR A 391 -33.59 29.64 9.02
N ASN A 392 -33.85 28.60 9.81
CA ASN A 392 -33.13 27.35 9.74
C ASN A 392 -34.00 26.31 9.07
N ILE A 393 -33.41 25.37 8.34
CA ILE A 393 -34.23 24.38 7.68
C ILE A 393 -33.50 23.05 7.61
N GLU A 394 -34.26 21.97 7.69
CA GLU A 394 -33.75 20.65 7.40
C GLU A 394 -34.57 20.14 6.23
N GLY A 395 -33.93 19.72 5.13
CA GLY A 395 -34.67 19.23 3.98
C GLY A 395 -34.09 18.01 3.26
N VAL A 396 -34.60 17.73 2.06
CA VAL A 396 -33.97 16.81 1.14
C VAL A 396 -33.69 17.51 -0.19
N MET A 397 -32.69 17.01 -0.91
CA MET A 397 -32.31 17.62 -2.18
C MET A 397 -31.98 16.54 -3.20
N PHE A 398 -32.14 16.84 -4.50
CA PHE A 398 -31.61 15.99 -5.52
C PHE A 398 -32.44 14.75 -5.69
N ILE A 399 -32.09 13.94 -6.68
CA ILE A 399 -32.91 12.80 -7.08
C ILE A 399 -32.93 11.72 -6.03
N ASN A 400 -31.90 11.65 -5.21
CA ASN A 400 -31.86 10.59 -4.21
C ASN A 400 -32.40 11.11 -2.85
N LYS A 401 -32.93 12.32 -2.85
CA LYS A 401 -33.44 12.92 -1.62
C LYS A 401 -32.47 12.88 -0.46
N MET A 402 -31.19 13.24 -0.68
CA MET A 402 -30.24 13.37 0.43
C MET A 402 -30.65 14.46 1.45
N PRO A 403 -30.64 14.11 2.73
CA PRO A 403 -30.97 15.11 3.74
C PRO A 403 -29.90 16.19 3.80
N PHE A 404 -30.31 17.41 4.19
CA PHE A 404 -29.38 18.48 4.39
C PHE A 404 -29.95 19.44 5.42
N SER A 405 -29.15 20.35 5.91
CA SER A 405 -29.68 21.41 6.72
C SER A 405 -28.89 22.69 6.42
N VAL A 406 -29.58 23.81 6.62
CA VAL A 406 -29.00 25.11 6.43
C VAL A 406 -29.37 25.89 7.67
N GLU A 407 -28.44 26.69 8.16
CA GLU A 407 -28.64 27.53 9.31
C GLU A 407 -28.63 28.96 8.85
N ASN A 408 -29.61 29.74 9.37
CA ASN A 408 -29.69 31.15 9.14
C ASN A 408 -29.65 31.62 7.66
N ALA A 409 -30.38 30.93 6.79
CA ALA A 409 -30.67 31.40 5.43
C ALA A 409 -31.46 32.72 5.53
N PRO A 410 -31.14 33.73 4.70
CA PRO A 410 -31.87 34.97 4.82
C PRO A 410 -33.16 34.88 4.02
N PHE A 411 -34.20 35.57 4.48
CA PHE A 411 -35.45 35.73 3.73
C PHE A 411 -35.26 36.73 2.62
N LEU A 412 -34.28 37.63 2.76
CA LEU A 412 -34.00 38.62 1.75
C LEU A 412 -32.50 38.71 1.47
N ASP A 413 -32.07 38.79 0.20
CA ASP A 413 -30.65 38.98 -0.07
C ASP A 413 -30.47 39.94 -1.25
N ALA A 414 -29.28 40.50 -1.43
CA ALA A 414 -29.14 41.46 -2.50
C ALA A 414 -27.69 41.61 -2.88
N ALA A 415 -27.42 42.05 -4.09
CA ALA A 415 -26.05 42.44 -4.42
C ALA A 415 -26.14 43.64 -5.33
N ALA A 416 -25.34 44.67 -5.04
CA ALA A 416 -25.34 45.87 -5.87
C ALA A 416 -24.14 45.87 -6.71
N SER A 417 -24.30 46.24 -7.97
CA SER A 417 -23.14 46.32 -8.85
C SER A 417 -23.16 47.60 -9.70
N ILE A 418 -22.00 48.02 -10.20
CA ILE A 418 -21.94 49.11 -11.16
C ILE A 418 -21.32 48.73 -12.50
N SER A 419 -21.74 49.43 -13.54
CA SER A 419 -21.15 49.29 -14.85
C SER A 419 -19.67 49.71 -14.86
N GLU A 420 -18.94 49.26 -15.89
CA GLU A 420 -17.53 49.52 -16.07
C GLU A 420 -17.26 51.03 -16.08
N ASP A 421 -18.07 51.76 -16.83
CA ASP A 421 -17.87 53.21 -16.96
C ASP A 421 -18.26 54.01 -15.70
N GLY A 422 -19.08 53.42 -14.82
CA GLY A 422 -19.43 54.00 -13.51
C GLY A 422 -20.76 54.74 -13.56
N LYS A 423 -21.44 54.65 -14.71
CA LYS A 423 -22.70 55.32 -15.05
C LYS A 423 -24.00 54.71 -14.48
N LYS A 424 -24.11 53.36 -14.50
CA LYS A 424 -25.34 52.67 -14.01
C LYS A 424 -25.10 51.88 -12.74
N LEU A 425 -26.12 51.84 -11.90
CA LEU A 425 -26.09 51.04 -10.70
C LEU A 425 -27.17 49.99 -10.86
N PHE A 426 -26.89 48.77 -10.43
CA PHE A 426 -27.87 47.68 -10.47
C PHE A 426 -27.95 47.10 -9.08
N ILE A 427 -29.13 47.15 -8.48
CA ILE A 427 -29.34 46.52 -7.20
C ILE A 427 -30.21 45.29 -7.40
N ALA A 428 -29.60 44.10 -7.33
CA ALA A 428 -30.35 42.83 -7.49
C ALA A 428 -30.88 42.41 -6.13
N VAL A 429 -32.16 42.05 -6.08
CA VAL A 429 -32.78 41.76 -4.79
C VAL A 429 -33.62 40.48 -4.90
N VAL A 430 -33.34 39.50 -4.03
CA VAL A 430 -34.21 38.32 -3.99
C VAL A 430 -35.06 38.36 -2.73
N ASN A 431 -36.38 38.29 -2.89
CA ASN A 431 -37.24 38.05 -1.77
C ASN A 431 -37.63 36.59 -1.78
N TYR A 432 -37.02 35.84 -0.87
CA TYR A 432 -37.30 34.43 -0.72
C TYR A 432 -38.61 34.12 0.00
N ARG A 433 -39.16 35.07 0.76
CA ARG A 433 -40.43 34.83 1.46
C ARG A 433 -41.46 34.18 0.53
N LYS A 434 -42.09 33.13 1.02
CA LYS A 434 -43.00 32.34 0.21
C LYS A 434 -44.35 33.04 0.10
N GLU A 435 -44.73 33.83 1.09
CA GLU A 435 -46.09 34.37 1.07
C GLU A 435 -46.20 35.87 1.21
N ASP A 436 -45.27 36.52 1.88
CA ASP A 436 -45.34 37.96 2.09
C ASP A 436 -44.45 38.75 1.21
N ALA A 437 -45.06 39.72 0.54
CA ALA A 437 -44.29 40.83 -0.02
C ALA A 437 -43.52 41.54 1.10
N LEU A 438 -42.45 42.24 0.75
CA LEU A 438 -41.63 42.93 1.72
C LEU A 438 -41.44 44.33 1.27
N LYS A 439 -41.86 45.27 2.12
CA LYS A 439 -41.63 46.67 1.85
C LYS A 439 -40.27 46.98 2.45
N VAL A 440 -39.28 47.17 1.60
CA VAL A 440 -37.93 47.32 2.11
C VAL A 440 -37.39 48.74 2.00
N PRO A 441 -36.83 49.26 3.11
CA PRO A 441 -36.19 50.55 2.99
C PRO A 441 -34.78 50.38 2.45
N ILE A 442 -34.41 51.22 1.49
CA ILE A 442 -33.14 51.15 0.84
C ILE A 442 -32.45 52.50 0.88
N ARG A 443 -31.19 52.52 1.27
CA ARG A 443 -30.40 53.71 1.21
C ARG A 443 -29.31 53.55 0.14
N VAL A 444 -29.15 54.53 -0.75
CA VAL A 444 -27.97 54.58 -1.65
C VAL A 444 -27.14 55.86 -1.40
N GLU A 445 -25.95 55.73 -0.81
CA GLU A 445 -25.05 56.88 -0.57
C GLU A 445 -24.90 57.82 -1.77
N GLY A 446 -25.08 59.14 -1.50
CA GLY A 446 -24.86 60.23 -2.50
C GLY A 446 -25.78 60.22 -3.71
N LEU A 447 -26.91 59.56 -3.59
CA LEU A 447 -27.72 59.39 -4.79
C LEU A 447 -28.70 60.58 -4.88
N GLY A 448 -28.75 61.22 -6.04
CA GLY A 448 -29.74 62.31 -6.21
C GLY A 448 -31.15 61.77 -6.05
N GLN A 449 -32.16 62.63 -6.15
CA GLN A 449 -33.52 62.14 -6.34
C GLN A 449 -33.76 61.96 -7.85
N LYS A 450 -33.97 60.73 -8.30
CA LYS A 450 -34.27 60.43 -9.73
C LYS A 450 -35.42 59.43 -9.90
N LYS A 451 -35.80 59.21 -11.15
CA LYS A 451 -36.62 58.05 -11.47
C LYS A 451 -35.65 56.90 -11.86
N ALA A 452 -36.07 55.67 -11.59
CA ALA A 452 -35.28 54.48 -11.92
C ALA A 452 -36.24 53.43 -12.48
N THR A 453 -35.69 52.32 -13.01
CA THR A 453 -36.50 51.18 -13.48
C THR A 453 -36.27 49.89 -12.64
N VAL A 454 -37.35 49.22 -12.24
CA VAL A 454 -37.26 47.96 -11.51
C VAL A 454 -37.71 46.86 -12.48
N TYR A 455 -36.76 45.97 -12.81
CA TYR A 455 -37.11 44.76 -13.56
C TYR A 455 -37.33 43.61 -12.61
N THR A 456 -38.47 42.97 -12.71
CA THR A 456 -38.90 41.96 -11.74
C THR A 456 -39.26 40.65 -12.41
N LEU A 457 -38.60 39.58 -11.95
CA LEU A 457 -38.96 38.23 -12.35
C LEU A 457 -40.01 37.70 -11.40
N THR A 458 -41.17 37.33 -11.90
CA THR A 458 -42.26 36.98 -11.03
C THR A 458 -43.30 36.15 -11.79
N GLY A 459 -44.23 35.57 -11.03
CA GLY A 459 -45.29 34.75 -11.58
C GLY A 459 -46.27 34.54 -10.45
N PRO A 460 -47.36 33.85 -10.71
CA PRO A 460 -48.50 33.83 -9.80
C PRO A 460 -48.37 32.96 -8.53
N ASP A 461 -47.60 31.88 -8.63
CA ASP A 461 -47.44 30.93 -7.53
C ASP A 461 -46.04 30.25 -7.65
N VAL A 462 -45.57 29.65 -6.59
CA VAL A 462 -44.22 29.04 -6.59
C VAL A 462 -44.06 27.88 -7.60
N ASN A 463 -45.18 27.34 -8.06
CA ASN A 463 -45.15 26.25 -9.01
C ASN A 463 -45.44 26.60 -10.44
N ALA A 464 -45.47 27.89 -10.73
CA ALA A 464 -45.89 28.35 -12.06
C ALA A 464 -44.82 28.05 -13.12
N ARG A 465 -45.29 27.82 -14.35
CA ARG A 465 -44.44 27.47 -15.50
C ARG A 465 -44.89 28.18 -16.74
N ASN A 466 -43.96 28.39 -17.64
CA ASN A 466 -44.30 28.72 -18.99
C ASN A 466 -44.59 27.50 -19.84
N THR A 467 -45.53 27.62 -20.77
CA THR A 467 -45.89 26.54 -21.73
C THR A 467 -45.95 27.10 -23.14
N MET A 468 -46.09 26.21 -24.11
CA MET A 468 -46.28 26.63 -25.49
C MET A 468 -47.57 27.46 -25.59
N GLU A 469 -48.64 26.95 -24.97
CA GLU A 469 -49.95 27.66 -24.85
C GLU A 469 -49.83 29.05 -24.19
N ASN A 470 -49.08 29.13 -23.07
CA ASN A 470 -48.94 30.36 -22.24
C ASN A 470 -47.50 30.64 -21.89
N PRO A 471 -46.80 31.30 -22.80
CA PRO A 471 -45.34 31.38 -22.76
C PRO A 471 -44.84 32.45 -21.82
N ASN A 472 -45.75 33.20 -21.21
CA ASN A 472 -45.37 34.35 -20.38
C ASN A 472 -46.02 34.41 -19.01
N VAL A 473 -46.55 33.30 -18.53
CA VAL A 473 -47.00 33.17 -17.14
C VAL A 473 -45.92 33.62 -16.13
N VAL A 474 -44.68 33.27 -16.41
CA VAL A 474 -43.56 33.67 -15.56
C VAL A 474 -42.72 34.52 -16.46
N ASP A 475 -42.52 35.77 -16.08
CA ASP A 475 -41.84 36.74 -16.97
C ASP A 475 -41.27 37.88 -16.20
N ILE A 476 -40.52 38.75 -16.90
CA ILE A 476 -39.89 39.89 -16.31
C ILE A 476 -40.75 41.14 -16.61
N THR A 477 -41.23 41.81 -15.57
CA THR A 477 -41.98 43.08 -15.73
C THR A 477 -41.03 44.25 -15.56
N SER A 478 -41.32 45.39 -16.19
CA SER A 478 -40.67 46.64 -15.81
C SER A 478 -41.61 47.73 -15.28
N GLU A 479 -41.10 48.55 -14.37
CA GLU A 479 -41.88 49.60 -13.75
C GLU A 479 -40.97 50.76 -13.39
N THR A 480 -41.46 51.98 -13.60
CA THR A 480 -40.75 53.21 -13.23
C THR A 480 -40.97 53.50 -11.75
N ILE A 481 -39.93 53.91 -11.05
CA ILE A 481 -40.09 54.33 -9.65
C ILE A 481 -39.28 55.58 -9.38
N THR A 482 -39.59 56.25 -8.27
CA THR A 482 -38.75 57.39 -7.90
C THR A 482 -37.78 56.94 -6.80
N VAL A 483 -36.51 57.23 -6.96
CA VAL A 483 -35.50 56.84 -5.96
C VAL A 483 -34.89 58.11 -5.36
N ASP A 484 -34.06 57.95 -4.34
CA ASP A 484 -33.42 59.07 -3.69
C ASP A 484 -32.42 58.39 -2.76
N THR A 485 -31.67 59.17 -2.00
CA THR A 485 -30.68 58.63 -1.08
C THR A 485 -31.36 57.61 -0.16
N GLU A 486 -32.65 57.80 0.05
CA GLU A 486 -33.41 56.88 0.86
C GLU A 486 -34.78 56.72 0.20
N PHE A 487 -35.20 55.47 -0.01
CA PHE A 487 -36.52 55.13 -0.57
C PHE A 487 -37.03 53.76 -0.09
N GLU A 488 -38.24 53.41 -0.45
CA GLU A 488 -38.75 52.10 -0.14
C GLU A 488 -39.17 51.43 -1.45
N HIS A 489 -39.26 50.11 -1.46
CA HIS A 489 -39.83 49.40 -2.61
C HIS A 489 -40.53 48.17 -2.10
N THR A 490 -41.67 47.81 -2.67
CA THR A 490 -42.36 46.65 -2.16
C THR A 490 -42.01 45.45 -3.07
N PHE A 491 -41.25 44.48 -2.55
CA PHE A 491 -40.76 43.33 -3.33
C PHE A 491 -41.72 42.19 -3.18
N LYS A 492 -42.23 41.69 -4.30
CA LYS A 492 -43.16 40.55 -4.29
C LYS A 492 -42.52 39.31 -3.66
N PRO A 493 -43.32 38.47 -3.02
CA PRO A 493 -42.76 37.21 -2.52
C PRO A 493 -42.28 36.32 -3.69
N PHE A 494 -41.34 35.41 -3.41
CA PHE A 494 -40.74 34.51 -4.41
C PHE A 494 -40.40 35.20 -5.73
N SER A 495 -39.61 36.26 -5.64
CA SER A 495 -39.34 37.06 -6.80
C SER A 495 -37.92 37.53 -6.77
N CYS A 496 -37.40 37.98 -7.90
CA CYS A 496 -36.09 38.61 -7.92
C CYS A 496 -36.22 39.90 -8.69
N SER A 497 -35.59 40.95 -8.21
CA SER A 497 -35.67 42.25 -8.91
C SER A 497 -34.34 42.86 -9.12
N VAL A 498 -34.22 43.66 -10.15
CA VAL A 498 -33.05 44.48 -10.30
C VAL A 498 -33.54 45.93 -10.46
N ILE A 499 -33.07 46.80 -9.55
CA ILE A 499 -33.37 48.23 -9.63
C ILE A 499 -32.22 48.85 -10.35
N GLU A 500 -32.51 49.40 -11.52
CA GLU A 500 -31.49 49.99 -12.35
C GLU A 500 -31.58 51.51 -12.24
N VAL A 501 -30.48 52.13 -11.80
CA VAL A 501 -30.42 53.58 -11.59
C VAL A 501 -29.27 54.21 -12.38
N GLU A 502 -29.56 55.31 -13.10
CA GLU A 502 -28.50 56.19 -13.68
C GLU A 502 -27.71 56.87 -12.57
N LEU A 503 -26.40 57.00 -12.70
CA LEU A 503 -25.68 57.83 -11.73
C LEU A 503 -25.06 59.04 -12.45
N SER B 22 -22.55 -54.24 -2.46
CA SER B 22 -21.30 -53.38 -2.52
C SER B 22 -21.05 -52.53 -3.85
N TYR B 23 -21.60 -53.01 -4.98
CA TYR B 23 -21.86 -52.15 -6.12
C TYR B 23 -23.34 -52.16 -6.31
N GLY B 24 -23.90 -51.11 -6.90
CA GLY B 24 -25.35 -51.04 -7.08
C GLY B 24 -25.77 -49.70 -7.67
N ILE B 25 -26.83 -49.71 -8.50
CA ILE B 25 -27.39 -48.50 -9.05
C ILE B 25 -28.90 -48.49 -8.90
N VAL B 26 -29.42 -47.41 -8.34
CA VAL B 26 -30.89 -47.27 -8.23
C VAL B 26 -31.32 -45.96 -8.90
N VAL B 27 -32.29 -46.03 -9.79
CA VAL B 27 -32.72 -44.87 -10.55
C VAL B 27 -34.21 -44.71 -10.35
N ASP B 28 -34.69 -43.49 -10.20
CA ASP B 28 -36.13 -43.26 -10.24
C ASP B 28 -36.44 -42.26 -11.33
N PRO B 29 -36.82 -42.76 -12.53
CA PRO B 29 -36.97 -41.86 -13.70
C PRO B 29 -38.10 -40.88 -13.53
N LYS B 30 -38.74 -40.89 -12.37
CA LYS B 30 -39.87 -39.98 -12.12
C LYS B 30 -39.48 -38.85 -11.16
N GLU B 31 -38.32 -38.99 -10.52
CA GLU B 31 -37.80 -37.86 -9.78
C GLU B 31 -36.78 -37.06 -10.61
N VAL B 32 -37.28 -35.99 -11.21
CA VAL B 32 -36.45 -35.03 -11.95
C VAL B 32 -35.72 -34.19 -10.88
N VAL B 33 -34.39 -34.37 -10.79
CA VAL B 33 -33.56 -33.66 -9.85
C VAL B 33 -33.35 -32.22 -10.33
N LYS B 34 -32.89 -32.09 -11.57
CA LYS B 34 -32.64 -30.77 -12.15
C LYS B 34 -32.35 -30.95 -13.63
N PRO B 35 -32.44 -29.82 -14.38
CA PRO B 35 -32.11 -29.81 -15.81
C PRO B 35 -30.63 -30.11 -15.99
N ILE B 36 -30.27 -30.61 -17.16
CA ILE B 36 -28.83 -30.72 -17.47
C ILE B 36 -28.54 -29.59 -18.48
N SER B 37 -27.65 -28.64 -18.15
CA SER B 37 -27.38 -27.55 -19.09
C SER B 37 -26.76 -28.16 -20.34
N ARG B 38 -27.26 -27.81 -21.51
CA ARG B 38 -26.68 -28.43 -22.72
C ARG B 38 -25.26 -27.93 -23.01
N HIS B 39 -24.82 -26.84 -22.35
CA HIS B 39 -23.51 -26.25 -22.68
C HIS B 39 -22.34 -26.90 -21.96
N ILE B 40 -22.57 -27.95 -21.18
CA ILE B 40 -21.49 -28.76 -20.63
C ILE B 40 -20.72 -29.55 -21.67
N TYR B 41 -21.27 -29.71 -22.89
CA TYR B 41 -20.56 -30.44 -23.98
C TYR B 41 -19.88 -29.49 -24.98
N GLY B 42 -19.48 -28.30 -24.52
CA GLY B 42 -18.84 -27.30 -25.39
C GLY B 42 -17.43 -27.69 -25.82
N HIS B 43 -16.95 -27.00 -26.86
CA HIS B 43 -15.60 -27.20 -27.42
C HIS B 43 -14.87 -25.85 -27.62
N PHE B 44 -13.66 -25.93 -28.14
CA PHE B 44 -12.69 -24.88 -28.09
C PHE B 44 -11.70 -25.13 -29.20
N THR B 45 -11.49 -24.10 -30.05
CA THR B 45 -10.48 -24.08 -31.14
C THR B 45 -9.63 -22.79 -30.98
N GLU B 46 -8.34 -22.93 -30.73
CA GLU B 46 -7.44 -21.80 -30.60
C GLU B 46 -6.59 -21.80 -31.86
N HIS B 47 -6.20 -20.60 -32.32
CA HIS B 47 -5.08 -20.40 -33.23
C HIS B 47 -3.76 -20.83 -32.64
N LEU B 48 -3.63 -22.16 -32.54
CA LEU B 48 -2.44 -22.80 -31.99
C LEU B 48 -2.12 -23.97 -32.89
N GLY B 49 -0.88 -24.02 -33.36
CA GLY B 49 -0.42 -25.15 -34.20
C GLY B 49 -1.38 -25.50 -35.33
N ARG B 50 -1.87 -26.74 -35.39
CA ARG B 50 -2.75 -27.11 -36.50
C ARG B 50 -4.21 -27.17 -36.10
N CYS B 51 -4.62 -26.45 -35.04
CA CYS B 51 -6.04 -26.49 -34.69
C CYS B 51 -6.93 -25.82 -35.75
N ILE B 52 -6.56 -24.60 -36.17
CA ILE B 52 -7.29 -23.96 -37.25
C ILE B 52 -6.69 -24.43 -38.60
N TYR B 53 -5.45 -24.04 -38.87
CA TYR B 53 -4.79 -24.15 -40.19
C TYR B 53 -4.26 -25.58 -40.33
N GLY B 54 -4.96 -26.36 -41.19
CA GLY B 54 -4.67 -27.79 -41.31
C GLY B 54 -5.55 -28.63 -40.38
N GLY B 55 -6.39 -27.96 -39.59
CA GLY B 55 -7.29 -28.67 -38.68
C GLY B 55 -8.70 -28.49 -39.19
N ILE B 56 -9.48 -27.57 -38.62
CA ILE B 56 -10.77 -27.27 -39.20
C ILE B 56 -10.70 -26.56 -40.56
N TYR B 57 -9.55 -25.94 -40.87
CA TYR B 57 -9.50 -25.04 -42.01
C TYR B 57 -8.26 -25.30 -42.86
N GLU B 58 -8.45 -25.43 -44.17
CA GLU B 58 -7.29 -25.76 -45.02
C GLU B 58 -7.64 -25.43 -46.44
N GLU B 59 -7.28 -24.22 -46.86
CA GLU B 59 -7.60 -23.67 -48.18
C GLU B 59 -6.95 -24.53 -49.27
N GLY B 60 -7.74 -24.91 -50.28
CA GLY B 60 -7.21 -25.69 -51.42
C GLY B 60 -6.94 -27.18 -51.18
N SER B 61 -7.41 -27.74 -50.07
CA SER B 61 -7.23 -29.17 -49.80
C SER B 61 -8.30 -29.87 -50.62
N PRO B 62 -7.97 -31.03 -51.23
CA PRO B 62 -9.02 -31.80 -51.97
C PRO B 62 -10.14 -32.22 -50.97
N LEU B 63 -9.77 -32.32 -49.70
CA LEU B 63 -10.76 -32.59 -48.65
C LEU B 63 -11.56 -31.39 -48.12
N SER B 64 -11.46 -30.19 -48.73
CA SER B 64 -12.10 -29.01 -48.14
C SER B 64 -13.17 -28.53 -49.06
N ASP B 65 -14.26 -27.99 -48.52
CA ASP B 65 -15.27 -27.35 -49.34
C ASP B 65 -14.78 -25.97 -49.86
N GLU B 66 -15.66 -25.21 -50.50
CA GLU B 66 -15.36 -23.93 -51.13
C GLU B 66 -14.96 -22.81 -50.13
N ARG B 67 -15.40 -22.92 -48.86
CA ARG B 67 -15.06 -21.93 -47.81
C ARG B 67 -13.73 -22.31 -47.16
N GLY B 68 -13.13 -23.41 -47.57
CA GLY B 68 -11.88 -23.86 -46.96
C GLY B 68 -12.08 -24.83 -45.79
N PHE B 69 -13.33 -25.11 -45.42
CA PHE B 69 -13.58 -26.05 -44.28
C PHE B 69 -13.27 -27.51 -44.65
N ARG B 70 -12.42 -28.18 -43.88
CA ARG B 70 -12.14 -29.61 -44.11
C ARG B 70 -13.45 -30.42 -43.92
N LYS B 71 -13.88 -31.10 -45.00
CA LYS B 71 -15.20 -31.76 -45.04
C LYS B 71 -15.29 -32.99 -44.15
N ASP B 72 -14.19 -33.74 -44.04
CA ASP B 72 -14.17 -34.92 -43.16
C ASP B 72 -14.22 -34.42 -41.70
N VAL B 73 -13.44 -33.37 -41.40
CA VAL B 73 -13.45 -32.78 -40.03
C VAL B 73 -14.86 -32.31 -39.70
N LEU B 74 -15.49 -31.57 -40.60
CA LEU B 74 -16.86 -31.12 -40.34
C LEU B 74 -17.83 -32.28 -39.94
N GLU B 75 -17.72 -33.39 -40.70
CA GLU B 75 -18.58 -34.55 -40.48
C GLU B 75 -18.36 -35.04 -39.04
N ALA B 76 -17.10 -35.31 -38.68
CA ALA B 76 -16.72 -35.68 -37.33
C ALA B 76 -17.25 -34.65 -36.25
N VAL B 77 -17.15 -33.36 -36.54
CA VAL B 77 -17.73 -32.34 -35.64
C VAL B 77 -19.26 -32.33 -35.54
N LYS B 78 -19.98 -32.39 -36.66
CA LYS B 78 -21.45 -32.38 -36.63
C LYS B 78 -22.00 -33.52 -35.81
N ARG B 79 -21.24 -34.61 -35.84
CA ARG B 79 -21.63 -35.85 -35.21
C ARG B 79 -21.59 -35.74 -33.67
N ILE B 80 -20.82 -34.80 -33.12
CA ILE B 80 -20.83 -34.61 -31.65
C ILE B 80 -21.60 -33.38 -31.22
N LYS B 81 -22.34 -32.79 -32.15
CA LYS B 81 -23.43 -31.88 -31.77
C LYS B 81 -22.96 -30.75 -30.80
N VAL B 82 -21.91 -30.03 -31.22
CA VAL B 82 -21.29 -29.00 -30.43
C VAL B 82 -22.29 -27.94 -30.00
N PRO B 83 -22.54 -27.77 -28.68
CA PRO B 83 -23.55 -26.78 -28.37
C PRO B 83 -22.94 -25.37 -28.37
N ASN B 84 -21.63 -25.26 -28.08
CA ASN B 84 -20.97 -23.92 -28.18
C ASN B 84 -19.53 -24.07 -28.45
N LEU B 85 -18.96 -23.10 -29.15
CA LEU B 85 -17.55 -23.24 -29.57
C LEU B 85 -16.79 -21.98 -29.21
N ARG B 86 -15.72 -22.18 -28.44
CA ARG B 86 -14.96 -21.10 -27.91
C ARG B 86 -13.81 -20.80 -28.88
N TRP B 87 -13.53 -19.51 -29.12
CA TRP B 87 -12.46 -19.12 -30.05
C TRP B 87 -12.12 -17.66 -29.70
N PRO B 88 -10.90 -17.17 -29.99
CA PRO B 88 -9.70 -17.70 -30.66
C PRO B 88 -8.62 -18.19 -29.72
N GLY B 89 -8.90 -18.16 -28.42
CA GLY B 89 -7.90 -18.62 -27.44
C GLY B 89 -8.49 -18.43 -26.04
N GLY B 90 -7.74 -18.77 -24.98
CA GLY B 90 -6.39 -19.30 -25.08
C GLY B 90 -5.35 -18.20 -25.20
N ASN B 91 -4.09 -18.54 -24.94
CA ASN B 91 -3.00 -17.61 -24.88
C ASN B 91 -2.96 -16.72 -26.10
N PHE B 92 -3.32 -17.28 -27.25
CA PHE B 92 -3.35 -16.53 -28.49
C PHE B 92 -4.15 -15.21 -28.36
N VAL B 93 -5.29 -15.22 -27.71
CA VAL B 93 -6.20 -14.04 -27.84
C VAL B 93 -5.63 -12.80 -27.11
N SER B 94 -4.70 -13.01 -26.17
CA SER B 94 -4.17 -11.89 -25.37
C SER B 94 -3.16 -11.03 -26.17
N ASN B 95 -2.81 -11.45 -27.40
CA ASN B 95 -2.18 -10.52 -28.33
C ASN B 95 -2.81 -10.52 -29.73
N TYR B 96 -4.13 -10.75 -29.80
CA TYR B 96 -4.87 -10.78 -31.05
C TYR B 96 -5.74 -9.59 -31.19
N HIS B 97 -5.57 -8.90 -32.33
CA HIS B 97 -6.43 -7.79 -32.65
C HIS B 97 -7.48 -8.24 -33.68
N TRP B 98 -8.73 -8.26 -33.28
CA TRP B 98 -9.70 -8.91 -34.13
C TRP B 98 -9.90 -8.24 -35.50
N GLU B 99 -9.68 -6.92 -35.57
CA GLU B 99 -9.73 -6.24 -36.84
C GLU B 99 -8.75 -6.71 -37.92
N ASP B 100 -7.67 -7.38 -37.53
CA ASP B 100 -6.73 -7.98 -38.46
C ASP B 100 -7.36 -9.14 -39.23
N GLY B 101 -8.51 -9.63 -38.75
CA GLY B 101 -9.03 -10.87 -39.31
C GLY B 101 -10.36 -10.70 -40.04
N ILE B 102 -10.68 -9.47 -40.43
CA ILE B 102 -11.92 -9.20 -41.15
C ILE B 102 -11.67 -8.48 -42.47
N GLY B 103 -12.69 -8.41 -43.32
CA GLY B 103 -12.49 -7.84 -44.65
C GLY B 103 -11.84 -8.83 -45.61
N PRO B 104 -11.59 -8.40 -46.87
CA PRO B 104 -11.05 -9.26 -47.94
C PRO B 104 -9.78 -9.97 -47.50
N LYS B 105 -9.73 -11.31 -47.62
CA LYS B 105 -8.64 -12.07 -47.07
C LYS B 105 -7.28 -11.59 -47.54
N ASP B 106 -7.21 -11.13 -48.79
CA ASP B 106 -5.89 -10.91 -49.38
C ASP B 106 -5.30 -9.62 -48.80
N GLN B 107 -6.14 -8.80 -48.19
CA GLN B 107 -5.67 -7.59 -47.60
C GLN B 107 -5.41 -7.67 -46.08
N ARG B 108 -5.54 -8.86 -45.49
CA ARG B 108 -5.38 -9.01 -44.03
C ARG B 108 -3.90 -9.11 -43.70
N PRO B 109 -3.44 -8.36 -42.67
CA PRO B 109 -2.03 -8.32 -42.31
C PRO B 109 -1.54 -9.66 -41.75
N VAL B 110 -0.33 -10.05 -42.12
CA VAL B 110 0.44 -11.06 -41.43
C VAL B 110 0.99 -10.49 -40.11
N ARG B 111 0.63 -11.17 -39.01
CA ARG B 111 1.08 -10.82 -37.68
C ARG B 111 1.94 -11.91 -37.05
N PHE B 112 2.82 -11.48 -36.15
CA PHE B 112 3.57 -12.40 -35.35
C PHE B 112 2.84 -12.69 -34.04
N ASP B 113 2.33 -13.91 -33.89
CA ASP B 113 1.68 -14.31 -32.67
C ASP B 113 2.76 -14.56 -31.61
N LEU B 114 2.75 -13.74 -30.53
CA LEU B 114 3.69 -13.90 -29.44
C LEU B 114 3.50 -15.22 -28.70
N ALA B 115 2.24 -15.65 -28.59
CA ALA B 115 1.89 -16.82 -27.77
C ALA B 115 2.59 -18.12 -28.28
N TRP B 116 2.51 -18.37 -29.59
CA TRP B 116 2.98 -19.61 -30.17
C TRP B 116 4.12 -19.37 -31.16
N GLN B 117 4.51 -18.11 -31.34
CA GLN B 117 5.67 -17.73 -32.20
C GLN B 117 5.49 -18.12 -33.65
N GLN B 118 4.36 -17.77 -34.23
CA GLN B 118 4.13 -18.09 -35.63
C GLN B 118 3.62 -16.86 -36.34
N GLU B 119 3.76 -16.88 -37.66
CA GLU B 119 3.11 -15.92 -38.51
C GLU B 119 1.65 -16.33 -38.67
N GLU B 120 0.78 -15.52 -38.10
CA GLU B 120 -0.64 -15.65 -38.24
C GLU B 120 -1.01 -14.81 -39.50
N THR B 121 -1.66 -15.44 -40.49
CA THR B 121 -2.04 -14.83 -41.74
C THR B 121 -3.40 -14.19 -41.62
N ASN B 122 -4.14 -14.56 -40.59
CA ASN B 122 -5.50 -14.04 -40.36
C ASN B 122 -6.50 -14.42 -41.42
N ARG B 123 -6.16 -15.43 -42.22
CA ARG B 123 -7.09 -15.80 -43.31
C ARG B 123 -8.32 -16.51 -42.72
N PHE B 124 -8.19 -17.03 -41.49
CA PHE B 124 -9.35 -17.41 -40.68
C PHE B 124 -9.61 -16.36 -39.55
N GLY B 125 -10.72 -15.66 -39.65
CA GLY B 125 -11.08 -14.57 -38.75
C GLY B 125 -12.53 -14.64 -38.31
N THR B 126 -13.06 -13.51 -37.85
CA THR B 126 -14.37 -13.53 -37.19
C THR B 126 -15.45 -14.09 -38.13
N ASP B 127 -15.51 -13.63 -39.37
CA ASP B 127 -16.62 -14.06 -40.26
C ASP B 127 -16.52 -15.56 -40.58
N GLU B 128 -15.32 -16.08 -40.80
CA GLU B 128 -15.13 -17.48 -41.06
C GLU B 128 -15.50 -18.28 -39.84
N PHE B 129 -15.19 -17.74 -38.67
CA PHE B 129 -15.49 -18.45 -37.44
C PHE B 129 -17.01 -18.53 -37.24
N ILE B 130 -17.71 -17.42 -37.43
CA ILE B 130 -19.17 -17.44 -37.25
C ILE B 130 -19.83 -18.42 -38.26
N GLU B 131 -19.34 -18.38 -39.50
CA GLU B 131 -19.81 -19.23 -40.56
C GLU B 131 -19.57 -20.70 -40.15
N TYR B 132 -18.39 -21.04 -39.65
CA TYR B 132 -18.13 -22.38 -39.12
C TYR B 132 -19.11 -22.81 -38.00
N CYS B 133 -19.34 -21.95 -37.01
CA CYS B 133 -20.36 -22.21 -35.97
C CYS B 133 -21.72 -22.46 -36.54
N ARG B 134 -22.09 -21.72 -37.55
CA ARG B 134 -23.46 -21.86 -38.12
C ARG B 134 -23.51 -23.20 -38.83
N GLU B 135 -22.43 -23.55 -39.48
CA GLU B 135 -22.37 -24.78 -40.19
C GLU B 135 -22.55 -25.97 -39.24
N ILE B 136 -21.91 -25.94 -38.05
CA ILE B 136 -22.02 -27.05 -37.13
C ILE B 136 -23.20 -26.87 -36.19
N GLY B 137 -23.87 -25.74 -36.25
CA GLY B 137 -25.00 -25.47 -35.31
C GLY B 137 -24.65 -25.08 -33.86
N ALA B 138 -23.40 -24.72 -33.61
CA ALA B 138 -22.91 -24.31 -32.26
C ALA B 138 -23.10 -22.83 -32.02
N GLU B 139 -23.37 -22.44 -30.78
CA GLU B 139 -23.29 -21.04 -30.37
C GLU B 139 -21.82 -20.57 -30.36
N PRO B 140 -21.53 -19.42 -30.95
CA PRO B 140 -20.12 -18.94 -30.75
C PRO B 140 -19.86 -18.40 -29.35
N TYR B 141 -18.66 -18.65 -28.87
CA TYR B 141 -18.24 -18.12 -27.57
C TYR B 141 -16.92 -17.36 -27.82
N ILE B 142 -16.96 -16.04 -27.88
CA ILE B 142 -15.71 -15.33 -28.21
C ILE B 142 -14.92 -14.85 -26.96
N SER B 143 -13.62 -15.13 -26.93
CA SER B 143 -12.75 -14.57 -25.88
C SER B 143 -12.20 -13.24 -26.35
N ILE B 144 -12.23 -12.23 -25.50
CA ILE B 144 -11.63 -10.96 -25.86
C ILE B 144 -10.13 -10.82 -25.45
N ASN B 145 -9.49 -9.81 -26.03
CA ASN B 145 -8.11 -9.59 -25.80
C ASN B 145 -7.98 -8.52 -24.71
N MET B 146 -7.53 -8.91 -23.53
CA MET B 146 -7.26 -7.93 -22.43
C MET B 146 -5.75 -7.73 -22.20
N GLY B 147 -4.93 -8.43 -23.00
CA GLY B 147 -3.47 -8.35 -22.91
C GLY B 147 -2.92 -7.07 -23.58
N THR B 148 -3.17 -6.91 -24.87
CA THR B 148 -2.77 -5.71 -25.58
C THR B 148 -3.99 -4.97 -26.13
N GLY B 149 -5.18 -5.49 -25.82
CA GLY B 149 -6.45 -4.90 -26.29
C GLY B 149 -6.97 -3.82 -25.36
N THR B 150 -8.03 -3.14 -25.76
CA THR B 150 -8.62 -2.05 -24.98
C THR B 150 -10.13 -2.24 -24.83
N LEU B 151 -10.77 -1.54 -23.89
CA LEU B 151 -12.21 -1.53 -23.79
C LEU B 151 -12.87 -1.19 -25.14
N ASP B 152 -12.49 -0.05 -25.76
CA ASP B 152 -13.07 0.27 -27.06
C ASP B 152 -13.00 -0.94 -28.06
N GLU B 153 -11.85 -1.60 -28.11
CA GLU B 153 -11.60 -2.63 -29.08
C GLU B 153 -12.63 -3.82 -28.87
N ALA B 154 -12.90 -4.15 -27.59
CA ALA B 154 -13.83 -5.20 -27.23
C ALA B 154 -15.24 -4.76 -27.57
N LEU B 155 -15.58 -3.50 -27.29
CA LEU B 155 -16.94 -3.01 -27.57
C LEU B 155 -17.17 -3.03 -29.09
N HIS B 156 -16.11 -2.72 -29.86
CA HIS B 156 -16.13 -2.69 -31.30
C HIS B 156 -16.32 -4.14 -31.83
N TRP B 157 -15.63 -5.11 -31.25
CA TRP B 157 -15.86 -6.54 -31.62
C TRP B 157 -17.34 -6.96 -31.40
N LEU B 158 -17.90 -6.52 -30.29
CA LEU B 158 -19.22 -6.88 -29.86
C LEU B 158 -20.24 -6.17 -30.77
N GLU B 159 -19.96 -4.92 -31.09
CA GLU B 159 -20.85 -4.15 -31.92
C GLU B 159 -20.86 -4.76 -33.35
N TYR B 160 -19.69 -5.15 -33.83
CA TYR B 160 -19.57 -5.78 -35.12
C TYR B 160 -20.44 -7.02 -35.16
N CYS B 161 -20.37 -7.82 -34.10
CA CYS B 161 -21.04 -9.09 -34.07
C CYS B 161 -22.54 -8.96 -33.80
N ASN B 162 -22.94 -8.00 -32.99
CA ASN B 162 -24.28 -8.06 -32.37
C ASN B 162 -25.08 -6.79 -32.58
N GLY B 163 -24.45 -5.71 -33.07
CA GLY B 163 -25.16 -4.48 -33.35
C GLY B 163 -26.26 -4.71 -34.41
N LYS B 164 -27.44 -4.19 -34.12
CA LYS B 164 -28.51 -4.20 -35.06
C LYS B 164 -28.89 -2.79 -35.54
N GLY B 165 -28.15 -1.77 -35.12
CA GLY B 165 -28.40 -0.39 -35.54
C GLY B 165 -27.45 0.08 -36.65
N ASN B 166 -27.21 1.39 -36.66
CA ASN B 166 -26.30 1.96 -37.65
C ASN B 166 -24.91 2.38 -37.18
N THR B 167 -24.46 1.81 -36.07
CA THR B 167 -23.07 2.05 -35.65
C THR B 167 -22.09 1.54 -36.71
N TYR B 168 -20.98 2.26 -36.81
CA TYR B 168 -19.93 1.95 -37.74
C TYR B 168 -19.60 0.47 -37.84
N TYR B 169 -19.44 -0.21 -36.71
CA TYR B 169 -19.04 -1.62 -36.82
C TYR B 169 -20.17 -2.56 -37.24
N ALA B 170 -21.42 -2.23 -36.87
CA ALA B 170 -22.58 -2.96 -37.38
C ALA B 170 -22.60 -2.80 -38.91
N GLN B 171 -22.41 -1.57 -39.39
CA GLN B 171 -22.46 -1.31 -40.81
C GLN B 171 -21.36 -2.05 -41.52
N LEU B 172 -20.26 -2.23 -40.83
CA LEU B 172 -19.10 -2.84 -41.37
C LEU B 172 -19.35 -4.33 -41.56
N ARG B 173 -20.01 -4.99 -40.60
CA ARG B 173 -20.37 -6.39 -40.73
C ARG B 173 -21.24 -6.55 -41.98
N ARG B 174 -22.25 -5.68 -42.12
CA ARG B 174 -23.13 -5.69 -43.29
C ARG B 174 -22.35 -5.46 -44.58
N LYS B 175 -21.44 -4.49 -44.58
CA LYS B 175 -20.57 -4.27 -45.74
C LYS B 175 -19.78 -5.51 -46.25
N TYR B 176 -19.34 -6.35 -45.32
CA TYR B 176 -18.51 -7.52 -45.64
C TYR B 176 -19.38 -8.75 -45.90
N GLY B 177 -20.70 -8.57 -45.83
CA GLY B 177 -21.65 -9.53 -46.42
C GLY B 177 -22.66 -10.16 -45.47
N HIS B 178 -22.86 -9.59 -44.28
CA HIS B 178 -23.77 -10.19 -43.31
C HIS B 178 -24.66 -9.13 -42.69
N PRO B 179 -25.80 -8.85 -43.33
CA PRO B 179 -26.76 -7.88 -42.81
C PRO B 179 -27.29 -8.24 -41.42
N GLU B 180 -27.51 -9.51 -41.13
CA GLU B 180 -28.15 -9.84 -39.85
C GLU B 180 -27.05 -9.93 -38.76
N PRO B 181 -27.35 -9.45 -37.54
CA PRO B 181 -26.39 -9.62 -36.47
C PRO B 181 -26.03 -11.10 -36.17
N TYR B 182 -24.83 -11.36 -35.68
CA TYR B 182 -24.45 -12.70 -35.37
C TYR B 182 -25.03 -13.18 -34.04
N ASN B 183 -25.32 -12.23 -33.14
CA ASN B 183 -25.88 -12.54 -31.82
C ASN B 183 -25.02 -13.52 -30.99
N VAL B 184 -23.74 -13.19 -30.86
CA VAL B 184 -22.81 -13.92 -30.01
C VAL B 184 -23.23 -13.72 -28.57
N LYS B 185 -23.49 -14.83 -27.87
CA LYS B 185 -24.12 -14.85 -26.53
C LYS B 185 -23.13 -14.93 -25.39
N PHE B 186 -21.98 -15.56 -25.68
CA PHE B 186 -20.93 -15.83 -24.67
C PHE B 186 -19.65 -15.00 -24.99
N TRP B 187 -19.27 -14.18 -24.02
CA TRP B 187 -18.07 -13.39 -24.15
C TRP B 187 -17.09 -13.74 -23.01
N GLY B 188 -15.91 -14.22 -23.39
CA GLY B 188 -14.84 -14.49 -22.43
C GLY B 188 -14.08 -13.21 -22.04
N ILE B 189 -14.25 -12.75 -20.79
CA ILE B 189 -13.61 -11.50 -20.36
C ILE B 189 -12.10 -11.72 -20.04
N GLY B 190 -11.28 -11.84 -21.08
CA GLY B 190 -9.86 -12.12 -20.93
C GLY B 190 -9.57 -13.60 -20.84
N ASN B 191 -8.31 -13.96 -20.98
CA ASN B 191 -7.88 -15.34 -20.85
C ASN B 191 -6.67 -15.44 -19.91
N GLU B 192 -6.79 -16.26 -18.87
CA GLU B 192 -5.63 -16.58 -17.99
C GLU B 192 -4.75 -15.37 -17.65
N MET B 193 -5.43 -14.29 -17.28
CA MET B 193 -4.78 -12.96 -17.06
C MET B 193 -3.87 -12.98 -15.85
N TYR B 194 -3.97 -14.03 -15.00
CA TYR B 194 -3.13 -14.21 -13.83
C TYR B 194 -1.75 -14.77 -14.20
N GLY B 195 -1.63 -15.40 -15.37
CA GLY B 195 -0.38 -16.16 -15.65
C GLY B 195 0.70 -15.30 -16.25
N GLU B 196 1.90 -15.47 -15.76
CA GLU B 196 3.11 -14.79 -16.25
C GLU B 196 3.36 -15.07 -17.74
N TRP B 197 2.89 -16.24 -18.20
CA TRP B 197 3.07 -16.59 -19.61
C TRP B 197 2.13 -15.73 -20.49
N GLN B 198 1.10 -15.09 -19.91
CA GLN B 198 0.13 -14.31 -20.74
C GLN B 198 0.66 -12.93 -21.15
N VAL B 199 0.48 -12.52 -22.41
CA VAL B 199 0.82 -11.17 -22.79
C VAL B 199 -0.01 -10.21 -21.92
N GLY B 200 0.63 -9.22 -21.30
CA GLY B 200 -0.10 -8.24 -20.52
C GLY B 200 -0.73 -8.76 -19.26
N HIS B 201 -0.17 -9.81 -18.65
CA HIS B 201 -0.77 -10.33 -17.44
C HIS B 201 -0.88 -9.25 -16.30
N MET B 202 -1.84 -9.49 -15.41
CA MET B 202 -2.33 -8.53 -14.44
C MET B 202 -2.28 -9.10 -13.02
N THR B 203 -2.16 -8.22 -12.03
CA THR B 203 -2.41 -8.61 -10.63
C THR B 203 -3.90 -8.85 -10.45
N ALA B 204 -4.29 -9.49 -9.33
CA ALA B 204 -5.70 -9.75 -9.02
C ALA B 204 -6.53 -8.47 -8.98
N ASP B 205 -5.99 -7.44 -8.36
CA ASP B 205 -6.72 -6.18 -8.23
C ASP B 205 -6.87 -5.55 -9.60
N GLU B 206 -5.83 -5.55 -10.41
CA GLU B 206 -5.97 -5.02 -11.78
C GLU B 206 -7.03 -5.76 -12.60
N TYR B 207 -7.01 -7.10 -12.57
CA TYR B 207 -7.93 -7.87 -13.41
C TYR B 207 -9.35 -7.68 -12.92
N ALA B 208 -9.50 -7.72 -11.60
CA ALA B 208 -10.81 -7.57 -10.97
C ALA B 208 -11.49 -6.29 -11.42
N ARG B 209 -10.77 -5.17 -11.30
CA ARG B 209 -11.24 -3.85 -11.74
C ARG B 209 -11.47 -3.88 -13.23
N ALA B 210 -10.54 -4.46 -13.99
CA ALA B 210 -10.67 -4.52 -15.47
C ALA B 210 -11.87 -5.39 -15.86
N ALA B 211 -12.08 -6.53 -15.18
CA ALA B 211 -13.22 -7.39 -15.56
C ALA B 211 -14.55 -6.66 -15.37
N LYS B 212 -14.64 -5.89 -14.27
CA LYS B 212 -15.86 -5.18 -13.96
C LYS B 212 -16.13 -4.09 -15.02
N GLU B 213 -15.09 -3.31 -15.33
CA GLU B 213 -15.13 -2.21 -16.33
C GLU B 213 -15.59 -2.79 -17.71
N TYR B 214 -14.85 -3.76 -18.23
CA TYR B 214 -15.24 -4.30 -19.55
C TYR B 214 -16.63 -4.89 -19.56
N THR B 215 -16.95 -5.67 -18.52
CA THR B 215 -18.24 -6.36 -18.48
C THR B 215 -19.38 -5.39 -18.39
N LYS B 216 -19.27 -4.42 -17.49
CA LYS B 216 -20.37 -3.47 -17.38
C LYS B 216 -20.64 -2.67 -18.67
N TRP B 217 -19.63 -2.17 -19.34
CA TRP B 217 -19.87 -1.36 -20.54
C TRP B 217 -20.29 -2.29 -21.74
N MET B 218 -19.73 -3.50 -21.83
CA MET B 218 -20.25 -4.45 -22.81
C MET B 218 -21.78 -4.68 -22.65
N LYS B 219 -22.25 -4.84 -21.41
CA LYS B 219 -23.66 -5.17 -21.18
C LYS B 219 -24.51 -3.93 -21.34
N VAL B 220 -23.89 -2.74 -21.29
CA VAL B 220 -24.63 -1.50 -21.59
C VAL B 220 -24.98 -1.50 -23.09
N PHE B 221 -24.06 -1.93 -23.93
CA PHE B 221 -24.33 -2.04 -25.37
C PHE B 221 -25.29 -3.21 -25.65
N ASP B 222 -25.05 -4.35 -25.01
CA ASP B 222 -25.90 -5.51 -25.20
C ASP B 222 -26.18 -6.22 -23.87
N PRO B 223 -27.32 -5.91 -23.24
CA PRO B 223 -27.55 -6.53 -21.93
C PRO B 223 -27.85 -8.03 -21.94
N THR B 224 -27.96 -8.66 -23.13
CA THR B 224 -28.32 -10.09 -23.18
C THR B 224 -27.12 -11.01 -23.13
N ILE B 225 -25.90 -10.47 -23.25
CA ILE B 225 -24.75 -11.35 -23.26
C ILE B 225 -24.46 -11.95 -21.85
N LYS B 226 -23.69 -13.04 -21.87
CA LYS B 226 -23.20 -13.70 -20.68
C LYS B 226 -21.72 -13.47 -20.72
N ALA B 227 -21.20 -12.98 -19.59
CA ALA B 227 -19.80 -12.67 -19.45
C ALA B 227 -19.09 -13.74 -18.58
N ILE B 228 -17.96 -14.26 -19.08
CA ILE B 228 -17.18 -15.20 -18.32
C ILE B 228 -15.89 -14.49 -17.88
N ALA B 229 -15.72 -14.36 -16.57
CA ALA B 229 -14.49 -13.79 -16.01
C ALA B 229 -13.47 -14.89 -15.68
N VAL B 230 -12.20 -14.52 -15.59
CA VAL B 230 -11.09 -15.45 -15.39
C VAL B 230 -10.96 -15.83 -13.92
N GLY B 231 -10.96 -17.13 -13.64
CA GLY B 231 -10.64 -17.60 -12.27
C GLY B 231 -9.43 -18.54 -12.32
N CYS B 232 -8.92 -19.01 -11.19
CA CYS B 232 -7.85 -20.02 -11.29
C CYS B 232 -7.87 -20.69 -9.94
N ASP B 233 -6.71 -21.15 -9.49
CA ASP B 233 -6.58 -21.82 -8.20
C ASP B 233 -6.28 -20.91 -7.00
N ASP B 234 -5.97 -19.67 -7.28
CA ASP B 234 -5.59 -18.80 -6.25
C ASP B 234 -6.89 -18.23 -5.69
N PRO B 235 -7.24 -18.56 -4.43
CA PRO B 235 -8.51 -18.09 -3.89
C PRO B 235 -8.57 -16.56 -3.70
N ILE B 236 -7.45 -15.89 -3.52
CA ILE B 236 -7.50 -14.41 -3.35
C ILE B 236 -7.90 -13.83 -4.71
N TRP B 237 -7.29 -14.38 -5.77
CA TRP B 237 -7.63 -14.01 -7.13
C TRP B 237 -9.11 -14.16 -7.38
N ASN B 238 -9.67 -15.35 -7.11
CA ASN B 238 -11.08 -15.58 -7.37
C ASN B 238 -11.91 -14.61 -6.54
N LEU B 239 -11.55 -14.45 -5.26
CA LEU B 239 -12.40 -13.59 -4.43
C LEU B 239 -12.38 -12.14 -4.88
N ARG B 240 -11.23 -11.64 -5.34
CA ARG B 240 -11.19 -10.22 -5.79
C ARG B 240 -12.06 -10.04 -7.01
N VAL B 241 -11.94 -10.93 -7.98
CA VAL B 241 -12.82 -10.89 -9.14
C VAL B 241 -14.26 -10.91 -8.71
N LEU B 242 -14.65 -11.86 -7.86
CA LEU B 242 -16.03 -11.95 -7.48
C LEU B 242 -16.54 -10.70 -6.75
N GLN B 243 -15.72 -10.12 -5.87
CA GLN B 243 -16.13 -8.94 -5.06
C GLN B 243 -16.26 -7.68 -5.93
N GLU B 244 -15.35 -7.56 -6.89
CA GLU B 244 -15.30 -6.40 -7.73
C GLU B 244 -16.37 -6.50 -8.84
N ALA B 245 -16.55 -7.71 -9.41
CA ALA B 245 -17.31 -7.85 -10.63
C ALA B 245 -18.51 -8.79 -10.47
N GLY B 246 -18.74 -9.23 -9.24
CA GLY B 246 -19.82 -10.14 -8.96
C GLY B 246 -21.22 -9.66 -9.30
N ASP B 247 -21.39 -8.35 -9.49
CA ASP B 247 -22.71 -7.76 -9.72
C ASP B 247 -23.00 -7.77 -11.20
N VAL B 248 -21.98 -8.08 -12.02
CA VAL B 248 -22.22 -8.07 -13.47
C VAL B 248 -21.80 -9.32 -14.23
N ILE B 249 -20.79 -10.05 -13.76
CA ILE B 249 -20.42 -11.26 -14.50
C ILE B 249 -21.46 -12.41 -14.36
N ASP B 250 -21.37 -13.43 -15.22
CA ASP B 250 -22.27 -14.56 -15.17
C ASP B 250 -21.55 -15.86 -14.81
N PHE B 251 -20.27 -15.94 -15.13
CA PHE B 251 -19.46 -17.09 -14.76
C PHE B 251 -18.09 -16.67 -14.33
N ILE B 252 -17.46 -17.50 -13.51
CA ILE B 252 -16.04 -17.38 -13.24
C ILE B 252 -15.48 -18.68 -13.77
N SER B 253 -14.38 -18.62 -14.51
CA SER B 253 -13.88 -19.73 -15.24
C SER B 253 -12.82 -20.49 -14.47
N TYR B 254 -12.67 -21.77 -14.81
CA TYR B 254 -11.64 -22.63 -14.24
C TYR B 254 -11.11 -23.52 -15.35
N HIS B 255 -9.82 -23.76 -15.34
CA HIS B 255 -9.13 -24.51 -16.36
C HIS B 255 -8.50 -25.68 -15.66
N PHE B 256 -8.65 -26.89 -16.22
CA PHE B 256 -8.23 -28.09 -15.49
C PHE B 256 -7.52 -29.09 -16.45
N TYR B 257 -6.21 -29.29 -16.25
CA TYR B 257 -5.41 -30.10 -17.12
C TYR B 257 -4.76 -31.19 -16.26
N THR B 258 -4.79 -32.43 -16.73
CA THR B 258 -4.49 -33.53 -15.84
C THR B 258 -3.75 -34.68 -16.52
N GLY B 259 -3.41 -35.72 -15.75
CA GLY B 259 -2.92 -36.95 -16.35
C GLY B 259 -1.51 -37.34 -16.00
N SER B 260 -1.33 -38.67 -15.92
CA SER B 260 0.01 -39.26 -16.01
C SER B 260 0.00 -40.59 -16.76
N ASP B 261 1.13 -41.28 -16.77
CA ASP B 261 1.17 -42.56 -17.47
C ASP B 261 0.42 -43.63 -16.74
N ASP B 262 0.20 -43.43 -15.43
CA ASP B 262 -0.54 -44.37 -14.61
C ASP B 262 -2.02 -44.22 -14.80
N TYR B 263 -2.67 -45.34 -15.10
CA TYR B 263 -4.08 -45.37 -15.34
C TYR B 263 -4.90 -44.76 -14.19
N TYR B 264 -4.67 -45.21 -12.96
CA TYR B 264 -5.54 -44.75 -11.88
C TYR B 264 -5.32 -43.26 -11.52
N GLU B 265 -4.06 -42.84 -11.63
CA GLU B 265 -3.65 -41.45 -11.41
C GLU B 265 -4.33 -40.50 -12.36
N THR B 266 -4.76 -40.99 -13.54
CA THR B 266 -5.31 -40.14 -14.56
C THR B 266 -6.80 -40.11 -14.28
N VAL B 267 -7.48 -41.26 -14.34
CA VAL B 267 -8.92 -41.26 -14.21
C VAL B 267 -9.40 -40.82 -12.83
N SER B 268 -8.59 -40.99 -11.79
CA SER B 268 -9.04 -40.57 -10.46
C SER B 268 -9.16 -39.04 -10.40
N THR B 269 -8.48 -38.34 -11.31
CA THR B 269 -8.56 -36.88 -11.21
C THR B 269 -9.95 -36.31 -11.53
N VAL B 270 -10.89 -37.13 -11.97
CA VAL B 270 -12.27 -36.67 -12.12
C VAL B 270 -12.75 -36.18 -10.76
N TYR B 271 -12.24 -36.83 -9.69
CA TYR B 271 -12.73 -36.60 -8.32
C TYR B 271 -11.94 -35.50 -7.67
N LEU B 272 -10.76 -35.22 -8.21
CA LEU B 272 -10.01 -34.01 -7.81
C LEU B 272 -10.74 -32.79 -8.42
N LEU B 273 -10.98 -32.83 -9.73
CA LEU B 273 -11.86 -31.84 -10.41
C LEU B 273 -13.10 -31.50 -9.59
N LYS B 274 -13.79 -32.55 -9.16
CA LYS B 274 -15.06 -32.39 -8.45
C LYS B 274 -14.84 -31.48 -7.27
N GLU B 275 -13.84 -31.82 -6.48
CA GLU B 275 -13.52 -31.08 -5.28
C GLU B 275 -13.06 -29.62 -5.58
N ARG B 276 -12.30 -29.40 -6.65
CA ARG B 276 -11.93 -28.05 -7.10
C ARG B 276 -13.18 -27.22 -7.45
N LEU B 277 -14.16 -27.82 -8.14
CA LEU B 277 -15.36 -27.11 -8.51
C LEU B 277 -16.15 -26.75 -7.29
N ILE B 278 -16.31 -27.69 -6.34
CA ILE B 278 -17.01 -27.37 -5.09
C ILE B 278 -16.27 -26.21 -4.35
N GLY B 279 -14.94 -26.21 -4.40
CA GLY B 279 -14.12 -25.13 -3.85
C GLY B 279 -14.52 -23.78 -4.44
N VAL B 280 -14.53 -23.69 -5.78
CA VAL B 280 -14.90 -22.45 -6.42
C VAL B 280 -16.34 -22.04 -6.09
N LYS B 281 -17.25 -23.02 -6.12
CA LYS B 281 -18.61 -22.74 -5.82
C LYS B 281 -18.72 -22.14 -4.38
N LYS B 282 -17.93 -22.65 -3.45
CA LYS B 282 -18.03 -22.10 -2.08
C LYS B 282 -17.50 -20.63 -2.07
N LEU B 283 -16.49 -20.33 -2.89
CA LEU B 283 -15.97 -18.95 -3.02
C LEU B 283 -17.08 -18.01 -3.43
N ILE B 284 -17.84 -18.41 -4.45
CA ILE B 284 -18.99 -17.65 -4.90
C ILE B 284 -20.02 -17.45 -3.78
N ASP B 285 -20.32 -18.51 -3.01
CA ASP B 285 -21.29 -18.40 -1.94
C ASP B 285 -20.83 -17.41 -0.88
N MET B 286 -19.53 -17.19 -0.73
CA MET B 286 -19.05 -16.26 0.29
C MET B 286 -19.02 -14.79 -0.17
N VAL B 287 -19.52 -14.49 -1.37
CA VAL B 287 -19.55 -13.13 -1.87
C VAL B 287 -21.02 -12.82 -2.23
N ASP B 288 -21.62 -11.95 -1.40
CA ASP B 288 -23.04 -11.67 -1.47
C ASP B 288 -23.53 -11.24 -2.87
N THR B 289 -22.88 -10.28 -3.53
CA THR B 289 -23.42 -9.91 -4.82
C THR B 289 -23.42 -11.12 -5.76
N ALA B 290 -22.32 -11.86 -5.77
CA ALA B 290 -22.17 -13.01 -6.73
C ALA B 290 -23.16 -14.12 -6.41
N ARG B 291 -23.25 -14.49 -5.12
CA ARG B 291 -24.17 -15.53 -4.69
C ARG B 291 -25.63 -15.19 -5.07
N LYS B 292 -26.06 -13.99 -4.67
CA LYS B 292 -27.42 -13.53 -4.94
C LYS B 292 -27.73 -13.50 -6.42
N ARG B 293 -26.77 -13.02 -7.20
CA ARG B 293 -26.96 -12.94 -8.66
C ARG B 293 -26.95 -14.36 -9.29
N GLY B 294 -26.33 -15.34 -8.63
CA GLY B 294 -26.32 -16.67 -9.24
C GLY B 294 -25.15 -16.92 -10.21
N VAL B 295 -24.00 -16.34 -9.96
CA VAL B 295 -22.79 -16.56 -10.77
C VAL B 295 -22.43 -18.05 -10.71
N LYS B 296 -22.05 -18.65 -11.85
CA LYS B 296 -21.77 -20.07 -11.84
C LYS B 296 -20.33 -20.28 -12.32
N ILE B 297 -19.96 -21.55 -12.55
CA ILE B 297 -18.59 -21.81 -12.99
C ILE B 297 -18.63 -22.15 -14.48
N ALA B 298 -17.62 -21.65 -15.24
CA ALA B 298 -17.45 -22.14 -16.61
C ALA B 298 -16.13 -22.90 -16.67
N LEU B 299 -16.18 -24.21 -16.88
CA LEU B 299 -14.94 -24.98 -17.02
C LEU B 299 -14.47 -24.85 -18.44
N ASP B 300 -13.89 -23.69 -18.80
CA ASP B 300 -13.80 -23.43 -20.23
C ASP B 300 -12.51 -23.87 -20.90
N GLU B 301 -11.68 -24.60 -20.16
CA GLU B 301 -10.66 -25.42 -20.74
C GLU B 301 -10.48 -26.61 -19.81
N TRP B 302 -10.66 -27.82 -20.36
CA TRP B 302 -10.27 -29.00 -19.63
C TRP B 302 -9.86 -30.13 -20.59
N ASN B 303 -8.93 -30.99 -20.11
CA ASN B 303 -8.50 -32.18 -20.86
C ASN B 303 -7.39 -32.89 -20.16
N VAL B 304 -7.01 -34.05 -20.67
CA VAL B 304 -5.74 -34.60 -20.27
C VAL B 304 -4.63 -33.80 -20.99
N TRP B 305 -3.54 -33.55 -20.31
CA TRP B 305 -2.42 -32.88 -20.95
C TRP B 305 -1.19 -33.06 -20.06
N TYR B 306 -0.25 -33.90 -20.48
CA TYR B 306 0.96 -34.10 -19.67
C TYR B 306 2.17 -34.59 -20.42
N ARG B 307 2.02 -34.98 -21.69
CA ARG B 307 3.12 -35.65 -22.42
C ARG B 307 3.95 -34.69 -23.26
N VAL B 308 3.26 -33.70 -23.84
CA VAL B 308 3.83 -32.80 -24.84
C VAL B 308 3.86 -31.38 -24.28
N SER B 309 4.95 -30.68 -24.57
CA SER B 309 5.18 -29.35 -24.04
C SER B 309 5.89 -28.43 -25.08
N ASP B 310 5.13 -27.89 -26.03
CA ASP B 310 5.68 -27.23 -27.22
C ASP B 310 4.59 -26.32 -27.78
N ASN B 311 4.68 -25.88 -29.04
CA ASN B 311 3.54 -25.14 -29.60
C ASN B 311 2.67 -25.81 -30.64
N LYS B 312 2.55 -27.12 -30.52
CA LYS B 312 1.62 -27.86 -31.40
C LYS B 312 0.69 -28.65 -30.50
N LEU B 313 1.22 -29.10 -29.37
CA LEU B 313 0.46 -29.79 -28.34
C LEU B 313 -0.31 -31.02 -28.87
N GLU B 314 0.28 -31.76 -29.79
CA GLU B 314 -0.48 -32.89 -30.40
C GLU B 314 -0.47 -34.15 -29.49
N GLU B 315 -1.22 -34.06 -28.40
CA GLU B 315 -1.19 -35.05 -27.33
C GLU B 315 -1.82 -36.37 -27.85
N PRO B 316 -1.08 -37.49 -27.72
CA PRO B 316 -1.58 -38.70 -28.36
C PRO B 316 -2.51 -39.40 -27.40
N TYR B 317 -3.78 -38.98 -27.34
CA TYR B 317 -4.69 -39.51 -26.34
C TYR B 317 -4.83 -41.02 -26.48
N ASP B 318 -4.95 -41.70 -25.34
CA ASP B 318 -5.29 -43.13 -25.35
C ASP B 318 -6.53 -43.39 -24.53
N LEU B 319 -6.87 -44.67 -24.37
CA LEU B 319 -8.18 -45.01 -23.80
C LEU B 319 -8.31 -44.52 -22.33
N LYS B 320 -7.25 -44.67 -21.56
CA LYS B 320 -7.11 -44.05 -20.23
C LYS B 320 -7.71 -42.61 -20.24
N ASP B 321 -7.24 -41.81 -21.19
CA ASP B 321 -7.61 -40.40 -21.29
C ASP B 321 -9.07 -40.32 -21.69
N GLY B 322 -9.53 -41.22 -22.57
CA GLY B 322 -11.00 -41.27 -22.88
C GLY B 322 -11.93 -41.58 -21.71
N ILE B 323 -11.45 -42.42 -20.80
CA ILE B 323 -12.22 -42.78 -19.63
C ILE B 323 -12.24 -41.59 -18.65
N PHE B 324 -11.10 -40.91 -18.49
CA PHE B 324 -11.12 -39.61 -17.79
C PHE B 324 -12.23 -38.70 -18.36
N ALA B 325 -12.25 -38.54 -19.67
CA ALA B 325 -13.29 -37.67 -20.28
C ALA B 325 -14.74 -38.11 -20.07
N CYS B 326 -15.06 -39.41 -20.27
CA CYS B 326 -16.43 -39.87 -19.91
C CYS B 326 -16.72 -39.57 -18.47
N GLY B 327 -15.72 -39.80 -17.61
CA GLY B 327 -15.93 -39.53 -16.20
C GLY B 327 -16.22 -38.05 -15.98
N VAL B 328 -15.52 -37.17 -16.71
CA VAL B 328 -15.81 -35.73 -16.56
C VAL B 328 -17.19 -35.44 -17.07
N LEU B 329 -17.60 -36.05 -18.20
CA LEU B 329 -18.95 -35.73 -18.71
C LEU B 329 -20.07 -36.21 -17.77
N VAL B 330 -19.83 -37.31 -17.06
CA VAL B 330 -20.88 -37.82 -16.18
C VAL B 330 -20.93 -36.91 -14.97
N LEU B 331 -19.75 -36.50 -14.47
CA LEU B 331 -19.69 -35.53 -13.35
C LEU B 331 -20.46 -34.25 -13.70
N LEU B 332 -20.22 -33.74 -14.91
CA LEU B 332 -20.87 -32.52 -15.38
C LEU B 332 -22.36 -32.67 -15.46
N GLN B 333 -22.85 -33.86 -15.86
CA GLN B 333 -24.29 -34.05 -15.89
C GLN B 333 -24.83 -33.93 -14.44
N LYS B 334 -24.07 -34.48 -13.51
CA LYS B 334 -24.53 -34.42 -12.12
C LYS B 334 -24.40 -33.02 -11.49
N MET B 335 -23.58 -32.12 -12.09
CA MET B 335 -23.22 -30.84 -11.42
C MET B 335 -23.41 -29.61 -12.29
N SER B 336 -24.23 -29.71 -13.32
CA SER B 336 -24.33 -28.68 -14.33
C SER B 336 -25.04 -27.44 -13.79
N ASP B 337 -25.81 -27.58 -12.70
CA ASP B 337 -26.38 -26.38 -12.04
C ASP B 337 -25.27 -25.50 -11.46
N ILE B 338 -24.11 -26.05 -11.14
CA ILE B 338 -23.00 -25.29 -10.60
C ILE B 338 -22.01 -24.93 -11.74
N VAL B 339 -21.89 -25.83 -12.74
CA VAL B 339 -21.02 -25.63 -13.89
C VAL B 339 -21.85 -25.78 -15.19
N PRO B 340 -22.58 -24.74 -15.61
CA PRO B 340 -23.42 -24.98 -16.78
C PRO B 340 -22.68 -24.90 -18.09
N LEU B 341 -21.40 -24.59 -18.04
CA LEU B 341 -20.67 -24.39 -19.28
C LEU B 341 -19.28 -25.00 -19.17
N ALA B 342 -18.90 -25.82 -20.14
CA ALA B 342 -17.61 -26.46 -20.08
C ALA B 342 -17.13 -26.55 -21.51
N ASN B 343 -15.82 -26.53 -21.72
CA ASN B 343 -15.29 -26.62 -23.09
C ASN B 343 -14.05 -27.43 -23.04
N LEU B 344 -14.09 -28.54 -23.75
CA LEU B 344 -12.92 -29.38 -23.93
C LEU B 344 -11.86 -28.57 -24.70
N ALA B 345 -10.61 -28.61 -24.21
CA ALA B 345 -9.52 -28.00 -24.89
C ALA B 345 -8.67 -29.14 -25.48
N GLN B 346 -8.64 -29.34 -26.80
CA GLN B 346 -9.31 -28.57 -27.87
C GLN B 346 -9.91 -29.56 -28.89
N LEU B 347 -10.59 -29.03 -29.92
CA LEU B 347 -11.35 -29.84 -30.85
C LEU B 347 -10.43 -30.63 -31.82
N VAL B 348 -9.44 -29.95 -32.40
CA VAL B 348 -8.61 -30.49 -33.45
C VAL B 348 -7.10 -30.21 -33.24
N ASN B 349 -6.32 -31.30 -33.25
CA ASN B 349 -4.84 -31.32 -33.20
C ASN B 349 -4.18 -30.78 -31.97
N ALA B 350 -4.49 -29.51 -31.63
CA ALA B 350 -3.98 -28.91 -30.37
C ALA B 350 -4.76 -29.57 -29.25
N LEU B 351 -4.05 -30.34 -28.44
CA LEU B 351 -4.64 -31.12 -27.36
C LEU B 351 -5.87 -31.79 -27.94
N GLY B 352 -5.70 -32.41 -29.12
CA GLY B 352 -6.87 -32.61 -30.00
C GLY B 352 -7.79 -33.83 -29.78
N ALA B 353 -9.11 -33.61 -29.72
CA ALA B 353 -10.04 -34.74 -29.67
C ALA B 353 -9.94 -35.47 -31.02
N ILE B 354 -9.90 -34.69 -32.09
CA ILE B 354 -9.74 -35.17 -33.47
C ILE B 354 -8.30 -34.75 -33.85
N HIS B 355 -7.56 -35.70 -34.45
CA HIS B 355 -6.24 -35.44 -35.04
C HIS B 355 -6.30 -35.50 -36.60
N THR B 356 -5.72 -34.50 -37.29
CA THR B 356 -5.76 -34.50 -38.73
C THR B 356 -4.39 -34.70 -39.33
N GLU B 357 -4.41 -35.26 -40.55
CA GLU B 357 -3.26 -35.26 -41.48
C GLU B 357 -3.75 -34.69 -42.80
N LYS B 358 -2.86 -34.54 -43.77
CA LYS B 358 -3.28 -33.95 -45.05
C LYS B 358 -4.29 -34.80 -45.81
N ASP B 359 -4.36 -36.07 -45.46
CA ASP B 359 -5.16 -36.98 -46.24
C ASP B 359 -6.07 -37.83 -45.40
N GLY B 360 -6.33 -37.42 -44.16
CA GLY B 360 -7.19 -38.21 -43.29
C GLY B 360 -7.33 -37.61 -41.88
N LEU B 361 -8.12 -38.29 -41.07
CA LEU B 361 -8.27 -37.89 -39.68
C LEU B 361 -8.39 -39.16 -38.83
N ILE B 362 -8.07 -39.02 -37.55
CA ILE B 362 -8.17 -40.02 -36.52
C ILE B 362 -9.10 -39.45 -35.44
N LEU B 363 -9.92 -40.31 -34.86
CA LEU B 363 -10.82 -39.93 -33.78
C LEU B 363 -10.31 -40.53 -32.52
N THR B 364 -9.70 -39.71 -31.65
CA THR B 364 -9.07 -40.25 -30.44
C THR B 364 -10.15 -40.74 -29.47
N PRO B 365 -9.74 -41.49 -28.47
CA PRO B 365 -10.73 -41.87 -27.43
C PRO B 365 -11.38 -40.69 -26.70
N VAL B 366 -10.78 -39.52 -26.72
CA VAL B 366 -11.44 -38.39 -26.06
C VAL B 366 -12.61 -37.96 -26.90
N TYR B 367 -12.43 -37.91 -28.20
CA TYR B 367 -13.56 -37.69 -29.12
C TYR B 367 -14.68 -38.73 -28.89
N LYS B 368 -14.33 -40.02 -28.87
CA LYS B 368 -15.31 -41.08 -28.64
C LYS B 368 -16.18 -40.87 -27.38
N ALA B 369 -15.51 -40.47 -26.29
CA ALA B 369 -16.23 -40.14 -25.03
C ALA B 369 -17.36 -39.19 -25.34
N PHE B 370 -17.10 -38.14 -26.15
CA PHE B 370 -18.14 -37.21 -26.53
C PHE B 370 -19.12 -37.87 -27.49
N GLU B 371 -18.59 -38.68 -28.40
CA GLU B 371 -19.46 -39.33 -29.37
C GLU B 371 -20.52 -40.18 -28.64
N LEU B 372 -20.10 -40.90 -27.60
CA LEU B 372 -21.03 -41.66 -26.76
C LEU B 372 -22.04 -40.79 -25.96
N ILE B 373 -21.56 -39.91 -25.05
CA ILE B 373 -22.49 -39.24 -24.10
C ILE B 373 -23.48 -38.33 -24.80
N VAL B 374 -22.96 -37.65 -25.82
CA VAL B 374 -23.66 -36.56 -26.44
C VAL B 374 -24.81 -37.09 -27.28
N ASN B 375 -24.62 -38.28 -27.87
CA ASN B 375 -25.69 -38.94 -28.61
C ASN B 375 -26.58 -39.86 -27.73
N HIS B 376 -26.23 -40.07 -26.47
CA HIS B 376 -27.04 -40.97 -25.61
C HIS B 376 -27.19 -40.37 -24.24
N SER B 377 -27.90 -39.24 -24.18
CA SER B 377 -28.02 -38.47 -22.93
C SER B 377 -29.32 -37.71 -23.00
N GLY B 378 -29.93 -37.40 -21.85
CA GLY B 378 -31.19 -36.64 -21.81
C GLY B 378 -30.94 -35.21 -21.36
N GLU B 379 -32.00 -34.39 -21.34
CA GLU B 379 -31.94 -33.00 -20.96
C GLU B 379 -32.23 -32.80 -19.46
N LYS B 380 -32.55 -33.87 -18.74
CA LYS B 380 -32.91 -33.75 -17.32
C LYS B 380 -32.25 -34.85 -16.55
N LEU B 381 -31.71 -34.51 -15.36
CA LEU B 381 -31.06 -35.50 -14.52
C LEU B 381 -32.12 -36.03 -13.56
N VAL B 382 -32.17 -37.36 -13.43
CA VAL B 382 -33.17 -37.95 -12.54
C VAL B 382 -32.46 -38.60 -11.37
N LYS B 383 -33.22 -38.84 -10.29
CA LYS B 383 -32.66 -39.44 -9.07
C LYS B 383 -31.80 -40.68 -9.38
N THR B 384 -30.56 -40.67 -8.93
CA THR B 384 -29.62 -41.73 -9.21
C THR B 384 -28.79 -41.94 -7.94
N HIS B 385 -29.03 -43.03 -7.24
CA HIS B 385 -28.21 -43.38 -6.11
C HIS B 385 -27.22 -44.46 -6.57
N VAL B 386 -25.95 -44.30 -6.21
CA VAL B 386 -24.93 -45.28 -6.62
C VAL B 386 -24.19 -45.84 -5.43
N GLU B 387 -24.17 -47.18 -5.25
CA GLU B 387 -23.28 -47.83 -4.26
C GLU B 387 -22.00 -48.27 -4.96
N SER B 388 -20.84 -48.03 -4.35
CA SER B 388 -19.57 -48.41 -4.99
C SER B 388 -18.52 -48.57 -3.93
N GLU B 389 -17.56 -49.49 -4.13
CA GLU B 389 -16.29 -49.50 -3.39
C GLU B 389 -15.52 -48.29 -3.90
N THR B 390 -14.69 -47.74 -3.02
CA THR B 390 -13.84 -46.59 -3.28
C THR B 390 -12.36 -46.88 -3.01
N TYR B 391 -11.47 -45.97 -3.47
CA TYR B 391 -10.02 -46.00 -3.16
C TYR B 391 -9.43 -44.57 -2.93
N ASN B 392 -8.26 -44.57 -2.30
CA ASN B 392 -7.41 -43.43 -2.12
C ASN B 392 -6.18 -43.49 -3.03
N ILE B 393 -5.73 -42.34 -3.51
CA ILE B 393 -4.54 -42.37 -4.33
C ILE B 393 -3.75 -41.09 -4.11
N GLU B 394 -2.42 -41.21 -4.21
CA GLU B 394 -1.59 -40.02 -4.35
C GLU B 394 -0.92 -40.26 -5.67
N GLY B 395 -0.78 -39.23 -6.49
CA GLY B 395 -0.17 -39.37 -7.82
C GLY B 395 0.46 -38.08 -8.28
N VAL B 396 0.69 -37.98 -9.59
CA VAL B 396 1.13 -36.74 -10.20
C VAL B 396 0.20 -36.42 -11.41
N MET B 397 0.15 -35.13 -11.79
CA MET B 397 -0.73 -34.73 -12.87
C MET B 397 -0.07 -33.61 -13.68
N PHE B 398 -0.41 -33.52 -14.97
CA PHE B 398 -0.05 -32.39 -15.80
C PHE B 398 1.43 -32.45 -16.19
N ILE B 399 1.86 -31.50 -17.03
CA ILE B 399 3.21 -31.54 -17.58
C ILE B 399 4.32 -31.37 -16.54
N ASN B 400 3.99 -30.75 -15.41
CA ASN B 400 4.98 -30.54 -14.36
C ASN B 400 4.97 -31.63 -13.29
N LYS B 401 4.09 -32.61 -13.46
CA LYS B 401 3.94 -33.66 -12.46
C LYS B 401 3.61 -33.12 -11.06
N MET B 402 2.71 -32.11 -10.96
CA MET B 402 2.26 -31.61 -9.65
C MET B 402 1.68 -32.79 -8.85
N PRO B 403 2.14 -32.97 -7.59
CA PRO B 403 1.49 -34.03 -6.81
C PRO B 403 0.08 -33.64 -6.40
N PHE B 404 -0.74 -34.67 -6.22
CA PHE B 404 -2.11 -34.49 -5.80
C PHE B 404 -2.50 -35.74 -5.07
N SER B 405 -3.66 -35.67 -4.42
CA SER B 405 -4.22 -36.84 -3.84
C SER B 405 -5.74 -36.77 -3.84
N VAL B 406 -6.37 -37.94 -3.95
CA VAL B 406 -7.80 -38.02 -3.95
C VAL B 406 -8.13 -39.09 -2.94
N GLU B 407 -9.18 -38.82 -2.19
CA GLU B 407 -9.71 -39.73 -1.19
C GLU B 407 -11.06 -40.12 -1.63
N ASN B 408 -11.30 -41.43 -1.56
CA ASN B 408 -12.61 -42.01 -1.77
C ASN B 408 -13.12 -41.89 -3.18
N ALA B 409 -12.20 -41.95 -4.13
CA ALA B 409 -12.61 -42.03 -5.55
C ALA B 409 -13.47 -43.29 -5.74
N PRO B 410 -14.59 -43.21 -6.51
CA PRO B 410 -15.34 -44.46 -6.71
C PRO B 410 -14.79 -45.27 -7.86
N PHE B 411 -14.80 -46.62 -7.70
CA PHE B 411 -14.48 -47.50 -8.82
C PHE B 411 -15.63 -47.48 -9.84
N LEU B 412 -16.84 -47.11 -9.41
CA LEU B 412 -18.00 -47.07 -10.31
C LEU B 412 -18.83 -45.79 -10.17
N ASP B 413 -19.40 -45.27 -11.28
CA ASP B 413 -20.21 -44.04 -11.14
C ASP B 413 -21.27 -44.04 -12.19
N ALA B 414 -22.34 -43.27 -11.99
CA ALA B 414 -23.34 -43.27 -13.05
C ALA B 414 -24.16 -42.02 -12.88
N ALA B 415 -24.87 -41.66 -13.94
CA ALA B 415 -25.84 -40.61 -13.84
C ALA B 415 -26.93 -41.02 -14.80
N ALA B 416 -28.18 -40.82 -14.44
CA ALA B 416 -29.27 -41.20 -15.32
C ALA B 416 -30.00 -39.93 -15.68
N SER B 417 -30.45 -39.87 -16.92
CA SER B 417 -31.08 -38.67 -17.45
C SER B 417 -32.27 -39.11 -18.30
N ILE B 418 -33.24 -38.21 -18.49
CA ILE B 418 -34.35 -38.48 -19.39
C ILE B 418 -34.48 -37.39 -20.42
N SER B 419 -34.96 -37.79 -21.60
CA SER B 419 -35.19 -36.88 -22.72
C SER B 419 -36.29 -35.88 -22.37
N GLU B 420 -36.35 -34.76 -23.10
CA GLU B 420 -37.25 -33.68 -22.69
C GLU B 420 -38.71 -34.15 -22.79
N ASP B 421 -38.97 -35.05 -23.74
CA ASP B 421 -40.33 -35.59 -23.91
C ASP B 421 -40.67 -36.68 -22.88
N GLY B 422 -39.69 -37.14 -22.11
CA GLY B 422 -39.90 -38.09 -21.04
C GLY B 422 -39.98 -39.52 -21.56
N LYS B 423 -39.77 -39.70 -22.86
CA LYS B 423 -39.90 -41.00 -23.51
C LYS B 423 -38.63 -41.88 -23.57
N LYS B 424 -37.46 -41.33 -23.20
CA LYS B 424 -36.25 -42.18 -23.12
C LYS B 424 -35.47 -41.97 -21.85
N LEU B 425 -34.72 -43.00 -21.46
CA LEU B 425 -33.95 -43.01 -20.24
C LEU B 425 -32.57 -43.40 -20.66
N PHE B 426 -31.57 -42.74 -20.05
CA PHE B 426 -30.19 -43.00 -20.35
C PHE B 426 -29.51 -43.14 -19.03
N ILE B 427 -28.86 -44.28 -18.86
CA ILE B 427 -28.08 -44.51 -17.68
C ILE B 427 -26.63 -44.61 -18.06
N ALA B 428 -25.85 -43.55 -17.79
CA ALA B 428 -24.44 -43.57 -18.12
C ALA B 428 -23.75 -44.20 -16.97
N VAL B 429 -22.71 -44.98 -17.23
CA VAL B 429 -22.10 -45.76 -16.20
C VAL B 429 -20.65 -45.91 -16.59
N VAL B 430 -19.79 -45.58 -15.64
CA VAL B 430 -18.38 -45.71 -15.89
C VAL B 430 -17.88 -46.73 -14.94
N ASN B 431 -17.06 -47.65 -15.42
CA ASN B 431 -16.41 -48.56 -14.55
C ASN B 431 -14.95 -48.26 -14.61
N TYR B 432 -14.38 -47.67 -13.57
CA TYR B 432 -13.00 -47.26 -13.60
C TYR B 432 -12.04 -48.42 -13.34
N ARG B 433 -12.59 -49.57 -12.86
CA ARG B 433 -11.77 -50.70 -12.44
C ARG B 433 -10.87 -51.04 -13.60
N LYS B 434 -9.60 -51.17 -13.34
CA LYS B 434 -8.63 -51.44 -14.38
C LYS B 434 -8.67 -52.92 -14.74
N GLU B 435 -8.92 -53.78 -13.75
CA GLU B 435 -8.73 -55.23 -13.88
C GLU B 435 -10.04 -55.93 -14.21
N ASP B 436 -11.07 -55.72 -13.39
CA ASP B 436 -12.20 -56.60 -13.42
C ASP B 436 -13.44 -55.97 -14.02
N ALA B 437 -14.24 -56.80 -14.70
CA ALA B 437 -15.62 -56.45 -15.03
C ALA B 437 -16.46 -56.43 -13.74
N LEU B 438 -17.57 -55.69 -13.72
CA LEU B 438 -18.34 -55.62 -12.51
C LEU B 438 -19.73 -55.97 -12.89
N LYS B 439 -20.25 -57.02 -12.27
CA LYS B 439 -21.62 -57.42 -12.49
C LYS B 439 -22.38 -56.51 -11.54
N VAL B 440 -23.37 -55.76 -12.04
CA VAL B 440 -23.98 -54.76 -11.21
C VAL B 440 -25.49 -54.83 -11.16
N PRO B 441 -26.07 -54.91 -9.94
CA PRO B 441 -27.51 -54.90 -9.74
C PRO B 441 -28.09 -53.52 -9.97
N ILE B 442 -29.17 -53.44 -10.75
CA ILE B 442 -29.69 -52.14 -11.14
C ILE B 442 -31.20 -52.11 -10.96
N ARG B 443 -31.71 -51.21 -10.12
CA ARG B 443 -33.15 -51.01 -10.01
C ARG B 443 -33.58 -49.77 -10.77
N VAL B 444 -34.74 -49.83 -11.42
CA VAL B 444 -35.37 -48.67 -12.07
C VAL B 444 -36.88 -48.60 -11.73
N GLU B 445 -37.29 -47.71 -10.84
CA GLU B 445 -38.67 -47.64 -10.40
C GLU B 445 -39.73 -47.59 -11.49
N GLY B 446 -40.73 -48.47 -11.34
CA GLY B 446 -41.92 -48.47 -12.24
C GLY B 446 -41.61 -48.89 -13.68
N LEU B 447 -40.42 -49.49 -13.88
CA LEU B 447 -39.95 -49.79 -15.22
C LEU B 447 -40.60 -51.09 -15.69
N GLY B 448 -41.22 -51.07 -16.88
CA GLY B 448 -41.88 -52.31 -17.37
C GLY B 448 -40.88 -53.45 -17.45
N GLN B 449 -41.17 -54.45 -18.30
CA GLN B 449 -40.12 -55.40 -18.65
C GLN B 449 -39.26 -54.71 -19.70
N LYS B 450 -39.60 -54.75 -20.99
CA LYS B 450 -38.78 -54.01 -22.06
C LYS B 450 -37.36 -54.55 -22.40
N LYS B 451 -37.08 -54.47 -23.69
CA LYS B 451 -35.73 -54.55 -24.24
C LYS B 451 -35.05 -53.13 -24.20
N ALA B 452 -33.73 -53.09 -24.24
CA ALA B 452 -33.04 -51.81 -24.22
C ALA B 452 -31.73 -52.02 -24.97
N THR B 453 -31.14 -50.90 -25.45
CA THR B 453 -29.77 -50.94 -26.04
C THR B 453 -28.73 -50.32 -25.11
N VAL B 454 -27.62 -51.03 -25.01
CA VAL B 454 -26.46 -50.61 -24.30
C VAL B 454 -25.34 -50.31 -25.30
N TYR B 455 -25.01 -49.00 -25.39
CA TYR B 455 -23.78 -48.50 -26.05
C TYR B 455 -22.58 -48.48 -25.12
N THR B 456 -21.53 -49.23 -25.46
CA THR B 456 -20.29 -49.28 -24.68
C THR B 456 -19.07 -48.73 -25.43
N LEU B 457 -18.24 -47.99 -24.69
CA LEU B 457 -16.96 -47.52 -25.19
C LEU B 457 -15.85 -48.12 -24.40
N THR B 458 -14.98 -48.84 -25.10
CA THR B 458 -13.79 -49.40 -24.48
C THR B 458 -12.87 -49.94 -25.57
N GLY B 459 -11.95 -50.85 -25.22
CA GLY B 459 -10.95 -51.35 -26.16
C GLY B 459 -10.12 -52.39 -25.45
N PRO B 460 -9.08 -52.91 -26.13
CA PRO B 460 -8.26 -54.05 -25.71
C PRO B 460 -7.60 -53.82 -24.38
N ASP B 461 -7.18 -52.56 -24.15
CA ASP B 461 -6.30 -52.21 -23.05
C ASP B 461 -6.31 -50.68 -22.76
N VAL B 462 -5.70 -50.30 -21.64
CA VAL B 462 -5.91 -48.95 -21.13
C VAL B 462 -5.12 -47.94 -21.96
N ASN B 463 -4.13 -48.45 -22.70
CA ASN B 463 -3.31 -47.62 -23.57
C ASN B 463 -3.69 -47.70 -25.03
N ALA B 464 -4.86 -48.29 -25.32
CA ALA B 464 -5.26 -48.46 -26.73
C ALA B 464 -5.59 -47.11 -27.43
N ARG B 465 -5.29 -47.04 -28.74
CA ARG B 465 -5.43 -45.85 -29.58
C ARG B 465 -5.98 -46.17 -30.95
N ASN B 466 -6.78 -45.26 -31.50
CA ASN B 466 -7.14 -45.27 -32.93
C ASN B 466 -5.98 -44.68 -33.74
N THR B 467 -5.72 -45.25 -34.94
CA THR B 467 -4.71 -44.73 -35.91
C THR B 467 -5.36 -44.65 -37.29
N MET B 468 -4.68 -44.01 -38.25
CA MET B 468 -5.09 -43.99 -39.66
C MET B 468 -5.22 -45.45 -40.17
N GLU B 469 -4.18 -46.22 -39.83
CA GLU B 469 -4.07 -47.66 -39.97
C GLU B 469 -5.30 -48.44 -39.40
N ASN B 470 -5.48 -48.37 -38.06
CA ASN B 470 -6.63 -48.95 -37.34
C ASN B 470 -7.54 -47.86 -36.68
N PRO B 471 -8.51 -47.34 -37.45
CA PRO B 471 -9.34 -46.22 -36.98
C PRO B 471 -10.33 -46.58 -35.90
N ASN B 472 -10.68 -47.87 -35.74
CA ASN B 472 -11.64 -48.28 -34.70
C ASN B 472 -11.18 -49.25 -33.66
N VAL B 473 -9.89 -49.28 -33.31
CA VAL B 473 -9.51 -50.06 -32.14
C VAL B 473 -10.32 -49.60 -30.91
N VAL B 474 -10.56 -48.28 -30.80
CA VAL B 474 -11.33 -47.77 -29.66
C VAL B 474 -12.61 -47.22 -30.23
N ASP B 475 -13.74 -47.91 -30.04
CA ASP B 475 -15.02 -47.50 -30.67
C ASP B 475 -16.20 -47.88 -29.80
N ILE B 476 -17.36 -47.33 -30.13
CA ILE B 476 -18.58 -47.59 -29.42
C ILE B 476 -19.26 -48.80 -30.10
N THR B 477 -19.64 -49.79 -29.28
CA THR B 477 -20.33 -50.97 -29.79
C THR B 477 -21.68 -51.07 -29.09
N SER B 478 -22.67 -51.69 -29.75
CA SER B 478 -23.96 -51.90 -29.09
C SER B 478 -24.38 -53.37 -28.94
N GLU B 479 -25.33 -53.58 -28.03
CA GLU B 479 -26.02 -54.86 -27.89
C GLU B 479 -27.43 -54.63 -27.32
N THR B 480 -28.33 -55.55 -27.65
CA THR B 480 -29.68 -55.52 -27.09
C THR B 480 -29.66 -56.31 -25.79
N ILE B 481 -30.48 -55.88 -24.83
CA ILE B 481 -30.60 -56.59 -23.56
C ILE B 481 -32.01 -56.42 -23.08
N THR B 482 -32.35 -57.25 -22.09
CA THR B 482 -33.69 -57.23 -21.53
C THR B 482 -33.55 -56.56 -20.17
N VAL B 483 -34.37 -55.53 -19.99
CA VAL B 483 -34.37 -54.89 -18.67
C VAL B 483 -35.68 -55.18 -17.92
N ASP B 484 -35.79 -54.64 -16.69
CA ASP B 484 -36.98 -54.79 -15.85
C ASP B 484 -36.77 -53.84 -14.69
N THR B 485 -37.76 -53.73 -13.81
CA THR B 485 -37.61 -52.97 -12.57
C THR B 485 -36.34 -53.35 -11.81
N GLU B 486 -35.92 -54.59 -11.93
CA GLU B 486 -34.62 -54.94 -11.38
C GLU B 486 -33.96 -55.81 -12.39
N PHE B 487 -32.66 -55.64 -12.56
CA PHE B 487 -31.88 -56.43 -13.52
C PHE B 487 -30.43 -56.25 -13.19
N GLU B 488 -29.58 -56.94 -13.94
CA GLU B 488 -28.14 -56.94 -13.73
C GLU B 488 -27.49 -56.79 -15.09
N HIS B 489 -26.26 -56.25 -15.08
CA HIS B 489 -25.49 -56.05 -16.29
C HIS B 489 -24.03 -56.07 -15.89
N THR B 490 -23.21 -56.70 -16.71
CA THR B 490 -21.79 -56.74 -16.49
C THR B 490 -21.15 -55.59 -17.33
N PHE B 491 -20.35 -54.74 -16.66
CA PHE B 491 -19.71 -53.59 -17.32
C PHE B 491 -18.26 -53.95 -17.46
N LYS B 492 -17.70 -53.83 -18.66
CA LYS B 492 -16.28 -54.21 -18.83
C LYS B 492 -15.34 -53.29 -18.01
N PRO B 493 -14.09 -53.74 -17.81
CA PRO B 493 -13.27 -52.83 -17.02
C PRO B 493 -12.84 -51.69 -17.93
N PHE B 494 -12.42 -50.57 -17.30
CA PHE B 494 -12.10 -49.32 -17.99
C PHE B 494 -13.06 -49.04 -19.16
N SER B 495 -14.34 -48.91 -18.83
CA SER B 495 -15.31 -48.72 -19.88
C SER B 495 -16.36 -47.69 -19.49
N CYS B 496 -17.10 -47.21 -20.49
CA CYS B 496 -18.19 -46.36 -20.13
C CYS B 496 -19.33 -46.84 -20.98
N SER B 497 -20.55 -46.82 -20.44
CA SER B 497 -21.69 -47.33 -21.15
C SER B 497 -22.87 -46.45 -20.89
N VAL B 498 -23.77 -46.38 -21.87
CA VAL B 498 -25.09 -45.84 -21.64
C VAL B 498 -26.11 -46.92 -22.01
N ILE B 499 -27.02 -47.18 -21.08
CA ILE B 499 -28.07 -48.14 -21.23
C ILE B 499 -29.20 -47.25 -21.57
N GLU B 500 -29.72 -47.39 -22.79
CA GLU B 500 -30.80 -46.54 -23.28
C GLU B 500 -32.13 -47.30 -23.36
N VAL B 501 -33.14 -46.83 -22.68
CA VAL B 501 -34.40 -47.57 -22.53
C VAL B 501 -35.56 -46.73 -23.02
N GLU B 502 -36.54 -47.33 -23.71
CA GLU B 502 -37.84 -46.65 -23.96
C GLU B 502 -38.70 -46.54 -22.70
N LEU B 503 -39.57 -45.51 -22.66
CA LEU B 503 -40.31 -45.08 -21.43
C LEU B 503 -39.54 -45.24 -20.09
N SER C 22 57.12 9.11 -6.76
CA SER C 22 56.28 10.35 -6.93
C SER C 22 55.33 10.32 -8.16
N TYR C 23 55.92 10.22 -9.36
CA TYR C 23 55.15 9.98 -10.57
C TYR C 23 55.91 8.93 -11.30
N GLY C 24 55.20 7.99 -11.91
CA GLY C 24 55.85 7.02 -12.76
C GLY C 24 54.83 6.17 -13.45
N ILE C 25 55.26 5.47 -14.52
CA ILE C 25 54.38 4.55 -15.23
C ILE C 25 55.18 3.29 -15.59
N VAL C 26 54.63 2.14 -15.25
CA VAL C 26 55.24 0.92 -15.57
C VAL C 26 54.23 0.14 -16.39
N VAL C 27 54.62 -0.25 -17.61
CA VAL C 27 53.77 -1.03 -18.48
C VAL C 27 54.40 -2.36 -18.80
N ASP C 28 53.60 -3.44 -18.78
CA ASP C 28 53.98 -4.73 -19.30
C ASP C 28 53.06 -5.25 -20.42
N PRO C 29 53.46 -5.07 -21.68
CA PRO C 29 52.67 -5.49 -22.84
C PRO C 29 52.45 -6.99 -23.00
N LYS C 30 53.16 -7.81 -22.25
CA LYS C 30 53.00 -9.25 -22.37
C LYS C 30 51.90 -9.73 -21.45
N GLU C 31 51.51 -8.85 -20.53
CA GLU C 31 50.48 -9.17 -19.55
C GLU C 31 49.14 -8.49 -19.97
N VAL C 32 48.32 -9.24 -20.69
CA VAL C 32 47.00 -8.77 -21.10
C VAL C 32 46.05 -8.87 -19.93
N VAL C 33 45.53 -7.75 -19.43
CA VAL C 33 44.52 -7.77 -18.34
C VAL C 33 43.12 -8.22 -18.84
N LYS C 34 42.65 -7.68 -19.96
CA LYS C 34 41.30 -7.95 -20.50
C LYS C 34 41.11 -7.24 -21.84
N PRO C 35 40.11 -7.65 -22.63
CA PRO C 35 39.83 -6.85 -23.82
C PRO C 35 39.26 -5.50 -23.41
N ILE C 36 39.27 -4.56 -24.36
CA ILE C 36 38.61 -3.26 -24.22
C ILE C 36 37.43 -3.35 -25.17
N SER C 37 36.21 -3.32 -24.64
CA SER C 37 35.01 -3.32 -25.50
C SER C 37 35.10 -2.17 -26.51
N ARG C 38 34.88 -2.47 -27.79
CA ARG C 38 34.96 -1.40 -28.77
C ARG C 38 33.81 -0.41 -28.59
N HIS C 39 32.74 -0.83 -27.92
CA HIS C 39 31.57 0.01 -27.83
C HIS C 39 31.68 1.14 -26.79
N ILE C 40 32.82 1.30 -26.12
CA ILE C 40 32.98 2.44 -25.18
C ILE C 40 33.14 3.78 -25.91
N TYR C 41 33.36 3.75 -27.23
CA TYR C 41 33.50 4.98 -27.99
C TYR C 41 32.20 5.33 -28.72
N GLY C 42 31.06 4.88 -28.20
CA GLY C 42 29.80 5.22 -28.90
C GLY C 42 29.34 6.65 -28.81
N HIS C 43 28.37 6.98 -29.65
CA HIS C 43 27.83 8.35 -29.84
C HIS C 43 26.32 8.31 -29.82
N PHE C 44 25.71 9.49 -29.88
CA PHE C 44 24.28 9.62 -29.61
C PHE C 44 23.85 10.86 -30.36
N THR C 45 22.82 10.70 -31.20
CA THR C 45 22.21 11.83 -31.88
C THR C 45 20.72 11.91 -31.49
N GLU C 46 20.36 12.93 -30.71
CA GLU C 46 18.95 13.15 -30.39
C GLU C 46 18.28 14.12 -31.35
N HIS C 47 16.99 13.96 -31.58
CA HIS C 47 16.23 15.01 -32.26
C HIS C 47 16.06 16.18 -31.30
N LEU C 48 17.09 17.04 -31.21
CA LEU C 48 17.09 18.17 -30.27
C LEU C 48 17.80 19.35 -30.91
N GLY C 49 17.15 20.50 -30.97
CA GLY C 49 17.72 21.70 -31.53
C GLY C 49 18.26 21.37 -32.92
N ARG C 50 19.57 21.57 -33.10
CA ARG C 50 20.22 21.40 -34.41
C ARG C 50 21.09 20.14 -34.50
N CYS C 51 20.79 19.12 -33.68
CA CYS C 51 21.59 17.92 -33.75
C CYS C 51 21.33 17.17 -35.04
N ILE C 52 20.04 16.97 -35.35
CA ILE C 52 19.66 16.31 -36.58
C ILE C 52 19.59 17.38 -37.67
N TYR C 53 18.58 18.26 -37.55
CA TYR C 53 18.28 19.23 -38.63
C TYR C 53 19.21 20.41 -38.54
N GLY C 54 20.05 20.54 -39.55
CA GLY C 54 21.13 21.54 -39.52
C GLY C 54 22.44 20.96 -38.96
N GLY C 55 22.39 19.71 -38.44
CA GLY C 55 23.58 19.02 -37.87
C GLY C 55 24.04 17.90 -38.84
N ILE C 56 23.61 16.66 -38.62
CA ILE C 56 24.06 15.60 -39.52
C ILE C 56 23.26 15.72 -40.83
N TYR C 57 22.13 16.45 -40.77
CA TYR C 57 21.16 16.35 -41.87
C TYR C 57 20.64 17.73 -42.28
N GLU C 58 20.82 18.05 -43.56
CA GLU C 58 20.45 19.37 -44.02
C GLU C 58 20.09 19.32 -45.50
N GLU C 59 18.79 19.21 -45.75
CA GLU C 59 18.26 19.11 -47.10
C GLU C 59 18.60 20.35 -47.92
N GLY C 60 19.15 20.11 -49.11
CA GLY C 60 19.48 21.20 -50.06
C GLY C 60 20.59 22.18 -49.69
N SER C 61 21.40 21.81 -48.71
CA SER C 61 22.60 22.55 -48.39
C SER C 61 23.60 22.26 -49.50
N PRO C 62 24.38 23.32 -49.90
CA PRO C 62 25.53 23.13 -50.82
C PRO C 62 26.51 22.08 -50.24
N LEU C 63 26.53 21.92 -48.91
CA LEU C 63 27.37 20.92 -48.25
C LEU C 63 26.80 19.49 -48.11
N SER C 64 25.57 19.26 -48.54
CA SER C 64 24.94 17.95 -48.34
C SER C 64 24.95 17.14 -49.62
N ASP C 65 24.92 15.82 -49.47
CA ASP C 65 24.83 14.97 -50.59
C ASP C 65 23.34 14.82 -50.95
N GLU C 66 23.05 13.88 -51.85
CA GLU C 66 21.69 13.74 -52.35
C GLU C 66 20.73 13.17 -51.31
N ARG C 67 21.26 12.54 -50.28
CA ARG C 67 20.45 12.03 -49.18
C ARG C 67 20.13 13.13 -48.16
N GLY C 68 20.73 14.31 -48.32
CA GLY C 68 20.65 15.36 -47.30
C GLY C 68 21.71 15.30 -46.21
N PHE C 69 22.65 14.36 -46.30
CA PHE C 69 23.71 14.19 -45.26
C PHE C 69 24.80 15.28 -45.43
N ARG C 70 25.06 16.08 -44.39
CA ARG C 70 26.12 17.05 -44.47
C ARG C 70 27.42 16.31 -44.73
N LYS C 71 28.12 16.66 -45.82
CA LYS C 71 29.36 15.93 -46.19
C LYS C 71 30.59 16.24 -45.32
N ASP C 72 30.73 17.50 -44.89
CA ASP C 72 31.80 17.87 -43.99
C ASP C 72 31.62 17.19 -42.61
N VAL C 73 30.36 17.10 -42.15
CA VAL C 73 30.04 16.39 -40.91
C VAL C 73 30.32 14.89 -41.06
N LEU C 74 29.93 14.30 -42.20
CA LEU C 74 30.21 12.87 -42.45
C LEU C 74 31.69 12.57 -42.30
N GLU C 75 32.52 13.49 -42.80
CA GLU C 75 33.96 13.31 -42.83
C GLU C 75 34.51 13.41 -41.39
N ALA C 76 34.04 14.43 -40.64
CA ALA C 76 34.43 14.54 -39.24
C ALA C 76 33.95 13.28 -38.47
N VAL C 77 32.77 12.78 -38.77
CA VAL C 77 32.28 11.62 -38.02
C VAL C 77 33.06 10.33 -38.36
N LYS C 78 33.38 10.13 -39.64
CA LYS C 78 34.14 8.96 -40.03
C LYS C 78 35.52 8.95 -39.36
N ARG C 79 36.09 10.13 -39.16
CA ARG C 79 37.39 10.29 -38.55
C ARG C 79 37.46 9.73 -37.15
N ILE C 80 36.32 9.67 -36.45
CA ILE C 80 36.25 9.07 -35.09
C ILE C 80 35.65 7.65 -35.00
N LYS C 81 35.46 7.01 -36.14
CA LYS C 81 35.19 5.57 -36.17
C LYS C 81 34.10 5.14 -35.15
N VAL C 82 32.89 5.70 -35.29
CA VAL C 82 31.79 5.45 -34.41
C VAL C 82 31.46 3.93 -34.36
N PRO C 83 31.59 3.28 -33.17
CA PRO C 83 31.28 1.90 -33.13
C PRO C 83 29.76 1.64 -33.05
N ASN C 84 29.02 2.56 -32.42
CA ASN C 84 27.55 2.49 -32.35
C ASN C 84 26.96 3.86 -32.09
N LEU C 85 25.76 4.09 -32.62
CA LEU C 85 25.17 5.41 -32.59
C LEU C 85 23.74 5.27 -32.02
N ARG C 86 23.46 5.97 -30.95
CA ARG C 86 22.16 5.93 -30.28
C ARG C 86 21.22 6.96 -30.84
N TRP C 87 19.94 6.60 -31.02
CA TRP C 87 18.95 7.48 -31.66
C TRP C 87 17.57 6.93 -31.29
N PRO C 88 16.52 7.76 -31.28
CA PRO C 88 16.40 9.23 -31.52
C PRO C 88 16.35 10.02 -30.24
N GLY C 89 16.58 9.38 -29.11
CA GLY C 89 16.63 10.15 -27.83
C GLY C 89 16.89 9.20 -26.67
N GLY C 90 16.95 9.70 -25.42
CA GLY C 90 16.81 11.09 -25.10
C GLY C 90 15.32 11.40 -24.87
N ASN C 91 15.05 12.52 -24.19
CA ASN C 91 13.70 12.97 -23.86
C ASN C 91 12.73 12.95 -25.06
N PHE C 92 13.22 13.29 -26.22
CA PHE C 92 12.43 13.18 -27.44
C PHE C 92 11.72 11.82 -27.63
N VAL C 93 12.41 10.71 -27.32
CA VAL C 93 11.83 9.41 -27.78
C VAL C 93 10.56 9.07 -26.99
N SER C 94 10.46 9.61 -25.79
CA SER C 94 9.32 9.33 -24.91
C SER C 94 8.01 9.98 -25.38
N ASN C 95 8.07 10.79 -26.44
CA ASN C 95 6.84 11.13 -27.15
C ASN C 95 6.97 10.96 -28.67
N TYR C 96 7.73 9.96 -29.11
CA TYR C 96 8.01 9.78 -30.53
C TYR C 96 7.31 8.57 -31.02
N HIS C 97 6.51 8.74 -32.06
CA HIS C 97 5.86 7.62 -32.66
C HIS C 97 6.60 7.24 -33.94
N TRP C 98 7.31 6.12 -33.93
CA TRP C 98 8.29 5.83 -35.01
C TRP C 98 7.64 5.71 -36.42
N GLU C 99 6.43 5.17 -36.47
CA GLU C 99 5.70 5.11 -37.74
C GLU C 99 5.51 6.48 -38.39
N ASP C 100 5.57 7.58 -37.59
CA ASP C 100 5.53 8.93 -38.20
C ASP C 100 6.77 9.22 -39.08
N GLY C 101 7.86 8.47 -38.86
CA GLY C 101 9.07 8.72 -39.56
C GLY C 101 9.41 7.71 -40.65
N ILE C 102 8.44 6.99 -41.19
CA ILE C 102 8.72 6.03 -42.28
C ILE C 102 7.78 6.23 -43.44
N GLY C 103 8.13 5.66 -44.60
CA GLY C 103 7.35 5.94 -45.81
C GLY C 103 7.88 7.16 -46.57
N PRO C 104 7.34 7.43 -47.75
CA PRO C 104 7.85 8.58 -48.53
C PRO C 104 7.91 9.82 -47.66
N LYS C 105 9.06 10.49 -47.65
CA LYS C 105 9.28 11.70 -46.83
C LYS C 105 8.22 12.75 -46.98
N ASP C 106 7.72 12.93 -48.19
CA ASP C 106 6.80 14.03 -48.39
C ASP C 106 5.43 13.79 -47.84
N GLN C 107 5.06 12.53 -47.57
CA GLN C 107 3.83 12.18 -46.88
C GLN C 107 3.88 12.13 -45.31
N ARG C 108 5.05 12.31 -44.68
CA ARG C 108 5.20 12.17 -43.23
C ARG C 108 4.56 13.36 -42.44
N PRO C 109 3.86 13.06 -41.35
CA PRO C 109 3.10 14.12 -40.62
C PRO C 109 4.02 15.04 -39.85
N VAL C 110 3.75 16.33 -39.85
CA VAL C 110 4.50 17.22 -38.94
C VAL C 110 3.93 17.06 -37.51
N ARG C 111 4.81 16.88 -36.53
CA ARG C 111 4.41 16.69 -35.15
C ARG C 111 4.99 17.74 -34.24
N PHE C 112 4.28 18.06 -33.16
CA PHE C 112 4.84 18.84 -32.08
C PHE C 112 5.55 17.94 -31.04
N ASP C 113 6.85 18.17 -30.91
CA ASP C 113 7.64 17.42 -29.96
C ASP C 113 7.55 18.09 -28.60
N LEU C 114 6.99 17.41 -27.61
CA LEU C 114 6.78 17.96 -26.27
C LEU C 114 8.12 18.19 -25.53
N ALA C 115 9.16 17.36 -25.80
CA ALA C 115 10.42 17.42 -25.05
C ALA C 115 11.16 18.76 -25.29
N TRP C 116 11.23 19.19 -26.54
CA TRP C 116 12.07 20.33 -26.86
C TRP C 116 11.26 21.39 -27.52
N GLN C 117 9.94 21.16 -27.63
CA GLN C 117 8.98 22.17 -28.09
C GLN C 117 9.27 22.70 -29.48
N GLN C 118 9.29 21.81 -30.44
CA GLN C 118 9.75 22.14 -31.78
C GLN C 118 8.81 21.40 -32.72
N GLU C 119 8.62 21.92 -33.93
CA GLU C 119 7.85 21.16 -34.93
C GLU C 119 8.78 20.14 -35.54
N GLU C 120 8.43 18.87 -35.49
CA GLU C 120 9.29 17.83 -36.01
C GLU C 120 8.70 17.37 -37.35
N THR C 121 9.42 17.55 -38.44
CA THR C 121 8.90 17.16 -39.76
C THR C 121 9.00 15.68 -40.05
N ASN C 122 9.80 14.97 -39.27
CA ASN C 122 9.95 13.55 -39.47
C ASN C 122 10.66 13.16 -40.76
N ARG C 123 11.27 14.15 -41.40
CA ARG C 123 11.93 13.86 -42.69
C ARG C 123 13.22 13.08 -42.50
N PHE C 124 13.78 13.12 -41.26
CA PHE C 124 14.77 12.14 -40.81
C PHE C 124 14.06 11.07 -39.91
N GLY C 125 14.02 9.83 -40.36
CA GLY C 125 13.29 8.76 -39.67
C GLY C 125 14.14 7.51 -39.64
N THR C 126 13.54 6.37 -39.33
CA THR C 126 14.27 5.11 -39.16
C THR C 126 15.18 4.78 -40.31
N ASP C 127 14.68 4.91 -41.54
CA ASP C 127 15.42 4.49 -42.73
C ASP C 127 16.63 5.41 -42.95
N GLU C 128 16.42 6.70 -42.73
CA GLU C 128 17.54 7.62 -42.89
C GLU C 128 18.60 7.36 -41.81
N PHE C 129 18.14 7.12 -40.58
CA PHE C 129 19.06 6.82 -39.49
C PHE C 129 19.87 5.53 -39.81
N ILE C 130 19.22 4.48 -40.30
CA ILE C 130 19.93 3.26 -40.60
C ILE C 130 20.92 3.52 -41.75
N GLU C 131 20.50 4.32 -42.72
CA GLU C 131 21.39 4.65 -43.82
C GLU C 131 22.62 5.43 -43.30
N TYR C 132 22.41 6.26 -42.30
CA TYR C 132 23.51 7.07 -41.81
C TYR C 132 24.51 6.16 -41.06
N CYS C 133 23.98 5.21 -40.29
CA CYS C 133 24.81 4.24 -39.60
C CYS C 133 25.65 3.38 -40.58
N ARG C 134 25.02 2.87 -41.64
CA ARG C 134 25.72 2.09 -42.68
C ARG C 134 26.83 2.93 -43.32
N GLU C 135 26.55 4.20 -43.65
CA GLU C 135 27.54 5.11 -44.20
C GLU C 135 28.80 5.23 -43.33
N ILE C 136 28.63 5.48 -42.03
CA ILE C 136 29.76 5.68 -41.10
C ILE C 136 30.29 4.34 -40.55
N GLY C 137 29.58 3.26 -40.77
CA GLY C 137 30.01 1.94 -40.25
C GLY C 137 29.63 1.66 -38.77
N ALA C 138 28.67 2.39 -38.20
CA ALA C 138 28.27 2.25 -36.80
C ALA C 138 27.15 1.23 -36.64
N GLU C 139 27.13 0.51 -35.53
CA GLU C 139 25.94 -0.26 -35.14
C GLU C 139 24.81 0.70 -34.65
N PRO C 140 23.58 0.54 -35.18
CA PRO C 140 22.49 1.32 -34.66
C PRO C 140 22.09 0.92 -33.28
N TYR C 141 21.76 1.92 -32.47
CA TYR C 141 21.24 1.65 -31.13
C TYR C 141 19.96 2.50 -30.98
N ILE C 142 18.83 1.82 -30.99
CA ILE C 142 17.51 2.48 -30.99
C ILE C 142 16.85 2.38 -29.65
N SER C 143 16.41 3.53 -29.17
CA SER C 143 15.65 3.69 -27.96
C SER C 143 14.18 3.65 -28.34
N ILE C 144 13.38 2.93 -27.54
CA ILE C 144 11.95 2.87 -27.78
C ILE C 144 11.14 3.86 -26.92
N ASN C 145 9.91 4.14 -27.33
CA ASN C 145 9.06 5.11 -26.67
C ASN C 145 8.24 4.39 -25.58
N MET C 146 8.56 4.60 -24.28
CA MET C 146 7.74 3.96 -23.23
C MET C 146 6.86 4.99 -22.51
N GLY C 147 6.93 6.23 -22.97
CA GLY C 147 6.17 7.35 -22.40
C GLY C 147 4.76 7.39 -22.96
N THR C 148 4.61 7.47 -24.28
CA THR C 148 3.30 7.49 -24.91
C THR C 148 3.22 6.32 -25.84
N GLY C 149 4.27 5.48 -25.92
CA GLY C 149 4.26 4.27 -26.75
C GLY C 149 3.62 3.06 -26.06
N THR C 150 3.53 1.95 -26.76
CA THR C 150 2.89 0.73 -26.21
C THR C 150 3.80 -0.43 -26.58
N LEU C 151 3.52 -1.63 -26.01
CA LEU C 151 4.26 -2.84 -26.36
C LEU C 151 4.16 -3.17 -27.86
N ASP C 152 2.92 -3.16 -28.38
CA ASP C 152 2.69 -3.39 -29.81
C ASP C 152 3.59 -2.48 -30.67
N GLU C 153 3.62 -1.20 -30.33
CA GLU C 153 4.35 -0.20 -31.12
C GLU C 153 5.86 -0.54 -31.12
N ALA C 154 6.41 -0.97 -29.97
CA ALA C 154 7.82 -1.36 -29.89
C ALA C 154 8.05 -2.63 -30.72
N LEU C 155 7.13 -3.60 -30.61
CA LEU C 155 7.27 -4.88 -31.37
C LEU C 155 7.25 -4.62 -32.88
N HIS C 156 6.45 -3.65 -33.32
CA HIS C 156 6.35 -3.33 -34.75
C HIS C 156 7.64 -2.63 -35.21
N TRP C 157 8.21 -1.80 -34.33
CA TRP C 157 9.46 -1.14 -34.66
C TRP C 157 10.52 -2.22 -34.88
N LEU C 158 10.56 -3.19 -33.97
CA LEU C 158 11.55 -4.25 -34.00
C LEU C 158 11.31 -5.16 -35.21
N GLU C 159 10.04 -5.44 -35.51
CA GLU C 159 9.64 -6.22 -36.68
C GLU C 159 10.02 -5.51 -37.99
N TYR C 160 9.71 -4.23 -38.08
CA TYR C 160 10.14 -3.45 -39.23
C TYR C 160 11.66 -3.56 -39.45
N CYS C 161 12.43 -3.38 -38.38
CA CYS C 161 13.89 -3.36 -38.48
C CYS C 161 14.51 -4.74 -38.73
N ASN C 162 14.00 -5.77 -38.05
CA ASN C 162 14.73 -7.02 -37.94
C ASN C 162 14.04 -8.22 -38.50
N GLY C 163 12.76 -8.08 -38.84
CA GLY C 163 12.02 -9.23 -39.33
C GLY C 163 12.56 -9.76 -40.71
N LYS C 164 12.65 -11.09 -40.80
CA LYS C 164 13.16 -11.82 -41.92
C LYS C 164 12.04 -12.47 -42.64
N GLY C 165 10.84 -12.44 -42.08
CA GLY C 165 9.78 -13.32 -42.58
C GLY C 165 8.80 -12.53 -43.41
N ASN C 166 7.54 -12.94 -43.36
CA ASN C 166 6.50 -12.30 -44.13
C ASN C 166 5.50 -11.46 -43.31
N THR C 167 5.84 -11.05 -42.09
CA THR C 167 4.91 -10.19 -41.30
C THR C 167 4.74 -8.85 -42.00
N TYR C 168 3.66 -8.16 -41.69
CA TYR C 168 3.32 -6.88 -42.29
C TYR C 168 4.49 -5.87 -42.22
N TYR C 169 5.13 -5.72 -41.05
CA TYR C 169 6.20 -4.71 -40.94
C TYR C 169 7.52 -5.11 -41.63
N ALA C 170 7.85 -6.40 -41.64
CA ALA C 170 9.01 -6.85 -42.41
C ALA C 170 8.77 -6.58 -43.91
N GLN C 171 7.55 -6.80 -44.41
CA GLN C 171 7.26 -6.58 -45.83
C GLN C 171 7.27 -5.09 -46.11
N LEU C 172 6.75 -4.30 -45.17
CA LEU C 172 6.79 -2.86 -45.28
C LEU C 172 8.24 -2.34 -45.40
N ARG C 173 9.19 -2.83 -44.60
CA ARG C 173 10.55 -2.36 -44.77
C ARG C 173 11.02 -2.66 -46.24
N ARG C 174 10.71 -3.86 -46.76
CA ARG C 174 11.00 -4.19 -48.17
C ARG C 174 10.34 -3.24 -49.15
N LYS C 175 9.04 -3.00 -49.03
CA LYS C 175 8.34 -2.18 -50.03
C LYS C 175 8.91 -0.76 -50.01
N TYR C 176 9.37 -0.30 -48.85
CA TYR C 176 9.89 1.06 -48.72
C TYR C 176 11.29 1.16 -49.30
N GLY C 177 11.85 0.01 -49.68
CA GLY C 177 13.07 -0.04 -50.48
C GLY C 177 14.28 -0.69 -49.83
N HIS C 178 14.09 -1.42 -48.72
CA HIS C 178 15.17 -2.13 -48.07
C HIS C 178 14.84 -3.58 -47.78
N PRO C 179 15.12 -4.47 -48.75
CA PRO C 179 14.70 -5.85 -48.57
C PRO C 179 15.41 -6.55 -47.44
N GLU C 180 16.66 -6.22 -47.16
CA GLU C 180 17.39 -6.99 -46.15
C GLU C 180 17.15 -6.39 -44.72
N PRO C 181 17.00 -7.24 -43.71
CA PRO C 181 16.80 -6.77 -42.33
C PRO C 181 17.94 -5.83 -41.91
N TYR C 182 17.64 -4.78 -41.16
CA TYR C 182 18.68 -3.93 -40.62
C TYR C 182 19.51 -4.60 -39.54
N ASN C 183 18.96 -5.61 -38.87
CA ASN C 183 19.60 -6.24 -37.74
C ASN C 183 20.10 -5.24 -36.63
N VAL C 184 19.18 -4.42 -36.09
CA VAL C 184 19.49 -3.57 -34.96
C VAL C 184 19.71 -4.47 -33.72
N LYS C 185 20.89 -4.40 -33.16
CA LYS C 185 21.27 -5.26 -32.05
C LYS C 185 21.05 -4.62 -30.67
N PHE C 186 21.14 -3.30 -30.56
CA PHE C 186 20.95 -2.63 -29.24
C PHE C 186 19.64 -1.92 -29.23
N TRP C 187 18.83 -2.27 -28.21
CA TRP C 187 17.53 -1.67 -28.00
C TRP C 187 17.47 -1.12 -26.60
N GLY C 188 17.09 0.18 -26.53
CA GLY C 188 17.05 0.90 -25.27
C GLY C 188 15.59 0.87 -24.81
N ILE C 189 15.36 0.19 -23.69
CA ILE C 189 14.03 -0.02 -23.20
C ILE C 189 13.59 1.21 -22.38
N GLY C 190 13.16 2.27 -23.07
CA GLY C 190 12.69 3.52 -22.43
C GLY C 190 13.86 4.45 -22.23
N ASN C 191 13.57 5.72 -21.97
CA ASN C 191 14.60 6.71 -21.66
C ASN C 191 14.27 7.45 -20.35
N GLU C 192 15.18 7.43 -19.36
CA GLU C 192 14.99 8.30 -18.17
C GLU C 192 13.55 8.29 -17.63
N MET C 193 12.98 7.10 -17.47
CA MET C 193 11.57 6.95 -17.14
C MET C 193 11.30 7.36 -15.68
N TYR C 194 12.36 7.49 -14.88
CA TYR C 194 12.26 7.98 -13.50
C TYR C 194 12.01 9.48 -13.41
N GLY C 195 12.42 10.25 -14.42
CA GLY C 195 12.41 11.72 -14.27
C GLY C 195 11.06 12.35 -14.57
N GLU C 196 10.63 13.25 -13.72
CA GLU C 196 9.33 13.89 -13.90
C GLU C 196 9.26 14.80 -15.13
N TRP C 197 10.41 15.15 -15.72
CA TRP C 197 10.48 15.87 -16.98
C TRP C 197 10.16 14.93 -18.17
N GLN C 198 10.16 13.61 -17.98
CA GLN C 198 9.93 12.66 -19.06
C GLN C 198 8.42 12.51 -19.31
N VAL C 199 7.99 12.59 -20.56
CA VAL C 199 6.58 12.30 -20.81
C VAL C 199 6.25 10.91 -20.31
N GLY C 200 5.15 10.77 -19.56
CA GLY C 200 4.64 9.44 -19.15
C GLY C 200 5.59 8.80 -18.13
N HIS C 201 6.36 9.59 -17.38
CA HIS C 201 7.21 8.96 -16.34
C HIS C 201 6.48 8.04 -15.34
N MET C 202 7.27 7.16 -14.75
CA MET C 202 6.84 5.96 -14.02
C MET C 202 7.51 5.89 -12.65
N THR C 203 6.88 5.18 -11.72
CA THR C 203 7.51 4.84 -10.47
C THR C 203 8.51 3.70 -10.77
N ALA C 204 9.42 3.44 -9.83
CA ALA C 204 10.31 2.29 -9.87
C ALA C 204 9.56 0.99 -10.15
N ASP C 205 8.53 0.74 -9.36
CA ASP C 205 7.72 -0.46 -9.55
C ASP C 205 7.08 -0.54 -10.92
N GLU C 206 6.50 0.56 -11.40
CA GLU C 206 5.89 0.55 -12.72
C GLU C 206 6.91 0.28 -13.82
N TYR C 207 8.09 0.91 -13.73
CA TYR C 207 9.01 0.84 -14.83
C TYR C 207 9.69 -0.53 -14.83
N ALA C 208 10.03 -1.06 -13.63
CA ALA C 208 10.61 -2.38 -13.52
C ALA C 208 9.69 -3.40 -14.19
N ARG C 209 8.39 -3.36 -13.90
CA ARG C 209 7.46 -4.30 -14.55
C ARG C 209 7.40 -4.12 -16.04
N ALA C 210 7.26 -2.86 -16.46
CA ALA C 210 7.20 -2.53 -17.88
C ALA C 210 8.49 -2.98 -18.58
N ALA C 211 9.64 -2.77 -17.95
CA ALA C 211 10.91 -3.12 -18.58
C ALA C 211 10.95 -4.63 -18.83
N LYS C 212 10.48 -5.40 -17.85
CA LYS C 212 10.40 -6.84 -17.98
C LYS C 212 9.43 -7.22 -19.14
N GLU C 213 8.22 -6.67 -19.11
CA GLU C 213 7.21 -6.97 -20.12
C GLU C 213 7.73 -6.69 -21.55
N TYR C 214 8.25 -5.47 -21.82
CA TYR C 214 8.71 -5.14 -23.15
C TYR C 214 9.88 -5.98 -23.60
N THR C 215 10.90 -6.11 -22.75
CA THR C 215 12.08 -6.86 -23.13
C THR C 215 11.74 -8.32 -23.38
N LYS C 216 10.90 -8.92 -22.54
CA LYS C 216 10.66 -10.34 -22.72
C LYS C 216 9.92 -10.61 -24.03
N TRP C 217 8.89 -9.81 -24.36
CA TRP C 217 8.18 -10.03 -25.62
C TRP C 217 9.06 -9.64 -26.82
N MET C 218 9.88 -8.59 -26.69
CA MET C 218 10.74 -8.25 -27.81
C MET C 218 11.71 -9.39 -28.07
N LYS C 219 12.26 -10.00 -27.02
CA LYS C 219 13.18 -11.15 -27.23
C LYS C 219 12.48 -12.43 -27.75
N VAL C 220 11.16 -12.57 -27.55
CA VAL C 220 10.46 -13.70 -28.13
C VAL C 220 10.48 -13.55 -29.66
N PHE C 221 10.33 -12.31 -30.13
CA PHE C 221 10.42 -12.04 -31.53
C PHE C 221 11.84 -12.15 -32.07
N ASP C 222 12.80 -11.57 -31.37
CA ASP C 222 14.19 -11.62 -31.77
C ASP C 222 15.06 -11.78 -30.54
N PRO C 223 15.41 -13.07 -30.23
CA PRO C 223 16.20 -13.47 -29.05
C PRO C 223 17.63 -12.94 -29.08
N THR C 224 18.09 -12.39 -30.19
CA THR C 224 19.50 -12.01 -30.32
C THR C 224 19.70 -10.56 -29.91
N ILE C 225 18.65 -9.77 -29.78
CA ILE C 225 18.90 -8.36 -29.45
C ILE C 225 19.46 -8.18 -28.00
N LYS C 226 20.18 -7.07 -27.77
CA LYS C 226 20.59 -6.70 -26.40
C LYS C 226 19.72 -5.55 -25.92
N ALA C 227 19.27 -5.65 -24.68
CA ALA C 227 18.32 -4.73 -24.10
C ALA C 227 18.95 -3.91 -22.98
N ILE C 228 18.91 -2.58 -23.13
CA ILE C 228 19.41 -1.68 -22.14
C ILE C 228 18.23 -1.10 -21.31
N ALA C 229 18.17 -1.41 -20.03
CA ALA C 229 17.10 -0.86 -19.15
C ALA C 229 17.58 0.43 -18.50
N VAL C 230 16.64 1.27 -18.06
CA VAL C 230 16.96 2.56 -17.50
C VAL C 230 17.41 2.40 -16.07
N GLY C 231 18.60 2.89 -15.74
CA GLY C 231 19.06 3.03 -14.34
C GLY C 231 19.30 4.50 -14.03
N CYS C 232 19.59 4.83 -12.78
CA CYS C 232 19.93 6.21 -12.36
C CYS C 232 20.68 6.15 -11.03
N ASP C 233 20.65 7.23 -10.27
CA ASP C 233 21.30 7.29 -8.97
C ASP C 233 20.51 6.77 -7.81
N ASP C 234 19.20 6.64 -7.97
CA ASP C 234 18.34 6.07 -6.95
C ASP C 234 18.54 4.54 -6.90
N PRO C 235 19.14 4.07 -5.81
CA PRO C 235 19.54 2.66 -5.68
C PRO C 235 18.33 1.74 -5.58
N ILE C 236 17.24 2.25 -5.04
CA ILE C 236 15.99 1.46 -4.98
C ILE C 236 15.46 1.27 -6.40
N TRP C 237 15.46 2.36 -7.18
CA TRP C 237 15.08 2.24 -8.58
C TRP C 237 15.92 1.15 -9.32
N ASN C 238 17.25 1.25 -9.24
CA ASN C 238 18.11 0.27 -9.94
C ASN C 238 17.80 -1.16 -9.46
N LEU C 239 17.61 -1.34 -8.14
CA LEU C 239 17.34 -2.66 -7.58
C LEU C 239 16.02 -3.23 -8.04
N ARG C 240 14.97 -2.42 -8.10
CA ARG C 240 13.68 -2.92 -8.64
C ARG C 240 13.82 -3.38 -10.08
N VAL C 241 14.49 -2.58 -10.91
CA VAL C 241 14.67 -2.94 -12.31
C VAL C 241 15.43 -4.27 -12.38
N LEU C 242 16.55 -4.38 -11.62
CA LEU C 242 17.37 -5.60 -11.61
C LEU C 242 16.60 -6.81 -11.13
N GLN C 243 15.81 -6.63 -10.08
CA GLN C 243 15.04 -7.76 -9.53
C GLN C 243 13.95 -8.26 -10.44
N GLU C 244 13.31 -7.34 -11.13
CA GLU C 244 12.17 -7.65 -11.93
C GLU C 244 12.60 -8.13 -13.31
N ALA C 245 13.66 -7.54 -13.84
CA ALA C 245 13.93 -7.75 -15.25
C ALA C 245 15.31 -8.31 -15.48
N GLY C 246 16.04 -8.58 -14.38
CA GLY C 246 17.41 -9.14 -14.44
C GLY C 246 17.57 -10.49 -15.12
N ASP C 247 16.46 -11.18 -15.37
CA ASP C 247 16.49 -12.44 -16.14
C ASP C 247 16.47 -12.17 -17.67
N VAL C 248 16.16 -10.94 -18.08
CA VAL C 248 16.01 -10.68 -19.51
C VAL C 248 16.86 -9.52 -20.08
N ILE C 249 17.19 -8.52 -19.25
CA ILE C 249 17.93 -7.36 -19.77
C ILE C 249 19.41 -7.68 -19.88
N ASP C 250 20.12 -6.88 -20.68
CA ASP C 250 21.55 -7.06 -20.82
C ASP C 250 22.37 -5.96 -20.22
N PHE C 251 21.79 -4.77 -20.10
CA PHE C 251 22.49 -3.67 -19.46
C PHE C 251 21.54 -2.88 -18.61
N ILE C 252 22.05 -2.24 -17.55
CA ILE C 252 21.34 -1.16 -16.93
C ILE C 252 22.07 0.10 -17.28
N SER C 253 21.36 1.19 -17.65
CA SER C 253 22.06 2.39 -18.13
C SER C 253 22.34 3.40 -17.05
N TYR C 254 23.31 4.29 -17.29
CA TYR C 254 23.60 5.35 -16.31
C TYR C 254 23.91 6.59 -17.10
N HIS C 255 23.35 7.74 -16.70
CA HIS C 255 23.61 9.02 -17.40
C HIS C 255 24.44 9.89 -16.55
N PHE C 256 25.53 10.48 -17.09
CA PHE C 256 26.39 11.30 -16.21
C PHE C 256 26.78 12.61 -16.84
N TYR C 257 26.34 13.70 -16.23
CA TYR C 257 26.63 15.03 -16.73
C TYR C 257 27.31 15.83 -15.62
N THR C 258 28.27 16.69 -16.00
CA THR C 258 29.13 17.30 -14.98
C THR C 258 29.63 18.68 -15.37
N GLY C 259 30.49 19.25 -14.54
CA GLY C 259 31.19 20.44 -14.95
C GLY C 259 30.84 21.67 -14.12
N SER C 260 31.82 22.54 -13.97
CA SER C 260 31.63 23.86 -13.49
C SER C 260 32.72 24.71 -14.13
N ASP C 261 32.70 26.00 -13.80
CA ASP C 261 33.68 26.93 -14.30
C ASP C 261 35.11 26.64 -13.80
N ASP C 262 35.22 25.96 -12.68
CA ASP C 262 36.51 25.64 -12.12
C ASP C 262 37.14 24.39 -12.77
N TYR C 263 38.42 24.53 -13.12
CA TYR C 263 39.17 23.48 -13.84
C TYR C 263 39.21 22.14 -13.07
N TYR C 264 39.69 22.14 -11.82
CA TYR C 264 39.71 20.90 -11.03
C TYR C 264 38.34 20.30 -10.70
N GLU C 265 37.35 21.16 -10.42
CA GLU C 265 36.00 20.70 -10.20
C GLU C 265 35.45 19.88 -11.39
N THR C 266 35.80 20.31 -12.58
CA THR C 266 35.41 19.57 -13.77
C THR C 266 36.17 18.27 -13.92
N VAL C 267 37.49 18.34 -14.05
CA VAL C 267 38.28 17.15 -14.46
C VAL C 267 38.29 16.09 -13.36
N SER C 268 38.15 16.52 -12.10
CA SER C 268 38.15 15.54 -10.99
C SER C 268 36.92 14.62 -11.04
N THR C 269 35.84 15.07 -11.70
CA THR C 269 34.64 14.25 -11.74
C THR C 269 34.80 12.97 -12.58
N VAL C 270 35.94 12.83 -13.26
CA VAL C 270 36.31 11.53 -13.87
C VAL C 270 36.26 10.49 -12.75
N TYR C 271 36.74 10.87 -11.55
CA TYR C 271 36.87 9.91 -10.42
C TYR C 271 35.58 9.76 -9.56
N LEU C 272 34.68 10.68 -9.76
CA LEU C 272 33.34 10.56 -9.22
C LEU C 272 32.58 9.52 -10.05
N LEU C 273 32.62 9.69 -11.37
CA LEU C 273 32.02 8.74 -12.30
C LEU C 273 32.48 7.34 -11.95
N LYS C 274 33.78 7.16 -11.71
CA LYS C 274 34.32 5.84 -11.33
C LYS C 274 33.59 5.17 -10.17
N GLU C 275 33.43 5.95 -9.08
CA GLU C 275 32.72 5.46 -7.92
C GLU C 275 31.21 5.15 -8.16
N ARG C 276 30.57 5.98 -8.96
CA ARG C 276 29.19 5.77 -9.36
C ARG C 276 29.12 4.47 -10.10
N LEU C 277 30.06 4.29 -11.05
CA LEU C 277 29.98 3.05 -11.85
C LEU C 277 30.19 1.82 -10.97
N ILE C 278 31.19 1.90 -10.10
CA ILE C 278 31.47 0.80 -9.16
C ILE C 278 30.24 0.51 -8.29
N GLY C 279 29.57 1.58 -7.83
CA GLY C 279 28.35 1.41 -7.08
C GLY C 279 27.29 0.67 -7.86
N VAL C 280 27.06 1.05 -9.13
CA VAL C 280 26.04 0.35 -9.89
C VAL C 280 26.44 -1.10 -10.10
N LYS C 281 27.73 -1.35 -10.35
CA LYS C 281 28.17 -2.72 -10.56
C LYS C 281 27.87 -3.55 -9.29
N LYS C 282 28.07 -2.97 -8.13
CA LYS C 282 27.73 -3.71 -6.89
C LYS C 282 26.22 -3.97 -6.75
N LEU C 283 25.42 -3.01 -7.21
CA LEU C 283 23.98 -3.29 -7.20
C LEU C 283 23.70 -4.54 -8.05
N ILE C 284 24.32 -4.64 -9.23
CA ILE C 284 24.09 -5.83 -10.07
C ILE C 284 24.52 -7.10 -9.32
N ASP C 285 25.68 -7.04 -8.64
CA ASP C 285 26.19 -8.17 -7.86
C ASP C 285 25.17 -8.65 -6.81
N MET C 286 24.31 -7.74 -6.29
CA MET C 286 23.38 -8.12 -5.23
C MET C 286 22.05 -8.74 -5.69
N VAL C 287 21.89 -8.95 -6.98
CA VAL C 287 20.67 -9.51 -7.47
C VAL C 287 21.11 -10.76 -8.22
N ASP C 288 20.83 -11.94 -7.65
CA ASP C 288 21.34 -13.21 -8.19
C ASP C 288 21.12 -13.40 -9.68
N THR C 289 19.89 -13.22 -10.17
CA THR C 289 19.61 -13.42 -11.61
C THR C 289 20.49 -12.54 -12.49
N ALA C 290 20.59 -11.27 -12.11
CA ALA C 290 21.35 -10.31 -12.91
C ALA C 290 22.85 -10.63 -12.80
N ARG C 291 23.32 -10.90 -11.60
CA ARG C 291 24.73 -11.25 -11.45
C ARG C 291 25.05 -12.48 -12.31
N LYS C 292 24.25 -13.53 -12.21
CA LYS C 292 24.54 -14.76 -13.00
C LYS C 292 24.41 -14.57 -14.49
N ARG C 293 23.48 -13.74 -14.95
CA ARG C 293 23.41 -13.51 -16.41
C ARG C 293 24.55 -12.65 -16.93
N GLY C 294 25.26 -11.94 -16.02
CA GLY C 294 26.32 -11.02 -16.43
C GLY C 294 25.79 -9.69 -17.00
N VAL C 295 24.75 -9.13 -16.35
CA VAL C 295 24.24 -7.83 -16.74
C VAL C 295 25.32 -6.77 -16.48
N LYS C 296 25.47 -5.86 -17.42
CA LYS C 296 26.53 -4.86 -17.37
C LYS C 296 25.94 -3.46 -17.36
N ILE C 297 26.83 -2.48 -17.29
CA ILE C 297 26.42 -1.13 -17.32
C ILE C 297 26.59 -0.50 -18.72
N ALA C 298 25.59 0.28 -19.16
CA ALA C 298 25.71 1.11 -20.36
C ALA C 298 25.72 2.57 -19.92
N LEU C 299 26.84 3.28 -20.14
CA LEU C 299 26.89 4.69 -19.81
C LEU C 299 26.45 5.42 -21.07
N ASP C 300 25.15 5.31 -21.39
CA ASP C 300 24.67 5.69 -22.71
C ASP C 300 24.29 7.16 -22.80
N GLU C 301 24.56 7.98 -21.79
CA GLU C 301 24.72 9.44 -21.95
C GLU C 301 25.78 9.94 -21.01
N TRP C 302 26.77 10.64 -21.53
CA TRP C 302 27.69 11.39 -20.69
C TRP C 302 28.31 12.60 -21.42
N ASN C 303 28.71 13.60 -20.65
CA ASN C 303 29.42 14.78 -21.14
C ASN C 303 29.48 15.81 -20.02
N VAL C 304 30.24 16.87 -20.27
CA VAL C 304 30.16 18.09 -19.47
C VAL C 304 28.84 18.76 -19.95
N TRP C 305 28.05 19.20 -19.00
CA TRP C 305 26.90 20.02 -19.31
C TRP C 305 26.57 20.80 -18.04
N TYR C 306 26.83 22.10 -18.07
CA TYR C 306 26.50 22.99 -16.92
C TYR C 306 26.21 24.46 -17.31
N ARG C 307 26.52 24.88 -18.54
CA ARG C 307 26.39 26.31 -18.89
C ARG C 307 25.00 26.73 -19.43
N VAL C 308 24.45 25.94 -20.35
CA VAL C 308 23.23 26.30 -21.07
C VAL C 308 22.09 25.39 -20.64
N SER C 309 20.90 25.94 -20.51
CA SER C 309 19.73 25.09 -20.35
C SER C 309 18.59 25.71 -21.07
N ASP C 310 18.44 25.38 -22.34
CA ASP C 310 17.39 25.93 -23.18
C ASP C 310 17.01 24.72 -24.03
N ASN C 311 16.44 24.91 -25.20
CA ASN C 311 16.15 23.76 -26.01
C ASN C 311 17.06 23.54 -27.24
N LYS C 312 18.28 24.07 -27.18
CA LYS C 312 19.27 23.85 -28.23
C LYS C 312 20.53 23.19 -27.63
N LEU C 313 20.81 23.52 -26.37
CA LEU C 313 21.94 23.05 -25.61
C LEU C 313 23.32 23.12 -26.34
N GLU C 314 23.61 24.25 -27.00
CA GLU C 314 24.90 24.42 -27.70
C GLU C 314 26.02 24.80 -26.71
N GLU C 315 26.38 23.82 -25.90
CA GLU C 315 27.34 24.00 -24.81
C GLU C 315 28.72 24.31 -25.43
N PRO C 316 29.32 25.45 -25.04
CA PRO C 316 30.57 25.80 -25.70
C PRO C 316 31.81 25.15 -25.03
N TYR C 317 32.02 23.84 -25.24
CA TYR C 317 33.18 23.10 -24.69
C TYR C 317 34.52 23.81 -24.90
N ASP C 318 35.33 23.77 -23.85
CA ASP C 318 36.70 24.24 -23.95
C ASP C 318 37.68 23.14 -23.58
N LEU C 319 38.96 23.45 -23.52
CA LEU C 319 39.99 22.45 -23.34
C LEU C 319 39.78 21.66 -22.04
N LYS C 320 39.39 22.37 -20.97
CA LYS C 320 39.11 21.77 -19.68
C LYS C 320 38.12 20.59 -19.84
N ASP C 321 37.10 20.78 -20.68
CA ASP C 321 36.05 19.80 -20.90
C ASP C 321 36.57 18.65 -21.77
N GLY C 322 37.46 18.95 -22.73
CA GLY C 322 38.19 17.92 -23.48
C GLY C 322 39.04 17.00 -22.63
N ILE C 323 39.70 17.56 -21.60
CA ILE C 323 40.55 16.76 -20.71
C ILE C 323 39.68 15.77 -19.90
N PHE C 324 38.52 16.27 -19.47
CA PHE C 324 37.53 15.45 -18.80
C PHE C 324 37.17 14.27 -19.73
N ALA C 325 36.82 14.58 -20.97
CA ALA C 325 36.44 13.55 -21.91
C ALA C 325 37.61 12.55 -22.11
N CYS C 326 38.84 13.04 -22.24
CA CYS C 326 40.01 12.14 -22.30
C CYS C 326 40.07 11.23 -21.08
N GLY C 327 39.83 11.80 -19.88
CA GLY C 327 39.94 11.03 -18.67
C GLY C 327 38.88 9.95 -18.61
N VAL C 328 37.67 10.31 -19.04
CA VAL C 328 36.61 9.33 -19.14
C VAL C 328 36.99 8.14 -20.09
N LEU C 329 37.49 8.43 -21.29
CA LEU C 329 37.94 7.40 -22.28
C LEU C 329 39.00 6.50 -21.65
N VAL C 330 39.94 7.14 -20.99
CA VAL C 330 40.99 6.38 -20.23
C VAL C 330 40.34 5.47 -19.16
N LEU C 331 39.45 6.07 -18.36
CA LEU C 331 38.71 5.30 -17.33
C LEU C 331 37.96 4.08 -17.96
N LEU C 332 37.21 4.39 -19.01
CA LEU C 332 36.50 3.35 -19.77
C LEU C 332 37.45 2.24 -20.33
N GLN C 333 38.62 2.58 -20.83
CA GLN C 333 39.51 1.49 -21.29
C GLN C 333 39.84 0.60 -20.12
N LYS C 334 39.96 1.21 -18.94
CA LYS C 334 40.27 0.44 -17.77
C LYS C 334 39.12 -0.35 -17.18
N MET C 335 37.85 0.04 -17.46
CA MET C 335 36.69 -0.54 -16.80
C MET C 335 35.67 -1.12 -17.76
N SER C 336 36.03 -1.31 -19.01
CA SER C 336 35.05 -1.72 -19.99
C SER C 336 34.50 -3.14 -19.77
N ASP C 337 35.07 -3.92 -18.89
CA ASP C 337 34.44 -5.20 -18.62
C ASP C 337 33.14 -5.00 -17.78
N ILE C 338 33.03 -3.88 -17.10
CA ILE C 338 31.87 -3.54 -16.27
C ILE C 338 30.94 -2.58 -17.06
N VAL C 339 31.55 -1.72 -17.89
CA VAL C 339 30.84 -0.76 -18.70
C VAL C 339 31.28 -0.94 -20.16
N PRO C 340 30.76 -1.97 -20.85
CA PRO C 340 31.19 -2.24 -22.24
C PRO C 340 30.60 -1.25 -23.23
N LEU C 341 29.64 -0.46 -22.81
CA LEU C 341 28.94 0.38 -23.76
C LEU C 341 28.82 1.78 -23.23
N ALA C 342 29.17 2.79 -24.02
CA ALA C 342 29.07 4.19 -23.56
C ALA C 342 28.78 5.07 -24.74
N ASN C 343 27.99 6.11 -24.51
CA ASN C 343 27.67 7.04 -25.57
C ASN C 343 27.80 8.49 -25.11
N LEU C 344 28.71 9.22 -25.73
CA LEU C 344 28.82 10.64 -25.48
C LEU C 344 27.48 11.34 -25.92
N ALA C 345 26.93 12.18 -25.07
CA ALA C 345 25.75 12.95 -25.47
C ALA C 345 26.26 14.41 -25.68
N GLN C 346 26.28 14.95 -26.90
CA GLN C 346 25.86 14.29 -28.16
C GLN C 346 26.83 14.65 -29.23
N LEU C 347 26.57 14.13 -30.44
CA LEU C 347 27.57 14.11 -31.51
C LEU C 347 27.67 15.49 -32.19
N VAL C 348 26.53 16.13 -32.44
CA VAL C 348 26.50 17.36 -33.21
C VAL C 348 25.59 18.43 -32.54
N ASN C 349 26.11 19.62 -32.36
CA ASN C 349 25.35 20.77 -31.87
C ASN C 349 24.78 20.69 -30.44
N ALA C 350 23.78 19.84 -30.26
CA ALA C 350 23.22 19.59 -28.93
C ALA C 350 24.29 18.94 -28.05
N LEU C 351 24.60 19.54 -26.91
CA LEU C 351 25.80 19.13 -26.13
C LEU C 351 26.89 18.61 -27.07
N GLY C 352 27.20 19.38 -28.11
CA GLY C 352 27.77 18.88 -29.33
C GLY C 352 29.26 18.65 -29.33
N ALA C 353 29.70 17.46 -29.72
CA ALA C 353 31.16 17.30 -29.94
C ALA C 353 31.58 18.13 -31.17
N ILE C 354 30.72 18.15 -32.19
CA ILE C 354 30.94 18.94 -33.42
C ILE C 354 29.91 20.06 -33.41
N HIS C 355 30.31 21.26 -33.80
CA HIS C 355 29.35 22.34 -33.87
C HIS C 355 29.27 22.76 -35.34
N THR C 356 28.09 22.74 -35.95
CA THR C 356 27.96 23.18 -37.33
C THR C 356 27.37 24.59 -37.45
N GLU C 357 27.70 25.21 -38.57
CA GLU C 357 27.04 26.43 -39.03
C GLU C 357 26.65 26.12 -40.47
N LYS C 358 25.95 27.04 -41.14
CA LYS C 358 25.47 26.77 -42.50
C LYS C 358 26.59 26.56 -43.47
N ASP C 359 27.71 27.22 -43.18
CA ASP C 359 28.84 27.23 -44.10
C ASP C 359 30.06 26.39 -43.67
N GLY C 360 29.97 25.67 -42.54
CA GLY C 360 31.07 24.84 -42.12
C GLY C 360 30.87 24.22 -40.75
N LEU C 361 31.96 23.87 -40.08
CA LEU C 361 31.87 23.27 -38.78
C LEU C 361 33.10 23.55 -37.90
N ILE C 362 32.92 23.41 -36.59
CA ILE C 362 33.94 23.58 -35.58
C ILE C 362 34.13 22.22 -34.86
N LEU C 363 35.38 21.83 -34.63
CA LEU C 363 35.70 20.61 -33.87
C LEU C 363 36.04 21.00 -32.46
N THR C 364 35.19 20.66 -31.48
CA THR C 364 35.43 21.09 -30.11
C THR C 364 36.52 20.25 -29.48
N PRO C 365 37.06 20.72 -28.34
CA PRO C 365 38.08 19.92 -27.67
C PRO C 365 37.52 18.54 -27.23
N VAL C 366 36.19 18.44 -27.06
CA VAL C 366 35.54 17.15 -26.74
C VAL C 366 35.60 16.18 -27.92
N TYR C 367 35.43 16.68 -29.14
CA TYR C 367 35.56 15.86 -30.32
C TYR C 367 37.05 15.43 -30.38
N LYS C 368 37.94 16.37 -30.15
CA LYS C 368 39.40 16.10 -30.21
C LYS C 368 39.85 14.98 -29.24
N ALA C 369 39.24 14.94 -28.06
CA ALA C 369 39.42 13.80 -27.16
C ALA C 369 39.18 12.47 -27.91
N PHE C 370 38.06 12.35 -28.62
CA PHE C 370 37.82 11.15 -29.37
C PHE C 370 38.82 10.96 -30.53
N GLU C 371 39.14 12.04 -31.20
CA GLU C 371 39.95 11.97 -32.38
C GLU C 371 41.32 11.42 -31.94
N LEU C 372 41.82 11.89 -30.82
CA LEU C 372 43.06 11.34 -30.27
C LEU C 372 42.90 9.85 -29.85
N ILE C 373 41.98 9.54 -28.95
CA ILE C 373 41.98 8.22 -28.30
C ILE C 373 41.56 7.12 -29.30
N VAL C 374 40.58 7.44 -30.10
CA VAL C 374 40.00 6.45 -30.95
C VAL C 374 41.00 6.05 -32.06
N ASN C 375 41.86 6.98 -32.49
CA ASN C 375 42.81 6.71 -33.58
C ASN C 375 44.17 6.24 -33.08
N HIS C 376 44.35 6.25 -31.75
CA HIS C 376 45.56 5.79 -31.11
C HIS C 376 45.26 4.93 -29.87
N SER C 377 44.63 3.78 -30.07
CA SER C 377 44.25 2.91 -28.97
C SER C 377 44.22 1.49 -29.44
N GLY C 378 44.36 0.57 -28.52
CA GLY C 378 44.46 -0.85 -28.84
C GLY C 378 43.21 -1.54 -28.39
N GLU C 379 43.06 -2.78 -28.82
CA GLU C 379 41.92 -3.65 -28.54
C GLU C 379 42.00 -4.35 -27.18
N LYS C 380 43.17 -4.37 -26.56
CA LYS C 380 43.38 -5.09 -25.31
C LYS C 380 44.12 -4.20 -24.29
N LEU C 381 43.67 -4.27 -23.04
CA LEU C 381 44.30 -3.51 -22.00
C LEU C 381 45.46 -4.35 -21.51
N VAL C 382 46.62 -3.73 -21.32
CA VAL C 382 47.77 -4.44 -20.72
C VAL C 382 48.06 -3.92 -19.30
N LYS C 383 48.86 -4.66 -18.52
CA LYS C 383 49.20 -4.24 -17.19
C LYS C 383 49.82 -2.87 -17.17
N THR C 384 49.27 -1.99 -16.32
CA THR C 384 49.68 -0.61 -16.25
C THR C 384 49.69 -0.20 -14.80
N HIS C 385 50.87 0.12 -14.26
CA HIS C 385 50.96 0.62 -12.90
C HIS C 385 51.38 2.09 -12.95
N VAL C 386 50.62 2.95 -12.28
CA VAL C 386 50.88 4.34 -12.30
C VAL C 386 51.09 4.80 -10.87
N GLU C 387 52.08 5.65 -10.67
CA GLU C 387 52.32 6.29 -9.40
C GLU C 387 51.96 7.70 -9.65
N SER C 388 51.21 8.30 -8.72
CA SER C 388 50.79 9.69 -8.83
C SER C 388 50.50 10.32 -7.46
N GLU C 389 50.82 11.60 -7.33
CA GLU C 389 50.23 12.40 -6.26
C GLU C 389 48.72 12.48 -6.49
N THR C 390 48.01 12.62 -5.38
CA THR C 390 46.58 12.77 -5.43
C THR C 390 46.16 14.06 -4.76
N TYR C 391 44.88 14.44 -4.96
CA TYR C 391 44.26 15.58 -4.29
C TYR C 391 42.83 15.24 -3.87
N ASN C 392 42.34 15.90 -2.81
CA ASN C 392 40.94 15.87 -2.43
C ASN C 392 40.24 17.12 -2.90
N ILE C 393 38.97 17.00 -3.23
CA ILE C 393 38.25 18.15 -3.72
C ILE C 393 36.80 18.18 -3.29
N GLU C 394 36.29 19.39 -3.09
CA GLU C 394 34.84 19.60 -2.97
C GLU C 394 34.42 20.63 -3.99
N GLY C 395 33.40 20.32 -4.80
CA GLY C 395 32.97 21.29 -5.82
C GLY C 395 31.52 21.22 -6.17
N VAL C 396 31.13 21.85 -7.27
CA VAL C 396 29.77 21.73 -7.79
C VAL C 396 29.81 21.19 -9.22
N MET C 397 28.75 20.55 -9.68
CA MET C 397 28.75 20.03 -11.03
C MET C 397 27.36 20.23 -11.62
N PHE C 398 27.29 20.27 -12.97
CA PHE C 398 26.02 20.22 -13.69
C PHE C 398 25.22 21.54 -13.62
N ILE C 399 24.15 21.67 -14.41
CA ILE C 399 23.40 22.96 -14.52
C ILE C 399 22.90 23.47 -13.17
N ASN C 400 22.57 22.55 -12.27
CA ASN C 400 22.02 22.92 -10.98
C ASN C 400 23.06 23.10 -9.89
N LYS C 401 24.33 22.93 -10.22
CA LYS C 401 25.43 23.08 -9.23
C LYS C 401 25.27 22.20 -8.00
N MET C 402 24.99 20.90 -8.19
CA MET C 402 24.96 20.00 -7.06
C MET C 402 26.37 19.85 -6.49
N PRO C 403 26.51 19.87 -5.14
CA PRO C 403 27.83 19.62 -4.53
C PRO C 403 28.25 18.15 -4.68
N PHE C 404 29.55 17.93 -4.70
CA PHE C 404 30.09 16.60 -4.75
C PHE C 404 31.44 16.68 -4.06
N SER C 405 31.91 15.54 -3.59
CA SER C 405 33.31 15.45 -3.24
C SER C 405 34.00 14.22 -3.85
N VAL C 406 35.30 14.34 -4.10
CA VAL C 406 36.14 13.25 -4.61
C VAL C 406 37.35 13.20 -3.71
N GLU C 407 37.69 12.00 -3.29
CA GLU C 407 38.88 11.77 -2.48
C GLU C 407 39.99 11.11 -3.31
N ASN C 408 41.21 11.68 -3.25
CA ASN C 408 42.41 11.02 -3.80
C ASN C 408 42.31 10.87 -5.30
N ALA C 409 41.79 11.89 -5.99
CA ALA C 409 41.89 12.02 -7.43
C ALA C 409 43.35 12.16 -7.81
N PRO C 410 43.79 11.45 -8.89
CA PRO C 410 45.20 11.49 -9.29
C PRO C 410 45.53 12.70 -10.12
N PHE C 411 46.67 13.33 -9.94
CA PHE C 411 47.11 14.33 -10.91
C PHE C 411 47.56 13.72 -12.24
N LEU C 412 47.93 12.45 -12.26
CA LEU C 412 48.40 11.76 -13.48
C LEU C 412 47.70 10.41 -13.57
N ASP C 413 47.07 10.14 -14.71
CA ASP C 413 46.55 8.81 -14.96
C ASP C 413 47.00 8.28 -16.33
N ALA C 414 46.82 6.98 -16.55
CA ALA C 414 47.28 6.37 -17.79
C ALA C 414 46.60 5.02 -18.01
N ALA C 415 46.58 4.57 -19.26
CA ALA C 415 46.11 3.23 -19.57
C ALA C 415 46.88 2.82 -20.83
N ALA C 416 47.47 1.64 -20.77
CA ALA C 416 48.26 1.21 -21.90
C ALA C 416 47.48 0.14 -22.61
N SER C 417 47.50 0.20 -23.92
CA SER C 417 46.80 -0.80 -24.66
C SER C 417 47.62 -1.29 -25.87
N ILE C 418 47.27 -2.47 -26.37
CA ILE C 418 47.90 -3.03 -27.55
C ILE C 418 46.89 -3.46 -28.60
N SER C 419 47.32 -3.35 -29.83
CA SER C 419 46.57 -3.84 -30.98
C SER C 419 46.35 -5.37 -30.93
N GLU C 420 45.35 -5.80 -31.67
CA GLU C 420 44.96 -7.18 -31.74
C GLU C 420 46.13 -8.13 -32.08
N ASP C 421 47.00 -7.72 -33.00
CA ASP C 421 48.15 -8.52 -33.43
C ASP C 421 49.35 -8.44 -32.49
N GLY C 422 49.27 -7.63 -31.44
CA GLY C 422 50.38 -7.44 -30.51
C GLY C 422 51.53 -6.53 -30.98
N LYS C 423 51.43 -5.94 -32.17
CA LYS C 423 52.52 -5.18 -32.79
C LYS C 423 52.64 -3.72 -32.41
N LYS C 424 51.60 -3.16 -31.79
CA LYS C 424 51.60 -1.74 -31.38
C LYS C 424 51.14 -1.58 -29.95
N LEU C 425 51.80 -0.69 -29.23
CA LEU C 425 51.46 -0.36 -27.88
C LEU C 425 51.03 1.10 -27.89
N PHE C 426 49.99 1.43 -27.11
CA PHE C 426 49.46 2.81 -27.04
C PHE C 426 49.40 3.19 -25.57
N ILE C 427 50.19 4.18 -25.15
CA ILE C 427 50.20 4.54 -23.75
C ILE C 427 49.47 5.89 -23.62
N ALA C 428 48.23 5.84 -23.14
CA ALA C 428 47.39 7.06 -23.01
C ALA C 428 47.64 7.66 -21.65
N VAL C 429 48.03 8.94 -21.66
CA VAL C 429 48.43 9.62 -20.48
C VAL C 429 47.73 10.96 -20.29
N VAL C 430 47.06 11.11 -19.15
CA VAL C 430 46.44 12.39 -18.82
C VAL C 430 47.23 13.09 -17.71
N ASN C 431 47.77 14.26 -18.02
CA ASN C 431 48.30 15.08 -16.97
C ASN C 431 47.23 16.10 -16.55
N TYR C 432 46.56 15.85 -15.44
CA TYR C 432 45.53 16.79 -14.95
C TYR C 432 46.06 18.06 -14.30
N ARG C 433 47.34 18.11 -13.92
CA ARG C 433 47.90 19.29 -13.26
C ARG C 433 47.60 20.54 -14.07
N LYS C 434 47.12 21.58 -13.40
CA LYS C 434 46.69 22.80 -14.08
C LYS C 434 47.86 23.69 -14.50
N GLU C 435 48.95 23.64 -13.75
CA GLU C 435 50.05 24.60 -14.00
C GLU C 435 51.40 24.00 -14.33
N ASP C 436 51.73 22.83 -13.81
CA ASP C 436 53.07 22.26 -14.01
C ASP C 436 53.12 21.13 -14.99
N ALA C 437 54.05 21.22 -15.93
CA ALA C 437 54.47 20.02 -16.68
C ALA C 437 54.97 18.90 -15.74
N LEU C 438 54.75 17.64 -16.07
CA LEU C 438 55.36 16.59 -15.27
C LEU C 438 56.34 15.77 -16.09
N LYS C 439 57.55 15.62 -15.53
CA LYS C 439 58.59 14.82 -16.17
C LYS C 439 58.48 13.45 -15.56
N VAL C 440 58.06 12.47 -16.35
CA VAL C 440 57.63 11.19 -15.80
C VAL C 440 58.48 10.03 -16.36
N PRO C 441 59.13 9.26 -15.45
CA PRO C 441 59.92 8.12 -15.92
C PRO C 441 58.97 6.98 -16.28
N ILE C 442 59.22 6.33 -17.40
CA ILE C 442 58.34 5.31 -17.90
C ILE C 442 59.13 4.05 -18.17
N ARG C 443 58.60 2.94 -17.72
CA ARG C 443 59.18 1.65 -18.01
C ARG C 443 58.24 0.79 -18.86
N VAL C 444 58.75 0.20 -19.93
CA VAL C 444 57.99 -0.76 -20.69
C VAL C 444 58.77 -2.06 -20.83
N GLU C 445 58.27 -3.10 -20.17
CA GLU C 445 58.92 -4.38 -20.18
C GLU C 445 59.11 -4.84 -21.61
N GLY C 446 60.30 -5.35 -21.92
CA GLY C 446 60.55 -6.02 -23.20
C GLY C 446 60.86 -5.10 -24.36
N LEU C 447 60.85 -3.78 -24.14
CA LEU C 447 60.94 -2.80 -25.22
C LEU C 447 62.36 -2.32 -25.43
N GLY C 448 62.77 -2.29 -26.69
CA GLY C 448 64.12 -1.85 -27.07
C GLY C 448 64.15 -0.39 -27.54
N GLN C 449 65.34 0.07 -27.93
CA GLN C 449 65.48 1.42 -28.45
C GLN C 449 64.92 1.55 -29.84
N LYS C 450 64.07 2.56 -30.02
CA LYS C 450 63.53 2.93 -31.32
C LYS C 450 62.88 4.32 -31.21
N LYS C 451 62.38 4.79 -32.34
CA LYS C 451 61.52 5.95 -32.40
C LYS C 451 60.13 5.55 -31.95
N ALA C 452 59.45 6.49 -31.32
CA ALA C 452 58.02 6.39 -31.03
C ALA C 452 57.44 7.72 -31.39
N THR C 453 56.12 7.73 -31.64
CA THR C 453 55.45 9.00 -31.85
C THR C 453 54.56 9.34 -30.66
N VAL C 454 54.64 10.58 -30.21
CA VAL C 454 53.74 11.04 -29.16
C VAL C 454 52.69 11.97 -29.77
N TYR C 455 51.42 11.61 -29.61
CA TYR C 455 50.32 12.47 -30.01
C TYR C 455 49.71 13.18 -28.83
N THR C 456 49.72 14.51 -28.87
CA THR C 456 49.33 15.30 -27.70
C THR C 456 48.16 16.23 -28.00
N LEU C 457 47.19 16.22 -27.11
CA LEU C 457 46.09 17.13 -27.20
C LEU C 457 46.23 18.14 -26.07
N THR C 458 46.39 19.39 -26.43
CA THR C 458 46.35 20.48 -25.47
C THR C 458 46.12 21.81 -26.22
N GLY C 459 46.31 22.90 -25.52
CA GLY C 459 46.21 24.21 -26.14
C GLY C 459 46.79 25.19 -25.15
N PRO C 460 46.59 26.50 -25.41
CA PRO C 460 47.33 27.57 -24.67
C PRO C 460 46.89 27.80 -23.24
N ASP C 461 45.62 27.46 -22.89
CA ASP C 461 45.11 27.64 -21.51
C ASP C 461 43.92 26.71 -21.36
N VAL C 462 43.43 26.51 -20.13
CA VAL C 462 42.34 25.54 -19.90
C VAL C 462 40.97 25.97 -20.47
N ASN C 463 40.83 27.23 -20.88
CA ASN C 463 39.59 27.68 -21.51
C ASN C 463 39.66 27.91 -23.00
N ALA C 464 40.76 27.45 -23.60
CA ALA C 464 40.94 27.49 -25.05
C ALA C 464 39.86 26.71 -25.82
N ARG C 465 39.45 27.26 -26.95
CA ARG C 465 38.36 26.75 -27.79
C ARG C 465 38.78 26.86 -29.23
N ASN C 466 38.21 26.03 -30.09
CA ASN C 466 38.28 26.23 -31.50
C ASN C 466 37.06 27.02 -31.98
N THR C 467 37.30 27.89 -32.96
CA THR C 467 36.30 28.71 -33.61
C THR C 467 36.41 28.52 -35.13
N MET C 468 35.47 29.10 -35.82
CA MET C 468 35.42 29.05 -37.28
C MET C 468 36.67 29.77 -37.88
N GLU C 469 36.99 30.93 -37.31
CA GLU C 469 38.19 31.72 -37.68
C GLU C 469 39.51 31.02 -37.36
N ASN C 470 39.60 30.42 -36.15
CA ASN C 470 40.77 29.67 -35.69
C ASN C 470 40.39 28.24 -35.28
N PRO C 471 40.32 27.33 -36.24
CA PRO C 471 39.78 25.99 -35.95
C PRO C 471 40.78 25.04 -35.30
N ASN C 472 42.06 25.46 -35.18
CA ASN C 472 43.14 24.59 -34.72
C ASN C 472 43.87 25.09 -33.48
N VAL C 473 43.29 26.03 -32.72
CA VAL C 473 43.81 26.39 -31.38
C VAL C 473 43.99 25.14 -30.43
N VAL C 474 42.97 24.29 -30.33
CA VAL C 474 43.04 23.04 -29.57
C VAL C 474 43.09 21.93 -30.61
N ASP C 475 44.26 21.30 -30.72
CA ASP C 475 44.46 20.29 -31.74
C ASP C 475 45.46 19.25 -31.25
N ILE C 476 45.52 18.14 -31.98
CA ILE C 476 46.45 17.09 -31.68
C ILE C 476 47.74 17.35 -32.43
N THR C 477 48.84 17.46 -31.70
CA THR C 477 50.15 17.58 -32.35
C THR C 477 51.00 16.32 -32.16
N SER C 478 51.96 16.12 -33.05
CA SER C 478 52.88 15.00 -32.92
C SER C 478 54.36 15.36 -32.80
N GLU C 479 55.02 14.52 -32.03
CA GLU C 479 56.45 14.61 -31.76
C GLU C 479 57.08 13.23 -31.87
N THR C 480 58.26 13.17 -32.48
CA THR C 480 59.03 11.94 -32.52
C THR C 480 59.94 11.93 -31.30
N ILE C 481 59.94 10.83 -30.56
CA ILE C 481 60.88 10.62 -29.47
C ILE C 481 61.62 9.28 -29.62
N THR C 482 62.64 9.10 -28.79
CA THR C 482 63.39 7.87 -28.71
C THR C 482 63.08 7.21 -27.41
N VAL C 483 62.65 5.97 -27.47
CA VAL C 483 62.28 5.25 -26.25
C VAL C 483 63.24 4.04 -26.03
N ASP C 484 63.06 3.33 -24.93
CA ASP C 484 63.87 2.21 -24.54
C ASP C 484 63.07 1.60 -23.41
N THR C 485 63.59 0.54 -22.80
CA THR C 485 62.92 -0.13 -21.73
C THR C 485 62.56 0.86 -20.63
N GLU C 486 63.44 1.84 -20.46
CA GLU C 486 63.21 2.94 -19.56
C GLU C 486 63.49 4.24 -20.25
N PHE C 487 62.60 5.19 -20.04
CA PHE C 487 62.78 6.51 -20.60
C PHE C 487 61.96 7.48 -19.82
N GLU C 488 62.02 8.75 -20.20
CA GLU C 488 61.30 9.79 -19.52
C GLU C 488 60.54 10.63 -20.54
N HIS C 489 59.38 11.12 -20.15
CA HIS C 489 58.69 12.03 -21.03
C HIS C 489 58.10 13.12 -20.20
N THR C 490 58.10 14.33 -20.75
CA THR C 490 57.52 15.46 -20.08
C THR C 490 56.09 15.71 -20.65
N PHE C 491 55.09 15.53 -19.80
CA PHE C 491 53.68 15.77 -20.19
C PHE C 491 53.28 17.17 -19.77
N LYS C 492 52.92 17.97 -20.77
CA LYS C 492 52.36 19.32 -20.60
C LYS C 492 51.19 19.34 -19.64
N PRO C 493 50.99 20.49 -18.97
CA PRO C 493 49.87 20.47 -18.00
C PRO C 493 48.56 20.46 -18.79
N PHE C 494 47.43 20.12 -18.15
CA PHE C 494 46.12 20.02 -18.84
C PHE C 494 46.22 19.42 -20.26
N SER C 495 46.84 18.24 -20.34
CA SER C 495 47.04 17.60 -21.65
C SER C 495 46.67 16.16 -21.57
N CYS C 496 46.36 15.62 -22.76
CA CYS C 496 46.31 14.19 -22.93
C CYS C 496 47.21 13.77 -24.10
N SER C 497 48.04 12.76 -23.81
CA SER C 497 49.05 12.25 -24.76
C SER C 497 48.92 10.73 -24.98
N VAL C 498 49.15 10.29 -26.21
CA VAL C 498 49.31 8.87 -26.47
C VAL C 498 50.70 8.61 -27.03
N ILE C 499 51.49 7.83 -26.30
CA ILE C 499 52.78 7.38 -26.85
C ILE C 499 52.49 6.12 -27.65
N GLU C 500 52.78 6.20 -28.94
CA GLU C 500 52.51 5.08 -29.84
C GLU C 500 53.83 4.45 -30.29
N VAL C 501 53.99 3.16 -30.04
CA VAL C 501 55.29 2.52 -30.27
C VAL C 501 55.16 1.08 -30.77
N GLU C 502 56.04 0.69 -31.68
CA GLU C 502 56.03 -0.70 -32.15
C GLU C 502 56.56 -1.65 -31.14
N LEU C 503 55.99 -2.83 -31.12
CA LEU C 503 56.47 -3.93 -30.32
C LEU C 503 57.00 -5.06 -31.21
N GLU C 504 57.96 -5.82 -30.68
CA GLU C 504 58.66 -6.87 -31.44
C GLU C 504 57.80 -7.71 -32.43
N SER D 22 -15.89 55.92 8.12
CA SER D 22 -14.74 54.96 7.94
C SER D 22 -14.37 54.10 9.21
N TYR D 23 -14.64 54.60 10.43
CA TYR D 23 -14.62 53.81 11.67
C TYR D 23 -15.91 54.03 12.43
N GLY D 24 -16.47 52.94 13.02
CA GLY D 24 -17.65 53.04 13.89
C GLY D 24 -18.08 51.72 14.51
N ILE D 25 -18.87 51.77 15.59
CA ILE D 25 -19.32 50.58 16.28
C ILE D 25 -20.79 50.74 16.62
N VAL D 26 -21.60 49.76 16.24
CA VAL D 26 -23.02 49.70 16.57
C VAL D 26 -23.32 48.42 17.31
N VAL D 27 -23.92 48.53 18.48
CA VAL D 27 -24.21 47.41 19.33
C VAL D 27 -25.69 47.38 19.62
N ASP D 28 -26.32 46.21 19.53
CA ASP D 28 -27.67 46.07 20.01
C ASP D 28 -27.67 45.05 21.14
N PRO D 29 -27.77 45.50 22.40
CA PRO D 29 -27.78 44.60 23.56
C PRO D 29 -29.01 43.72 23.67
N LYS D 30 -30.02 43.95 22.83
CA LYS D 30 -31.26 43.14 22.89
C LYS D 30 -31.14 41.94 22.00
N GLU D 31 -30.16 41.96 21.12
CA GLU D 31 -30.00 40.91 20.15
C GLU D 31 -28.82 40.00 20.59
N VAL D 32 -29.16 38.83 21.16
CA VAL D 32 -28.15 37.92 21.67
C VAL D 32 -27.76 37.04 20.49
N VAL D 33 -26.51 37.15 20.03
CA VAL D 33 -26.05 36.30 18.93
C VAL D 33 -25.88 34.86 19.41
N LYS D 34 -25.17 34.68 20.53
CA LYS D 34 -24.86 33.36 21.03
C LYS D 34 -24.09 33.45 22.36
N PRO D 35 -24.07 32.33 23.12
CA PRO D 35 -23.25 32.31 24.35
C PRO D 35 -21.77 32.43 24.06
N ILE D 36 -21.00 32.79 25.05
CA ILE D 36 -19.56 32.79 24.89
C ILE D 36 -19.09 31.71 25.80
N SER D 37 -18.54 30.65 25.24
CA SER D 37 -18.02 29.55 26.04
C SER D 37 -17.00 30.08 27.06
N ARG D 38 -17.19 29.78 28.35
CA ARG D 38 -16.26 30.26 29.40
C ARG D 38 -14.83 29.63 29.23
N HIS D 39 -14.71 28.58 28.40
CA HIS D 39 -13.43 27.90 28.29
C HIS D 39 -12.45 28.48 27.27
N ILE D 40 -12.83 29.57 26.61
CA ILE D 40 -11.87 30.25 25.74
C ILE D 40 -10.69 30.88 26.47
N TYR D 41 -10.82 31.05 27.80
CA TYR D 41 -9.81 31.75 28.61
C TYR D 41 -8.86 30.77 29.32
N GLY D 42 -8.71 29.57 28.75
CA GLY D 42 -7.95 28.51 29.38
C GLY D 42 -6.49 28.78 29.44
N HIS D 43 -5.79 28.03 30.29
CA HIS D 43 -4.36 28.07 30.37
C HIS D 43 -3.73 26.69 30.33
N PHE D 44 -2.40 26.71 30.41
CA PHE D 44 -1.63 25.46 30.22
C PHE D 44 -0.34 25.57 30.97
N THR D 45 -0.03 24.55 31.77
CA THR D 45 1.28 24.39 32.38
C THR D 45 1.95 23.05 31.96
N GLU D 46 3.11 23.13 31.28
CA GLU D 46 3.90 21.93 30.98
C GLU D 46 5.05 21.78 32.00
N HIS D 47 5.50 20.54 32.26
CA HIS D 47 6.84 20.31 32.85
C HIS D 47 7.98 20.67 31.95
N LEU D 48 8.19 21.97 31.79
CA LEU D 48 9.13 22.50 30.83
C LEU D 48 9.90 23.64 31.52
N GLY D 49 11.22 23.46 31.63
CA GLY D 49 12.04 24.52 32.24
C GLY D 49 11.46 24.95 33.57
N ARG D 50 11.15 26.24 33.70
CA ARG D 50 10.73 26.77 35.01
C ARG D 50 9.21 27.02 35.15
N CYS D 51 8.38 26.32 34.33
CA CYS D 51 6.94 26.52 34.41
C CYS D 51 6.38 25.94 35.65
N ILE D 52 6.80 24.72 35.95
CA ILE D 52 6.33 24.08 37.15
C ILE D 52 7.38 24.35 38.30
N TYR D 53 8.52 23.69 38.23
CA TYR D 53 9.57 23.84 39.23
C TYR D 53 10.21 25.22 39.06
N GLY D 54 9.90 26.11 40.00
CA GLY D 54 10.39 27.50 39.96
C GLY D 54 9.32 28.47 39.48
N GLY D 55 8.15 27.95 39.11
CA GLY D 55 7.08 28.77 38.51
C GLY D 55 5.90 28.62 39.44
N ILE D 56 4.99 27.67 39.17
CA ILE D 56 3.87 27.58 40.08
C ILE D 56 4.26 26.87 41.37
N TYR D 57 5.39 26.17 41.34
CA TYR D 57 5.66 25.29 42.43
C TYR D 57 7.12 25.35 42.77
N GLU D 58 7.43 25.53 44.05
CA GLU D 58 8.82 25.76 44.46
C GLU D 58 8.95 25.37 45.92
N GLU D 59 9.36 24.14 46.18
CA GLU D 59 9.42 23.63 47.53
C GLU D 59 10.53 24.43 48.21
N GLY D 60 10.22 25.02 49.37
CA GLY D 60 11.26 25.70 50.12
C GLY D 60 11.49 27.17 49.76
N SER D 61 10.73 27.72 48.83
CA SER D 61 10.74 29.17 48.63
C SER D 61 10.06 29.84 49.83
N PRO D 62 10.62 31.00 50.30
CA PRO D 62 9.96 31.79 51.35
C PRO D 62 8.61 32.30 50.81
N LEU D 63 8.50 32.34 49.47
CA LEU D 63 7.28 32.80 48.78
C LEU D 63 6.25 31.70 48.58
N SER D 64 6.58 30.48 48.92
CA SER D 64 5.64 29.36 48.78
C SER D 64 4.91 29.03 50.07
N ASP D 65 3.67 28.55 49.95
CA ASP D 65 3.00 28.03 51.13
C ASP D 65 3.62 26.68 51.48
N GLU D 66 3.00 25.94 52.38
CA GLU D 66 3.64 24.68 52.82
C GLU D 66 3.47 23.48 51.85
N ARG D 67 2.56 23.62 50.87
CA ARG D 67 2.31 22.63 49.80
C ARG D 67 3.34 22.81 48.68
N GLY D 68 4.07 23.94 48.74
CA GLY D 68 5.06 24.26 47.72
C GLY D 68 4.56 25.21 46.67
N PHE D 69 3.29 25.69 46.79
CA PHE D 69 2.75 26.59 45.79
C PHE D 69 3.18 28.03 46.03
N ARG D 70 3.78 28.65 45.02
CA ARG D 70 4.20 30.02 45.10
C ARG D 70 2.95 30.87 45.33
N LYS D 71 2.93 31.55 46.49
CA LYS D 71 1.75 32.34 46.91
C LYS D 71 1.53 33.55 46.05
N ASP D 72 2.61 34.21 45.67
CA ASP D 72 2.52 35.38 44.78
C ASP D 72 1.97 34.95 43.41
N VAL D 73 2.48 33.81 42.89
CA VAL D 73 1.96 33.28 41.61
C VAL D 73 0.46 32.94 41.79
N LEU D 74 0.11 32.34 42.93
CA LEU D 74 -1.26 31.91 43.19
C LEU D 74 -2.20 33.09 43.08
N GLU D 75 -1.75 34.20 43.65
CA GLU D 75 -2.57 35.38 43.68
C GLU D 75 -2.72 35.94 42.29
N ALA D 76 -1.62 36.02 41.56
CA ALA D 76 -1.71 36.48 40.16
C ALA D 76 -2.67 35.57 39.27
N VAL D 77 -2.62 34.26 39.52
CA VAL D 77 -3.44 33.31 38.75
C VAL D 77 -4.93 33.44 39.14
N LYS D 78 -5.23 33.54 40.43
CA LYS D 78 -6.63 33.72 40.85
C LYS D 78 -7.32 34.90 40.20
N ARG D 79 -6.58 36.01 40.06
CA ARG D 79 -7.08 37.23 39.46
C ARG D 79 -7.49 37.07 38.00
N ILE D 80 -6.93 36.07 37.29
CA ILE D 80 -7.41 35.85 35.91
C ILE D 80 -8.44 34.71 35.78
N LYS D 81 -8.98 34.28 36.91
CA LYS D 81 -10.14 33.37 36.90
C LYS D 81 -10.02 32.22 35.82
N VAL D 82 -8.94 31.48 35.89
CA VAL D 82 -8.70 30.35 34.97
C VAL D 82 -9.87 29.36 34.92
N PRO D 83 -10.50 29.20 33.73
CA PRO D 83 -11.63 28.26 33.69
C PRO D 83 -11.20 26.82 33.61
N ASN D 84 -10.08 26.56 32.91
CA ASN D 84 -9.53 25.20 32.87
C ASN D 84 -8.01 25.25 32.71
N LEU D 85 -7.31 24.26 33.20
CA LEU D 85 -5.85 24.33 33.11
C LEU D 85 -5.34 23.00 32.51
N ARG D 86 -4.56 23.07 31.44
CA ARG D 86 -4.04 21.85 30.77
C ARG D 86 -2.69 21.46 31.39
N TRP D 87 -2.43 20.15 31.53
CA TRP D 87 -1.21 19.67 32.14
C TRP D 87 -1.18 18.16 31.74
N PRO D 88 0.02 17.55 31.63
CA PRO D 88 1.31 18.16 31.95
C PRO D 88 2.11 18.41 30.70
N GLY D 89 1.47 18.39 29.53
CA GLY D 89 2.22 18.75 28.30
C GLY D 89 1.28 18.63 27.14
N GLY D 90 1.70 18.95 25.91
CA GLY D 90 3.03 19.46 25.60
C GLY D 90 3.96 18.28 25.39
N ASN D 91 5.12 18.57 24.84
CA ASN D 91 5.99 17.43 24.40
C ASN D 91 6.34 16.49 25.54
N PHE D 92 6.45 17.03 26.78
CA PHE D 92 6.75 16.23 27.96
C PHE D 92 5.82 15.02 28.19
N VAL D 93 4.51 15.18 27.98
CA VAL D 93 3.58 14.10 28.34
C VAL D 93 3.85 12.88 27.45
N SER D 94 4.48 13.08 26.29
CA SER D 94 4.62 11.91 25.38
C SER D 94 5.70 10.91 25.82
N ASN D 95 6.37 11.21 26.94
CA ASN D 95 7.21 10.22 27.55
C ASN D 95 7.05 10.24 29.06
N TYR D 96 5.83 10.47 29.54
CA TYR D 96 5.54 10.65 30.97
C TYR D 96 4.70 9.51 31.47
N HIS D 97 5.14 8.82 32.51
CA HIS D 97 4.31 7.73 33.10
C HIS D 97 3.71 8.21 34.41
N TRP D 98 2.39 8.39 34.44
CA TRP D 98 1.76 9.23 35.48
C TRP D 98 1.94 8.59 36.89
N GLU D 99 2.14 7.29 36.94
CA GLU D 99 2.26 6.59 38.17
C GLU D 99 3.56 6.90 38.85
N ASP D 100 4.53 7.42 38.10
CA ASP D 100 5.79 7.85 38.66
C ASP D 100 5.54 9.09 39.54
N GLY D 101 4.39 9.73 39.36
CA GLY D 101 4.09 11.01 40.05
C GLY D 101 3.08 10.91 41.20
N ILE D 102 2.83 9.69 41.69
CA ILE D 102 1.82 9.58 42.74
C ILE D 102 2.38 8.88 43.99
N GLY D 103 1.75 9.13 45.14
CA GLY D 103 2.20 8.51 46.39
C GLY D 103 3.20 9.33 47.12
N PRO D 104 3.72 8.81 48.25
CA PRO D 104 4.65 9.62 49.08
C PRO D 104 5.77 10.23 48.23
N LYS D 105 5.96 11.54 48.28
CA LYS D 105 6.93 12.16 47.38
C LYS D 105 8.32 11.55 47.39
N ASP D 106 8.81 11.14 48.58
CA ASP D 106 10.20 10.71 48.67
C ASP D 106 10.41 9.39 47.99
N GLN D 107 9.32 8.66 47.74
CA GLN D 107 9.43 7.40 47.03
C GLN D 107 9.22 7.53 45.49
N ARG D 108 9.04 8.75 44.97
CA ARG D 108 8.75 8.88 43.54
C ARG D 108 10.10 8.82 42.80
N PRO D 109 10.18 8.07 41.69
CA PRO D 109 11.46 7.85 41.00
C PRO D 109 11.89 9.08 40.29
N VAL D 110 13.19 9.34 40.16
CA VAL D 110 13.66 10.40 39.26
C VAL D 110 13.76 9.84 37.82
N ARG D 111 13.21 10.57 36.85
CA ARG D 111 13.18 10.09 35.43
C ARG D 111 13.88 11.08 34.57
N PHE D 112 14.52 10.59 33.50
CA PHE D 112 15.05 11.47 32.46
C PHE D 112 13.93 11.82 31.46
N ASP D 113 13.60 13.09 31.38
CA ASP D 113 12.60 13.56 30.44
C ASP D 113 13.29 13.78 29.10
N LEU D 114 12.87 12.99 28.11
CA LEU D 114 13.44 13.05 26.76
C LEU D 114 13.10 14.38 26.08
N ALA D 115 11.92 14.95 26.34
CA ALA D 115 11.51 16.18 25.65
C ALA D 115 12.45 17.34 25.95
N TRP D 116 12.82 17.52 27.21
CA TRP D 116 13.55 18.77 27.56
C TRP D 116 14.90 18.49 28.15
N GLN D 117 15.20 17.20 28.29
CA GLN D 117 16.49 16.71 28.75
C GLN D 117 16.82 17.15 30.17
N GLN D 118 15.96 16.82 31.12
CA GLN D 118 16.18 17.23 32.49
C GLN D 118 15.81 16.02 33.27
N GLU D 119 16.35 15.95 34.48
CA GLU D 119 15.92 14.99 35.49
C GLU D 119 14.60 15.53 36.06
N GLU D 120 13.54 14.76 35.95
CA GLU D 120 12.23 15.11 36.46
C GLU D 120 12.11 14.37 37.78
N THR D 121 11.86 15.10 38.88
CA THR D 121 11.77 14.45 40.17
C THR D 121 10.38 13.91 40.43
N ASN D 122 9.39 14.31 39.64
CA ASN D 122 8.02 13.90 39.91
C ASN D 122 7.43 14.35 41.25
N ARG D 123 8.08 15.30 41.91
CA ARG D 123 7.49 15.85 43.18
C ARG D 123 6.23 16.66 42.91
N PHE D 124 6.04 17.18 41.69
CA PHE D 124 4.72 17.68 41.27
C PHE D 124 4.08 16.62 40.35
N GLY D 125 2.97 16.03 40.81
CA GLY D 125 2.35 14.87 40.17
C GLY D 125 0.84 15.07 40.15
N THR D 126 0.11 14.00 39.87
CA THR D 126 -1.30 14.18 39.63
C THR D 126 -2.02 14.85 40.84
N ASP D 127 -1.76 14.38 42.06
CA ASP D 127 -2.51 14.91 43.23
C ASP D 127 -2.20 16.37 43.46
N GLU D 128 -0.96 16.79 43.22
CA GLU D 128 -0.58 18.19 43.40
C GLU D 128 -1.20 19.10 42.34
N PHE D 129 -1.26 18.60 41.11
CA PHE D 129 -1.90 19.35 40.07
C PHE D 129 -3.39 19.54 40.36
N ILE D 130 -4.11 18.51 40.72
CA ILE D 130 -5.51 18.66 41.08
C ILE D 130 -5.72 19.66 42.28
N GLU D 131 -4.86 19.60 43.32
CA GLU D 131 -4.89 20.58 44.43
C GLU D 131 -4.66 21.93 43.86
N TYR D 132 -3.77 22.02 42.89
CA TYR D 132 -3.55 23.32 42.32
C TYR D 132 -4.82 23.85 41.63
N CYS D 133 -5.48 23.00 40.83
CA CYS D 133 -6.68 23.40 40.16
C CYS D 133 -7.77 23.83 41.13
N ARG D 134 -7.98 23.06 42.20
CA ARG D 134 -9.07 23.32 43.16
C ARG D 134 -8.82 24.65 43.86
N GLU D 135 -7.57 24.93 44.15
CA GLU D 135 -7.13 26.18 44.73
C GLU D 135 -7.49 27.40 43.87
N ILE D 136 -7.23 27.29 42.56
CA ILE D 136 -7.44 28.43 41.65
C ILE D 136 -8.86 28.46 41.03
N GLY D 137 -9.63 27.43 41.33
CA GLY D 137 -10.94 27.19 40.77
C GLY D 137 -11.06 26.76 39.31
N ALA D 138 -9.98 26.16 38.75
CA ALA D 138 -9.95 25.69 37.34
C ALA D 138 -10.38 24.23 37.22
N GLU D 139 -11.04 23.91 36.11
CA GLU D 139 -11.26 22.51 35.70
C GLU D 139 -9.94 21.90 35.23
N PRO D 140 -9.58 20.72 35.76
CA PRO D 140 -8.30 20.17 35.20
C PRO D 140 -8.50 19.65 33.77
N TYR D 141 -7.45 19.64 32.97
CA TYR D 141 -7.57 19.16 31.61
C TYR D 141 -6.31 18.36 31.45
N ILE D 142 -6.41 17.03 31.52
CA ILE D 142 -5.21 16.19 31.46
C ILE D 142 -4.93 15.62 30.06
N SER D 143 -3.70 15.75 29.59
CA SER D 143 -3.25 15.14 28.34
C SER D 143 -2.63 13.79 28.64
N ILE D 144 -2.89 12.79 27.80
CA ILE D 144 -2.35 11.51 28.10
C ILE D 144 -1.10 11.21 27.27
N ASN D 145 -0.38 10.15 27.61
CA ASN D 145 0.88 9.79 26.97
C ASN D 145 0.52 8.75 25.93
N MET D 146 0.61 9.10 24.67
CA MET D 146 0.45 8.17 23.55
C MET D 146 1.78 7.84 22.88
N GLY D 147 2.88 8.41 23.40
CA GLY D 147 4.21 8.18 22.80
C GLY D 147 4.77 6.90 23.35
N THR D 148 5.01 6.86 24.65
CA THR D 148 5.50 5.60 25.30
C THR D 148 4.42 4.97 26.13
N GLY D 149 3.21 5.59 26.17
CA GLY D 149 2.14 5.15 27.04
C GLY D 149 1.28 4.06 26.42
N THR D 150 0.33 3.51 27.17
CA THR D 150 -0.54 2.42 26.58
C THR D 150 -1.99 2.71 26.90
N LEU D 151 -2.90 1.98 26.28
CA LEU D 151 -4.32 2.20 26.56
C LEU D 151 -4.59 1.91 28.02
N ASP D 152 -4.02 0.81 28.51
CA ASP D 152 -4.29 0.42 29.90
C ASP D 152 -3.84 1.55 30.84
N GLU D 153 -2.72 2.16 30.52
CA GLU D 153 -2.14 3.17 31.38
C GLU D 153 -3.05 4.40 31.40
N ALA D 154 -3.63 4.76 30.26
CA ALA D 154 -4.56 5.89 30.19
C ALA D 154 -5.84 5.62 30.98
N LEU D 155 -6.36 4.41 30.85
CA LEU D 155 -7.58 4.00 31.53
C LEU D 155 -7.31 4.04 33.06
N HIS D 156 -6.14 3.55 33.44
CA HIS D 156 -5.76 3.68 34.84
C HIS D 156 -5.74 5.12 35.35
N TRP D 157 -5.15 6.03 34.55
CA TRP D 157 -5.12 7.42 34.92
C TRP D 157 -6.57 7.89 35.12
N LEU D 158 -7.45 7.51 34.20
CA LEU D 158 -8.84 7.97 34.21
C LEU D 158 -9.55 7.37 35.44
N GLU D 159 -9.26 6.08 35.68
CA GLU D 159 -9.82 5.36 36.82
C GLU D 159 -9.41 5.99 38.16
N TYR D 160 -8.11 6.24 38.33
CA TYR D 160 -7.59 6.94 39.48
C TYR D 160 -8.28 8.29 39.72
N CYS D 161 -8.41 9.09 38.64
CA CYS D 161 -9.03 10.41 38.74
C CYS D 161 -10.54 10.39 38.94
N ASN D 162 -11.23 9.58 38.15
CA ASN D 162 -12.67 9.68 38.04
C ASN D 162 -13.47 8.55 38.63
N GLY D 163 -12.79 7.43 38.94
CA GLY D 163 -13.46 6.21 39.41
C GLY D 163 -14.18 6.42 40.74
N LYS D 164 -15.45 6.07 40.73
CA LYS D 164 -16.29 6.16 41.92
C LYS D 164 -16.43 4.83 42.63
N GLY D 165 -15.97 3.71 42.07
CA GLY D 165 -16.32 2.39 42.61
C GLY D 165 -15.20 1.84 43.47
N ASN D 166 -15.03 0.53 43.45
CA ASN D 166 -14.03 -0.14 44.24
C ASN D 166 -12.83 -0.71 43.47
N THR D 167 -12.62 -0.23 42.24
CA THR D 167 -11.47 -0.65 41.42
C THR D 167 -10.16 -0.27 42.09
N TYR D 168 -9.12 -1.04 41.82
CA TYR D 168 -7.79 -0.78 42.34
C TYR D 168 -7.32 0.68 42.28
N TYR D 169 -7.50 1.34 41.15
CA TYR D 169 -6.98 2.71 41.10
C TYR D 169 -7.88 3.74 41.78
N ALA D 170 -9.20 3.48 41.87
CA ALA D 170 -10.06 4.40 42.63
C ALA D 170 -9.66 4.32 44.12
N GLN D 171 -9.39 3.10 44.60
CA GLN D 171 -9.06 2.84 46.00
C GLN D 171 -7.70 3.48 46.29
N LEU D 172 -6.81 3.48 45.29
CA LEU D 172 -5.49 4.07 45.44
C LEU D 172 -5.54 5.59 45.58
N ARG D 173 -6.39 6.24 44.78
CA ARG D 173 -6.68 7.62 45.04
C ARG D 173 -7.11 7.89 46.54
N ARG D 174 -8.02 7.06 47.08
CA ARG D 174 -8.49 7.20 48.47
C ARG D 174 -7.30 7.01 49.42
N LYS D 175 -6.54 5.95 49.20
CA LYS D 175 -5.44 5.66 50.03
C LYS D 175 -4.50 6.86 50.12
N TYR D 176 -4.27 7.55 49.01
CA TYR D 176 -3.33 8.69 49.00
C TYR D 176 -3.97 10.02 49.45
N GLY D 177 -5.23 9.97 49.88
CA GLY D 177 -5.81 11.03 50.67
C GLY D 177 -6.99 11.74 50.06
N HIS D 178 -7.57 11.20 48.97
CA HIS D 178 -8.74 11.85 48.37
C HIS D 178 -9.81 10.85 47.98
N PRO D 179 -10.74 10.62 48.90
CA PRO D 179 -11.84 9.66 48.74
C PRO D 179 -12.81 10.09 47.63
N GLU D 180 -12.99 11.39 47.41
CA GLU D 180 -13.93 11.81 46.38
C GLU D 180 -13.24 11.82 44.99
N PRO D 181 -13.91 11.30 43.96
CA PRO D 181 -13.28 11.38 42.62
C PRO D 181 -13.02 12.84 42.24
N TYR D 182 -11.96 13.06 41.48
CA TYR D 182 -11.62 14.36 40.95
C TYR D 182 -12.56 14.79 39.85
N ASN D 183 -13.12 13.84 39.13
CA ASN D 183 -13.95 14.17 37.98
C ASN D 183 -13.22 15.09 37.00
N VAL D 184 -12.12 14.60 36.42
CA VAL D 184 -11.44 15.33 35.35
C VAL D 184 -12.32 15.20 34.12
N LYS D 185 -12.75 16.34 33.57
CA LYS D 185 -13.74 16.39 32.50
C LYS D 185 -13.08 16.43 31.10
N PHE D 186 -11.88 16.99 31.01
CA PHE D 186 -11.27 17.21 29.71
C PHE D 186 -10.03 16.32 29.58
N TRP D 187 -10.05 15.44 28.57
CA TRP D 187 -8.91 14.56 28.33
C TRP D 187 -8.26 14.80 26.95
N GLY D 188 -6.94 14.97 26.95
CA GLY D 188 -6.21 15.27 25.74
C GLY D 188 -5.67 13.95 25.15
N ILE D 189 -6.17 13.55 23.99
CA ILE D 189 -5.83 12.22 23.45
C ILE D 189 -4.52 12.33 22.65
N GLY D 190 -3.40 12.33 23.37
CA GLY D 190 -2.11 12.52 22.77
C GLY D 190 -1.74 14.00 22.63
N ASN D 191 -0.49 14.25 22.29
CA ASN D 191 0.03 15.56 22.08
C ASN D 191 0.91 15.59 20.79
N GLU D 192 0.60 16.48 19.85
CA GLU D 192 1.42 16.69 18.64
C GLU D 192 1.99 15.36 18.08
N MET D 193 1.16 14.32 18.00
CA MET D 193 1.64 13.01 17.60
C MET D 193 2.16 12.99 16.17
N TYR D 194 1.91 14.05 15.39
CA TYR D 194 2.39 14.14 14.01
C TYR D 194 3.85 14.52 13.87
N GLY D 195 4.42 15.16 14.91
CA GLY D 195 5.70 15.84 14.79
C GLY D 195 6.84 14.88 15.01
N GLU D 196 7.87 14.92 14.18
CA GLU D 196 9.01 14.00 14.34
C GLU D 196 9.70 14.25 15.68
N TRP D 197 9.49 15.45 16.25
CA TRP D 197 10.09 15.78 17.53
C TRP D 197 9.41 15.01 18.67
N GLN D 198 8.24 14.43 18.43
CA GLN D 198 7.47 13.89 19.53
C GLN D 198 7.90 12.46 19.77
N VAL D 199 8.15 12.08 21.03
CA VAL D 199 8.48 10.67 21.30
C VAL D 199 7.36 9.78 20.78
N GLY D 200 7.70 8.73 20.01
CA GLY D 200 6.71 7.77 19.53
C GLY D 200 5.71 8.39 18.51
N HIS D 201 6.16 9.40 17.77
CA HIS D 201 5.34 9.99 16.75
C HIS D 201 4.75 8.96 15.74
N MET D 202 3.66 9.34 15.10
CA MET D 202 2.80 8.39 14.38
C MET D 202 2.41 8.99 13.03
N THR D 203 2.05 8.11 12.09
CA THR D 203 1.48 8.54 10.84
C THR D 203 0.04 8.99 11.08
N ALA D 204 -0.56 9.71 10.12
CA ALA D 204 -1.99 10.06 10.19
C ALA D 204 -2.82 8.82 10.45
N ASP D 205 -2.59 7.73 9.71
CA ASP D 205 -3.44 6.55 9.86
C ASP D 205 -3.26 5.90 11.23
N GLU D 206 -2.01 5.77 11.69
CA GLU D 206 -1.79 5.26 13.06
C GLU D 206 -2.47 6.08 14.14
N TYR D 207 -2.31 7.39 14.07
CA TYR D 207 -2.81 8.24 15.12
C TYR D 207 -4.36 8.24 15.06
N ALA D 208 -4.93 8.31 13.86
CA ALA D 208 -6.41 8.33 13.74
C ALA D 208 -7.01 7.08 14.37
N ARG D 209 -6.45 5.88 14.06
CA ARG D 209 -6.93 4.62 14.68
C ARG D 209 -6.69 4.63 16.23
N ALA D 210 -5.51 5.09 16.65
CA ALA D 210 -5.18 5.13 18.09
C ALA D 210 -6.09 6.12 18.81
N ALA D 211 -6.45 7.22 18.17
CA ALA D 211 -7.35 8.16 18.84
C ALA D 211 -8.74 7.57 19.01
N LYS D 212 -9.13 6.77 18.03
CA LYS D 212 -10.45 6.17 18.10
C LYS D 212 -10.45 5.08 19.21
N GLU D 213 -9.41 4.28 19.29
CA GLU D 213 -9.30 3.24 20.28
C GLU D 213 -9.26 3.81 21.74
N TYR D 214 -8.36 4.73 22.04
CA TYR D 214 -8.30 5.31 23.38
C TYR D 214 -9.59 5.99 23.76
N THR D 215 -10.09 6.86 22.87
CA THR D 215 -11.29 7.61 23.20
C THR D 215 -12.44 6.67 23.47
N LYS D 216 -12.64 5.69 22.60
CA LYS D 216 -13.87 4.91 22.80
C LYS D 216 -13.85 4.11 24.09
N TRP D 217 -12.69 3.55 24.45
CA TRP D 217 -12.61 2.75 25.65
C TRP D 217 -12.61 3.61 26.88
N MET D 218 -11.95 4.77 26.83
CA MET D 218 -12.04 5.72 27.94
C MET D 218 -13.49 6.11 28.19
N LYS D 219 -14.24 6.34 27.11
CA LYS D 219 -15.66 6.68 27.24
C LYS D 219 -16.51 5.48 27.74
N VAL D 220 -16.05 4.25 27.53
CA VAL D 220 -16.80 3.17 28.13
C VAL D 220 -16.64 3.24 29.66
N PHE D 221 -15.44 3.54 30.17
CA PHE D 221 -15.31 3.74 31.60
C PHE D 221 -16.03 5.00 32.08
N ASP D 222 -15.87 6.13 31.39
CA ASP D 222 -16.53 7.37 31.85
C ASP D 222 -17.04 8.15 30.67
N PRO D 223 -18.31 7.92 30.32
CA PRO D 223 -18.95 8.54 29.14
C PRO D 223 -19.21 10.03 29.24
N THR D 224 -18.92 10.67 30.38
CA THR D 224 -19.16 12.12 30.49
C THR D 224 -17.91 12.92 30.14
N ILE D 225 -16.78 12.27 29.90
CA ILE D 225 -15.58 13.03 29.61
C ILE D 225 -15.66 13.67 28.21
N LYS D 226 -14.91 14.73 28.00
CA LYS D 226 -14.72 15.27 26.67
C LYS D 226 -13.31 14.94 26.20
N ALA D 227 -13.22 14.46 24.96
CA ALA D 227 -11.94 14.00 24.37
C ALA D 227 -11.43 14.98 23.29
N ILE D 228 -10.22 15.55 23.49
CA ILE D 228 -9.57 16.38 22.47
C ILE D 228 -8.56 15.55 21.66
N ALA D 229 -8.81 15.45 20.35
CA ALA D 229 -7.84 14.73 19.51
C ALA D 229 -6.90 15.73 18.83
N VAL D 230 -5.72 15.23 18.45
CA VAL D 230 -4.68 16.07 17.90
C VAL D 230 -4.99 16.42 16.44
N GLY D 231 -4.99 17.72 16.12
CA GLY D 231 -4.96 18.17 14.74
C GLY D 231 -3.78 19.10 14.49
N CYS D 232 -3.61 19.52 13.26
CA CYS D 232 -2.50 20.40 12.94
C CYS D 232 -2.77 21.09 11.62
N ASP D 233 -1.73 21.40 10.85
CA ASP D 233 -1.96 22.12 9.59
C ASP D 233 -2.11 21.24 8.37
N ASP D 234 -1.79 19.98 8.53
CA ASP D 234 -1.89 19.07 7.45
C ASP D 234 -3.38 18.61 7.33
N PRO D 235 -4.05 18.97 6.22
CA PRO D 235 -5.49 18.70 6.07
C PRO D 235 -5.77 17.17 5.95
N ILE D 236 -4.85 16.43 5.35
CA ILE D 236 -4.98 14.96 5.32
C ILE D 236 -5.01 14.35 6.73
N TRP D 237 -3.99 14.69 7.53
CA TRP D 237 -3.99 14.34 8.97
C TRP D 237 -5.34 14.70 9.62
N ASN D 238 -5.76 15.96 9.51
CA ASN D 238 -6.98 16.32 10.23
C ASN D 238 -8.15 15.46 9.71
N LEU D 239 -8.18 15.25 8.38
CA LEU D 239 -9.32 14.48 7.83
C LEU D 239 -9.31 13.03 8.28
N ARG D 240 -8.15 12.38 8.31
CA ARG D 240 -8.10 11.01 8.80
C ARG D 240 -8.58 10.90 10.24
N VAL D 241 -8.12 11.80 11.09
CA VAL D 241 -8.56 11.82 12.48
C VAL D 241 -10.10 11.94 12.57
N LEU D 242 -10.66 12.90 11.84
CA LEU D 242 -12.13 13.06 11.88
C LEU D 242 -12.88 11.88 11.31
N GLN D 243 -12.37 11.26 10.25
CA GLN D 243 -13.11 10.16 9.64
C GLN D 243 -13.10 8.98 10.54
N GLU D 244 -11.99 8.77 11.21
CA GLU D 244 -11.84 7.57 11.98
C GLU D 244 -12.43 7.73 13.38
N ALA D 245 -12.26 8.91 14.00
CA ALA D 245 -12.67 9.06 15.42
C ALA D 245 -13.81 10.07 15.66
N GLY D 246 -14.34 10.60 14.56
CA GLY D 246 -15.34 11.66 14.64
C GLY D 246 -16.63 11.22 15.28
N ASP D 247 -16.86 9.92 15.40
CA ASP D 247 -18.05 9.48 16.11
C ASP D 247 -17.83 9.51 17.62
N VAL D 248 -16.57 9.63 18.07
CA VAL D 248 -16.36 9.60 19.50
C VAL D 248 -15.69 10.84 20.10
N ILE D 249 -14.89 11.59 19.34
CA ILE D 249 -14.16 12.71 19.95
C ILE D 249 -15.06 13.90 20.07
N ASP D 250 -14.64 14.90 20.85
CA ASP D 250 -15.44 16.09 21.04
C ASP D 250 -14.79 17.36 20.45
N PHE D 251 -13.45 17.34 20.36
CA PHE D 251 -12.69 18.40 19.72
C PHE D 251 -11.57 17.85 18.91
N ILE D 252 -11.14 18.64 17.95
CA ILE D 252 -9.87 18.40 17.36
C ILE D 252 -9.07 19.64 17.67
N SER D 253 -7.80 19.43 18.02
CA SER D 253 -7.01 20.53 18.48
C SER D 253 -6.25 21.23 17.38
N TYR D 254 -5.90 22.50 17.64
CA TYR D 254 -5.08 23.30 16.74
C TYR D 254 -4.06 24.11 17.60
N HIS D 255 -2.78 24.12 17.23
CA HIS D 255 -1.75 24.91 17.93
C HIS D 255 -1.28 26.06 17.03
N PHE D 256 -1.16 27.26 17.60
CA PHE D 256 -0.88 28.45 16.79
C PHE D 256 0.14 29.34 17.48
N TYR D 257 1.37 29.39 16.93
CA TYR D 257 2.41 30.25 17.46
C TYR D 257 2.81 31.28 16.44
N THR D 258 3.09 32.49 16.86
CA THR D 258 3.28 33.53 15.88
C THR D 258 4.30 34.56 16.38
N GLY D 259 4.43 35.65 15.62
CA GLY D 259 5.18 36.84 16.01
C GLY D 259 6.44 37.09 15.20
N SER D 260 6.73 38.37 14.99
CA SER D 260 8.08 38.81 14.60
C SER D 260 8.37 40.14 15.32
N ASP D 261 9.54 40.72 15.04
CA ASP D 261 9.91 42.00 15.64
C ASP D 261 9.04 43.12 15.16
N ASP D 262 8.41 42.93 14.02
CA ASP D 262 7.49 43.95 13.51
C ASP D 262 6.10 43.95 14.19
N TYR D 263 5.69 45.15 14.62
CA TYR D 263 4.40 45.32 15.23
C TYR D 263 3.23 44.80 14.35
N TYR D 264 3.03 45.37 13.16
CA TYR D 264 1.92 44.92 12.34
C TYR D 264 2.01 43.43 11.96
N GLU D 265 3.22 42.92 11.76
CA GLU D 265 3.39 41.52 11.41
C GLU D 265 2.92 40.62 12.55
N THR D 266 3.11 41.07 13.79
CA THR D 266 2.66 40.27 14.89
C THR D 266 1.14 40.34 15.06
N VAL D 267 0.61 41.55 15.21
CA VAL D 267 -0.80 41.66 15.61
C VAL D 267 -1.76 41.27 14.46
N SER D 268 -1.32 41.39 13.20
CA SER D 268 -2.22 41.04 12.08
C SER D 268 -2.48 39.52 12.07
N THR D 269 -1.62 38.73 12.72
CA THR D 269 -1.79 37.28 12.63
C THR D 269 -2.97 36.79 13.47
N VAL D 270 -3.65 37.67 14.20
CA VAL D 270 -4.95 37.34 14.77
C VAL D 270 -5.89 36.90 13.63
N TYR D 271 -5.70 37.55 12.48
CA TYR D 271 -6.63 37.38 11.41
C TYR D 271 -6.19 36.22 10.49
N LEU D 272 -4.92 35.81 10.67
CA LEU D 272 -4.41 34.62 10.07
C LEU D 272 -5.03 33.45 10.88
N LEU D 273 -4.92 33.55 12.21
CA LEU D 273 -5.52 32.56 13.10
C LEU D 273 -6.99 32.36 12.73
N LYS D 274 -7.70 33.46 12.56
CA LYS D 274 -9.08 33.37 12.20
C LYS D 274 -9.31 32.50 10.94
N GLU D 275 -8.54 32.71 9.87
CA GLU D 275 -8.69 31.93 8.62
C GLU D 275 -8.33 30.44 8.81
N ARG D 276 -7.34 30.21 9.68
CA ARG D 276 -6.97 28.87 10.06
C ARG D 276 -8.09 28.09 10.72
N LEU D 277 -8.78 28.74 11.64
CA LEU D 277 -9.90 28.16 12.42
C LEU D 277 -11.09 27.89 11.52
N ILE D 278 -11.36 28.83 10.63
CA ILE D 278 -12.41 28.62 9.67
C ILE D 278 -12.09 27.37 8.80
N GLY D 279 -10.81 27.17 8.45
CA GLY D 279 -10.39 26.02 7.65
C GLY D 279 -10.66 24.70 8.31
N VAL D 280 -10.22 24.56 9.55
CA VAL D 280 -10.43 23.34 10.32
C VAL D 280 -11.91 23.15 10.50
N LYS D 281 -12.61 24.26 10.78
CA LYS D 281 -14.02 24.19 10.91
C LYS D 281 -14.63 23.59 9.62
N LYS D 282 -14.27 24.13 8.46
CA LYS D 282 -14.75 23.50 7.21
C LYS D 282 -14.36 21.99 7.03
N LEU D 283 -13.21 21.56 7.59
CA LEU D 283 -12.81 20.15 7.44
C LEU D 283 -13.78 19.28 8.23
N ILE D 284 -14.16 19.77 9.44
CA ILE D 284 -15.13 19.10 10.24
C ILE D 284 -16.45 18.97 9.50
N ASP D 285 -16.87 20.04 8.81
CA ASP D 285 -18.13 20.04 8.09
C ASP D 285 -18.14 19.00 7.00
N MET D 286 -16.96 18.58 6.54
CA MET D 286 -16.86 17.68 5.38
C MET D 286 -16.81 16.19 5.76
N VAL D 287 -16.97 15.90 7.05
CA VAL D 287 -16.98 14.52 7.54
C VAL D 287 -18.28 14.39 8.30
N ASP D 288 -19.25 13.71 7.68
CA ASP D 288 -20.60 13.55 8.27
C ASP D 288 -20.67 13.18 9.74
N THR D 289 -19.94 12.16 10.21
CA THR D 289 -20.07 11.75 11.63
C THR D 289 -19.66 12.94 12.53
N ALA D 290 -18.55 13.59 12.18
CA ALA D 290 -18.02 14.67 13.00
C ALA D 290 -18.95 15.89 12.98
N ARG D 291 -19.35 16.30 11.78
CA ARG D 291 -20.26 17.37 11.63
C ARG D 291 -21.56 17.07 12.38
N LYS D 292 -22.10 15.85 12.23
CA LYS D 292 -23.39 15.56 12.84
C LYS D 292 -23.29 15.54 14.35
N ARG D 293 -22.16 15.05 14.84
CA ARG D 293 -21.97 14.99 16.27
C ARG D 293 -21.70 16.42 16.84
N GLY D 294 -21.25 17.34 16.00
CA GLY D 294 -20.92 18.68 16.51
C GLY D 294 -19.49 18.74 17.12
N VAL D 295 -18.53 18.05 16.47
CA VAL D 295 -17.14 18.11 16.89
C VAL D 295 -16.69 19.59 16.71
N LYS D 296 -15.96 20.12 17.69
CA LYS D 296 -15.50 21.52 17.62
C LYS D 296 -13.98 21.59 17.69
N ILE D 297 -13.43 22.79 17.69
CA ILE D 297 -12.00 23.00 17.74
C ILE D 297 -11.55 23.36 19.17
N ALA D 298 -10.44 22.74 19.65
CA ALA D 298 -9.72 23.22 20.88
C ALA D 298 -8.39 23.87 20.48
N LEU D 299 -8.34 25.18 20.64
CA LEU D 299 -7.08 25.91 20.36
C LEU D 299 -6.21 25.77 21.65
N ASP D 300 -5.77 24.56 21.93
CA ASP D 300 -5.16 24.28 23.24
C ASP D 300 -3.69 24.60 23.39
N GLU D 301 -3.09 25.33 22.45
CA GLU D 301 -1.76 25.97 22.61
C GLU D 301 -1.78 27.15 21.69
N TRP D 302 -1.57 28.35 22.24
CA TRP D 302 -1.44 29.53 21.40
C TRP D 302 -0.67 30.60 22.14
N ASN D 303 0.18 31.30 21.39
CA ASN D 303 0.84 32.47 21.93
C ASN D 303 1.72 33.06 20.85
N VAL D 304 2.29 34.21 21.16
CA VAL D 304 3.51 34.65 20.49
C VAL D 304 4.68 33.73 20.90
N TRP D 305 5.52 33.39 19.94
CA TRP D 305 6.70 32.55 20.15
C TRP D 305 7.63 32.69 18.91
N TYR D 306 8.64 33.55 19.01
CA TYR D 306 9.58 33.70 17.88
C TYR D 306 11.00 34.04 18.28
N ARG D 307 11.25 34.36 19.53
CA ARG D 307 12.60 34.86 19.90
C ARG D 307 13.56 33.80 20.38
N VAL D 308 13.05 32.84 21.14
CA VAL D 308 13.86 31.87 21.79
C VAL D 308 13.56 30.47 21.31
N SER D 309 14.59 29.64 21.31
CA SER D 309 14.46 28.26 20.93
C SER D 309 15.47 27.44 21.69
N ASP D 310 15.04 26.87 22.81
CA ASP D 310 15.92 26.22 23.79
C ASP D 310 15.01 25.40 24.67
N ASN D 311 15.45 24.97 25.84
CA ASN D 311 14.52 24.19 26.64
C ASN D 311 13.90 24.92 27.83
N LYS D 312 13.93 26.25 27.77
CA LYS D 312 13.32 27.07 28.81
C LYS D 312 12.23 27.97 28.23
N LEU D 313 12.46 28.50 27.03
CA LEU D 313 11.40 29.23 26.29
C LEU D 313 10.93 30.51 26.98
N GLU D 314 11.85 31.19 27.66
CA GLU D 314 11.49 32.39 28.45
C GLU D 314 11.31 33.64 27.61
N GLU D 315 10.28 33.61 26.80
CA GLU D 315 10.04 34.61 25.77
C GLU D 315 9.69 35.99 26.40
N PRO D 316 10.43 37.06 26.03
CA PRO D 316 10.18 38.33 26.71
C PRO D 316 9.10 39.18 26.06
N TYR D 317 7.86 38.86 26.39
CA TYR D 317 6.71 39.54 25.87
C TYR D 317 6.76 41.04 26.09
N ASP D 318 6.42 41.77 25.01
CA ASP D 318 6.23 43.21 25.08
C ASP D 318 4.76 43.57 24.77
N LEU D 319 4.45 44.85 24.70
CA LEU D 319 3.06 45.23 24.62
C LEU D 319 2.45 44.78 23.25
N LYS D 320 3.21 44.87 22.17
CA LYS D 320 2.92 44.28 20.86
C LYS D 320 2.27 42.89 21.05
N ASP D 321 2.99 42.01 21.73
CA ASP D 321 2.55 40.68 22.01
C ASP D 321 1.27 40.67 22.81
N GLY D 322 1.07 41.63 23.72
CA GLY D 322 -0.17 41.64 24.52
C GLY D 322 -1.34 42.10 23.66
N ILE D 323 -1.08 42.97 22.68
CA ILE D 323 -2.15 43.42 21.75
C ILE D 323 -2.61 42.22 20.89
N PHE D 324 -1.66 41.43 20.39
CA PHE D 324 -2.02 40.17 19.74
C PHE D 324 -2.98 39.33 20.66
N ALA D 325 -2.56 39.15 21.90
CA ALA D 325 -3.33 38.39 22.87
C ALA D 325 -4.72 38.97 23.08
N CYS D 326 -4.86 40.30 23.20
CA CYS D 326 -6.24 40.85 23.33
C CYS D 326 -7.03 40.52 22.07
N GLY D 327 -6.38 40.68 20.91
CA GLY D 327 -6.95 40.41 19.59
C GLY D 327 -7.49 39.00 19.51
N VAL D 328 -6.70 38.03 19.93
CA VAL D 328 -7.17 36.65 20.05
C VAL D 328 -8.39 36.50 20.96
N LEU D 329 -8.36 37.16 22.12
CA LEU D 329 -9.44 36.95 23.11
C LEU D 329 -10.71 37.52 22.54
N VAL D 330 -10.63 38.64 21.86
CA VAL D 330 -11.79 39.23 21.20
C VAL D 330 -12.34 38.39 20.07
N LEU D 331 -11.43 37.89 19.21
CA LEU D 331 -11.75 36.87 18.20
C LEU D 331 -12.44 35.63 18.79
N LEU D 332 -11.94 35.08 19.87
CA LEU D 332 -12.59 33.91 20.48
C LEU D 332 -13.97 34.28 21.02
N GLN D 333 -14.15 35.52 21.49
CA GLN D 333 -15.51 35.85 21.98
C GLN D 333 -16.47 35.73 20.83
N LYS D 334 -16.01 36.12 19.65
CA LYS D 334 -16.88 36.11 18.50
C LYS D 334 -17.01 34.69 17.87
N MET D 335 -16.07 33.78 18.16
CA MET D 335 -16.06 32.50 17.43
C MET D 335 -16.13 31.28 18.34
N SER D 336 -16.52 31.44 19.60
CA SER D 336 -16.41 30.40 20.56
C SER D 336 -17.39 29.27 20.29
N ASP D 337 -18.46 29.51 19.55
CA ASP D 337 -19.28 28.42 19.04
C ASP D 337 -18.46 27.37 18.22
N ILE D 338 -17.47 27.83 17.47
CA ILE D 338 -16.64 27.01 16.60
C ILE D 338 -15.41 26.54 17.45
N VAL D 339 -14.85 27.47 18.26
CA VAL D 339 -13.73 27.16 19.18
C VAL D 339 -14.11 27.42 20.69
N PRO D 340 -14.69 26.42 21.38
CA PRO D 340 -15.16 26.70 22.72
C PRO D 340 -14.06 26.53 23.77
N LEU D 341 -12.91 26.04 23.34
CA LEU D 341 -11.87 25.76 24.29
C LEU D 341 -10.54 26.25 23.73
N ALA D 342 -9.80 27.06 24.50
CA ALA D 342 -8.47 27.54 24.07
C ALA D 342 -7.59 27.64 25.31
N ASN D 343 -6.29 27.39 25.16
CA ASN D 343 -5.33 27.46 26.26
C ASN D 343 -4.09 28.16 25.82
N LEU D 344 -3.85 29.34 26.41
CA LEU D 344 -2.64 30.09 26.17
C LEU D 344 -1.48 29.16 26.54
N ALA D 345 -0.44 29.11 25.72
CA ALA D 345 0.76 28.37 26.09
C ALA D 345 1.86 29.40 26.39
N GLN D 346 2.35 29.52 27.64
CA GLN D 346 1.89 28.78 28.84
C GLN D 346 1.78 29.74 30.02
N LEU D 347 1.38 29.25 31.20
CA LEU D 347 0.97 30.17 32.32
C LEU D 347 2.19 30.92 32.96
N VAL D 348 3.29 30.20 33.18
CA VAL D 348 4.42 30.71 33.90
C VAL D 348 5.74 30.31 33.29
N ASN D 349 6.58 31.33 33.07
CA ASN D 349 7.95 31.17 32.56
C ASN D 349 8.14 30.63 31.12
N ALA D 350 7.83 29.34 30.88
CA ALA D 350 7.86 28.74 29.52
C ALA D 350 6.80 29.48 28.72
N LEU D 351 7.20 30.22 27.69
CA LEU D 351 6.24 31.03 26.91
C LEU D 351 5.29 31.80 27.88
N GLY D 352 5.82 32.26 29.01
CA GLY D 352 4.98 32.56 30.18
C GLY D 352 4.20 33.87 30.16
N ALA D 353 2.90 33.80 30.47
CA ALA D 353 2.17 35.06 30.71
C ALA D 353 2.73 35.70 32.00
N ILE D 354 3.10 34.88 32.99
CA ILE D 354 3.75 35.38 34.23
C ILE D 354 5.22 34.96 34.18
N HIS D 355 6.16 35.85 34.49
CA HIS D 355 7.56 35.45 34.56
C HIS D 355 8.01 35.49 36.01
N THR D 356 8.50 34.37 36.58
CA THR D 356 8.98 34.43 37.96
C THR D 356 10.47 34.50 38.07
N GLU D 357 10.92 35.16 39.14
CA GLU D 357 12.31 35.14 39.62
C GLU D 357 12.24 34.64 41.06
N LYS D 358 13.39 34.32 41.65
CA LYS D 358 13.39 33.77 43.02
C LYS D 358 12.76 34.70 44.06
N ASP D 359 12.80 36.02 43.83
CA ASP D 359 12.34 36.96 44.83
C ASP D 359 11.10 37.79 44.36
N GLY D 360 10.39 37.28 43.35
CA GLY D 360 9.15 37.92 42.87
C GLY D 360 8.63 37.44 41.53
N LEU D 361 7.80 38.27 40.91
CA LEU D 361 7.25 37.96 39.59
C LEU D 361 7.01 39.21 38.78
N ILE D 362 6.96 39.03 37.46
CA ILE D 362 6.54 40.02 36.49
C ILE D 362 5.24 39.57 35.78
N LEU D 363 4.34 40.51 35.57
CA LEU D 363 3.10 40.25 34.87
C LEU D 363 3.30 40.84 33.48
N THR D 364 3.53 39.99 32.46
CA THR D 364 3.87 40.50 31.12
C THR D 364 2.61 41.10 30.49
N PRO D 365 2.74 41.85 29.39
CA PRO D 365 1.53 42.35 28.77
C PRO D 365 0.62 41.24 28.26
N VAL D 366 1.06 39.99 28.12
CA VAL D 366 0.20 38.89 27.69
C VAL D 366 -0.70 38.49 28.85
N TYR D 367 -0.14 38.44 30.06
CA TYR D 367 -0.98 38.35 31.27
C TYR D 367 -2.07 39.44 31.35
N LYS D 368 -1.69 40.68 31.08
CA LYS D 368 -2.53 41.84 31.25
C LYS D 368 -3.74 41.74 30.35
N ALA D 369 -3.53 41.18 29.13
CA ALA D 369 -4.64 40.94 28.20
C ALA D 369 -5.71 40.11 28.86
N PHE D 370 -5.33 39.03 29.53
CA PHE D 370 -6.29 38.18 30.24
C PHE D 370 -6.88 38.93 31.43
N GLU D 371 -6.02 39.66 32.16
CA GLU D 371 -6.46 40.47 33.31
C GLU D 371 -7.55 41.45 32.92
N LEU D 372 -7.36 42.11 31.79
CA LEU D 372 -8.42 42.96 31.24
C LEU D 372 -9.70 42.23 30.83
N ILE D 373 -9.58 41.27 29.90
CA ILE D 373 -10.79 40.74 29.27
C ILE D 373 -11.59 39.88 30.21
N VAL D 374 -10.87 39.04 30.92
CA VAL D 374 -11.52 38.06 31.78
C VAL D 374 -12.34 38.79 32.90
N ASN D 375 -11.86 39.94 33.35
CA ASN D 375 -12.54 40.68 34.45
C ASN D 375 -13.56 41.66 33.93
N HIS D 376 -13.66 41.78 32.62
CA HIS D 376 -14.54 42.74 32.00
C HIS D 376 -15.20 42.16 30.68
N SER D 377 -16.03 41.13 30.86
CA SER D 377 -16.61 40.40 29.75
C SER D 377 -17.87 39.67 30.21
N GLY D 378 -18.84 39.52 29.28
CA GLY D 378 -20.14 38.86 29.57
C GLY D 378 -20.12 37.40 29.11
N GLU D 379 -21.18 36.68 29.42
CA GLU D 379 -21.32 35.29 29.08
C GLU D 379 -22.01 35.12 27.73
N LYS D 380 -22.51 36.23 27.16
CA LYS D 380 -23.33 36.20 25.95
C LYS D 380 -22.87 37.28 25.03
N LEU D 381 -22.72 36.94 23.74
CA LEU D 381 -22.24 37.86 22.74
C LEU D 381 -23.45 38.60 22.19
N VAL D 382 -23.37 39.91 21.97
CA VAL D 382 -24.51 40.56 21.37
C VAL D 382 -24.14 41.10 20.01
N LYS D 383 -25.16 41.48 19.26
CA LYS D 383 -24.97 42.10 17.97
C LYS D 383 -23.99 43.26 17.99
N THR D 384 -22.95 43.14 17.20
CA THR D 384 -21.88 44.11 17.17
C THR D 384 -21.46 44.24 15.72
N HIS D 385 -21.61 45.43 15.14
CA HIS D 385 -21.23 45.70 13.77
C HIS D 385 -20.12 46.75 13.81
N VAL D 386 -19.00 46.47 13.15
CA VAL D 386 -17.85 47.36 13.19
C VAL D 386 -17.54 47.86 11.79
N GLU D 387 -17.45 49.18 11.62
CA GLU D 387 -16.83 49.81 10.42
C GLU D 387 -15.32 50.03 10.72
N SER D 388 -14.44 49.56 9.84
CA SER D 388 -13.00 49.78 10.02
C SER D 388 -12.29 49.84 8.68
N GLU D 389 -11.28 50.70 8.60
CA GLU D 389 -10.35 50.63 7.50
C GLU D 389 -9.54 49.35 7.67
N THR D 390 -9.07 48.81 6.55
CA THR D 390 -8.33 47.56 6.57
C THR D 390 -6.96 47.75 5.90
N TYR D 391 -6.03 46.85 6.22
CA TYR D 391 -4.71 46.78 5.55
C TYR D 391 -4.34 45.35 5.09
N ASN D 392 -3.42 45.25 4.14
CA ASN D 392 -2.91 44.00 3.66
C ASN D 392 -1.52 43.88 4.13
N ILE D 393 -1.03 42.69 4.40
CA ILE D 393 0.34 42.59 4.83
C ILE D 393 0.99 41.26 4.44
N GLU D 394 2.28 41.31 4.14
CA GLU D 394 3.08 40.08 4.05
C GLU D 394 4.17 40.22 5.11
N GLY D 395 4.47 39.14 5.83
CA GLY D 395 5.45 39.17 6.94
C GLY D 395 6.04 37.82 7.26
N VAL D 396 6.69 37.72 8.42
CA VAL D 396 7.20 36.41 8.87
C VAL D 396 6.68 36.16 10.27
N MET D 397 6.65 34.88 10.68
CA MET D 397 6.12 34.55 11.99
C MET D 397 6.86 33.37 12.56
N PHE D 398 6.91 33.30 13.89
CA PHE D 398 7.36 32.09 14.57
C PHE D 398 8.89 31.97 14.52
N ILE D 399 9.43 30.95 15.16
CA ILE D 399 10.89 30.80 15.28
C ILE D 399 11.63 30.60 13.96
N ASN D 400 10.97 30.05 12.96
CA ASN D 400 11.69 29.74 11.72
C ASN D 400 11.34 30.79 10.68
N LYS D 401 10.73 31.88 11.14
CA LYS D 401 10.27 32.97 10.29
C LYS D 401 9.52 32.54 9.02
N MET D 402 8.48 31.68 9.16
CA MET D 402 7.59 31.34 8.07
C MET D 402 7.02 32.62 7.45
N PRO D 403 7.07 32.76 6.12
CA PRO D 403 6.30 33.85 5.50
C PRO D 403 4.81 33.61 5.60
N PHE D 404 4.05 34.70 5.67
CA PHE D 404 2.58 34.62 5.64
C PHE D 404 2.04 35.86 5.01
N SER D 405 0.78 35.81 4.63
CA SER D 405 0.10 37.04 4.25
C SER D 405 -1.30 37.07 4.86
N VAL D 406 -1.84 38.28 5.08
CA VAL D 406 -3.19 38.47 5.52
C VAL D 406 -3.74 39.57 4.62
N GLU D 407 -4.98 39.39 4.21
CA GLU D 407 -5.66 40.38 3.38
C GLU D 407 -6.77 41.04 4.20
N ASN D 408 -6.86 42.37 4.16
CA ASN D 408 -7.93 43.11 4.87
C ASN D 408 -8.05 42.89 6.37
N ALA D 409 -6.93 42.84 7.08
CA ALA D 409 -6.97 42.86 8.55
C ALA D 409 -7.51 44.22 8.99
N PRO D 410 -8.38 44.26 10.01
CA PRO D 410 -8.91 45.58 10.38
C PRO D 410 -7.96 46.33 11.33
N PHE D 411 -7.94 47.67 11.27
CA PHE D 411 -7.27 48.50 12.26
C PHE D 411 -8.09 48.53 13.56
N LEU D 412 -9.39 48.38 13.42
CA LEU D 412 -10.28 48.43 14.58
C LEU D 412 -11.11 47.15 14.59
N ASP D 413 -11.20 46.54 15.78
CA ASP D 413 -12.14 45.44 15.97
C ASP D 413 -12.79 45.53 17.37
N ALA D 414 -13.96 44.92 17.55
CA ALA D 414 -14.66 44.97 18.82
C ALA D 414 -15.55 43.76 18.99
N ALA D 415 -15.91 43.43 20.23
CA ALA D 415 -16.95 42.47 20.54
C ALA D 415 -17.69 42.97 21.78
N ALA D 416 -19.01 43.02 21.69
CA ALA D 416 -19.83 43.42 22.82
C ALA D 416 -20.47 42.20 23.43
N SER D 417 -20.40 42.11 24.77
CA SER D 417 -21.02 41.00 25.47
C SER D 417 -21.83 41.54 26.67
N ILE D 418 -22.77 40.73 27.14
CA ILE D 418 -23.58 41.04 28.32
C ILE D 418 -23.46 39.96 29.37
N SER D 419 -23.62 40.41 30.62
CA SER D 419 -23.60 39.52 31.77
C SER D 419 -24.81 38.60 31.70
N GLU D 420 -24.71 37.45 32.35
CA GLU D 420 -25.76 36.41 32.34
C GLU D 420 -27.07 36.99 32.86
N ASP D 421 -27.04 37.76 33.95
CA ASP D 421 -28.25 38.38 34.49
C ASP D 421 -28.87 39.46 33.57
N GLY D 422 -28.05 40.15 32.79
CA GLY D 422 -28.54 41.09 31.76
C GLY D 422 -28.33 42.54 32.21
N LYS D 423 -27.73 42.69 33.40
CA LYS D 423 -27.55 44.00 34.05
C LYS D 423 -26.39 44.82 33.44
N LYS D 424 -25.41 44.11 32.85
CA LYS D 424 -24.12 44.69 32.47
C LYS D 424 -23.76 44.42 31.00
N LEU D 425 -23.22 45.46 30.35
CA LEU D 425 -22.78 45.42 28.97
C LEU D 425 -21.27 45.69 28.99
N PHE D 426 -20.54 44.95 28.13
CA PHE D 426 -19.12 45.17 27.94
C PHE D 426 -18.75 45.28 26.48
N ILE D 427 -18.14 46.39 26.10
CA ILE D 427 -17.75 46.52 24.73
C ILE D 427 -16.23 46.54 24.69
N ALA D 428 -15.65 45.42 24.23
CA ALA D 428 -14.20 45.29 24.07
C ALA D 428 -13.78 45.82 22.71
N VAL D 429 -12.73 46.64 22.69
CA VAL D 429 -12.31 47.30 21.50
C VAL D 429 -10.78 47.24 21.40
N VAL D 430 -10.28 46.77 20.24
CA VAL D 430 -8.87 46.78 20.01
C VAL D 430 -8.66 47.82 18.98
N ASN D 431 -7.80 48.79 19.29
CA ASN D 431 -7.28 49.66 18.25
C ASN D 431 -5.87 49.19 17.88
N TYR D 432 -5.71 48.62 16.68
CA TYR D 432 -4.44 48.04 16.27
C TYR D 432 -3.52 49.12 15.70
N ARG D 433 -4.09 50.29 15.44
CA ARG D 433 -3.33 51.39 14.80
C ARG D 433 -2.11 51.67 15.60
N LYS D 434 -0.96 51.66 14.95
CA LYS D 434 0.29 51.86 15.64
C LYS D 434 0.55 53.34 16.04
N GLU D 435 0.07 54.30 15.24
CA GLU D 435 0.46 55.72 15.49
C GLU D 435 -0.64 56.64 15.93
N ASP D 436 -1.88 56.29 15.64
CA ASP D 436 -2.93 57.25 15.77
C ASP D 436 -4.02 56.80 16.65
N ALA D 437 -4.42 57.68 17.58
CA ALA D 437 -5.62 57.52 18.33
C ALA D 437 -6.80 57.47 17.34
N LEU D 438 -7.85 56.73 17.66
CA LEU D 438 -9.04 56.77 16.82
C LEU D 438 -10.21 57.25 17.58
N LYS D 439 -10.85 58.27 17.02
CA LYS D 439 -12.03 58.83 17.59
C LYS D 439 -13.20 58.06 16.95
N VAL D 440 -13.95 57.31 17.74
CA VAL D 440 -14.90 56.36 17.16
C VAL D 440 -16.33 56.67 17.59
N PRO D 441 -17.23 56.83 16.60
CA PRO D 441 -18.61 57.00 17.03
C PRO D 441 -19.20 55.64 17.39
N ILE D 442 -19.91 55.57 18.51
CA ILE D 442 -20.51 54.34 18.94
C ILE D 442 -22.02 54.54 19.12
N ARG D 443 -22.79 53.57 18.68
CA ARG D 443 -24.20 53.59 18.93
C ARG D 443 -24.55 52.30 19.71
N VAL D 444 -25.41 52.42 20.71
CA VAL D 444 -25.87 51.28 21.52
C VAL D 444 -27.37 51.44 21.63
N GLU D 445 -28.11 50.53 20.97
CA GLU D 445 -29.54 50.65 20.75
C GLU D 445 -30.27 50.77 22.06
N GLY D 446 -31.17 51.75 22.12
CA GLY D 446 -32.03 51.91 23.30
C GLY D 446 -31.36 52.15 24.64
N LEU D 447 -30.13 52.66 24.65
CA LEU D 447 -29.42 52.89 25.92
C LEU D 447 -29.71 54.33 26.41
N GLY D 448 -29.96 54.53 27.71
CA GLY D 448 -30.16 55.92 28.23
C GLY D 448 -28.86 56.71 28.22
N GLN D 449 -28.86 57.96 28.72
CA GLN D 449 -27.61 58.62 29.14
C GLN D 449 -27.23 57.92 30.43
N LYS D 450 -25.93 57.54 30.58
CA LYS D 450 -25.41 57.01 31.86
C LYS D 450 -23.93 57.37 32.00
N LYS D 451 -23.42 57.19 33.22
CA LYS D 451 -21.99 57.06 33.42
C LYS D 451 -21.59 55.56 33.19
N ALA D 452 -20.41 55.41 32.60
CA ALA D 452 -19.84 54.10 32.38
C ALA D 452 -18.38 54.28 32.70
N THR D 453 -17.67 53.16 32.82
CA THR D 453 -16.23 53.10 33.07
C THR D 453 -15.53 52.39 31.90
N VAL D 454 -14.38 52.93 31.49
CA VAL D 454 -13.67 52.37 30.38
C VAL D 454 -12.37 51.89 30.98
N TYR D 455 -12.07 50.60 30.82
CA TYR D 455 -10.79 50.07 31.25
C TYR D 455 -9.89 49.93 30.05
N THR D 456 -8.64 50.39 30.14
CA THR D 456 -7.78 50.53 28.96
C THR D 456 -6.43 49.94 29.26
N LEU D 457 -5.95 49.09 28.34
CA LEU D 457 -4.62 48.48 28.46
C LEU D 457 -3.76 48.99 27.31
N THR D 458 -2.68 49.66 27.67
CA THR D 458 -1.67 50.09 26.71
C THR D 458 -0.41 50.49 27.48
N GLY D 459 0.47 51.26 26.85
CA GLY D 459 1.77 51.54 27.43
C GLY D 459 2.36 52.65 26.61
N PRO D 460 3.62 53.04 26.90
CA PRO D 460 4.25 54.22 26.24
C PRO D 460 4.66 53.98 24.80
N ASP D 461 5.11 52.76 24.50
CA ASP D 461 5.41 52.31 23.14
C ASP D 461 5.12 50.79 22.92
N VAL D 462 5.15 50.36 21.67
CA VAL D 462 4.72 49.00 21.31
C VAL D 462 5.70 47.97 21.86
N ASN D 463 6.91 48.41 22.21
CA ASN D 463 7.92 47.54 22.79
C ASN D 463 8.03 47.60 24.32
N ALA D 464 7.03 48.19 24.97
CA ALA D 464 7.05 48.38 26.42
C ALA D 464 6.88 47.06 27.17
N ARG D 465 7.61 46.90 28.27
CA ARG D 465 7.60 45.71 29.13
C ARG D 465 7.42 46.13 30.58
N ASN D 466 6.92 45.22 31.43
CA ASN D 466 7.00 45.38 32.86
C ASN D 466 8.25 44.66 33.34
N THR D 467 8.82 45.14 34.44
CA THR D 467 10.04 44.55 35.01
C THR D 467 9.81 44.46 36.53
N MET D 468 10.75 43.83 37.23
CA MET D 468 10.73 43.80 38.71
C MET D 468 10.78 45.24 39.28
N GLU D 469 11.70 46.06 38.75
CA GLU D 469 11.90 47.46 39.14
C GLU D 469 10.67 48.33 38.80
N ASN D 470 10.12 48.18 37.58
CA ASN D 470 8.92 48.91 37.16
C ASN D 470 7.84 47.93 36.70
N PRO D 471 6.96 47.53 37.62
CA PRO D 471 5.99 46.48 37.32
C PRO D 471 4.68 46.96 36.68
N ASN D 472 4.56 48.25 36.36
CA ASN D 472 3.29 48.81 35.90
C ASN D 472 3.41 49.70 34.69
N VAL D 473 4.53 49.59 34.00
CA VAL D 473 4.66 50.30 32.74
C VAL D 473 3.43 50.02 31.86
N VAL D 474 3.02 48.75 31.81
CA VAL D 474 1.95 48.31 30.95
C VAL D 474 0.90 47.79 31.90
N ASP D 475 -0.19 48.53 32.00
CA ASP D 475 -1.17 48.19 33.02
C ASP D 475 -2.50 48.69 32.54
N ILE D 476 -3.53 48.30 33.26
CA ILE D 476 -4.91 48.68 32.96
C ILE D 476 -5.28 49.94 33.77
N THR D 477 -5.63 51.04 33.09
CA THR D 477 -6.06 52.24 33.78
C THR D 477 -7.54 52.35 33.52
N SER D 478 -8.24 53.08 34.39
CA SER D 478 -9.65 53.31 34.18
C SER D 478 -10.00 54.79 34.13
N GLU D 479 -11.13 55.10 33.49
CA GLU D 479 -11.58 56.47 33.33
C GLU D 479 -13.11 56.46 33.30
N THR D 480 -13.74 57.37 34.04
CA THR D 480 -15.22 57.48 34.02
C THR D 480 -15.58 58.30 32.78
N ILE D 481 -16.60 57.86 32.05
CA ILE D 481 -17.11 58.63 30.90
C ILE D 481 -18.60 58.58 30.96
N THR D 482 -19.23 59.46 30.19
CA THR D 482 -20.67 59.40 30.09
C THR D 482 -21.02 59.04 28.64
N VAL D 483 -22.06 58.25 28.57
CA VAL D 483 -22.37 57.39 27.47
C VAL D 483 -23.86 57.60 27.23
N ASP D 484 -24.31 57.32 25.99
CA ASP D 484 -25.70 57.53 25.56
C ASP D 484 -25.98 56.63 24.32
N THR D 485 -27.24 56.60 23.83
CA THR D 485 -27.56 55.85 22.61
C THR D 485 -26.53 56.06 21.49
N GLU D 486 -25.99 57.27 21.37
CA GLU D 486 -24.84 57.54 20.51
C GLU D 486 -23.84 58.34 21.32
N PHE D 487 -22.56 58.00 21.24
CA PHE D 487 -21.52 58.79 21.91
C PHE D 487 -20.23 58.56 21.16
N GLU D 488 -19.15 59.16 21.64
CA GLU D 488 -17.86 58.98 21.00
C GLU D 488 -16.84 58.70 22.08
N HIS D 489 -15.72 58.08 21.65
CA HIS D 489 -14.61 57.80 22.55
C HIS D 489 -13.38 57.68 21.73
N THR D 490 -12.28 58.11 22.31
CA THR D 490 -11.01 58.10 21.61
C THR D 490 -10.17 56.93 22.11
N PHE D 491 -9.85 56.01 21.20
CA PHE D 491 -9.11 54.79 21.58
C PHE D 491 -7.67 55.03 21.28
N LYS D 492 -6.84 54.94 22.29
CA LYS D 492 -5.45 55.22 22.06
C LYS D 492 -4.90 54.16 21.08
N PRO D 493 -3.83 54.51 20.36
CA PRO D 493 -3.16 53.55 19.47
C PRO D 493 -2.65 52.38 20.27
N PHE D 494 -2.30 51.29 19.56
CA PHE D 494 -1.90 49.99 20.17
C PHE D 494 -2.47 49.79 21.55
N SER D 495 -3.82 49.81 21.61
CA SER D 495 -4.53 49.62 22.88
C SER D 495 -5.67 48.63 22.80
N CYS D 496 -6.00 48.03 23.93
CA CYS D 496 -7.28 47.36 24.09
C CYS D 496 -8.07 47.98 25.24
N SER D 497 -9.32 48.33 24.96
CA SER D 497 -10.22 48.90 25.99
C SER D 497 -11.54 48.14 26.17
N VAL D 498 -12.05 48.07 27.40
CA VAL D 498 -13.40 47.59 27.59
C VAL D 498 -14.28 48.69 28.19
N ILE D 499 -15.24 49.14 27.40
CA ILE D 499 -16.28 49.99 27.94
C ILE D 499 -17.34 49.20 28.69
N GLU D 500 -17.34 49.37 30.00
CA GLU D 500 -18.25 48.67 30.90
C GLU D 500 -19.44 49.57 31.26
N VAL D 501 -20.65 49.10 30.93
CA VAL D 501 -21.87 49.92 31.01
C VAL D 501 -22.97 49.28 31.83
N GLU D 502 -23.50 50.12 32.75
CA GLU D 502 -24.84 50.05 33.39
C GLU D 502 -24.85 49.23 34.67
N SER E 22 -40.87 -41.55 0.53
CA SER E 22 -40.62 -40.10 0.81
C SER E 22 -39.83 -39.76 2.12
N TYR E 23 -39.97 -40.59 3.17
CA TYR E 23 -39.04 -40.53 4.32
C TYR E 23 -38.48 -41.91 4.59
N GLY E 24 -37.25 -42.00 5.06
CA GLY E 24 -36.65 -43.33 5.31
C GLY E 24 -35.25 -43.18 5.84
N ILE E 25 -34.81 -44.15 6.65
CA ILE E 25 -33.48 -44.16 7.21
C ILE E 25 -32.90 -45.55 7.03
N VAL E 26 -31.67 -45.67 6.52
CA VAL E 26 -31.04 -46.97 6.40
C VAL E 26 -29.69 -46.86 7.10
N VAL E 27 -29.37 -47.84 7.95
CA VAL E 27 -28.18 -47.83 8.76
C VAL E 27 -27.37 -49.14 8.59
N ASP E 28 -26.05 -49.03 8.55
CA ASP E 28 -25.25 -50.21 8.51
C ASP E 28 -24.19 -50.10 9.60
N PRO E 29 -24.46 -50.76 10.72
CA PRO E 29 -23.63 -50.71 11.90
C PRO E 29 -22.29 -51.33 11.69
N LYS E 30 -22.11 -52.02 10.55
CA LYS E 30 -20.82 -52.66 10.23
C LYS E 30 -19.88 -51.75 9.39
N GLU E 31 -20.46 -50.79 8.71
CA GLU E 31 -19.69 -49.83 7.96
C GLU E 31 -19.43 -48.50 8.81
N VAL E 32 -18.24 -48.46 9.40
CA VAL E 32 -17.78 -47.34 10.20
C VAL E 32 -17.28 -46.26 9.24
N VAL E 33 -17.98 -45.12 9.18
CA VAL E 33 -17.54 -44.01 8.32
C VAL E 33 -16.29 -43.37 8.94
N LYS E 34 -16.37 -42.91 10.19
CA LYS E 34 -15.26 -42.18 10.83
C LYS E 34 -15.46 -42.11 12.35
N PRO E 35 -14.40 -41.87 13.10
CA PRO E 35 -14.64 -41.58 14.53
C PRO E 35 -15.51 -40.31 14.72
N ILE E 36 -16.10 -40.16 15.91
CA ILE E 36 -16.76 -38.89 16.25
C ILE E 36 -15.90 -38.22 17.30
N SER E 37 -15.40 -37.00 17.05
CA SER E 37 -14.54 -36.32 18.01
C SER E 37 -15.37 -36.07 19.27
N ARG E 38 -14.84 -36.44 20.42
CA ARG E 38 -15.61 -36.29 21.65
C ARG E 38 -15.65 -34.83 22.04
N HIS E 39 -14.85 -34.02 21.38
CA HIS E 39 -14.82 -32.61 21.70
C HIS E 39 -15.89 -31.76 20.99
N ILE E 40 -16.79 -32.39 20.20
CA ILE E 40 -17.88 -31.62 19.63
C ILE E 40 -18.93 -31.20 20.68
N TYR E 41 -18.85 -31.77 21.91
CA TYR E 41 -19.84 -31.50 22.97
C TYR E 41 -19.32 -30.47 23.97
N GLY E 42 -18.35 -29.66 23.55
CA GLY E 42 -17.68 -28.73 24.48
C GLY E 42 -18.56 -27.58 24.92
N HIS E 43 -18.14 -26.89 25.98
CA HIS E 43 -18.90 -25.79 26.57
C HIS E 43 -18.01 -24.54 26.83
N PHE E 44 -18.59 -23.46 27.34
CA PHE E 44 -17.86 -22.22 27.43
C PHE E 44 -18.50 -21.41 28.53
N THR E 45 -17.64 -20.87 29.41
CA THR E 45 -18.09 -19.99 30.49
C THR E 45 -17.24 -18.73 30.42
N GLU E 46 -17.87 -17.62 30.07
CA GLU E 46 -17.19 -16.35 30.06
C GLU E 46 -17.45 -15.62 31.37
N HIS E 47 -16.55 -14.69 31.74
CA HIS E 47 -16.88 -13.67 32.77
C HIS E 47 -17.86 -12.61 32.26
N LEU E 48 -19.12 -13.01 32.12
CA LEU E 48 -20.12 -12.15 31.55
C LEU E 48 -21.32 -12.28 32.46
N GLY E 49 -21.80 -11.16 33.00
CA GLY E 49 -23.01 -11.19 33.87
C GLY E 49 -22.96 -12.29 34.93
N ARG E 50 -23.95 -13.17 34.96
CA ARG E 50 -24.00 -14.11 36.05
C ARG E 50 -23.52 -15.48 35.65
N CYS E 51 -22.72 -15.57 34.58
CA CYS E 51 -22.23 -16.86 34.14
C CYS E 51 -21.34 -17.50 35.20
N ILE E 52 -20.33 -16.76 35.63
CA ILE E 52 -19.42 -17.23 36.66
C ILE E 52 -20.01 -16.86 38.02
N TYR E 53 -20.11 -15.55 38.29
CA TYR E 53 -20.52 -15.06 39.63
C TYR E 53 -22.03 -15.16 39.77
N GLY E 54 -22.48 -16.09 40.59
CA GLY E 54 -23.90 -16.39 40.66
C GLY E 54 -24.35 -17.52 39.72
N GLY E 55 -23.42 -18.04 38.92
CA GLY E 55 -23.71 -19.15 38.05
C GLY E 55 -23.01 -20.36 38.62
N ILE E 56 -21.76 -20.59 38.19
CA ILE E 56 -21.05 -21.79 38.60
C ILE E 56 -20.40 -21.56 39.95
N TYR E 57 -20.31 -20.29 40.36
CA TYR E 57 -19.46 -19.89 41.50
C TYR E 57 -20.20 -18.85 42.31
N GLU E 58 -20.36 -19.12 43.59
CA GLU E 58 -21.09 -18.18 44.44
C GLU E 58 -20.64 -18.43 45.89
N GLU E 59 -19.73 -17.59 46.33
CA GLU E 59 -19.12 -17.68 47.65
C GLU E 59 -20.20 -17.46 48.69
N GLY E 60 -20.18 -18.34 49.70
CA GLY E 60 -21.13 -18.20 50.83
C GLY E 60 -22.60 -18.50 50.58
N SER E 61 -22.94 -19.10 49.42
CA SER E 61 -24.32 -19.49 49.17
C SER E 61 -24.61 -20.79 49.93
N PRO E 62 -25.82 -20.93 50.52
CA PRO E 62 -26.18 -22.21 51.14
C PRO E 62 -26.10 -23.35 50.12
N LEU E 63 -26.20 -23.03 48.82
CA LEU E 63 -26.09 -24.03 47.76
C LEU E 63 -24.67 -24.34 47.28
N SER E 64 -23.66 -23.68 47.87
CA SER E 64 -22.26 -23.83 47.42
C SER E 64 -21.36 -24.71 48.32
N ASP E 65 -20.38 -25.37 47.73
CA ASP E 65 -19.46 -26.16 48.53
C ASP E 65 -18.36 -25.25 49.10
N GLU E 66 -17.36 -25.84 49.71
CA GLU E 66 -16.31 -25.11 50.39
C GLU E 66 -15.45 -24.24 49.40
N ARG E 67 -15.38 -24.66 48.13
CA ARG E 67 -14.66 -23.91 47.11
C ARG E 67 -15.49 -22.78 46.52
N GLY E 68 -16.77 -22.72 46.86
CA GLY E 68 -17.66 -21.71 46.33
C GLY E 68 -18.40 -22.20 45.09
N PHE E 69 -18.20 -23.46 44.70
CA PHE E 69 -18.92 -24.02 43.52
C PHE E 69 -20.38 -24.27 43.87
N ARG E 70 -21.33 -23.63 43.19
CA ARG E 70 -22.76 -24.01 43.32
C ARG E 70 -22.96 -25.54 43.05
N LYS E 71 -23.40 -26.26 44.07
CA LYS E 71 -23.51 -27.76 44.00
C LYS E 71 -24.61 -28.26 43.07
N ASP E 72 -25.73 -27.56 43.03
CA ASP E 72 -26.79 -27.88 42.11
C ASP E 72 -26.30 -27.72 40.65
N VAL E 73 -25.58 -26.62 40.37
CA VAL E 73 -25.01 -26.43 39.03
C VAL E 73 -24.01 -27.53 38.75
N LEU E 74 -23.14 -27.81 39.70
CA LEU E 74 -22.15 -28.89 39.52
C LEU E 74 -22.82 -30.18 39.06
N GLU E 75 -23.93 -30.53 39.73
CA GLU E 75 -24.63 -31.79 39.43
C GLU E 75 -25.14 -31.75 37.99
N ALA E 76 -25.85 -30.69 37.62
CA ALA E 76 -26.37 -30.49 36.24
C ALA E 76 -25.24 -30.55 35.21
N VAL E 77 -24.08 -29.99 35.55
CA VAL E 77 -22.97 -30.03 34.62
C VAL E 77 -22.32 -31.43 34.52
N LYS E 78 -22.23 -32.17 35.64
CA LYS E 78 -21.58 -33.50 35.58
C LYS E 78 -22.39 -34.40 34.66
N ARG E 79 -23.68 -34.13 34.62
CA ARG E 79 -24.62 -34.93 33.92
C ARG E 79 -24.47 -34.84 32.42
N ILE E 80 -23.94 -33.72 31.91
CA ILE E 80 -23.65 -33.60 30.48
C ILE E 80 -22.19 -33.87 30.05
N LYS E 81 -21.36 -34.35 30.99
CA LYS E 81 -20.11 -34.99 30.59
C LYS E 81 -19.25 -34.10 29.69
N VAL E 82 -19.04 -32.89 30.17
CA VAL E 82 -18.27 -31.88 29.48
C VAL E 82 -16.91 -32.39 29.10
N PRO E 83 -16.63 -32.45 27.81
CA PRO E 83 -15.31 -32.92 27.41
C PRO E 83 -14.24 -31.85 27.49
N ASN E 84 -14.61 -30.59 27.24
CA ASN E 84 -13.68 -29.46 27.42
C ASN E 84 -14.47 -28.18 27.67
N LEU E 85 -13.84 -27.25 28.38
CA LEU E 85 -14.55 -26.06 28.87
C LEU E 85 -13.69 -24.85 28.50
N ARG E 86 -14.26 -23.93 27.72
CA ARG E 86 -13.53 -22.74 27.25
C ARG E 86 -13.71 -21.62 28.26
N TRP E 87 -12.63 -20.86 28.54
CA TRP E 87 -12.69 -19.76 29.55
C TRP E 87 -11.46 -18.87 29.27
N PRO E 88 -11.49 -17.57 29.59
CA PRO E 88 -12.52 -16.83 30.27
C PRO E 88 -13.33 -15.95 29.37
N GLY E 89 -13.11 -16.04 28.08
CA GLY E 89 -13.87 -15.29 27.07
C GLY E 89 -13.57 -15.74 25.64
N GLY E 90 -14.27 -15.16 24.64
CA GLY E 90 -15.24 -14.09 24.87
C GLY E 90 -14.59 -12.68 24.88
N ASN E 91 -15.37 -11.67 24.59
CA ASN E 91 -14.95 -10.26 24.61
C ASN E 91 -14.14 -9.95 25.84
N PHE E 92 -14.49 -10.62 26.96
CA PHE E 92 -13.87 -10.35 28.24
C PHE E 92 -12.35 -10.56 28.16
N VAL E 93 -11.92 -11.64 27.49
CA VAL E 93 -10.50 -12.03 27.58
C VAL E 93 -9.59 -11.00 26.90
N SER E 94 -10.14 -10.17 26.01
CA SER E 94 -9.32 -9.24 25.24
C SER E 94 -8.96 -8.00 26.08
N ASN E 95 -9.48 -7.87 27.32
CA ASN E 95 -8.90 -6.93 28.25
C ASN E 95 -8.62 -7.55 29.62
N TYR E 96 -8.29 -8.84 29.64
CA TYR E 96 -8.07 -9.56 30.88
C TYR E 96 -6.60 -9.87 31.12
N HIS E 97 -6.08 -9.46 32.27
CA HIS E 97 -4.70 -9.78 32.59
C HIS E 97 -4.71 -10.89 33.62
N TRP E 98 -4.28 -12.08 33.20
CA TRP E 98 -4.49 -13.27 34.01
C TRP E 98 -3.76 -13.19 35.36
N GLU E 99 -2.71 -12.39 35.49
CA GLU E 99 -2.01 -12.37 36.79
C GLU E 99 -2.83 -11.65 37.82
N ASP E 100 -3.88 -10.95 37.38
CA ASP E 100 -4.81 -10.33 38.32
C ASP E 100 -5.67 -11.38 39.03
N GLY E 101 -5.62 -12.63 38.58
CA GLY E 101 -6.57 -13.66 39.03
C GLY E 101 -5.95 -14.84 39.76
N ILE E 102 -4.74 -14.66 40.29
CA ILE E 102 -4.06 -15.77 40.98
C ILE E 102 -3.53 -15.26 42.30
N GLY E 103 -3.22 -16.18 43.22
CA GLY E 103 -2.83 -15.75 44.54
C GLY E 103 -3.96 -15.64 45.53
N PRO E 104 -3.63 -15.32 46.78
CA PRO E 104 -4.67 -15.21 47.80
C PRO E 104 -5.79 -14.29 47.30
N LYS E 105 -7.03 -14.79 47.32
CA LYS E 105 -8.17 -14.01 46.86
C LYS E 105 -8.27 -12.58 47.40
N ASP E 106 -7.88 -12.36 48.66
CA ASP E 106 -8.16 -11.07 49.29
C ASP E 106 -7.22 -10.04 48.75
N GLN E 107 -6.15 -10.49 48.10
CA GLN E 107 -5.10 -9.61 47.54
C GLN E 107 -5.25 -9.34 46.04
N ARG E 108 -6.26 -9.94 45.41
CA ARG E 108 -6.48 -9.82 43.97
C ARG E 108 -7.12 -8.47 43.68
N PRO E 109 -6.60 -7.75 42.65
CA PRO E 109 -7.05 -6.37 42.38
C PRO E 109 -8.45 -6.38 41.74
N VAL E 110 -9.32 -5.42 42.09
CA VAL E 110 -10.57 -5.18 41.38
C VAL E 110 -10.24 -4.40 40.07
N ARG E 111 -10.76 -4.88 38.93
CA ARG E 111 -10.54 -4.28 37.63
C ARG E 111 -11.86 -3.88 37.03
N PHE E 112 -11.82 -2.90 36.17
CA PHE E 112 -13.00 -2.57 35.43
C PHE E 112 -12.95 -3.31 34.08
N ASP E 113 -13.90 -4.22 33.86
CA ASP E 113 -13.89 -4.96 32.62
C ASP E 113 -14.57 -4.13 31.55
N LEU E 114 -13.83 -3.80 30.48
CA LEU E 114 -14.35 -2.99 29.39
C LEU E 114 -15.47 -3.67 28.56
N ALA E 115 -15.41 -4.99 28.47
CA ALA E 115 -16.33 -5.72 27.57
C ALA E 115 -17.77 -5.62 28.09
N TRP E 116 -17.97 -5.81 29.39
CA TRP E 116 -19.32 -5.87 29.95
C TRP E 116 -19.58 -4.81 30.99
N GLN E 117 -18.56 -3.97 31.24
CA GLN E 117 -18.64 -2.76 32.09
C GLN E 117 -19.02 -3.07 33.52
N GLN E 118 -18.19 -3.88 34.16
CA GLN E 118 -18.48 -4.29 35.51
C GLN E 118 -17.17 -4.25 36.26
N GLU E 119 -17.27 -4.24 37.60
CA GLU E 119 -16.10 -4.42 38.44
C GLU E 119 -15.88 -5.92 38.56
N GLU E 120 -14.74 -6.38 38.06
CA GLU E 120 -14.34 -7.77 38.16
C GLU E 120 -13.45 -7.90 39.37
N THR E 121 -13.84 -8.78 40.30
CA THR E 121 -13.14 -8.93 41.60
C THR E 121 -11.99 -9.88 41.40
N ASN E 122 -12.03 -10.63 40.30
CA ASN E 122 -11.02 -11.63 40.07
C ASN E 122 -10.95 -12.73 41.13
N ARG E 123 -12.02 -12.85 41.94
CA ARG E 123 -11.99 -13.97 42.90
C ARG E 123 -12.18 -15.36 42.26
N PHE E 124 -12.60 -15.41 40.98
CA PHE E 124 -12.50 -16.60 40.21
C PHE E 124 -11.41 -16.35 39.13
N GLY E 125 -10.37 -17.15 39.13
CA GLY E 125 -9.22 -16.93 38.29
C GLY E 125 -8.69 -18.30 37.90
N THR E 126 -7.45 -18.35 37.43
CA THR E 126 -6.99 -19.55 36.74
C THR E 126 -7.08 -20.81 37.61
N ASP E 127 -6.60 -20.74 38.86
CA ASP E 127 -6.57 -21.89 39.75
C ASP E 127 -8.00 -22.37 40.05
N GLU E 128 -8.93 -21.44 40.31
CA GLU E 128 -10.34 -21.85 40.47
C GLU E 128 -10.91 -22.45 39.18
N PHE E 129 -10.53 -21.87 38.05
CA PHE E 129 -11.01 -22.42 36.78
C PHE E 129 -10.54 -23.86 36.58
N ILE E 130 -9.25 -24.13 36.78
CA ILE E 130 -8.72 -25.48 36.59
C ILE E 130 -9.33 -26.47 37.58
N GLU E 131 -9.45 -26.04 38.84
CA GLU E 131 -10.12 -26.85 39.86
C GLU E 131 -11.58 -27.23 39.41
N TYR E 132 -12.29 -26.28 38.83
CA TYR E 132 -13.64 -26.56 38.34
C TYR E 132 -13.58 -27.58 37.19
N CYS E 133 -12.61 -27.44 36.30
CA CYS E 133 -12.45 -28.42 35.23
C CYS E 133 -12.16 -29.83 35.78
N ARG E 134 -11.24 -29.92 36.75
CA ARG E 134 -10.90 -31.23 37.34
C ARG E 134 -12.16 -31.85 37.95
N GLU E 135 -12.88 -31.02 38.71
CA GLU E 135 -14.13 -31.45 39.31
C GLU E 135 -15.12 -32.10 38.33
N ILE E 136 -15.35 -31.48 37.16
CA ILE E 136 -16.33 -32.01 36.21
C ILE E 136 -15.71 -32.96 35.22
N GLY E 137 -14.39 -33.16 35.32
CA GLY E 137 -13.68 -34.03 34.37
C GLY E 137 -13.47 -33.44 32.95
N ALA E 138 -13.39 -32.11 32.82
CA ALA E 138 -13.30 -31.44 31.47
C ALA E 138 -11.89 -30.99 31.27
N GLU E 139 -11.45 -31.06 30.02
CA GLU E 139 -10.19 -30.43 29.59
C GLU E 139 -10.30 -28.91 29.57
N PRO E 140 -9.38 -28.24 30.22
CA PRO E 140 -9.49 -26.80 30.13
C PRO E 140 -9.10 -26.25 28.73
N TYR E 141 -9.82 -25.26 28.24
CA TYR E 141 -9.49 -24.59 26.98
C TYR E 141 -9.41 -23.07 27.29
N ILE E 142 -8.20 -22.54 27.35
CA ILE E 142 -8.00 -21.14 27.79
C ILE E 142 -7.76 -20.28 26.55
N SER E 143 -8.44 -19.11 26.49
CA SER E 143 -8.24 -18.11 25.43
C SER E 143 -7.27 -17.11 25.96
N ILE E 144 -6.41 -16.57 25.12
CA ILE E 144 -5.47 -15.57 25.64
C ILE E 144 -5.95 -14.17 25.24
N ASN E 145 -5.32 -13.17 25.85
CA ASN E 145 -5.69 -11.76 25.61
C ASN E 145 -4.73 -11.21 24.58
N MET E 146 -5.19 -10.97 23.35
CA MET E 146 -4.38 -10.32 22.32
C MET E 146 -4.76 -8.84 22.12
N GLY E 147 -5.75 -8.35 22.86
CA GLY E 147 -6.20 -6.96 22.77
C GLY E 147 -5.25 -6.05 23.54
N THR E 148 -5.14 -6.23 24.86
CA THR E 148 -4.23 -5.42 25.66
C THR E 148 -3.11 -6.31 26.12
N GLY E 149 -3.14 -7.63 25.81
CA GLY E 149 -2.07 -8.54 26.19
C GLY E 149 -0.82 -8.50 25.31
N THR E 150 0.24 -9.24 25.69
CA THR E 150 1.49 -9.25 24.94
C THR E 150 1.88 -10.70 24.79
N LEU E 151 2.84 -10.98 23.92
CA LEU E 151 3.42 -12.31 23.81
C LEU E 151 3.97 -12.82 25.14
N ASP E 152 4.74 -11.96 25.83
CA ASP E 152 5.34 -12.34 27.12
C ASP E 152 4.25 -12.82 28.10
N GLU E 153 3.14 -12.08 28.13
CA GLU E 153 2.05 -12.36 29.05
C GLU E 153 1.43 -13.73 28.76
N ALA E 154 1.28 -14.09 27.47
CA ALA E 154 0.67 -15.37 27.11
C ALA E 154 1.66 -16.47 27.43
N LEU E 155 2.94 -16.24 27.12
CA LEU E 155 3.95 -17.24 27.50
C LEU E 155 3.98 -17.44 29.00
N HIS E 156 3.83 -16.37 29.78
CA HIS E 156 3.80 -16.57 31.24
C HIS E 156 2.58 -17.40 31.73
N TRP E 157 1.42 -17.23 31.09
CA TRP E 157 0.25 -17.99 31.43
C TRP E 157 0.48 -19.48 31.09
N LEU E 158 1.08 -19.74 29.95
CA LEU E 158 1.37 -21.11 29.53
C LEU E 158 2.38 -21.73 30.50
N GLU E 159 3.44 -20.97 30.81
CA GLU E 159 4.48 -21.44 31.74
C GLU E 159 3.84 -21.80 33.08
N TYR E 160 3.00 -20.89 33.56
CA TYR E 160 2.32 -21.08 34.85
C TYR E 160 1.47 -22.32 34.84
N CYS E 161 0.74 -22.55 33.74
CA CYS E 161 -0.14 -23.70 33.63
C CYS E 161 0.63 -24.99 33.30
N ASN E 162 1.64 -24.93 32.44
CA ASN E 162 2.19 -26.14 31.86
C ASN E 162 3.64 -26.37 32.20
N GLY E 163 4.30 -25.38 32.82
CA GLY E 163 5.73 -25.50 33.12
C GLY E 163 6.07 -26.66 34.05
N LYS E 164 6.98 -27.54 33.60
CA LYS E 164 7.50 -28.68 34.43
C LYS E 164 8.79 -28.38 35.18
N GLY E 165 9.31 -27.16 35.05
CA GLY E 165 10.70 -26.87 35.44
C GLY E 165 10.83 -25.93 36.60
N ASN E 166 11.95 -25.23 36.67
CA ASN E 166 12.14 -24.25 37.74
C ASN E 166 11.93 -22.75 37.38
N THR E 167 11.21 -22.48 36.27
CA THR E 167 10.96 -21.07 35.85
C THR E 167 10.09 -20.41 36.87
N TYR E 168 10.22 -19.09 36.99
CA TYR E 168 9.38 -18.26 37.87
C TYR E 168 7.90 -18.62 37.90
N TYR E 169 7.27 -18.73 36.74
CA TYR E 169 5.82 -18.98 36.77
C TYR E 169 5.49 -20.43 37.06
N ALA E 170 6.34 -21.38 36.68
CA ALA E 170 6.06 -22.77 37.11
C ALA E 170 6.16 -22.85 38.65
N GLN E 171 7.17 -22.21 39.24
CA GLN E 171 7.34 -22.19 40.71
C GLN E 171 6.16 -21.47 41.38
N LEU E 172 5.68 -20.40 40.75
CA LEU E 172 4.55 -19.64 41.26
C LEU E 172 3.27 -20.55 41.31
N ARG E 173 3.08 -21.43 40.33
CA ARG E 173 1.95 -22.35 40.37
C ARG E 173 2.08 -23.26 41.61
N ARG E 174 3.28 -23.78 41.89
CA ARG E 174 3.53 -24.61 43.08
C ARG E 174 3.36 -23.78 44.36
N LYS E 175 3.85 -22.54 44.37
CA LYS E 175 3.74 -21.76 45.58
C LYS E 175 2.25 -21.58 45.98
N TYR E 176 1.36 -21.42 45.00
CA TYR E 176 -0.06 -21.28 45.31
C TYR E 176 -0.82 -22.64 45.47
N GLY E 177 -0.12 -23.78 45.46
CA GLY E 177 -0.75 -25.02 45.89
C GLY E 177 -0.75 -26.14 44.88
N HIS E 178 -0.16 -25.97 43.70
CA HIS E 178 -0.30 -27.01 42.71
C HIS E 178 1.01 -27.44 42.10
N PRO E 179 1.74 -28.33 42.83
CA PRO E 179 3.05 -28.74 42.33
C PRO E 179 2.97 -29.32 40.91
N GLU E 180 1.94 -30.08 40.62
CA GLU E 180 1.87 -30.71 39.30
C GLU E 180 1.37 -29.70 38.23
N PRO E 181 1.94 -29.76 37.04
CA PRO E 181 1.46 -28.87 35.99
C PRO E 181 0.03 -29.23 35.59
N TYR E 182 -0.72 -28.24 35.19
CA TYR E 182 -2.10 -28.45 34.75
C TYR E 182 -2.23 -29.08 33.36
N ASN E 183 -1.19 -28.97 32.54
CA ASN E 183 -1.25 -29.46 31.15
C ASN E 183 -2.49 -28.98 30.37
N VAL E 184 -2.70 -27.66 30.26
CA VAL E 184 -3.78 -27.16 29.42
C VAL E 184 -3.42 -27.47 27.96
N LYS E 185 -4.28 -28.21 27.25
CA LYS E 185 -3.96 -28.65 25.87
C LYS E 185 -4.48 -27.71 24.81
N PHE E 186 -5.59 -27.05 25.13
CA PHE E 186 -6.22 -26.19 24.15
C PHE E 186 -6.00 -24.71 24.48
N TRP E 187 -5.41 -23.97 23.53
CA TRP E 187 -5.17 -22.51 23.69
C TRP E 187 -5.79 -21.72 22.53
N GLY E 188 -6.58 -20.71 22.90
CA GLY E 188 -7.28 -19.90 21.95
C GLY E 188 -6.44 -18.64 21.68
N ILE E 189 -5.95 -18.49 20.45
CA ILE E 189 -5.01 -17.43 20.09
C ILE E 189 -5.80 -16.17 19.77
N GLY E 190 -6.29 -15.51 20.80
CA GLY E 190 -7.11 -14.31 20.61
C GLY E 190 -8.58 -14.66 20.53
N ASN E 191 -9.42 -13.62 20.62
CA ASN E 191 -10.86 -13.76 20.51
C ASN E 191 -11.44 -12.67 19.63
N GLU E 192 -12.16 -13.06 18.56
CA GLU E 192 -12.91 -12.18 17.67
C GLU E 192 -12.10 -10.90 17.37
N MET E 193 -10.83 -11.08 17.02
CA MET E 193 -9.95 -9.91 16.85
C MET E 193 -10.36 -9.07 15.64
N TYR E 194 -11.27 -9.59 14.79
CA TYR E 194 -11.71 -8.86 13.59
C TYR E 194 -12.77 -7.81 13.93
N GLY E 195 -13.47 -7.96 15.05
CA GLY E 195 -14.62 -7.12 15.33
C GLY E 195 -14.26 -5.84 16.04
N GLU E 196 -14.92 -4.78 15.63
CA GLU E 196 -14.60 -3.45 16.15
C GLU E 196 -15.10 -3.29 17.59
N TRP E 197 -15.97 -4.22 18.02
CA TRP E 197 -16.37 -4.25 19.42
C TRP E 197 -15.24 -4.83 20.31
N GLN E 198 -14.20 -5.43 19.74
CA GLN E 198 -13.20 -6.11 20.59
C GLN E 198 -12.13 -5.09 20.93
N VAL E 199 -11.70 -5.05 22.19
CA VAL E 199 -10.60 -4.24 22.61
C VAL E 199 -9.38 -4.65 21.77
N GLY E 200 -8.69 -3.66 21.14
CA GLY E 200 -7.44 -3.81 20.39
C GLY E 200 -7.66 -4.65 19.14
N HIS E 201 -8.80 -4.48 18.47
CA HIS E 201 -9.06 -5.24 17.29
C HIS E 201 -8.05 -4.92 16.18
N MET E 202 -7.96 -5.80 15.22
CA MET E 202 -6.82 -5.82 14.32
C MET E 202 -7.37 -6.00 12.93
N THR E 203 -6.59 -5.59 11.94
CA THR E 203 -6.87 -5.98 10.56
C THR E 203 -6.48 -7.45 10.37
N ALA E 204 -6.96 -8.05 9.29
CA ALA E 204 -6.60 -9.41 8.83
C ALA E 204 -5.09 -9.66 8.83
N ASP E 205 -4.33 -8.73 8.21
CA ASP E 205 -2.86 -8.80 8.18
C ASP E 205 -2.22 -8.71 9.54
N GLU E 206 -2.70 -7.80 10.40
CA GLU E 206 -2.13 -7.71 11.72
C GLU E 206 -2.41 -8.97 12.51
N TYR E 207 -3.65 -9.45 12.48
CA TYR E 207 -4.00 -10.60 13.27
C TYR E 207 -3.26 -11.85 12.73
N ALA E 208 -3.23 -12.03 11.41
CA ALA E 208 -2.53 -13.16 10.81
C ALA E 208 -1.08 -13.24 11.31
N ARG E 209 -0.33 -12.12 11.24
CA ARG E 209 1.09 -12.10 11.66
C ARG E 209 1.22 -12.35 13.16
N ALA E 210 0.29 -11.83 13.97
CA ALA E 210 0.32 -11.99 15.41
C ALA E 210 -0.05 -13.43 15.80
N ALA E 211 -1.02 -14.02 15.09
CA ALA E 211 -1.41 -15.40 15.37
C ALA E 211 -0.20 -16.34 15.15
N LYS E 212 0.50 -16.07 14.08
CA LYS E 212 1.72 -16.82 13.73
C LYS E 212 2.81 -16.60 14.83
N GLU E 213 3.07 -15.35 15.18
CA GLU E 213 4.02 -15.02 16.21
C GLU E 213 3.70 -15.70 17.54
N TYR E 214 2.52 -15.50 18.07
CA TYR E 214 2.16 -16.07 19.39
C TYR E 214 2.20 -17.63 19.36
N THR E 215 1.55 -18.23 18.36
CA THR E 215 1.52 -19.68 18.23
C THR E 215 2.89 -20.27 18.20
N LYS E 216 3.81 -19.71 17.39
CA LYS E 216 5.07 -20.42 17.22
C LYS E 216 5.88 -20.34 18.46
N TRP E 217 5.86 -19.20 19.15
CA TRP E 217 6.63 -19.14 20.39
C TRP E 217 5.93 -19.91 21.49
N MET E 218 4.62 -19.87 21.58
CA MET E 218 3.99 -20.74 22.56
C MET E 218 4.41 -22.22 22.31
N LYS E 219 4.49 -22.67 21.07
CA LYS E 219 4.86 -24.10 20.85
C LYS E 219 6.36 -24.39 21.02
N VAL E 220 7.19 -23.36 21.05
CA VAL E 220 8.58 -23.53 21.42
C VAL E 220 8.66 -23.92 22.91
N PHE E 221 7.85 -23.27 23.74
CA PHE E 221 7.79 -23.62 25.13
C PHE E 221 7.10 -24.99 25.36
N ASP E 222 5.99 -25.26 24.68
CA ASP E 222 5.22 -26.49 24.88
C ASP E 222 4.66 -26.93 23.54
N PRO E 223 5.42 -27.77 22.81
CA PRO E 223 4.99 -28.20 21.49
C PRO E 223 3.76 -29.11 21.48
N THR E 224 3.23 -29.50 22.65
CA THR E 224 2.13 -30.45 22.64
C THR E 224 0.80 -29.75 22.53
N ILE E 225 0.76 -28.43 22.72
CA ILE E 225 -0.51 -27.71 22.75
C ILE E 225 -1.16 -27.63 21.38
N LYS E 226 -2.45 -27.39 21.41
CA LYS E 226 -3.26 -27.15 20.21
C LYS E 226 -3.64 -25.68 20.18
N ALA E 227 -3.35 -25.01 19.06
CA ALA E 227 -3.65 -23.57 18.92
C ALA E 227 -4.87 -23.33 18.01
N ILE E 228 -5.88 -22.65 18.58
CA ILE E 228 -7.06 -22.26 17.83
C ILE E 228 -6.88 -20.80 17.42
N ALA E 229 -6.84 -20.55 16.12
CA ALA E 229 -6.72 -19.17 15.61
C ALA E 229 -8.10 -18.59 15.26
N VAL E 230 -8.25 -17.26 15.24
CA VAL E 230 -9.57 -16.66 15.04
C VAL E 230 -10.00 -16.66 13.56
N GLY E 231 -11.18 -17.20 13.25
CA GLY E 231 -11.79 -17.10 11.91
C GLY E 231 -13.12 -16.36 12.00
N CYS E 232 -13.74 -16.09 10.86
CA CYS E 232 -15.02 -15.42 10.84
C CYS E 232 -15.67 -15.63 9.48
N ASP E 233 -16.63 -14.77 9.13
CA ASP E 233 -17.31 -14.92 7.83
C ASP E 233 -16.54 -14.40 6.64
N ASP E 234 -15.66 -13.44 6.88
CA ASP E 234 -14.86 -12.83 5.84
C ASP E 234 -13.79 -13.83 5.32
N PRO E 235 -13.91 -14.25 4.06
CA PRO E 235 -13.01 -15.27 3.51
C PRO E 235 -11.60 -14.77 3.28
N ILE E 236 -11.44 -13.44 3.05
CA ILE E 236 -10.07 -12.84 2.93
C ILE E 236 -9.41 -12.92 4.32
N TRP E 237 -10.12 -12.50 5.38
CA TRP E 237 -9.61 -12.69 6.76
C TRP E 237 -9.19 -14.16 7.01
N ASN E 238 -10.04 -15.15 6.69
CA ASN E 238 -9.63 -16.54 6.97
C ASN E 238 -8.40 -16.93 6.16
N LEU E 239 -8.37 -16.51 4.89
CA LEU E 239 -7.24 -16.86 4.06
C LEU E 239 -5.94 -16.23 4.52
N ARG E 240 -5.97 -14.98 4.97
CA ARG E 240 -4.73 -14.42 5.54
C ARG E 240 -4.26 -15.16 6.75
N VAL E 241 -5.19 -15.49 7.65
CA VAL E 241 -4.76 -16.29 8.82
C VAL E 241 -4.15 -17.62 8.35
N LEU E 242 -4.83 -18.29 7.41
CA LEU E 242 -4.35 -19.64 7.00
C LEU E 242 -3.01 -19.54 6.27
N GLN E 243 -2.85 -18.59 5.36
CA GLN E 243 -1.54 -18.40 4.68
C GLN E 243 -0.39 -18.03 5.62
N GLU E 244 -0.64 -17.18 6.60
CA GLU E 244 0.41 -16.72 7.48
C GLU E 244 0.75 -17.74 8.58
N ALA E 245 -0.26 -18.41 9.09
CA ALA E 245 -0.11 -19.16 10.31
C ALA E 245 -0.50 -20.65 10.17
N GLY E 246 -0.81 -21.08 8.93
CA GLY E 246 -1.26 -22.45 8.64
C GLY E 246 -0.23 -23.51 8.87
N ASP E 247 1.05 -23.15 8.94
CA ASP E 247 2.14 -24.10 9.28
C ASP E 247 2.21 -24.38 10.79
N VAL E 248 1.52 -23.57 11.61
CA VAL E 248 1.60 -23.81 13.05
C VAL E 248 0.28 -23.95 13.79
N ILE E 249 -0.82 -23.42 13.25
CA ILE E 249 -2.06 -23.50 14.01
C ILE E 249 -2.70 -24.87 13.84
N ASP E 250 -3.67 -25.20 14.71
CA ASP E 250 -4.32 -26.51 14.63
C ASP E 250 -5.77 -26.37 14.24
N PHE E 251 -6.41 -25.24 14.56
CA PHE E 251 -7.79 -24.99 14.17
C PHE E 251 -7.95 -23.56 13.74
N ILE E 252 -8.97 -23.30 12.95
CA ILE E 252 -9.40 -21.93 12.74
C ILE E 252 -10.85 -21.90 13.27
N SER E 253 -11.21 -20.86 14.04
CA SER E 253 -12.49 -20.90 14.68
C SER E 253 -13.58 -20.22 13.89
N TYR E 254 -14.80 -20.54 14.25
CA TYR E 254 -15.96 -19.98 13.63
C TYR E 254 -17.00 -19.81 14.73
N HIS E 255 -17.67 -18.66 14.80
CA HIS E 255 -18.74 -18.41 15.77
C HIS E 255 -20.05 -18.26 15.05
N PHE E 256 -21.10 -18.87 15.58
CA PHE E 256 -22.38 -18.90 14.87
C PHE E 256 -23.53 -18.71 15.82
N TYR E 257 -24.23 -17.59 15.63
CA TYR E 257 -25.38 -17.21 16.45
C TYR E 257 -26.60 -16.99 15.57
N THR E 258 -27.76 -17.47 16.02
CA THR E 258 -28.87 -17.57 15.13
C THR E 258 -30.17 -17.32 15.85
N GLY E 259 -31.26 -17.38 15.09
CA GLY E 259 -32.59 -17.55 15.63
C GLY E 259 -33.50 -16.40 15.28
N SER E 260 -34.80 -16.67 15.22
CA SER E 260 -35.86 -15.63 15.22
C SER E 260 -37.09 -16.23 15.86
N ASP E 261 -38.16 -15.44 15.96
CA ASP E 261 -39.39 -15.89 16.60
C ASP E 261 -40.09 -16.94 15.78
N ASP E 262 -39.76 -17.00 14.49
CA ASP E 262 -40.28 -18.05 13.63
C ASP E 262 -39.58 -19.41 13.87
N TYR E 263 -40.38 -20.44 14.03
CA TYR E 263 -39.87 -21.79 14.23
C TYR E 263 -38.92 -22.29 13.10
N TYR E 264 -39.39 -22.32 11.85
CA TYR E 264 -38.55 -22.81 10.77
C TYR E 264 -37.33 -21.94 10.48
N GLU E 265 -37.49 -20.65 10.66
CA GLU E 265 -36.38 -19.72 10.45
C GLU E 265 -35.28 -20.03 11.48
N THR E 266 -35.67 -20.53 12.66
CA THR E 266 -34.69 -20.90 13.64
C THR E 266 -34.02 -22.23 13.28
N VAL E 267 -34.82 -23.27 13.14
CA VAL E 267 -34.25 -24.61 13.05
C VAL E 267 -33.59 -24.85 11.70
N SER E 268 -34.06 -24.20 10.62
CA SER E 268 -33.37 -24.39 9.29
C SER E 268 -31.94 -23.89 9.31
N THR E 269 -31.60 -23.02 10.26
CA THR E 269 -30.24 -22.47 10.25
C THR E 269 -29.16 -23.48 10.61
N VAL E 270 -29.54 -24.62 11.19
CA VAL E 270 -28.63 -25.77 11.22
C VAL E 270 -27.99 -25.96 9.82
N TYR E 271 -28.79 -25.81 8.73
CA TYR E 271 -28.30 -26.14 7.37
C TYR E 271 -27.59 -24.96 6.70
N LEU E 272 -27.76 -23.79 7.29
CA LEU E 272 -26.97 -22.63 7.00
C LEU E 272 -25.61 -22.84 7.66
N LEU E 273 -25.60 -23.30 8.91
CA LEU E 273 -24.35 -23.56 9.58
C LEU E 273 -23.53 -24.57 8.76
N LYS E 274 -24.23 -25.58 8.23
CA LYS E 274 -23.57 -26.67 7.59
C LYS E 274 -22.80 -26.09 6.39
N GLU E 275 -23.44 -25.17 5.67
CA GLU E 275 -22.78 -24.63 4.43
C GLU E 275 -21.60 -23.73 4.79
N ARG E 276 -21.76 -23.01 5.90
CA ARG E 276 -20.72 -22.11 6.37
C ARG E 276 -19.50 -22.92 6.64
N LEU E 277 -19.68 -24.08 7.28
CA LEU E 277 -18.55 -24.88 7.71
C LEU E 277 -17.86 -25.53 6.52
N ILE E 278 -18.63 -25.91 5.52
CA ILE E 278 -18.08 -26.48 4.26
C ILE E 278 -17.21 -25.39 3.57
N GLY E 279 -17.68 -24.14 3.58
CA GLY E 279 -16.92 -23.05 2.95
C GLY E 279 -15.55 -22.91 3.61
N VAL E 280 -15.57 -22.75 4.94
CA VAL E 280 -14.35 -22.66 5.67
C VAL E 280 -13.44 -23.89 5.40
N LYS E 281 -14.00 -25.11 5.42
CA LYS E 281 -13.20 -26.26 5.11
C LYS E 281 -12.57 -26.09 3.72
N LYS E 282 -13.35 -25.56 2.76
CA LYS E 282 -12.82 -25.38 1.40
C LYS E 282 -11.68 -24.33 1.36
N LEU E 283 -11.78 -23.28 2.18
CA LEU E 283 -10.69 -22.32 2.22
C LEU E 283 -9.44 -23.03 2.70
N ILE E 284 -9.58 -23.97 3.65
CA ILE E 284 -8.40 -24.61 4.23
C ILE E 284 -7.81 -25.49 3.14
N ASP E 285 -8.65 -26.14 2.35
CA ASP E 285 -8.16 -26.96 1.26
C ASP E 285 -7.32 -26.17 0.25
N MET E 286 -7.57 -24.85 0.14
CA MET E 286 -6.95 -24.03 -0.87
C MET E 286 -5.66 -23.38 -0.39
N VAL E 287 -5.21 -23.72 0.81
CA VAL E 287 -3.95 -23.17 1.33
C VAL E 287 -3.06 -24.35 1.62
N ASP E 288 -2.01 -24.50 0.82
CA ASP E 288 -1.15 -25.69 0.90
C ASP E 288 -0.69 -26.07 2.25
N THR E 289 -0.09 -25.14 2.97
CA THR E 289 0.47 -25.50 4.28
C THR E 289 -0.60 -26.04 5.22
N ALA E 290 -1.72 -25.31 5.26
CA ALA E 290 -2.80 -25.59 6.19
C ALA E 290 -3.42 -26.91 5.80
N ARG E 291 -3.66 -27.12 4.52
CA ARG E 291 -4.27 -28.36 4.07
C ARG E 291 -3.41 -29.58 4.47
N LYS E 292 -2.13 -29.54 4.12
CA LYS E 292 -1.20 -30.63 4.42
C LYS E 292 -1.03 -30.93 5.91
N ARG E 293 -1.04 -29.90 6.78
CA ARG E 293 -0.95 -30.15 8.23
C ARG E 293 -2.24 -30.75 8.76
N GLY E 294 -3.34 -30.59 8.02
CA GLY E 294 -4.65 -31.01 8.51
C GLY E 294 -5.27 -30.04 9.50
N VAL E 295 -5.14 -28.72 9.25
CA VAL E 295 -5.84 -27.71 10.07
C VAL E 295 -7.36 -27.95 10.01
N LYS E 296 -8.05 -27.95 11.15
CA LYS E 296 -9.49 -28.15 11.19
C LYS E 296 -10.25 -26.89 11.69
N ILE E 297 -11.58 -27.05 11.84
CA ILE E 297 -12.39 -26.01 12.30
C ILE E 297 -12.76 -26.22 13.75
N ALA E 298 -12.75 -25.13 14.55
CA ALA E 298 -13.25 -25.13 15.91
C ALA E 298 -14.52 -24.26 15.98
N LEU E 299 -15.70 -24.84 16.17
CA LEU E 299 -16.90 -24.01 16.30
C LEU E 299 -17.02 -23.56 17.77
N ASP E 300 -16.15 -22.65 18.21
CA ASP E 300 -15.96 -22.48 19.63
C ASP E 300 -16.87 -21.43 20.26
N GLU E 301 -17.88 -20.96 19.51
CA GLU E 301 -19.07 -20.31 20.09
C GLU E 301 -20.24 -20.58 19.15
N TRP E 302 -21.32 -21.15 19.68
CA TRP E 302 -22.54 -21.25 18.94
C TRP E 302 -23.72 -21.35 19.90
N ASN E 303 -24.87 -20.82 19.45
CA ASN E 303 -26.14 -20.92 20.12
C ASN E 303 -27.19 -20.12 19.35
N VAL E 304 -28.44 -20.28 19.76
CA VAL E 304 -29.43 -19.28 19.42
C VAL E 304 -29.10 -18.02 20.22
N TRP E 305 -29.17 -16.88 19.55
CA TRP E 305 -29.06 -15.61 20.27
C TRP E 305 -29.71 -14.53 19.45
N TYR E 306 -30.88 -14.05 19.88
CA TYR E 306 -31.57 -12.99 19.11
C TYR E 306 -32.53 -12.08 19.85
N ARG E 307 -32.93 -12.44 21.07
CA ARG E 307 -33.95 -11.69 21.82
C ARG E 307 -33.38 -10.51 22.64
N VAL E 308 -32.25 -10.77 23.29
CA VAL E 308 -31.70 -9.88 24.30
C VAL E 308 -30.35 -9.36 23.79
N SER E 309 -30.14 -8.06 23.91
CA SER E 309 -28.85 -7.51 23.62
C SER E 309 -28.37 -6.54 24.74
N ASP E 310 -27.72 -7.05 25.78
CA ASP E 310 -27.38 -6.24 26.95
C ASP E 310 -26.06 -6.77 27.54
N ASN E 311 -25.84 -6.54 28.83
CA ASN E 311 -24.69 -6.95 29.63
C ASN E 311 -24.81 -8.32 30.27
N LYS E 312 -25.97 -8.97 30.12
CA LYS E 312 -26.26 -10.20 30.87
C LYS E 312 -26.61 -11.36 29.96
N LEU E 313 -27.24 -11.05 28.83
CA LEU E 313 -27.60 -12.05 27.80
C LEU E 313 -28.39 -13.27 28.27
N GLU E 314 -29.34 -13.05 29.18
CA GLU E 314 -30.15 -14.16 29.74
C GLU E 314 -31.30 -14.57 28.82
N GLU E 315 -30.89 -15.09 27.67
CA GLU E 315 -31.76 -15.45 26.56
C GLU E 315 -32.69 -16.59 26.99
N PRO E 316 -34.00 -16.33 26.96
CA PRO E 316 -34.93 -17.37 27.48
C PRO E 316 -35.24 -18.49 26.46
N TYR E 317 -34.33 -19.45 26.32
CA TYR E 317 -34.46 -20.52 25.34
C TYR E 317 -35.75 -21.29 25.51
N ASP E 318 -36.33 -21.65 24.37
CA ASP E 318 -37.49 -22.49 24.37
C ASP E 318 -37.23 -23.75 23.50
N LEU E 319 -38.29 -24.50 23.21
CA LEU E 319 -38.08 -25.84 22.69
C LEU E 319 -37.55 -25.74 21.25
N LYS E 320 -38.09 -24.76 20.55
CA LYS E 320 -37.64 -24.37 19.20
C LYS E 320 -36.09 -24.26 19.22
N ASP E 321 -35.56 -23.60 20.26
CA ASP E 321 -34.13 -23.41 20.37
C ASP E 321 -33.41 -24.72 20.68
N GLY E 322 -34.04 -25.59 21.49
CA GLY E 322 -33.46 -26.90 21.78
C GLY E 322 -33.41 -27.83 20.57
N ILE E 323 -34.41 -27.72 19.69
CA ILE E 323 -34.43 -28.49 18.44
C ILE E 323 -33.29 -28.00 17.53
N PHE E 324 -33.04 -26.67 17.50
CA PHE E 324 -31.87 -26.15 16.79
C PHE E 324 -30.62 -26.80 17.33
N ALA E 325 -30.45 -26.77 18.67
CA ALA E 325 -29.27 -27.36 19.30
C ALA E 325 -29.16 -28.88 19.03
N CYS E 326 -30.27 -29.62 19.09
CA CYS E 326 -30.22 -31.05 18.66
C CYS E 326 -29.74 -31.26 17.25
N GLY E 327 -30.25 -30.44 16.32
CA GLY E 327 -29.84 -30.47 14.89
C GLY E 327 -28.36 -30.20 14.76
N VAL E 328 -27.82 -29.33 15.62
CA VAL E 328 -26.44 -29.02 15.45
C VAL E 328 -25.59 -30.18 15.94
N LEU E 329 -26.02 -30.77 17.04
CA LEU E 329 -25.26 -31.89 17.61
C LEU E 329 -25.25 -33.02 16.58
N VAL E 330 -26.37 -33.26 15.94
CA VAL E 330 -26.45 -34.30 14.92
C VAL E 330 -25.51 -33.99 13.74
N LEU E 331 -25.55 -32.72 13.30
CA LEU E 331 -24.64 -32.20 12.30
C LEU E 331 -23.20 -32.40 12.69
N LEU E 332 -22.88 -32.10 13.93
CA LEU E 332 -21.50 -32.22 14.34
C LEU E 332 -21.08 -33.67 14.34
N GLN E 333 -21.97 -34.56 14.75
CA GLN E 333 -21.65 -36.01 14.70
C GLN E 333 -21.28 -36.36 13.27
N LYS E 334 -22.03 -35.80 12.31
CA LYS E 334 -21.81 -36.15 10.90
C LYS E 334 -20.54 -35.57 10.29
N MET E 335 -20.05 -34.47 10.87
CA MET E 335 -18.95 -33.71 10.27
C MET E 335 -17.81 -33.46 11.23
N SER E 336 -17.61 -34.31 12.23
CA SER E 336 -16.60 -34.02 13.26
C SER E 336 -15.14 -34.14 12.79
N ASP E 337 -14.89 -34.83 11.68
CA ASP E 337 -13.56 -34.83 11.03
C ASP E 337 -13.14 -33.44 10.51
N ILE E 338 -14.09 -32.66 10.00
CA ILE E 338 -13.91 -31.22 9.67
C ILE E 338 -13.99 -30.29 10.89
N VAL E 339 -14.91 -30.56 11.81
CA VAL E 339 -15.11 -29.69 13.00
C VAL E 339 -15.02 -30.53 14.24
N PRO E 340 -13.81 -30.76 14.75
CA PRO E 340 -13.71 -31.72 15.86
C PRO E 340 -13.86 -31.05 17.21
N LEU E 341 -13.99 -29.72 17.21
CA LEU E 341 -14.10 -29.01 18.46
C LEU E 341 -15.26 -28.04 18.32
N ALA E 342 -16.18 -28.06 19.28
CA ALA E 342 -17.30 -27.11 19.29
C ALA E 342 -17.59 -26.78 20.75
N ASN E 343 -18.11 -25.57 21.00
CA ASN E 343 -18.37 -25.08 22.34
C ASN E 343 -19.65 -24.30 22.32
N LEU E 344 -20.69 -24.77 23.01
CA LEU E 344 -21.93 -24.03 23.09
C LEU E 344 -21.62 -22.76 23.88
N ALA E 345 -22.17 -21.64 23.43
CA ALA E 345 -22.00 -20.39 24.20
C ALA E 345 -23.38 -20.09 24.72
N GLN E 346 -23.62 -20.13 26.02
CA GLN E 346 -22.63 -20.46 27.08
C GLN E 346 -23.28 -21.43 28.11
N LEU E 347 -22.52 -21.81 29.13
CA LEU E 347 -22.96 -22.89 30.01
C LEU E 347 -24.04 -22.41 30.99
N VAL E 348 -23.83 -21.25 31.64
CA VAL E 348 -24.78 -20.84 32.66
C VAL E 348 -25.15 -19.40 32.48
N ASN E 349 -26.45 -19.11 32.45
CA ASN E 349 -26.98 -17.73 32.51
C ASN E 349 -26.76 -16.87 31.27
N ALA E 350 -25.50 -16.55 30.96
CA ALA E 350 -25.22 -15.73 29.80
C ALA E 350 -25.37 -16.68 28.62
N LEU E 351 -26.30 -16.36 27.72
CA LEU E 351 -26.75 -17.26 26.67
C LEU E 351 -26.91 -18.69 27.26
N GLY E 352 -27.44 -18.82 28.48
CA GLY E 352 -27.07 -20.01 29.27
C GLY E 352 -27.91 -21.28 29.02
N ALA E 353 -27.29 -22.43 28.86
CA ALA E 353 -28.03 -23.68 28.75
C ALA E 353 -28.78 -23.91 30.12
N ILE E 354 -28.10 -23.58 31.23
CA ILE E 354 -28.62 -23.65 32.58
C ILE E 354 -28.86 -22.18 33.09
N HIS E 355 -30.01 -21.92 33.70
CA HIS E 355 -30.26 -20.59 34.24
C HIS E 355 -30.38 -20.71 35.77
N THR E 356 -29.59 -19.96 36.54
CA THR E 356 -29.68 -20.04 37.99
C THR E 356 -30.42 -18.87 38.58
N GLU E 357 -31.04 -19.13 39.73
CA GLU E 357 -31.39 -18.08 40.70
C GLU E 357 -30.64 -18.33 42.04
N LYS E 358 -30.78 -17.42 43.01
CA LYS E 358 -30.11 -17.61 44.31
C LYS E 358 -30.52 -18.91 44.96
N ASP E 359 -31.77 -19.34 44.73
CA ASP E 359 -32.27 -20.53 45.44
C ASP E 359 -32.57 -21.77 44.58
N GLY E 360 -32.07 -21.81 43.35
CA GLY E 360 -32.22 -22.99 42.49
C GLY E 360 -31.79 -22.81 41.03
N LEU E 361 -32.18 -23.76 40.15
CA LEU E 361 -31.82 -23.61 38.75
C LEU E 361 -32.88 -24.11 37.79
N ILE E 362 -32.81 -23.68 36.55
CA ILE E 362 -33.74 -24.14 35.52
C ILE E 362 -32.90 -24.77 34.44
N LEU E 363 -33.32 -25.93 33.95
CA LEU E 363 -32.59 -26.53 32.84
C LEU E 363 -33.35 -26.16 31.52
N THR E 364 -32.73 -25.39 30.62
CA THR E 364 -33.48 -24.98 29.44
C THR E 364 -33.44 -26.09 28.38
N PRO E 365 -34.24 -25.93 27.33
CA PRO E 365 -34.25 -26.97 26.33
C PRO E 365 -32.90 -27.13 25.60
N VAL E 366 -32.07 -26.08 25.63
CA VAL E 366 -30.77 -26.20 25.04
C VAL E 366 -29.89 -27.14 25.88
N TYR E 367 -29.95 -27.03 27.20
CA TYR E 367 -29.31 -28.01 28.08
C TYR E 367 -29.83 -29.42 27.81
N LYS E 368 -31.12 -29.53 27.55
CA LYS E 368 -31.76 -30.83 27.40
C LYS E 368 -31.27 -31.51 26.13
N ALA E 369 -30.94 -30.73 25.09
CA ALA E 369 -30.39 -31.24 23.83
C ALA E 369 -29.10 -32.01 24.11
N PHE E 370 -28.23 -31.38 24.91
CA PHE E 370 -27.02 -32.03 25.39
C PHE E 370 -27.31 -33.26 26.32
N GLU E 371 -28.23 -33.11 27.26
CA GLU E 371 -28.53 -34.18 28.17
C GLU E 371 -28.94 -35.43 27.37
N LEU E 372 -29.76 -35.25 26.35
CA LEU E 372 -30.11 -36.34 25.46
C LEU E 372 -28.89 -36.92 24.74
N ILE E 373 -28.20 -36.08 23.97
CA ILE E 373 -27.32 -36.60 22.94
C ILE E 373 -26.08 -37.14 23.60
N VAL E 374 -25.60 -36.38 24.59
CA VAL E 374 -24.33 -36.72 25.22
C VAL E 374 -24.39 -38.09 25.95
N ASN E 375 -25.58 -38.44 26.39
CA ASN E 375 -25.79 -39.63 27.17
C ASN E 375 -26.35 -40.78 26.34
N HIS E 376 -26.65 -40.54 25.07
CA HIS E 376 -27.12 -41.56 24.17
C HIS E 376 -26.44 -41.38 22.80
N SER E 377 -25.15 -41.61 22.74
CA SER E 377 -24.46 -41.50 21.51
C SER E 377 -23.22 -42.30 21.62
N GLY E 378 -22.65 -42.59 20.45
CA GLY E 378 -21.49 -43.45 20.31
C GLY E 378 -20.25 -42.66 19.89
N GLU E 379 -19.13 -43.37 19.83
CA GLU E 379 -17.83 -42.81 19.60
C GLU E 379 -17.47 -42.93 18.14
N LYS E 380 -18.26 -43.66 17.37
CA LYS E 380 -17.98 -43.84 15.94
C LYS E 380 -19.23 -43.70 15.08
N LEU E 381 -19.13 -42.95 13.97
CA LEU E 381 -20.28 -42.71 13.11
C LEU E 381 -20.40 -43.90 12.14
N VAL E 382 -21.60 -44.40 11.88
CA VAL E 382 -21.70 -45.50 10.91
C VAL E 382 -22.59 -45.10 9.74
N LYS E 383 -22.47 -45.82 8.61
CA LYS E 383 -23.20 -45.45 7.39
C LYS E 383 -24.65 -45.18 7.70
N THR E 384 -25.16 -44.01 7.37
CA THR E 384 -26.56 -43.60 7.67
C THR E 384 -27.04 -42.91 6.38
N HIS E 385 -28.12 -43.36 5.78
CA HIS E 385 -28.61 -42.70 4.59
C HIS E 385 -30.01 -42.29 4.95
N VAL E 386 -30.40 -41.04 4.66
CA VAL E 386 -31.72 -40.52 5.05
C VAL E 386 -32.48 -40.04 3.82
N GLU E 387 -33.70 -40.50 3.61
CA GLU E 387 -34.56 -39.93 2.62
C GLU E 387 -35.44 -38.94 3.35
N SER E 388 -35.58 -37.74 2.80
CA SER E 388 -36.40 -36.75 3.44
C SER E 388 -36.94 -35.78 2.39
N GLU E 389 -38.17 -35.33 2.58
CA GLU E 389 -38.63 -34.15 1.90
C GLU E 389 -37.83 -32.95 2.41
N THR E 390 -37.85 -31.87 1.64
CA THR E 390 -37.00 -30.71 1.86
C THR E 390 -37.83 -29.45 1.66
N TYR E 391 -37.41 -28.36 2.27
CA TYR E 391 -38.09 -27.08 2.06
C TYR E 391 -37.02 -26.02 1.78
N ASN E 392 -37.46 -24.88 1.24
CA ASN E 392 -36.63 -23.70 1.05
C ASN E 392 -37.15 -22.62 1.96
N ILE E 393 -36.25 -21.78 2.46
CA ILE E 393 -36.66 -20.77 3.39
C ILE E 393 -35.84 -19.49 3.23
N GLU E 394 -36.49 -18.35 3.52
CA GLU E 394 -35.80 -17.07 3.64
C GLU E 394 -36.25 -16.48 4.93
N GLY E 395 -35.35 -16.04 5.78
CA GLY E 395 -35.75 -15.43 7.03
C GLY E 395 -34.73 -14.50 7.62
N VAL E 396 -34.84 -14.26 8.91
CA VAL E 396 -33.92 -13.39 9.60
C VAL E 396 -33.32 -14.20 10.74
N MET E 397 -32.18 -13.76 11.24
CA MET E 397 -31.47 -14.49 12.25
C MET E 397 -30.68 -13.50 13.09
N PHE E 398 -30.43 -13.87 14.33
CA PHE E 398 -29.50 -13.16 15.20
C PHE E 398 -30.07 -11.81 15.70
N ILE E 399 -29.36 -11.07 16.56
CA ILE E 399 -29.95 -9.83 17.18
C ILE E 399 -30.24 -8.71 16.17
N ASN E 400 -29.55 -8.73 15.04
CA ASN E 400 -29.72 -7.69 14.06
C ASN E 400 -30.69 -8.09 12.92
N LYS E 401 -31.44 -9.17 13.08
CA LYS E 401 -32.33 -9.60 12.02
C LYS E 401 -31.67 -9.64 10.63
N MET E 402 -30.44 -10.13 10.56
CA MET E 402 -29.73 -10.38 9.30
C MET E 402 -30.51 -11.38 8.42
N PRO E 403 -30.83 -11.05 7.14
CA PRO E 403 -31.51 -12.05 6.26
C PRO E 403 -30.60 -13.18 5.81
N PHE E 404 -31.17 -14.37 5.69
CA PHE E 404 -30.43 -15.50 5.19
C PHE E 404 -31.37 -16.29 4.29
N SER E 405 -30.80 -17.24 3.57
CA SER E 405 -31.68 -18.19 2.93
C SER E 405 -31.11 -19.62 2.97
N VAL E 406 -31.99 -20.62 2.97
CA VAL E 406 -31.53 -21.99 2.93
C VAL E 406 -32.30 -22.71 1.87
N GLU E 407 -31.57 -23.51 1.11
CA GLU E 407 -32.18 -24.38 0.10
C GLU E 407 -32.16 -25.84 0.56
N ASN E 408 -33.29 -26.51 0.39
CA ASN E 408 -33.32 -27.96 0.52
C ASN E 408 -32.99 -28.44 1.92
N ALA E 409 -33.49 -27.69 2.90
CA ALA E 409 -33.35 -28.04 4.30
C ALA E 409 -34.26 -29.26 4.55
N PRO E 410 -33.73 -30.30 5.16
CA PRO E 410 -34.57 -31.51 5.32
C PRO E 410 -35.59 -31.33 6.46
N PHE E 411 -36.80 -31.86 6.29
CA PHE E 411 -37.74 -31.96 7.41
C PHE E 411 -37.30 -33.03 8.43
N LEU E 412 -36.44 -33.95 7.98
CA LEU E 412 -35.96 -35.04 8.81
C LEU E 412 -34.46 -35.31 8.63
N ASP E 413 -33.72 -35.49 9.71
CA ASP E 413 -32.32 -35.81 9.57
C ASP E 413 -31.98 -36.86 10.64
N ALA E 414 -30.83 -37.51 10.53
CA ALA E 414 -30.44 -38.53 11.50
C ALA E 414 -28.96 -38.74 11.45
N ALA E 415 -28.39 -39.30 12.51
CA ALA E 415 -27.02 -39.81 12.47
C ALA E 415 -26.98 -41.08 13.30
N ALA E 416 -26.40 -42.18 12.78
CA ALA E 416 -26.29 -43.41 13.58
C ALA E 416 -24.87 -43.56 14.02
N SER E 417 -24.66 -43.98 15.27
CA SER E 417 -23.31 -44.15 15.78
C SER E 417 -23.25 -45.40 16.65
N ILE E 418 -22.07 -45.95 16.83
CA ILE E 418 -21.93 -47.07 17.76
C ILE E 418 -20.87 -46.77 18.80
N SER E 419 -20.94 -47.54 19.90
CA SER E 419 -20.02 -47.40 21.05
C SER E 419 -18.63 -47.90 20.67
N GLU E 420 -17.65 -47.50 21.46
CA GLU E 420 -16.27 -47.89 21.21
C GLU E 420 -16.14 -49.41 21.06
N ASP E 421 -16.81 -50.13 21.95
CA ASP E 421 -16.71 -51.59 22.04
C ASP E 421 -17.51 -52.34 20.96
N GLY E 422 -18.32 -51.65 20.17
CA GLY E 422 -19.11 -52.29 19.09
C GLY E 422 -20.46 -52.84 19.54
N LYS E 423 -20.77 -52.72 20.83
CA LYS E 423 -21.97 -53.37 21.38
C LYS E 423 -23.32 -52.59 21.45
N LYS E 424 -23.31 -51.27 21.25
CA LYS E 424 -24.57 -50.49 21.15
C LYS E 424 -24.61 -49.54 19.96
N LEU E 425 -25.81 -49.40 19.42
CA LEU E 425 -26.07 -48.56 18.30
C LEU E 425 -27.02 -47.45 18.82
N PHE E 426 -26.74 -46.21 18.40
CA PHE E 426 -27.57 -45.04 18.68
C PHE E 426 -27.96 -44.33 17.38
N ILE E 427 -29.26 -44.26 17.12
CA ILE E 427 -29.76 -43.61 15.92
C ILE E 427 -30.42 -42.29 16.36
N ALA E 428 -29.71 -41.15 16.22
CA ALA E 428 -30.32 -39.85 16.54
C ALA E 428 -31.17 -39.39 15.37
N VAL E 429 -32.40 -38.98 15.65
CA VAL E 429 -33.29 -38.56 14.62
C VAL E 429 -33.93 -37.26 15.03
N VAL E 430 -33.98 -36.28 14.12
CA VAL E 430 -34.67 -35.05 14.44
C VAL E 430 -35.81 -34.94 13.42
N ASN E 431 -37.01 -34.72 13.92
CA ASN E 431 -38.10 -34.39 13.10
C ASN E 431 -38.35 -32.89 13.25
N TYR E 432 -37.99 -32.14 12.21
CA TYR E 432 -38.09 -30.67 12.26
C TYR E 432 -39.53 -30.21 11.98
N ARG E 433 -40.37 -31.09 11.41
CA ARG E 433 -41.75 -30.74 11.01
C ARG E 433 -42.44 -30.08 12.17
N LYS E 434 -43.07 -28.97 11.91
CA LYS E 434 -43.68 -28.18 12.96
C LYS E 434 -45.00 -28.81 13.42
N GLU E 435 -45.68 -29.53 12.53
CA GLU E 435 -47.04 -29.93 12.89
C GLU E 435 -47.35 -31.40 12.82
N ASP E 436 -46.67 -32.09 11.92
CA ASP E 436 -46.96 -33.48 11.68
C ASP E 436 -45.91 -34.43 12.24
N ALA E 437 -46.41 -35.48 12.89
CA ALA E 437 -45.60 -36.64 13.26
C ALA E 437 -45.24 -37.37 11.99
N LEU E 438 -44.08 -38.04 11.94
CA LEU E 438 -43.72 -38.77 10.76
C LEU E 438 -43.55 -40.24 11.07
N LYS E 439 -44.29 -41.06 10.36
CA LYS E 439 -44.17 -42.51 10.51
C LYS E 439 -43.04 -42.89 9.57
N VAL E 440 -41.92 -43.41 10.07
CA VAL E 440 -40.68 -43.57 9.28
C VAL E 440 -40.09 -44.98 9.20
N PRO E 441 -39.96 -45.50 7.97
CA PRO E 441 -39.39 -46.83 7.86
C PRO E 441 -37.91 -46.76 8.05
N ILE E 442 -37.38 -47.68 8.86
CA ILE E 442 -35.97 -47.67 9.24
C ILE E 442 -35.46 -49.05 8.94
N ARG E 443 -34.20 -49.17 8.53
CA ARG E 443 -33.60 -50.44 8.25
C ARG E 443 -32.24 -50.42 8.91
N VAL E 444 -31.93 -51.46 9.67
CA VAL E 444 -30.59 -51.64 10.19
C VAL E 444 -30.04 -53.00 9.67
N GLU E 445 -29.02 -52.97 8.81
CA GLU E 445 -28.30 -54.19 8.33
C GLU E 445 -27.89 -55.14 9.45
N GLY E 446 -28.37 -56.40 9.35
CA GLY E 446 -27.95 -57.49 10.27
C GLY E 446 -28.45 -57.44 11.72
N LEU E 447 -29.44 -56.59 12.01
CA LEU E 447 -30.00 -56.45 13.36
C LEU E 447 -31.04 -57.52 13.63
N GLY E 448 -30.88 -58.27 14.72
CA GLY E 448 -31.93 -59.25 15.08
C GLY E 448 -33.23 -58.57 15.52
N GLN E 449 -34.37 -59.29 15.53
CA GLN E 449 -35.58 -58.75 16.19
C GLN E 449 -35.30 -58.70 17.71
N LYS E 450 -35.56 -57.54 18.32
CA LYS E 450 -35.34 -57.37 19.75
C LYS E 450 -35.97 -56.09 20.22
N LYS E 451 -35.82 -55.85 21.52
CA LYS E 451 -36.41 -54.70 22.19
C LYS E 451 -35.40 -53.58 22.16
N ALA E 452 -35.90 -52.35 22.11
CA ALA E 452 -35.00 -51.22 22.16
C ALA E 452 -35.69 -50.09 22.88
N THR E 453 -34.94 -49.09 23.33
CA THR E 453 -35.54 -47.93 24.01
C THR E 453 -35.36 -46.68 23.13
N VAL E 454 -36.39 -45.90 23.01
CA VAL E 454 -36.32 -44.65 22.32
C VAL E 454 -36.40 -43.52 23.35
N TYR E 455 -35.35 -42.71 23.44
CA TYR E 455 -35.34 -41.49 24.28
C TYR E 455 -35.66 -40.26 23.43
N THR E 456 -36.66 -39.49 23.86
CA THR E 456 -37.21 -38.38 23.11
C THR E 456 -37.19 -37.06 23.88
N LEU E 457 -36.75 -36.01 23.23
CA LEU E 457 -36.92 -34.67 23.73
C LEU E 457 -37.96 -33.97 22.88
N THR E 458 -39.02 -33.55 23.55
CA THR E 458 -40.02 -32.67 22.97
C THR E 458 -40.87 -32.10 24.11
N GLY E 459 -41.98 -31.45 23.83
CA GLY E 459 -42.74 -30.72 24.85
C GLY E 459 -44.07 -30.38 24.19
N PRO E 460 -44.92 -29.62 24.87
CA PRO E 460 -46.32 -29.43 24.39
C PRO E 460 -46.41 -28.58 23.13
N ASP E 461 -45.48 -27.64 22.95
CA ASP E 461 -45.49 -26.74 21.80
C ASP E 461 -44.09 -26.15 21.54
N VAL E 462 -43.90 -25.54 20.37
CA VAL E 462 -42.56 -25.11 19.94
C VAL E 462 -41.99 -23.98 20.83
N ASN E 463 -42.85 -23.35 21.64
CA ASN E 463 -42.39 -22.33 22.53
C ASN E 463 -42.35 -22.71 24.01
N ALA E 464 -42.50 -24.02 24.29
CA ALA E 464 -42.49 -24.52 25.68
C ALA E 464 -41.13 -24.25 26.37
N ARG E 465 -41.17 -23.92 27.66
CA ARG E 465 -39.97 -23.63 28.43
C ARG E 465 -40.09 -24.32 29.78
N ASN E 466 -38.96 -24.60 30.40
CA ASN E 466 -38.95 -24.99 31.79
C ASN E 466 -38.87 -23.75 32.67
N THR E 467 -39.56 -23.77 33.80
CA THR E 467 -39.53 -22.68 34.78
C THR E 467 -39.25 -23.34 36.10
N MET E 468 -39.05 -22.51 37.14
CA MET E 468 -38.69 -23.07 38.43
C MET E 468 -39.84 -23.84 39.09
N GLU E 469 -41.06 -23.34 38.93
CA GLU E 469 -42.23 -24.06 39.41
C GLU E 469 -42.79 -25.16 38.48
N ASN E 470 -42.49 -25.10 37.16
CA ASN E 470 -42.67 -26.27 36.25
C ASN E 470 -41.38 -26.72 35.56
N PRO E 471 -40.51 -27.39 36.31
CA PRO E 471 -39.15 -27.68 35.79
C PRO E 471 -39.02 -28.77 34.71
N ASN E 472 -40.13 -29.46 34.35
CA ASN E 472 -40.05 -30.63 33.49
C ASN E 472 -41.06 -30.61 32.38
N VAL E 473 -41.56 -29.43 32.04
CA VAL E 473 -42.40 -29.25 30.85
C VAL E 473 -41.72 -29.80 29.56
N VAL E 474 -40.43 -29.54 29.43
CA VAL E 474 -39.60 -29.98 28.30
C VAL E 474 -38.51 -30.87 28.88
N ASP E 475 -38.58 -32.17 28.57
CA ASP E 475 -37.73 -33.17 29.24
C ASP E 475 -37.66 -34.43 28.41
N ILE E 476 -36.65 -35.24 28.70
CA ILE E 476 -36.44 -36.49 27.99
C ILE E 476 -37.34 -37.60 28.50
N THR E 477 -38.21 -38.14 27.64
CA THR E 477 -39.02 -39.29 28.06
C THR E 477 -38.53 -40.56 27.39
N SER E 478 -39.02 -41.71 27.81
CA SER E 478 -38.64 -42.92 27.12
C SER E 478 -39.82 -43.83 26.88
N GLU E 479 -39.65 -44.68 25.86
CA GLU E 479 -40.51 -45.78 25.56
C GLU E 479 -39.70 -46.97 24.97
N THR E 480 -40.20 -48.17 25.21
CA THR E 480 -39.62 -49.37 24.60
C THR E 480 -40.43 -49.73 23.35
N ILE E 481 -39.71 -50.23 22.36
CA ILE E 481 -40.35 -50.66 21.12
C ILE E 481 -39.72 -51.95 20.69
N THR E 482 -40.36 -52.58 19.71
CA THR E 482 -39.73 -53.71 19.09
C THR E 482 -39.02 -53.28 17.82
N VAL E 483 -37.72 -53.60 17.70
CA VAL E 483 -36.95 -53.30 16.48
C VAL E 483 -36.52 -54.59 15.76
N ASP E 484 -36.25 -54.47 14.46
CA ASP E 484 -35.91 -55.62 13.60
C ASP E 484 -34.93 -55.10 12.52
N THR E 485 -34.45 -56.00 11.64
CA THR E 485 -33.79 -55.57 10.43
C THR E 485 -34.56 -54.46 9.73
N GLU E 486 -35.88 -54.55 9.68
CA GLU E 486 -36.70 -53.44 9.24
C GLU E 486 -37.88 -53.19 10.14
N PHE E 487 -38.12 -51.92 10.49
CA PHE E 487 -39.22 -51.54 11.35
C PHE E 487 -39.63 -50.10 11.05
N GLU E 488 -40.74 -49.66 11.64
CA GLU E 488 -41.22 -48.29 11.54
C GLU E 488 -41.25 -47.65 12.92
N HIS E 489 -41.13 -46.32 12.96
CA HIS E 489 -41.32 -45.58 14.17
C HIS E 489 -41.94 -44.21 13.87
N THR E 490 -42.90 -43.80 14.70
CA THR E 490 -43.48 -42.49 14.55
C THR E 490 -42.74 -41.45 15.42
N PHE E 491 -42.12 -40.48 14.73
CA PHE E 491 -41.37 -39.42 15.42
C PHE E 491 -42.25 -38.21 15.56
N LYS E 492 -42.44 -37.75 16.79
CA LYS E 492 -43.32 -36.58 17.04
C LYS E 492 -42.80 -35.31 16.35
N PRO E 493 -43.72 -34.39 16.00
CA PRO E 493 -43.22 -33.15 15.41
C PRO E 493 -42.31 -32.41 16.44
N PHE E 494 -41.41 -31.55 15.94
CA PHE E 494 -40.49 -30.74 16.78
C PHE E 494 -39.86 -31.55 17.89
N SER E 495 -39.19 -32.62 17.49
CA SER E 495 -38.62 -33.50 18.48
C SER E 495 -37.32 -34.06 18.02
N CYS E 496 -36.57 -34.57 18.98
CA CYS E 496 -35.37 -35.31 18.68
C CYS E 496 -35.45 -36.65 19.46
N SER E 497 -35.07 -37.73 18.83
CA SER E 497 -35.09 -39.05 19.46
C SER E 497 -33.79 -39.75 19.23
N VAL E 498 -33.31 -40.50 20.22
CA VAL E 498 -32.27 -41.51 19.99
C VAL E 498 -32.88 -42.92 20.21
N ILE E 499 -32.80 -43.75 19.18
CA ILE E 499 -33.21 -45.15 19.33
C ILE E 499 -31.95 -45.87 19.76
N GLU E 500 -32.00 -46.52 20.92
CA GLU E 500 -30.81 -47.17 21.49
C GLU E 500 -30.96 -48.70 21.41
N VAL E 501 -29.97 -49.43 20.89
CA VAL E 501 -30.13 -50.84 20.54
C VAL E 501 -28.86 -51.65 20.84
N GLU E 502 -29.00 -52.85 21.44
CA GLU E 502 -27.85 -53.76 21.59
C GLU E 502 -27.55 -54.33 20.24
N LEU E 503 -26.28 -54.62 19.96
CA LEU E 503 -25.91 -55.16 18.65
C LEU E 503 -25.63 -56.68 18.58
N SER F 22 53.72 -16.79 -10.76
CA SER F 22 54.21 -15.47 -10.27
C SER F 22 53.57 -15.02 -8.94
N TYR F 23 54.43 -14.87 -7.95
CA TYR F 23 54.07 -14.54 -6.60
C TYR F 23 55.09 -13.52 -6.16
N GLY F 24 54.68 -12.57 -5.32
CA GLY F 24 55.57 -11.50 -4.90
C GLY F 24 54.89 -10.59 -3.90
N ILE F 25 55.67 -9.98 -3.01
CA ILE F 25 55.14 -9.07 -2.04
C ILE F 25 56.10 -7.92 -2.02
N VAL F 26 55.58 -6.72 -2.22
CA VAL F 26 56.35 -5.50 -2.14
C VAL F 26 55.76 -4.65 -1.05
N VAL F 27 56.56 -4.34 -0.04
CA VAL F 27 56.13 -3.55 1.09
C VAL F 27 56.94 -2.31 1.09
N ASP F 28 56.34 -1.19 1.47
CA ASP F 28 57.04 0.04 1.72
C ASP F 28 56.72 0.58 3.10
N PRO F 29 57.60 0.31 4.07
CA PRO F 29 57.31 0.68 5.47
C PRO F 29 57.29 2.17 5.71
N LYS F 30 57.75 2.97 4.75
CA LYS F 30 57.73 4.44 4.95
C LYS F 30 56.39 5.05 4.52
N GLU F 31 55.60 4.28 3.78
CA GLU F 31 54.33 4.76 3.27
C GLU F 31 53.13 4.21 4.05
N VAL F 32 52.71 5.00 5.06
CA VAL F 32 51.54 4.64 5.84
C VAL F 32 50.28 4.86 4.97
N VAL F 33 49.44 3.84 4.82
CA VAL F 33 48.23 3.96 4.04
C VAL F 33 47.12 4.47 4.95
N LYS F 34 46.96 3.86 6.13
CA LYS F 34 45.83 4.22 7.03
C LYS F 34 46.01 3.52 8.35
N PRO F 35 45.44 4.06 9.43
CA PRO F 35 45.44 3.30 10.71
C PRO F 35 44.66 1.99 10.56
N ILE F 36 44.93 1.06 11.47
CA ILE F 36 44.13 -0.18 11.54
C ILE F 36 43.27 -0.05 12.78
N SER F 37 41.95 -0.02 12.60
CA SER F 37 41.06 0.12 13.76
C SER F 37 41.35 -1.02 14.74
N ARG F 38 41.67 -0.70 15.98
CA ARG F 38 41.90 -1.81 16.94
C ARG F 38 40.66 -2.67 17.19
N HIS F 39 39.48 -2.21 16.81
CA HIS F 39 38.27 -2.99 17.09
C HIS F 39 37.94 -4.07 16.06
N ILE F 40 38.81 -4.33 15.08
CA ILE F 40 38.55 -5.44 14.17
C ILE F 40 38.77 -6.82 14.85
N TYR F 41 39.45 -6.83 16.00
CA TYR F 41 39.78 -8.10 16.70
C TYR F 41 38.76 -8.41 17.81
N GLY F 42 37.53 -7.85 17.72
CA GLY F 42 36.51 -8.00 18.79
C GLY F 42 35.95 -9.42 18.95
N HIS F 43 35.24 -9.65 20.05
CA HIS F 43 34.66 -10.97 20.35
C HIS F 43 33.23 -10.86 20.84
N PHE F 44 32.60 -12.02 21.04
CA PHE F 44 31.17 -12.05 21.27
C PHE F 44 30.89 -13.24 22.13
N THR F 45 30.18 -13.00 23.23
CA THR F 45 29.65 -14.09 24.05
C THR F 45 28.13 -13.96 24.23
N GLU F 46 27.40 -14.94 23.70
CA GLU F 46 25.95 -15.02 23.86
C GLU F 46 25.61 -16.00 24.93
N HIS F 47 24.48 -15.79 25.59
CA HIS F 47 23.86 -16.81 26.42
C HIS F 47 23.27 -17.93 25.59
N LEU F 48 24.15 -18.82 25.15
CA LEU F 48 23.81 -19.94 24.28
C LEU F 48 24.65 -21.16 24.69
N GLY F 49 24.03 -22.31 24.92
CA GLY F 49 24.70 -23.46 25.48
C GLY F 49 25.69 -23.18 26.60
N ARG F 50 26.96 -23.54 26.35
CA ARG F 50 27.98 -23.46 27.40
C ARG F 50 28.91 -22.24 27.26
N CYS F 51 28.47 -21.19 26.54
CA CYS F 51 29.36 -20.09 26.28
C CYS F 51 29.57 -19.37 27.58
N ILE F 52 28.47 -18.90 28.18
CA ILE F 52 28.48 -18.34 29.52
C ILE F 52 28.63 -19.44 30.59
N TYR F 53 27.61 -20.29 30.78
CA TYR F 53 27.55 -21.19 31.93
C TYR F 53 28.31 -22.44 31.62
N GLY F 54 29.49 -22.58 32.22
CA GLY F 54 30.38 -23.69 31.84
C GLY F 54 31.49 -23.20 30.90
N GLY F 55 31.43 -21.93 30.48
CA GLY F 55 32.41 -21.41 29.54
C GLY F 55 33.21 -20.35 30.26
N ILE F 56 32.79 -19.08 30.16
CA ILE F 56 33.49 -18.07 30.89
C ILE F 56 33.18 -18.08 32.38
N TYR F 57 32.01 -18.59 32.73
CA TYR F 57 31.45 -18.47 34.08
C TYR F 57 31.01 -19.84 34.58
N GLU F 58 31.50 -20.22 35.75
CA GLU F 58 31.12 -21.53 36.31
C GLU F 58 31.29 -21.40 37.81
N GLU F 59 30.17 -21.16 38.53
CA GLU F 59 30.20 -20.90 39.99
C GLU F 59 30.59 -22.18 40.73
N GLY F 60 31.41 -22.01 41.78
CA GLY F 60 31.98 -23.14 42.54
C GLY F 60 32.83 -24.15 41.78
N SER F 61 33.43 -23.77 40.65
CA SER F 61 34.35 -24.69 40.00
C SER F 61 35.70 -24.59 40.72
N PRO F 62 36.42 -25.75 40.88
CA PRO F 62 37.82 -25.64 41.37
C PRO F 62 38.64 -24.73 40.44
N LEU F 63 38.27 -24.69 39.15
CA LEU F 63 38.93 -23.78 38.19
C LEU F 63 38.48 -22.28 38.18
N SER F 64 37.57 -21.89 39.09
CA SER F 64 37.06 -20.51 39.01
C SER F 64 37.47 -19.65 40.17
N ASP F 65 37.46 -18.35 39.97
CA ASP F 65 37.79 -17.46 41.04
C ASP F 65 36.53 -17.14 41.87
N GLU F 66 36.68 -16.14 42.72
CA GLU F 66 35.62 -15.80 43.65
C GLU F 66 34.37 -15.24 42.96
N ARG F 67 34.53 -14.70 41.75
CA ARG F 67 33.43 -14.13 41.03
C ARG F 67 32.77 -15.20 40.16
N GLY F 68 33.32 -16.42 40.19
CA GLY F 68 32.82 -17.50 39.31
C GLY F 68 33.42 -17.54 37.90
N PHE F 69 34.40 -16.68 37.64
CA PHE F 69 35.11 -16.69 36.33
C PHE F 69 36.08 -17.86 36.18
N ARG F 70 35.93 -18.66 35.15
CA ARG F 70 36.92 -19.71 34.91
C ARG F 70 38.29 -19.06 34.70
N LYS F 71 39.25 -19.42 35.58
CA LYS F 71 40.61 -18.81 35.57
C LYS F 71 41.44 -19.28 34.39
N ASP F 72 41.22 -20.53 33.98
CA ASP F 72 41.93 -21.01 32.80
C ASP F 72 41.49 -20.23 31.54
N VAL F 73 40.17 -20.00 31.42
CA VAL F 73 39.59 -19.21 30.31
C VAL F 73 40.06 -17.76 30.35
N LEU F 74 40.09 -17.17 31.55
CA LEU F 74 40.51 -15.82 31.68
C LEU F 74 41.92 -15.63 31.08
N GLU F 75 42.77 -16.62 31.36
CA GLU F 75 44.16 -16.61 30.91
C GLU F 75 44.21 -16.68 29.40
N ALA F 76 43.46 -17.62 28.81
CA ALA F 76 43.38 -17.75 27.38
C ALA F 76 42.85 -16.48 26.66
N VAL F 77 41.87 -15.81 27.30
CA VAL F 77 41.21 -14.64 26.74
C VAL F 77 42.12 -13.39 26.88
N LYS F 78 42.87 -13.34 27.98
CA LYS F 78 43.73 -12.19 28.19
C LYS F 78 44.81 -12.16 27.14
N ARG F 79 45.24 -13.35 26.75
CA ARG F 79 46.30 -13.58 25.80
C ARG F 79 45.93 -13.10 24.37
N ILE F 80 44.63 -12.95 24.05
CA ILE F 80 44.26 -12.43 22.72
C ILE F 80 43.77 -10.99 22.80
N LYS F 81 44.01 -10.34 23.93
CA LYS F 81 43.84 -8.89 24.03
C LYS F 81 42.53 -8.39 23.39
N VAL F 82 41.40 -8.89 23.87
CA VAL F 82 40.09 -8.55 23.34
C VAL F 82 39.85 -7.00 23.44
N PRO F 83 39.61 -6.33 22.30
CA PRO F 83 39.42 -4.85 22.42
C PRO F 83 37.96 -4.49 22.80
N ASN F 84 37.02 -5.32 22.38
CA ASN F 84 35.62 -5.13 22.78
C ASN F 84 34.91 -6.48 22.75
N LEU F 85 33.92 -6.60 23.61
CA LEU F 85 33.19 -7.87 23.79
C LEU F 85 31.67 -7.59 23.69
N ARG F 86 31.04 -8.36 22.80
CA ARG F 86 29.62 -8.23 22.50
C ARG F 86 28.80 -9.19 23.34
N TRP F 87 27.65 -8.72 23.82
CA TRP F 87 26.84 -9.47 24.76
C TRP F 87 25.47 -8.78 24.89
N PRO F 88 24.40 -9.54 25.13
CA PRO F 88 24.34 -11.00 25.41
C PRO F 88 23.84 -11.79 24.26
N GLY F 89 23.70 -11.16 23.09
CA GLY F 89 23.16 -11.88 21.90
C GLY F 89 23.32 -11.01 20.67
N GLY F 90 23.06 -11.56 19.46
CA GLY F 90 22.53 -12.92 19.30
C GLY F 90 21.03 -13.10 19.51
N ASN F 91 20.49 -14.21 19.01
CA ASN F 91 19.09 -14.51 19.11
C ASN F 91 18.58 -14.39 20.54
N PHE F 92 19.42 -14.71 21.52
CA PHE F 92 19.00 -14.64 22.89
C PHE F 92 18.48 -13.25 23.25
N VAL F 93 19.11 -12.15 22.78
CA VAL F 93 18.75 -10.84 23.35
C VAL F 93 17.34 -10.39 22.95
N SER F 94 16.77 -10.94 21.87
CA SER F 94 15.46 -10.47 21.39
C SER F 94 14.31 -11.03 22.24
N ASN F 95 14.62 -11.85 23.25
CA ASN F 95 13.67 -12.13 24.31
C ASN F 95 14.26 -12.04 25.69
N TYR F 96 15.19 -11.12 25.88
CA TYR F 96 15.86 -10.89 27.18
C TYR F 96 15.47 -9.61 27.83
N HIS F 97 15.03 -9.68 29.09
CA HIS F 97 14.75 -8.50 29.83
C HIS F 97 15.89 -8.26 30.82
N TRP F 98 16.71 -7.22 30.55
CA TRP F 98 17.96 -7.08 31.33
C TRP F 98 17.73 -6.96 32.85
N GLU F 99 16.56 -6.45 33.26
CA GLU F 99 16.30 -6.22 34.68
C GLU F 99 16.15 -7.56 35.42
N ASP F 100 15.98 -8.64 34.68
CA ASP F 100 15.93 -9.95 35.29
C ASP F 100 17.34 -10.37 35.73
N GLY F 101 18.38 -9.67 35.28
CA GLY F 101 19.76 -10.12 35.51
C GLY F 101 20.58 -9.22 36.44
N ILE F 102 19.89 -8.43 37.29
CA ILE F 102 20.56 -7.51 38.16
C ILE F 102 20.13 -7.70 39.59
N GLY F 103 20.89 -7.11 40.52
CA GLY F 103 20.59 -7.23 41.95
C GLY F 103 21.03 -8.59 42.47
N PRO F 104 20.75 -8.87 43.77
CA PRO F 104 21.24 -10.12 44.43
C PRO F 104 20.87 -11.35 43.64
N LYS F 105 21.87 -12.15 43.31
CA LYS F 105 21.72 -13.32 42.46
C LYS F 105 20.60 -14.26 42.85
N ASP F 106 20.43 -14.48 44.15
CA ASP F 106 19.36 -15.41 44.60
C ASP F 106 17.94 -14.88 44.36
N GLN F 107 17.78 -13.57 44.21
CA GLN F 107 16.45 -13.07 43.88
C GLN F 107 16.13 -12.89 42.37
N ARG F 108 17.06 -13.30 41.49
CA ARG F 108 16.89 -13.17 40.05
C ARG F 108 15.99 -14.29 39.54
N PRO F 109 14.97 -13.94 38.78
CA PRO F 109 13.99 -14.91 38.31
C PRO F 109 14.60 -15.86 37.29
N VAL F 110 14.16 -17.11 37.28
CA VAL F 110 14.54 -18.05 36.25
C VAL F 110 13.59 -17.85 35.05
N ARG F 111 14.12 -17.74 33.81
CA ARG F 111 13.28 -17.48 32.60
C ARG F 111 13.51 -18.56 31.59
N PHE F 112 12.54 -18.78 30.74
CA PHE F 112 12.69 -19.71 29.62
C PHE F 112 13.12 -18.89 28.43
N ASP F 113 14.27 -19.20 27.86
CA ASP F 113 14.78 -18.47 26.72
C ASP F 113 14.27 -19.18 25.49
N LEU F 114 13.45 -18.46 24.75
CA LEU F 114 12.86 -18.96 23.54
C LEU F 114 13.93 -19.27 22.52
N ALA F 115 15.04 -18.53 22.52
CA ALA F 115 16.00 -18.65 21.39
C ALA F 115 16.71 -20.04 21.39
N TRP F 116 17.19 -20.46 22.55
CA TRP F 116 17.90 -21.73 22.63
C TRP F 116 17.17 -22.76 23.47
N GLN F 117 15.95 -22.45 23.94
CA GLN F 117 15.10 -23.34 24.72
C GLN F 117 15.66 -23.87 26.03
N GLN F 118 16.17 -22.97 26.84
CA GLN F 118 16.78 -23.36 28.09
C GLN F 118 16.25 -22.49 29.22
N GLU F 119 16.30 -23.02 30.46
CA GLU F 119 16.06 -22.23 31.67
C GLU F 119 17.29 -21.38 31.91
N GLU F 120 17.11 -20.06 31.88
CA GLU F 120 18.17 -19.14 32.10
C GLU F 120 18.01 -18.64 33.53
N THR F 121 19.04 -18.79 34.35
CA THR F 121 18.95 -18.42 35.75
C THR F 121 19.25 -16.96 36.00
N ASN F 122 19.82 -16.31 34.99
CA ASN F 122 20.24 -14.89 35.11
C ASN F 122 21.31 -14.60 36.16
N ARG F 123 21.98 -15.64 36.64
CA ARG F 123 23.08 -15.51 37.62
C ARG F 123 24.30 -14.77 36.97
N PHE F 124 24.43 -14.85 35.65
CA PHE F 124 25.31 -13.97 34.91
C PHE F 124 24.44 -12.88 34.27
N GLY F 125 24.61 -11.65 34.74
CA GLY F 125 23.84 -10.53 34.21
C GLY F 125 24.70 -9.32 33.97
N THR F 126 24.06 -8.16 33.88
CA THR F 126 24.79 -6.96 33.44
C THR F 126 26.01 -6.67 34.27
N ASP F 127 25.85 -6.60 35.59
CA ASP F 127 27.01 -6.30 36.44
C ASP F 127 28.19 -7.28 36.25
N GLU F 128 27.89 -8.57 36.10
CA GLU F 128 28.93 -9.57 35.98
C GLU F 128 29.64 -9.43 34.63
N PHE F 129 28.90 -9.04 33.61
CA PHE F 129 29.46 -8.86 32.29
C PHE F 129 30.41 -7.68 32.27
N ILE F 130 30.05 -6.60 32.93
CA ILE F 130 30.89 -5.43 32.93
C ILE F 130 32.17 -5.76 33.70
N GLU F 131 32.01 -6.49 34.81
CA GLU F 131 33.14 -6.95 35.60
C GLU F 131 34.04 -7.82 34.73
N TYR F 132 33.46 -8.74 33.95
CA TYR F 132 34.31 -9.56 33.10
C TYR F 132 35.13 -8.69 32.11
N CYS F 133 34.44 -7.73 31.48
CA CYS F 133 35.06 -6.83 30.56
C CYS F 133 36.21 -6.06 31.18
N ARG F 134 35.97 -5.53 32.37
CA ARG F 134 37.00 -4.78 33.07
C ARG F 134 38.22 -5.67 33.34
N GLU F 135 37.98 -6.94 33.66
CA GLU F 135 39.01 -7.85 34.05
C GLU F 135 39.93 -8.12 32.85
N ILE F 136 39.35 -8.30 31.64
CA ILE F 136 40.16 -8.60 30.46
C ILE F 136 40.58 -7.35 29.68
N GLY F 137 40.15 -6.18 30.16
CA GLY F 137 40.42 -4.85 29.54
C GLY F 137 39.68 -4.58 28.21
N ALA F 138 38.54 -5.25 27.97
CA ALA F 138 37.70 -5.09 26.74
C ALA F 138 36.61 -4.01 26.90
N GLU F 139 36.35 -3.21 25.85
CA GLU F 139 35.17 -2.33 25.86
C GLU F 139 33.89 -3.17 25.78
N PRO F 140 32.92 -2.90 26.67
CA PRO F 140 31.64 -3.62 26.52
C PRO F 140 30.83 -3.10 25.32
N TYR F 141 30.13 -4.02 24.69
CA TYR F 141 29.33 -3.74 23.51
C TYR F 141 28.03 -4.48 23.79
N ILE F 142 26.99 -3.74 24.18
CA ILE F 142 25.75 -4.36 24.56
C ILE F 142 24.70 -4.30 23.44
N SER F 143 24.06 -5.44 23.15
CA SER F 143 22.95 -5.50 22.23
C SER F 143 21.66 -5.32 23.01
N ILE F 144 20.71 -4.56 22.48
CA ILE F 144 19.47 -4.40 23.17
C ILE F 144 18.37 -5.28 22.60
N ASN F 145 17.28 -5.41 23.37
CA ASN F 145 16.19 -6.29 22.99
C ASN F 145 15.12 -5.51 22.22
N MET F 146 14.97 -5.78 20.92
CA MET F 146 13.96 -5.09 20.14
C MET F 146 12.83 -6.06 19.78
N GLY F 147 12.95 -7.29 20.28
CA GLY F 147 12.01 -8.36 19.93
C GLY F 147 10.88 -8.23 20.91
N THR F 148 11.13 -8.36 22.21
CA THR F 148 10.05 -8.22 23.16
C THR F 148 10.24 -7.03 24.02
N GLY F 149 11.33 -6.30 23.78
CA GLY F 149 11.68 -5.11 24.57
C GLY F 149 10.95 -3.87 24.05
N THR F 150 11.12 -2.76 24.75
CA THR F 150 10.49 -1.50 24.39
C THR F 150 11.55 -0.40 24.40
N LEU F 151 11.21 0.77 23.90
CA LEU F 151 12.11 1.91 24.01
C LEU F 151 12.49 2.23 25.46
N ASP F 152 11.47 2.34 26.33
CA ASP F 152 11.74 2.66 27.73
C ASP F 152 12.78 1.71 28.34
N GLU F 153 12.64 0.41 28.06
CA GLU F 153 13.51 -0.63 28.60
C GLU F 153 14.95 -0.45 28.18
N ALA F 154 15.14 -0.06 26.91
CA ALA F 154 16.47 0.15 26.36
C ALA F 154 17.04 1.43 27.00
N LEU F 155 16.20 2.45 27.15
CA LEU F 155 16.67 3.69 27.74
C LEU F 155 17.08 3.38 29.19
N HIS F 156 16.35 2.48 29.85
CA HIS F 156 16.61 2.21 31.25
C HIS F 156 17.96 1.43 31.37
N TRP F 157 18.27 0.60 30.38
CA TRP F 157 19.52 -0.16 30.41
C TRP F 157 20.68 0.82 30.22
N LEU F 158 20.48 1.77 29.29
CA LEU F 158 21.48 2.77 29.03
C LEU F 158 21.66 3.68 30.27
N GLU F 159 20.59 3.94 31.01
CA GLU F 159 20.65 4.82 32.16
C GLU F 159 21.34 4.07 33.31
N TYR F 160 21.00 2.81 33.49
CA TYR F 160 21.71 2.00 34.42
C TYR F 160 23.26 2.01 34.18
N CYS F 161 23.69 1.74 32.94
CA CYS F 161 25.11 1.64 32.61
C CYS F 161 25.85 2.97 32.55
N ASN F 162 25.21 4.02 32.02
CA ASN F 162 25.92 5.25 31.69
C ASN F 162 25.49 6.47 32.47
N GLY F 163 24.37 6.39 33.19
CA GLY F 163 23.85 7.56 33.89
C GLY F 163 24.83 8.10 34.93
N LYS F 164 25.15 9.40 34.84
CA LYS F 164 25.99 10.14 35.77
C LYS F 164 25.19 10.89 36.83
N GLY F 165 23.87 10.90 36.73
CA GLY F 165 23.07 11.70 37.68
C GLY F 165 22.25 10.97 38.74
N ASN F 166 21.11 11.57 39.06
CA ASN F 166 20.22 11.00 40.03
C ASN F 166 19.02 10.15 39.59
N THR F 167 19.00 9.71 38.34
CA THR F 167 17.83 8.99 37.86
C THR F 167 17.67 7.69 38.60
N TYR F 168 16.46 7.16 38.67
CA TYR F 168 16.22 5.90 39.33
C TYR F 168 17.27 4.88 38.92
N TYR F 169 17.49 4.69 37.62
CA TYR F 169 18.38 3.59 37.23
C TYR F 169 19.83 3.80 37.51
N ALA F 170 20.30 5.04 37.43
CA ALA F 170 21.69 5.31 37.79
C ALA F 170 21.86 5.02 39.29
N GLN F 171 20.89 5.43 40.12
CA GLN F 171 20.97 5.16 41.55
C GLN F 171 20.94 3.66 41.78
N LEU F 172 20.15 2.94 41.00
CA LEU F 172 20.11 1.50 41.12
C LEU F 172 21.48 0.88 40.85
N ARG F 173 22.25 1.42 39.91
CA ARG F 173 23.57 0.82 39.70
C ARG F 173 24.45 1.03 40.96
N ARG F 174 24.37 2.21 41.56
CA ARG F 174 25.12 2.54 42.78
C ARG F 174 24.71 1.62 43.88
N LYS F 175 23.42 1.40 44.03
CA LYS F 175 22.94 0.57 45.11
C LYS F 175 23.52 -0.85 44.97
N TYR F 176 23.60 -1.38 43.75
CA TYR F 176 24.15 -2.75 43.62
C TYR F 176 25.69 -2.83 43.59
N GLY F 177 26.35 -1.71 43.90
CA GLY F 177 27.77 -1.71 44.21
C GLY F 177 28.72 -0.98 43.27
N HIS F 178 28.22 -0.14 42.35
CA HIS F 178 29.09 0.53 41.37
C HIS F 178 28.77 2.00 41.20
N PRO F 179 29.34 2.86 42.04
CA PRO F 179 28.94 4.28 41.95
C PRO F 179 29.28 4.94 40.62
N GLU F 180 30.42 4.59 40.01
CA GLU F 180 30.87 5.19 38.75
C GLU F 180 30.11 4.57 37.55
N PRO F 181 29.72 5.39 36.56
CA PRO F 181 29.11 4.85 35.30
C PRO F 181 30.02 3.81 34.63
N TYR F 182 29.44 2.77 34.04
CA TYR F 182 30.21 1.87 33.24
C TYR F 182 30.71 2.52 31.92
N ASN F 183 30.01 3.55 31.43
CA ASN F 183 30.35 4.15 30.13
C ASN F 183 30.48 3.11 28.98
N VAL F 184 29.40 2.36 28.77
CA VAL F 184 29.29 1.44 27.63
C VAL F 184 29.18 2.25 26.33
N LYS F 185 30.16 2.10 25.43
CA LYS F 185 30.24 2.96 24.20
C LYS F 185 29.58 2.37 22.94
N PHE F 186 29.36 1.07 22.92
CA PHE F 186 28.81 0.38 21.75
C PHE F 186 27.48 -0.21 22.13
N TRP F 187 26.43 0.24 21.41
CA TRP F 187 25.13 -0.28 21.58
C TRP F 187 24.57 -0.90 20.28
N GLY F 188 24.10 -2.14 20.36
CA GLY F 188 23.61 -2.84 19.18
C GLY F 188 22.10 -2.60 19.20
N ILE F 189 21.61 -1.95 18.17
CA ILE F 189 20.17 -1.63 18.07
C ILE F 189 19.43 -2.80 17.45
N GLY F 190 19.13 -3.81 18.26
CA GLY F 190 18.40 -5.03 17.85
C GLY F 190 19.37 -6.03 17.34
N ASN F 191 18.88 -7.25 17.19
CA ASN F 191 19.70 -8.29 16.58
C ASN F 191 18.93 -9.08 15.50
N GLU F 192 19.52 -9.18 14.33
CA GLU F 192 18.91 -9.93 13.19
C GLU F 192 17.42 -9.78 13.09
N MET F 193 16.93 -8.53 13.08
CA MET F 193 15.48 -8.30 13.18
C MET F 193 14.81 -8.69 11.88
N TYR F 194 15.61 -8.97 10.83
CA TYR F 194 15.05 -9.36 9.54
C TYR F 194 14.60 -10.84 9.55
N GLY F 195 15.14 -11.64 10.45
CA GLY F 195 14.98 -13.11 10.31
C GLY F 195 13.74 -13.65 11.03
N GLU F 196 13.00 -14.49 10.31
CA GLU F 196 11.85 -15.20 10.90
C GLU F 196 12.18 -15.96 12.18
N TRP F 197 13.44 -16.36 12.36
CA TRP F 197 13.83 -17.08 13.59
C TRP F 197 13.90 -16.16 14.82
N GLN F 198 13.91 -14.85 14.61
CA GLN F 198 14.12 -13.93 15.69
C GLN F 198 12.80 -13.63 16.35
N VAL F 199 12.76 -13.56 17.69
CA VAL F 199 11.52 -13.25 18.37
C VAL F 199 11.15 -11.81 17.95
N GLY F 200 9.88 -11.59 17.55
CA GLY F 200 9.39 -10.24 17.22
C GLY F 200 10.04 -9.65 15.97
N HIS F 201 10.38 -10.50 15.01
CA HIS F 201 10.98 -10.00 13.81
C HIS F 201 10.11 -8.97 13.04
N MET F 202 10.79 -8.12 12.26
CA MET F 202 10.20 -6.93 11.65
C MET F 202 10.39 -6.93 10.12
N THR F 203 9.50 -6.29 9.39
CA THR F 203 9.80 -6.00 7.99
C THR F 203 10.90 -4.90 7.99
N ALA F 204 11.46 -4.61 6.81
CA ALA F 204 12.47 -3.57 6.66
C ALA F 204 11.96 -2.16 7.07
N ASP F 205 10.76 -1.80 6.64
CA ASP F 205 10.16 -0.55 7.10
C ASP F 205 9.94 -0.46 8.59
N GLU F 206 9.45 -1.52 9.25
CA GLU F 206 9.33 -1.49 10.71
C GLU F 206 10.67 -1.27 11.42
N TYR F 207 11.67 -2.04 10.99
CA TYR F 207 12.95 -2.03 11.68
C TYR F 207 13.65 -0.72 11.40
N ALA F 208 13.61 -0.27 10.15
CA ALA F 208 14.23 1.03 9.84
C ALA F 208 13.65 2.16 10.75
N ARG F 209 12.32 2.29 10.84
CA ARG F 209 11.70 3.29 11.73
C ARG F 209 12.06 3.09 13.21
N ALA F 210 12.00 1.84 13.71
CA ALA F 210 12.33 1.56 15.10
C ALA F 210 13.84 1.81 15.38
N ALA F 211 14.70 1.55 14.39
CA ALA F 211 16.12 1.85 14.54
C ALA F 211 16.31 3.34 14.74
N LYS F 212 15.63 4.13 13.93
CA LYS F 212 15.72 5.57 14.05
C LYS F 212 15.19 6.04 15.44
N GLU F 213 14.00 5.56 15.83
CA GLU F 213 13.38 5.90 17.09
C GLU F 213 14.30 5.55 18.26
N TYR F 214 14.73 4.28 18.39
CA TYR F 214 15.60 3.93 19.54
C TYR F 214 16.89 4.74 19.57
N THR F 215 17.52 4.86 18.40
CA THR F 215 18.83 5.42 18.36
C THR F 215 18.72 6.91 18.64
N LYS F 216 17.73 7.59 18.10
CA LYS F 216 17.65 9.00 18.41
C LYS F 216 17.37 9.32 19.88
N TRP F 217 16.49 8.56 20.53
CA TRP F 217 16.20 8.87 21.92
C TRP F 217 17.37 8.40 22.86
N MET F 218 18.00 7.25 22.57
CA MET F 218 19.17 6.86 23.34
C MET F 218 20.23 7.97 23.28
N LYS F 219 20.43 8.53 22.10
CA LYS F 219 21.49 9.49 21.96
C LYS F 219 21.05 10.81 22.59
N VAL F 220 19.76 11.03 22.76
CA VAL F 220 19.36 12.20 23.52
C VAL F 220 19.85 12.03 24.98
N PHE F 221 19.74 10.82 25.52
CA PHE F 221 20.25 10.58 26.85
C PHE F 221 21.79 10.62 26.92
N ASP F 222 22.46 9.97 25.96
CA ASP F 222 23.90 9.91 25.95
C ASP F 222 24.41 10.07 24.52
N PRO F 223 24.75 11.31 24.15
CA PRO F 223 25.18 11.57 22.76
C PRO F 223 26.49 10.94 22.36
N THR F 224 27.19 10.32 23.31
CA THR F 224 28.55 9.82 23.02
C THR F 224 28.53 8.39 22.50
N ILE F 225 27.40 7.72 22.56
CA ILE F 225 27.42 6.31 22.22
C ILE F 225 27.46 6.10 20.66
N LYS F 226 27.94 4.93 20.28
CA LYS F 226 27.99 4.54 18.90
C LYS F 226 26.89 3.51 18.74
N ALA F 227 26.02 3.71 17.74
CA ALA F 227 24.90 2.81 17.56
C ALA F 227 25.12 1.90 16.35
N ILE F 228 25.00 0.59 16.56
CA ILE F 228 25.10 -0.36 15.44
C ILE F 228 23.68 -0.85 15.03
N ALA F 229 23.22 -0.50 13.82
CA ALA F 229 21.90 -1.01 13.33
C ALA F 229 22.08 -2.31 12.57
N VAL F 230 21.04 -3.13 12.49
CA VAL F 230 21.05 -4.38 11.77
C VAL F 230 21.05 -4.22 10.25
N GLY F 231 22.00 -4.88 9.57
CA GLY F 231 22.03 -4.98 8.10
C GLY F 231 21.99 -6.45 7.77
N CYS F 232 21.94 -6.80 6.51
CA CYS F 232 22.02 -8.24 6.10
C CYS F 232 22.35 -8.26 4.66
N ASP F 233 22.02 -9.37 4.00
CA ASP F 233 22.20 -9.46 2.54
C ASP F 233 21.17 -8.89 1.65
N ASP F 234 20.03 -8.52 2.18
CA ASP F 234 19.00 -7.94 1.34
C ASP F 234 19.33 -6.45 1.18
N PRO F 235 19.66 -6.01 -0.05
CA PRO F 235 20.02 -4.61 -0.21
C PRO F 235 18.85 -3.67 0.03
N ILE F 236 17.62 -4.11 -0.16
CA ILE F 236 16.47 -3.22 0.12
C ILE F 236 16.41 -2.95 1.66
N TRP F 237 16.56 -4.02 2.44
CA TRP F 237 16.66 -3.90 3.88
C TRP F 237 17.69 -2.90 4.27
N ASN F 238 18.91 -3.07 3.76
CA ASN F 238 20.00 -2.18 4.17
C ASN F 238 19.69 -0.73 3.80
N LEU F 239 19.14 -0.54 2.60
CA LEU F 239 18.86 0.80 2.13
C LEU F 239 17.77 1.48 2.97
N ARG F 240 16.74 0.76 3.40
CA ARG F 240 15.73 1.40 4.27
C ARG F 240 16.30 1.84 5.61
N VAL F 241 17.14 0.99 6.19
CA VAL F 241 17.80 1.30 7.43
C VAL F 241 18.62 2.60 7.31
N LEU F 242 19.49 2.64 6.29
CA LEU F 242 20.30 3.81 6.01
C LEU F 242 19.49 5.07 5.67
N GLN F 243 18.45 4.95 4.84
CA GLN F 243 17.63 6.09 4.50
C GLN F 243 16.90 6.66 5.69
N GLU F 244 16.36 5.80 6.55
CA GLU F 244 15.57 6.22 7.72
C GLU F 244 16.45 6.67 8.91
N ALA F 245 17.53 5.91 9.18
CA ALA F 245 18.31 6.11 10.41
C ALA F 245 19.73 6.64 10.17
N GLY F 246 20.04 6.95 8.91
CA GLY F 246 21.43 7.21 8.50
C GLY F 246 21.95 8.50 9.08
N ASP F 247 21.05 9.34 9.59
CA ASP F 247 21.46 10.56 10.30
C ASP F 247 21.84 10.35 11.77
N VAL F 248 21.54 9.19 12.34
CA VAL F 248 21.89 8.96 13.72
C VAL F 248 22.67 7.65 14.05
N ILE F 249 22.63 6.65 13.21
CA ILE F 249 23.41 5.42 13.51
C ILE F 249 24.88 5.64 13.17
N ASP F 250 25.74 4.71 13.60
CA ASP F 250 27.16 4.87 13.34
C ASP F 250 27.68 3.71 12.49
N PHE F 251 27.05 2.57 12.63
CA PHE F 251 27.39 1.46 11.80
C PHE F 251 26.15 0.73 11.38
N ILE F 252 26.25 0.02 10.26
CA ILE F 252 25.30 -0.98 9.90
C ILE F 252 26.04 -2.30 9.94
N SER F 253 25.36 -3.31 10.47
CA SER F 253 26.04 -4.51 10.84
C SER F 253 25.91 -5.58 9.75
N TYR F 254 26.85 -6.52 9.74
CA TYR F 254 26.78 -7.60 8.76
C TYR F 254 27.22 -8.90 9.40
N HIS F 255 26.45 -9.97 9.22
CA HIS F 255 26.82 -11.26 9.86
C HIS F 255 27.25 -12.25 8.78
N PHE F 256 28.35 -12.97 8.98
CA PHE F 256 28.84 -13.82 7.92
C PHE F 256 29.34 -15.17 8.44
N TYR F 257 28.61 -16.20 8.07
CA TYR F 257 28.91 -17.58 8.42
C TYR F 257 29.16 -18.44 7.17
N THR F 258 30.12 -19.35 7.25
CA THR F 258 30.61 -19.95 6.02
C THR F 258 31.12 -21.35 6.30
N GLY F 259 31.61 -22.00 5.24
CA GLY F 259 32.33 -23.25 5.37
C GLY F 259 31.67 -24.49 4.75
N SER F 260 32.54 -25.42 4.35
CA SER F 260 32.15 -26.77 4.01
C SER F 260 33.29 -27.72 4.26
N ASP F 261 33.05 -28.98 3.95
CA ASP F 261 34.10 -29.98 4.11
C ASP F 261 35.23 -29.76 3.14
N ASP F 262 34.98 -29.10 2.03
CA ASP F 262 36.06 -28.85 1.11
C ASP F 262 36.99 -27.71 1.60
N TYR F 263 38.29 -27.96 1.55
CA TYR F 263 39.26 -26.95 1.96
C TYR F 263 39.11 -25.62 1.19
N TYR F 264 39.13 -25.67 -0.13
CA TYR F 264 39.07 -24.45 -0.87
C TYR F 264 37.75 -23.71 -0.78
N GLU F 265 36.65 -24.45 -0.62
CA GLU F 265 35.33 -23.86 -0.56
C GLU F 265 35.24 -23.10 0.73
N THR F 266 35.99 -23.52 1.75
CA THR F 266 36.03 -22.79 3.04
C THR F 266 36.90 -21.54 2.90
N VAL F 267 38.18 -21.72 2.55
CA VAL F 267 39.11 -20.60 2.63
C VAL F 267 38.84 -19.55 1.56
N SER F 268 38.42 -19.94 0.35
CA SER F 268 38.07 -18.95 -0.66
C SER F 268 36.99 -17.94 -0.20
N THR F 269 36.14 -18.29 0.76
CA THR F 269 35.06 -17.36 1.17
C THR F 269 35.55 -16.11 1.88
N VAL F 270 36.81 -16.06 2.23
CA VAL F 270 37.39 -14.78 2.68
C VAL F 270 37.08 -13.72 1.59
N TYR F 271 37.24 -14.14 0.32
CA TYR F 271 37.07 -13.25 -0.84
C TYR F 271 35.59 -13.01 -1.24
N LEU F 272 34.69 -13.92 -0.84
CA LEU F 272 33.27 -13.68 -0.92
C LEU F 272 32.93 -12.61 0.12
N LEU F 273 33.38 -12.81 1.37
CA LEU F 273 33.21 -11.80 2.40
C LEU F 273 33.67 -10.39 1.90
N LYS F 274 34.85 -10.31 1.29
CA LYS F 274 35.40 -9.07 0.78
C LYS F 274 34.40 -8.36 -0.12
N GLU F 275 33.88 -9.08 -1.14
CA GLU F 275 32.89 -8.51 -2.02
C GLU F 275 31.54 -8.09 -1.36
N ARG F 276 30.99 -8.88 -0.42
CA ARG F 276 29.83 -8.47 0.40
C ARG F 276 30.06 -7.13 1.14
N LEU F 277 31.23 -7.00 1.78
CA LEU F 277 31.53 -5.82 2.52
C LEU F 277 31.66 -4.62 1.56
N ILE F 278 32.30 -4.80 0.42
CA ILE F 278 32.37 -3.70 -0.55
C ILE F 278 30.96 -3.29 -1.04
N GLY F 279 30.06 -4.27 -1.20
CA GLY F 279 28.70 -3.97 -1.62
C GLY F 279 27.98 -3.10 -0.59
N VAL F 280 27.99 -3.51 0.68
CA VAL F 280 27.40 -2.72 1.76
C VAL F 280 27.96 -1.30 1.80
N LYS F 281 29.28 -1.19 1.66
CA LYS F 281 29.89 0.14 1.68
C LYS F 281 29.35 0.99 0.51
N LYS F 282 29.12 0.36 -0.65
CA LYS F 282 28.56 1.13 -1.77
C LYS F 282 27.13 1.50 -1.45
N LEU F 283 26.41 0.65 -0.73
CA LEU F 283 25.02 1.03 -0.34
C LEU F 283 25.03 2.31 0.51
N ILE F 284 25.94 2.35 1.50
CA ILE F 284 26.12 3.54 2.33
C ILE F 284 26.52 4.77 1.50
N ASP F 285 27.38 4.59 0.48
CA ASP F 285 27.76 5.74 -0.38
C ASP F 285 26.55 6.29 -1.17
N MET F 286 25.49 5.48 -1.29
CA MET F 286 24.37 5.88 -2.12
C MET F 286 23.24 6.50 -1.31
N VAL F 287 23.45 6.67 -0.01
CA VAL F 287 22.49 7.37 0.83
C VAL F 287 23.18 8.58 1.41
N ASP F 288 22.83 9.77 0.95
CA ASP F 288 23.57 10.99 1.31
C ASP F 288 23.82 11.19 2.78
N THR F 289 22.80 11.09 3.62
CA THR F 289 23.04 11.42 5.02
C THR F 289 24.05 10.43 5.65
N ALA F 290 23.93 9.14 5.33
CA ALA F 290 24.81 8.13 5.89
C ALA F 290 26.25 8.31 5.36
N ARG F 291 26.37 8.58 4.06
CA ARG F 291 27.66 8.87 3.46
C ARG F 291 28.34 10.12 4.09
N LYS F 292 27.60 11.23 4.19
CA LYS F 292 28.18 12.43 4.80
C LYS F 292 28.56 12.22 6.23
N ARG F 293 27.78 11.44 6.98
CA ARG F 293 28.13 11.22 8.40
C ARG F 293 29.25 10.21 8.61
N GLY F 294 29.66 9.53 7.53
CA GLY F 294 30.70 8.50 7.70
C GLY F 294 30.24 7.21 8.42
N VAL F 295 29.03 6.76 8.12
CA VAL F 295 28.52 5.47 8.60
C VAL F 295 29.38 4.34 8.09
N LYS F 296 29.70 3.37 8.97
CA LYS F 296 30.54 2.25 8.56
C LYS F 296 29.91 0.91 8.83
N ILE F 297 30.69 -0.16 8.71
CA ILE F 297 30.18 -1.48 8.83
C ILE F 297 30.71 -2.09 10.10
N ALA F 298 29.83 -2.80 10.82
CA ALA F 298 30.26 -3.60 11.94
C ALA F 298 30.08 -5.05 11.52
N LEU F 299 31.17 -5.82 11.37
CA LEU F 299 31.00 -7.25 10.99
C LEU F 299 30.87 -7.96 12.33
N ASP F 300 29.74 -7.75 13.02
CA ASP F 300 29.68 -8.17 14.42
C ASP F 300 29.23 -9.63 14.71
N GLU F 301 29.13 -10.45 13.67
CA GLU F 301 29.19 -11.87 13.85
C GLU F 301 29.80 -12.48 12.61
N TRP F 302 30.89 -13.22 12.82
CA TRP F 302 31.50 -13.97 11.73
C TRP F 302 32.19 -15.20 12.30
N ASN F 303 32.25 -16.24 11.47
CA ASN F 303 32.98 -17.49 11.77
C ASN F 303 32.67 -18.52 10.73
N VAL F 304 33.44 -19.62 10.75
CA VAL F 304 32.99 -20.83 10.08
C VAL F 304 31.85 -21.40 10.91
N TRP F 305 30.79 -21.86 10.26
CA TRP F 305 29.69 -22.56 10.91
C TRP F 305 28.91 -23.37 9.85
N TYR F 306 29.03 -24.70 9.87
CA TYR F 306 28.35 -25.53 8.88
C TYR F 306 28.07 -26.96 9.30
N ARG F 307 28.73 -27.44 10.37
CA ARG F 307 28.64 -28.85 10.70
C ARG F 307 27.49 -29.21 11.65
N VAL F 308 27.25 -28.39 12.66
CA VAL F 308 26.30 -28.65 13.74
C VAL F 308 25.17 -27.61 13.75
N SER F 309 23.97 -28.10 13.99
CA SER F 309 22.78 -27.30 14.01
C SER F 309 21.87 -27.67 15.22
N ASP F 310 22.20 -27.21 16.41
CA ASP F 310 21.45 -27.57 17.58
C ASP F 310 21.37 -26.35 18.45
N ASN F 311 21.17 -26.54 19.75
CA ASN F 311 21.06 -25.47 20.75
C ASN F 311 22.41 -25.23 21.47
N LYS F 312 23.51 -25.75 20.93
CA LYS F 312 24.80 -25.67 21.65
C LYS F 312 25.94 -25.19 20.78
N LEU F 313 25.90 -25.65 19.53
CA LEU F 313 26.77 -25.17 18.46
C LEU F 313 28.28 -25.38 18.71
N GLU F 314 28.62 -26.54 19.30
CA GLU F 314 30.03 -26.81 19.61
C GLU F 314 30.80 -27.30 18.37
N GLU F 315 30.95 -26.38 17.41
CA GLU F 315 31.54 -26.61 16.10
C GLU F 315 33.04 -26.98 16.25
N PRO F 316 33.43 -28.18 15.74
CA PRO F 316 34.80 -28.71 15.94
C PRO F 316 35.76 -28.13 14.91
N TYR F 317 36.23 -26.90 15.17
CA TYR F 317 37.09 -26.20 14.24
C TYR F 317 38.37 -26.95 14.04
N ASP F 318 38.76 -27.05 12.78
CA ASP F 318 40.05 -27.57 12.40
C ASP F 318 40.93 -26.50 11.69
N LEU F 319 42.06 -26.91 11.14
CA LEU F 319 43.07 -25.95 10.66
C LEU F 319 42.57 -25.16 9.44
N LYS F 320 41.93 -25.86 8.51
CA LYS F 320 41.14 -25.28 7.43
C LYS F 320 40.35 -24.06 7.96
N ASP F 321 39.64 -24.26 9.07
CA ASP F 321 38.83 -23.17 9.60
C ASP F 321 39.69 -22.04 10.13
N GLY F 322 40.82 -22.37 10.79
CA GLY F 322 41.73 -21.38 11.34
C GLY F 322 42.38 -20.53 10.26
N ILE F 323 42.67 -21.12 9.09
CA ILE F 323 43.19 -20.35 7.92
C ILE F 323 42.15 -19.38 7.34
N PHE F 324 40.89 -19.78 7.31
CA PHE F 324 39.79 -18.83 7.00
C PHE F 324 39.88 -17.61 7.99
N ALA F 325 39.92 -17.90 9.27
CA ALA F 325 40.01 -16.85 10.28
C ALA F 325 41.21 -15.95 10.05
N CYS F 326 42.37 -16.53 9.72
CA CYS F 326 43.58 -15.76 9.43
C CYS F 326 43.34 -14.84 8.27
N GLY F 327 42.78 -15.41 7.23
CA GLY F 327 42.48 -14.71 5.99
C GLY F 327 41.50 -13.58 6.32
N VAL F 328 40.53 -13.82 7.19
CA VAL F 328 39.64 -12.68 7.54
C VAL F 328 40.38 -11.57 8.32
N LEU F 329 41.26 -11.94 9.24
CA LEU F 329 41.98 -10.88 10.00
C LEU F 329 42.89 -10.02 9.09
N VAL F 330 43.53 -10.66 8.11
CA VAL F 330 44.37 -9.98 7.16
C VAL F 330 43.48 -9.08 6.29
N LEU F 331 42.37 -9.62 5.80
CA LEU F 331 41.44 -8.80 5.06
C LEU F 331 40.98 -7.58 5.90
N LEU F 332 40.62 -7.81 7.15
CA LEU F 332 40.17 -6.69 8.01
C LEU F 332 41.32 -5.69 8.24
N GLN F 333 42.58 -6.15 8.28
CA GLN F 333 43.64 -5.13 8.40
C GLN F 333 43.61 -4.21 7.20
N LYS F 334 43.29 -4.78 6.04
CA LYS F 334 43.36 -3.97 4.83
C LYS F 334 42.11 -3.08 4.63
N MET F 335 40.99 -3.37 5.34
CA MET F 335 39.67 -2.74 5.03
C MET F 335 39.06 -2.12 6.27
N SER F 336 39.85 -1.93 7.32
CA SER F 336 39.27 -1.54 8.56
C SER F 336 38.72 -0.11 8.57
N ASP F 337 39.11 0.74 7.61
CA ASP F 337 38.49 2.08 7.47
C ASP F 337 36.99 1.96 7.09
N ILE F 338 36.64 0.88 6.38
CA ILE F 338 35.26 0.55 5.99
C ILE F 338 34.58 -0.35 7.08
N VAL F 339 35.31 -1.30 7.65
CA VAL F 339 34.78 -2.20 8.67
C VAL F 339 35.69 -2.07 9.88
N PRO F 340 35.42 -1.07 10.75
CA PRO F 340 36.29 -0.80 11.91
C PRO F 340 35.99 -1.65 13.12
N LEU F 341 34.88 -2.38 13.05
CA LEU F 341 34.42 -3.19 14.14
C LEU F 341 34.06 -4.58 13.62
N ALA F 342 34.62 -5.63 14.23
CA ALA F 342 34.30 -7.02 13.89
C ALA F 342 34.31 -7.87 15.13
N ASN F 343 33.43 -8.88 15.19
CA ASN F 343 33.35 -9.75 16.34
C ASN F 343 33.20 -11.18 15.90
N LEU F 344 34.17 -12.01 16.27
CA LEU F 344 34.11 -13.39 15.92
C LEU F 344 32.95 -13.91 16.72
N ALA F 345 32.15 -14.78 16.12
CA ALA F 345 31.10 -15.48 16.88
C ALA F 345 31.52 -16.94 17.04
N GLN F 346 31.84 -17.46 18.24
CA GLN F 346 31.85 -16.74 19.53
C GLN F 346 33.08 -17.20 20.33
N LEU F 347 33.21 -16.66 21.54
CA LEU F 347 34.46 -16.77 22.29
C LEU F 347 34.68 -18.19 22.85
N VAL F 348 33.65 -18.79 23.45
CA VAL F 348 33.82 -20.04 24.15
C VAL F 348 32.67 -20.99 23.84
N ASN F 349 32.99 -22.22 23.46
CA ASN F 349 32.01 -23.31 23.28
C ASN F 349 31.07 -23.17 22.11
N ALA F 350 30.17 -22.20 22.24
CA ALA F 350 29.25 -21.87 21.16
C ALA F 350 30.01 -21.24 20.01
N LEU F 351 29.94 -21.86 18.84
CA LEU F 351 30.81 -21.56 17.69
C LEU F 351 32.21 -21.18 18.19
N GLY F 352 32.74 -21.95 19.14
CA GLY F 352 33.70 -21.36 20.07
C GLY F 352 35.16 -21.39 19.65
N ALA F 353 35.84 -20.26 19.84
CA ALA F 353 37.27 -20.19 19.64
C ALA F 353 37.98 -21.09 20.69
N ILE F 354 37.50 -21.02 21.93
CA ILE F 354 37.99 -21.82 23.06
C ILE F 354 36.88 -22.82 23.35
N HIS F 355 37.24 -24.10 23.60
CA HIS F 355 36.26 -25.18 23.97
C HIS F 355 36.57 -25.59 25.39
N THR F 356 35.62 -25.46 26.31
CA THR F 356 35.90 -25.91 27.68
C THR F 356 35.29 -27.26 27.94
N GLU F 357 35.92 -27.97 28.88
CA GLU F 357 35.28 -29.06 29.60
C GLU F 357 35.36 -28.72 31.11
N LYS F 358 34.77 -29.59 31.90
CA LYS F 358 34.76 -29.39 33.33
C LYS F 358 36.15 -29.31 33.98
N ASP F 359 37.14 -29.94 33.37
CA ASP F 359 38.48 -30.01 33.94
C ASP F 359 39.59 -29.35 33.08
N GLY F 360 39.23 -28.51 32.11
CA GLY F 360 40.22 -27.95 31.17
C GLY F 360 39.64 -27.27 29.94
N LEU F 361 40.49 -26.89 29.00
CA LEU F 361 40.06 -26.23 27.77
C LEU F 361 40.96 -26.59 26.60
N ILE F 362 40.40 -26.41 25.41
CA ILE F 362 41.11 -26.58 24.16
C ILE F 362 41.16 -25.22 23.44
N LEU F 363 42.31 -24.92 22.85
CA LEU F 363 42.41 -23.74 22.02
C LEU F 363 42.31 -24.23 20.58
N THR F 364 41.23 -23.87 19.88
CA THR F 364 41.03 -24.39 18.57
C THR F 364 41.91 -23.61 17.59
N PRO F 365 42.03 -24.10 16.35
CA PRO F 365 42.76 -23.33 15.38
C PRO F 365 42.19 -21.90 15.16
N VAL F 366 40.89 -21.70 15.41
CA VAL F 366 40.34 -20.37 15.22
C VAL F 366 40.89 -19.44 16.28
N TYR F 367 40.99 -19.92 17.51
CA TYR F 367 41.69 -19.14 18.55
C TYR F 367 43.15 -18.81 18.17
N LYS F 368 43.83 -19.80 17.61
CA LYS F 368 45.23 -19.64 17.21
C LYS F 368 45.41 -18.52 16.19
N ALA F 369 44.43 -18.37 15.29
CA ALA F 369 44.46 -17.26 14.33
C ALA F 369 44.58 -15.91 15.06
N PHE F 370 43.74 -15.70 16.08
CA PHE F 370 43.81 -14.47 16.84
C PHE F 370 45.12 -14.42 17.64
N GLU F 371 45.45 -15.56 18.23
CA GLU F 371 46.66 -15.62 19.01
C GLU F 371 47.83 -15.15 18.17
N LEU F 372 47.97 -15.70 16.97
CA LEU F 372 48.96 -15.19 16.02
C LEU F 372 48.85 -13.66 15.73
N ILE F 373 47.77 -13.23 15.07
CA ILE F 373 47.67 -11.88 14.51
C ILE F 373 47.65 -10.81 15.55
N VAL F 374 46.96 -11.05 16.66
CA VAL F 374 46.76 -9.97 17.61
C VAL F 374 48.06 -9.65 18.33
N ASN F 375 48.93 -10.65 18.47
CA ASN F 375 50.23 -10.43 19.17
C ASN F 375 51.36 -10.03 18.22
N HIS F 376 51.08 -10.04 16.90
CA HIS F 376 52.10 -9.74 15.90
C HIS F 376 51.48 -8.89 14.79
N SER F 377 51.08 -7.66 15.15
CA SER F 377 50.45 -6.76 14.19
C SER F 377 50.67 -5.35 14.62
N GLY F 378 50.69 -4.42 13.65
CA GLY F 378 50.89 -3.01 13.96
C GLY F 378 49.56 -2.25 14.04
N GLU F 379 49.62 -0.99 14.44
CA GLU F 379 48.47 -0.15 14.56
C GLU F 379 48.23 0.63 13.25
N LYS F 380 49.15 0.54 12.28
CA LYS F 380 49.00 1.21 11.00
C LYS F 380 49.36 0.34 9.84
N LEU F 381 48.55 0.42 8.79
CA LEU F 381 48.77 -0.36 7.58
C LEU F 381 49.77 0.41 6.69
N VAL F 382 50.75 -0.30 6.12
CA VAL F 382 51.70 0.37 5.22
C VAL F 382 51.51 -0.24 3.87
N LYS F 383 52.03 0.45 2.85
CA LYS F 383 51.85 0.06 1.47
C LYS F 383 52.28 -1.40 1.28
N THR F 384 51.38 -2.21 0.74
CA THR F 384 51.61 -3.61 0.45
C THR F 384 51.07 -3.97 -0.94
N HIS F 385 51.93 -4.46 -1.83
CA HIS F 385 51.45 -4.98 -3.11
C HIS F 385 51.77 -6.48 -3.16
N VAL F 386 50.79 -7.28 -3.56
CA VAL F 386 50.95 -8.70 -3.64
C VAL F 386 50.67 -9.16 -5.07
N GLU F 387 51.56 -10.00 -5.64
CA GLU F 387 51.30 -10.67 -6.90
C GLU F 387 50.94 -12.10 -6.55
N SER F 388 49.89 -12.65 -7.15
CA SER F 388 49.50 -14.03 -6.82
C SER F 388 48.80 -14.75 -7.99
N GLU F 389 49.07 -16.02 -8.20
CA GLU F 389 48.17 -16.81 -9.05
C GLU F 389 46.80 -16.78 -8.35
N THR F 390 45.74 -16.97 -9.14
CA THR F 390 44.38 -16.93 -8.64
C THR F 390 43.65 -18.17 -9.12
N TYR F 391 42.54 -18.49 -8.44
CA TYR F 391 41.63 -19.53 -8.89
C TYR F 391 40.17 -19.02 -8.83
N ASN F 392 39.30 -19.72 -9.56
CA ASN F 392 37.87 -19.56 -9.49
C ASN F 392 37.31 -20.82 -8.90
N ILE F 393 36.17 -20.68 -8.22
CA ILE F 393 35.55 -21.79 -7.50
C ILE F 393 34.02 -21.63 -7.40
N GLU F 394 33.30 -22.77 -7.45
CA GLU F 394 31.88 -22.87 -7.07
C GLU F 394 31.79 -23.86 -5.96
N GLY F 395 31.09 -23.49 -4.89
CA GLY F 395 31.01 -24.32 -3.72
C GLY F 395 29.72 -24.09 -3.01
N VAL F 396 29.60 -24.65 -1.80
CA VAL F 396 28.45 -24.46 -0.90
C VAL F 396 29.05 -23.99 0.41
N MET F 397 28.25 -23.38 1.26
CA MET F 397 28.76 -22.78 2.49
C MET F 397 27.65 -22.85 3.53
N PHE F 398 28.03 -22.86 4.79
CA PHE F 398 27.06 -22.70 5.87
C PHE F 398 26.18 -23.96 6.05
N ILE F 399 25.33 -23.96 7.06
CA ILE F 399 24.60 -25.17 7.52
C ILE F 399 23.61 -25.69 6.46
N ASN F 400 23.11 -24.80 5.62
CA ASN F 400 22.15 -25.16 4.61
C ASN F 400 22.78 -25.39 3.24
N LYS F 401 24.11 -25.30 3.20
CA LYS F 401 24.88 -25.51 1.99
C LYS F 401 24.42 -24.57 0.88
N MET F 402 24.31 -23.26 1.13
CA MET F 402 23.95 -22.35 0.04
C MET F 402 25.12 -22.30 -0.97
N PRO F 403 24.82 -22.42 -2.27
CA PRO F 403 25.83 -22.30 -3.32
C PRO F 403 26.41 -20.90 -3.37
N PHE F 404 27.67 -20.84 -3.79
CA PHE F 404 28.30 -19.55 -3.92
C PHE F 404 29.36 -19.69 -4.99
N SER F 405 29.85 -18.56 -5.51
CA SER F 405 31.02 -18.60 -6.34
C SER F 405 31.91 -17.43 -6.05
N VAL F 406 33.22 -17.64 -6.21
CA VAL F 406 34.20 -16.58 -6.08
C VAL F 406 35.04 -16.61 -7.32
N GLU F 407 35.32 -15.43 -7.87
CA GLU F 407 36.25 -15.32 -9.00
C GLU F 407 37.59 -14.74 -8.56
N ASN F 408 38.69 -15.34 -9.05
CA ASN F 408 40.05 -14.80 -8.85
C ASN F 408 40.46 -14.66 -7.38
N ALA F 409 40.05 -15.62 -6.57
CA ALA F 409 40.55 -15.78 -5.22
C ALA F 409 42.08 -15.93 -5.33
N PRO F 410 42.86 -15.20 -4.51
CA PRO F 410 44.34 -15.45 -4.53
C PRO F 410 44.78 -16.70 -3.73
N PHE F 411 45.87 -17.35 -4.17
CA PHE F 411 46.49 -18.40 -3.38
C PHE F 411 47.35 -17.78 -2.29
N LEU F 412 47.76 -16.53 -2.51
CA LEU F 412 48.65 -15.86 -1.61
C LEU F 412 48.12 -14.48 -1.28
N ASP F 413 48.09 -14.14 0.00
CA ASP F 413 47.69 -12.77 0.37
C ASP F 413 48.53 -12.27 1.55
N ALA F 414 48.61 -10.95 1.72
CA ALA F 414 49.47 -10.45 2.76
C ALA F 414 49.03 -9.08 3.20
N ALA F 415 49.48 -8.66 4.39
CA ALA F 415 49.29 -7.30 4.76
C ALA F 415 50.43 -6.93 5.67
N ALA F 416 51.05 -5.78 5.42
CA ALA F 416 52.10 -5.31 6.26
C ALA F 416 51.62 -4.14 7.11
N SER F 417 51.98 -4.18 8.38
CA SER F 417 51.68 -3.10 9.28
C SER F 417 52.90 -2.71 10.13
N ILE F 418 52.87 -1.52 10.75
CA ILE F 418 54.00 -1.10 11.60
C ILE F 418 53.49 -0.69 12.91
N SER F 419 54.29 -0.85 13.95
CA SER F 419 53.86 -0.37 15.24
C SER F 419 53.80 1.16 15.32
N GLU F 420 52.98 1.64 16.27
CA GLU F 420 52.78 3.04 16.57
C GLU F 420 54.13 3.78 16.74
N ASP F 421 55.09 3.15 17.42
CA ASP F 421 56.34 3.81 17.80
C ASP F 421 57.31 3.87 16.62
N GLY F 422 57.15 2.93 15.68
CA GLY F 422 57.78 2.97 14.35
C GLY F 422 58.91 1.96 14.24
N LYS F 423 58.98 1.08 15.23
CA LYS F 423 60.11 0.22 15.46
C LYS F 423 60.01 -1.25 14.98
N LYS F 424 58.78 -1.74 14.79
CA LYS F 424 58.53 -3.07 14.25
C LYS F 424 57.67 -3.00 12.97
N LEU F 425 58.04 -3.82 12.01
CA LEU F 425 57.25 -4.00 10.83
C LEU F 425 56.72 -5.42 10.97
N PHE F 426 55.46 -5.63 10.64
CA PHE F 426 54.88 -6.99 10.71
C PHE F 426 54.36 -7.33 9.32
N ILE F 427 54.90 -8.37 8.69
CA ILE F 427 54.36 -8.73 7.41
C ILE F 427 53.55 -9.99 7.59
N ALA F 428 52.23 -9.90 7.52
CA ALA F 428 51.33 -11.05 7.73
C ALA F 428 51.09 -11.69 6.34
N VAL F 429 51.22 -13.01 6.27
CA VAL F 429 51.16 -13.68 4.99
C VAL F 429 50.38 -14.96 5.17
N VAL F 430 49.37 -15.14 4.30
CA VAL F 430 48.63 -16.37 4.30
C VAL F 430 48.93 -17.14 3.03
N ASN F 431 49.40 -18.39 3.15
CA ASN F 431 49.49 -19.27 1.98
C ASN F 431 48.31 -20.21 1.96
N TYR F 432 47.42 -20.00 1.00
CA TYR F 432 46.21 -20.75 0.94
C TYR F 432 46.40 -22.06 0.16
N ARG F 433 47.51 -22.21 -0.58
CA ARG F 433 47.77 -23.47 -1.30
C ARG F 433 47.65 -24.63 -0.35
N LYS F 434 46.91 -25.63 -0.80
CA LYS F 434 46.58 -26.85 0.00
C LYS F 434 47.77 -27.83 0.04
N GLU F 435 48.59 -27.82 -0.99
CA GLU F 435 49.66 -28.83 -1.04
C GLU F 435 51.08 -28.29 -1.22
N ASP F 436 51.24 -27.25 -2.03
CA ASP F 436 52.60 -26.78 -2.28
C ASP F 436 53.01 -25.62 -1.40
N ALA F 437 54.20 -25.71 -0.82
CA ALA F 437 54.86 -24.59 -0.17
C ALA F 437 55.16 -23.58 -1.25
N LEU F 438 55.29 -22.32 -0.88
CA LEU F 438 55.57 -21.27 -1.87
C LEU F 438 56.78 -20.46 -1.48
N LYS F 439 57.74 -20.45 -2.41
CA LYS F 439 58.97 -19.68 -2.28
C LYS F 439 58.65 -18.32 -2.86
N VAL F 440 58.52 -17.32 -1.99
CA VAL F 440 58.06 -15.99 -2.42
C VAL F 440 59.11 -14.88 -2.30
N PRO F 441 59.44 -14.24 -3.43
CA PRO F 441 60.32 -13.09 -3.28
C PRO F 441 59.56 -11.90 -2.67
N ILE F 442 60.17 -11.32 -1.67
CA ILE F 442 59.60 -10.24 -0.91
C ILE F 442 60.53 -9.06 -0.94
N ARG F 443 60.00 -7.88 -1.19
CA ARG F 443 60.75 -6.66 -1.15
C ARG F 443 60.25 -5.69 -0.10
N VAL F 444 61.18 -5.13 0.65
CA VAL F 444 60.84 -4.17 1.66
C VAL F 444 61.74 -2.99 1.37
N GLU F 445 61.19 -1.95 0.74
CA GLU F 445 61.93 -0.71 0.37
C GLU F 445 62.81 -0.11 1.45
N GLY F 446 64.05 0.19 1.05
CA GLY F 446 65.07 0.83 1.90
C GLY F 446 65.43 0.11 3.18
N LEU F 447 65.19 -1.20 3.28
CA LEU F 447 65.35 -1.89 4.56
C LEU F 447 66.80 -2.08 4.97
N GLY F 448 67.58 -2.64 4.04
CA GLY F 448 68.90 -3.16 4.36
C GLY F 448 68.83 -4.46 5.17
N GLN F 449 70.00 -4.98 5.56
CA GLN F 449 70.07 -6.24 6.28
C GLN F 449 69.50 -6.01 7.68
N LYS F 450 68.59 -6.89 8.10
CA LYS F 450 67.95 -6.83 9.42
C LYS F 450 67.73 -8.23 9.91
N LYS F 451 67.62 -8.32 11.23
CA LYS F 451 67.15 -9.51 11.90
C LYS F 451 65.60 -9.53 11.93
N ALA F 452 65.02 -10.71 11.86
CA ALA F 452 63.58 -10.83 11.97
C ALA F 452 63.23 -12.14 12.64
N THR F 453 62.00 -12.23 13.16
CA THR F 453 61.46 -13.50 13.62
C THR F 453 60.16 -13.81 12.86
N VAL F 454 60.03 -15.03 12.38
CA VAL F 454 58.84 -15.46 11.69
C VAL F 454 58.01 -16.34 12.63
N TYR F 455 56.75 -15.97 12.83
CA TYR F 455 55.83 -16.77 13.60
C TYR F 455 54.85 -17.45 12.63
N THR F 456 54.73 -18.79 12.73
CA THR F 456 54.01 -19.55 11.75
C THR F 456 52.95 -20.40 12.41
N LEU F 457 51.74 -20.30 11.84
CA LEU F 457 50.60 -21.10 12.26
C LEU F 457 50.27 -22.08 11.16
N THR F 458 50.44 -23.33 11.49
CA THR F 458 50.04 -24.42 10.64
C THR F 458 50.03 -25.69 11.51
N GLY F 459 49.99 -26.84 10.85
CA GLY F 459 49.74 -28.13 11.46
C GLY F 459 49.95 -29.15 10.35
N PRO F 460 49.83 -30.45 10.70
CA PRO F 460 50.24 -31.52 9.77
C PRO F 460 49.33 -31.73 8.57
N ASP F 461 48.07 -31.32 8.68
CA ASP F 461 47.14 -31.47 7.56
C ASP F 461 45.98 -30.44 7.69
N VAL F 462 45.21 -30.23 6.61
CA VAL F 462 44.08 -29.24 6.65
C VAL F 462 42.99 -29.54 7.71
N ASN F 463 42.84 -30.81 8.08
CA ASN F 463 41.88 -31.21 9.11
C ASN F 463 42.45 -31.37 10.53
N ALA F 464 43.65 -30.92 10.77
CA ALA F 464 44.20 -31.07 12.12
C ALA F 464 43.41 -30.28 13.19
N ARG F 465 43.37 -30.78 14.43
CA ARG F 465 42.71 -30.09 15.53
C ARG F 465 43.58 -30.24 16.76
N ASN F 466 43.38 -29.36 17.74
CA ASN F 466 43.89 -29.62 19.08
C ASN F 466 42.84 -30.39 19.94
N THR F 467 43.31 -31.15 20.92
CA THR F 467 42.42 -31.88 21.84
C THR F 467 42.99 -31.69 23.22
N MET F 468 42.29 -32.18 24.24
CA MET F 468 42.85 -32.14 25.60
C MET F 468 44.09 -33.04 25.74
N GLU F 469 43.94 -34.27 25.27
CA GLU F 469 45.03 -35.19 24.95
C GLU F 469 46.26 -34.50 24.26
N ASN F 470 46.02 -33.84 23.12
CA ASN F 470 47.09 -33.19 22.31
C ASN F 470 46.85 -31.69 22.05
N PRO F 471 47.19 -30.85 23.02
CA PRO F 471 46.79 -29.46 22.99
C PRO F 471 47.55 -28.55 21.99
N ASN F 472 48.68 -29.03 21.45
CA ASN F 472 49.51 -28.23 20.57
C ASN F 472 49.80 -28.86 19.21
N VAL F 473 48.89 -29.69 18.69
CA VAL F 473 49.00 -30.11 17.28
C VAL F 473 49.03 -28.89 16.35
N VAL F 474 48.13 -27.93 16.56
CA VAL F 474 48.10 -26.73 15.74
C VAL F 474 48.59 -25.62 16.62
N ASP F 475 49.78 -25.10 16.34
CA ASP F 475 50.32 -24.08 17.25
C ASP F 475 51.21 -23.12 16.50
N ILE F 476 51.62 -22.06 17.19
CA ILE F 476 52.50 -21.08 16.64
C ILE F 476 53.94 -21.45 16.97
N THR F 477 54.70 -21.70 15.93
CA THR F 477 56.14 -21.95 16.10
C THR F 477 56.88 -20.72 15.60
N SER F 478 58.15 -20.57 15.99
CA SER F 478 58.95 -19.43 15.55
C SER F 478 60.35 -19.79 15.08
N GLU F 479 60.86 -19.11 14.08
CA GLU F 479 62.29 -19.12 13.83
C GLU F 479 62.85 -17.72 13.60
N THR F 480 64.09 -17.50 14.06
CA THR F 480 64.80 -16.25 13.85
C THR F 480 65.61 -16.37 12.58
N ILE F 481 65.54 -15.35 11.72
CA ILE F 481 66.22 -15.33 10.43
C ILE F 481 66.86 -13.94 10.19
N THR F 482 67.50 -13.81 9.02
CA THR F 482 68.01 -12.57 8.45
C THR F 482 67.17 -12.19 7.21
N VAL F 483 66.88 -10.91 7.03
CA VAL F 483 66.11 -10.42 5.87
C VAL F 483 66.86 -9.25 5.31
N ASP F 484 66.39 -8.73 4.20
CA ASP F 484 67.03 -7.61 3.55
C ASP F 484 65.94 -6.96 2.71
N THR F 485 66.34 -5.90 2.01
CA THR F 485 65.52 -5.19 1.07
C THR F 485 64.86 -6.12 0.05
N GLU F 486 65.60 -7.15 -0.38
CA GLU F 486 64.99 -8.29 -1.06
C GLU F 486 65.37 -9.55 -0.34
N PHE F 487 64.44 -10.47 -0.22
CA PHE F 487 64.69 -11.82 0.25
C PHE F 487 63.58 -12.75 -0.19
N GLU F 488 63.86 -14.04 -0.15
CA GLU F 488 62.84 -15.05 -0.41
C GLU F 488 62.46 -15.76 0.87
N HIS F 489 61.23 -16.18 0.99
CA HIS F 489 60.90 -16.92 2.18
C HIS F 489 59.97 -17.98 1.69
N THR F 490 60.05 -19.16 2.30
CA THR F 490 59.20 -20.29 1.88
C THR F 490 58.04 -20.41 2.87
N PHE F 491 56.80 -20.28 2.39
CA PHE F 491 55.63 -20.35 3.25
C PHE F 491 55.00 -21.70 3.08
N LYS F 492 54.81 -22.39 4.19
CA LYS F 492 54.21 -23.71 4.12
C LYS F 492 52.82 -23.67 3.55
N PRO F 493 52.38 -24.80 2.94
CA PRO F 493 51.01 -24.82 2.44
C PRO F 493 50.08 -24.67 3.64
N PHE F 494 48.82 -24.28 3.39
CA PHE F 494 47.81 -24.00 4.43
C PHE F 494 48.39 -23.39 5.71
N SER F 495 49.01 -22.23 5.58
CA SER F 495 49.62 -21.66 6.76
C SER F 495 49.46 -20.14 6.78
N CYS F 496 49.69 -19.57 7.93
CA CYS F 496 49.75 -18.14 8.03
C CYS F 496 51.00 -17.77 8.82
N SER F 497 51.76 -16.80 8.33
CA SER F 497 52.95 -16.36 9.06
C SER F 497 52.95 -14.88 9.29
N VAL F 498 53.55 -14.43 10.39
CA VAL F 498 53.95 -13.06 10.50
C VAL F 498 55.46 -12.96 10.56
N ILE F 499 56.03 -12.22 9.61
CA ILE F 499 57.45 -11.84 9.61
C ILE F 499 57.57 -10.56 10.40
N GLU F 500 58.12 -10.68 11.58
CA GLU F 500 58.26 -9.55 12.46
C GLU F 500 59.71 -9.02 12.40
N VAL F 501 59.86 -7.79 11.93
CA VAL F 501 61.17 -7.23 11.64
C VAL F 501 61.40 -6.07 12.54
N GLU F 502 62.53 -6.11 13.20
CA GLU F 502 63.03 -5.00 14.01
C GLU F 502 63.56 -3.89 13.14
N LEU F 503 63.02 -2.68 13.21
CA LEU F 503 63.40 -1.67 12.24
C LEU F 503 64.74 -0.91 12.53
C TRS G . -17.35 3.35 -28.31
C1 TRS G . -16.07 3.76 -28.99
C2 TRS G . -17.30 3.68 -26.82
C3 TRS G . -17.64 1.86 -28.51
N TRS G . -18.44 4.11 -28.92
O1 TRS G . -16.29 3.66 -30.39
O2 TRS G . -17.43 5.09 -26.65
O3 TRS G . -18.93 1.61 -27.97
C TRS H . -24.56 15.46 -15.90
C1 TRS H . -25.58 14.35 -15.76
C2 TRS H . -25.43 16.72 -16.08
C3 TRS H . -23.66 15.26 -17.12
N TRS H . -23.75 15.52 -14.66
O1 TRS H . -26.52 14.92 -14.86
O2 TRS H . -25.35 17.20 -17.41
O3 TRS H . -23.71 13.96 -17.64
O1 XYP I . -25.11 10.48 -13.66
C1 XYP I . -24.59 11.05 -12.46
C2 XYP I . -24.45 12.57 -12.67
C3 XYP I . -23.88 13.21 -11.39
C4 XYP I . -24.79 12.89 -10.20
C5 XYP I . -25.08 11.38 -10.05
O2 XYP I . -23.64 12.89 -13.83
O3 XYP I . -23.65 14.63 -11.48
O4 XYP I . -24.05 13.28 -9.06
O5 XYP I . -25.46 10.78 -11.32
O1 XYP J . -32.43 10.03 -30.18
C1 XYP J . -31.41 10.60 -29.37
C2 XYP J . -30.17 10.82 -30.26
C3 XYP J . -28.86 10.91 -29.40
C4 XYP J . -29.02 11.92 -28.12
C5 XYP J . -30.43 12.53 -28.20
O2 XYP J . -30.13 9.73 -31.16
O3 XYP J . -27.70 11.11 -30.28
O4 XYP J . -28.66 11.44 -26.66
O5 XYP J . -31.73 11.84 -28.62
O1 XYP K . -26.42 19.00 5.61
C1 XYP K . -25.13 19.60 5.91
C2 XYP K . -24.26 19.75 4.61
C3 XYP K . -22.94 20.49 4.92
C4 XYP K . -23.35 21.87 5.60
C5 XYP K . -24.05 21.66 6.98
O2 XYP K . -24.05 18.49 3.90
O3 XYP K . -22.18 20.52 3.71
O4 XYP K . -22.34 22.89 5.75
O5 XYP K . -25.24 20.86 6.76
C TRS L . 1.97 -8.08 -32.53
C1 TRS L . 0.88 -7.08 -32.81
C2 TRS L . 1.86 -8.52 -31.07
C3 TRS L . 3.38 -7.55 -32.72
N TRS L . 1.74 -9.16 -33.49
O1 TRS L . 0.87 -6.82 -34.19
O2 TRS L . 0.80 -9.43 -30.89
O3 TRS L . 4.29 -8.63 -32.48
C TRS M . -4.02 -23.43 -23.61
C1 TRS M . -3.33 -24.79 -23.70
C2 TRS M . -5.41 -23.55 -24.20
C3 TRS M . -3.09 -22.50 -24.42
N TRS M . -4.21 -22.97 -22.20
O1 TRS M . -2.10 -24.59 -23.03
O2 TRS M . -5.39 -24.64 -25.09
O3 TRS M . -3.79 -21.35 -24.79
O1 XYP N . 0.78 -22.28 -21.16
C1 XYP N . 0.15 -22.40 -19.88
C2 XYP N . -1.31 -22.82 -20.11
C3 XYP N . -2.03 -23.00 -18.77
C4 XYP N . -1.26 -23.93 -17.83
C5 XYP N . 0.19 -23.47 -17.70
O2 XYP N . -1.96 -21.82 -20.89
O3 XYP N . -3.37 -23.47 -18.97
O4 XYP N . -1.87 -23.92 -16.54
O5 XYP N . 0.83 -23.34 -19.02
O1 XYP O . 2.38 -20.12 -39.79
C1 XYP O . 1.93 -21.12 -38.89
C2 XYP O . 0.45 -21.17 -38.37
C3 XYP O . 0.59 -22.33 -37.34
C4 XYP O . 0.93 -23.65 -38.16
C5 XYP O . 2.34 -23.51 -38.79
O2 XYP O . -0.24 -19.88 -37.96
O3 XYP O . -0.52 -22.41 -36.46
O4 XYP O . 0.97 -24.88 -37.41
O5 XYP O . 2.30 -22.35 -39.60
O1 XYP P . -9.05 -31.72 -2.16
C1 XYP P . -7.73 -31.12 -2.40
C2 XYP P . -6.62 -32.22 -2.60
C3 XYP P . -5.26 -31.64 -3.11
C4 XYP P . -5.49 -30.58 -4.24
C5 XYP P . -6.55 -29.50 -3.89
O2 XYP P . -6.44 -32.94 -1.40
O3 XYP P . -4.30 -32.65 -3.54
O4 XYP P . -4.24 -29.99 -4.60
O5 XYP P . -7.84 -30.11 -3.52
C TRS Q . 2.24 14.56 -30.06
C1 TRS Q . 1.90 13.18 -30.63
C2 TRS Q . 2.99 14.52 -28.72
C3 TRS Q . 1.06 15.49 -29.73
N TRS Q . 3.03 15.16 -31.14
O1 TRS Q . 1.35 13.27 -31.92
O2 TRS Q . 4.06 13.61 -28.76
O3 TRS Q . 1.59 16.80 -29.34
C TRS R . 19.33 14.35 -22.16
C1 TRS R . 18.98 15.78 -21.82
C2 TRS R . 20.77 14.41 -22.75
C3 TRS R . 18.33 13.72 -23.16
N TRS R . 19.27 13.60 -20.89
O1 TRS R . 19.42 16.56 -22.89
O2 TRS R . 20.82 14.52 -24.17
O3 TRS R . 17.47 14.67 -23.78
O1 XYP S . 16.44 17.45 -19.01
C1 XYP S . 16.86 16.56 -17.94
C2 XYP S . 17.93 15.62 -18.55
C3 XYP S . 18.54 14.71 -17.48
C4 XYP S . 19.09 15.49 -16.27
C5 XYP S . 18.03 16.46 -15.73
O2 XYP S . 17.37 14.81 -19.60
O3 XYP S . 19.54 13.83 -18.02
O4 XYP S . 19.44 14.47 -15.29
O5 XYP S . 17.44 17.26 -16.79
O1 XYP T . 46.27 -2.67 -16.25
C1 XYP T . 46.27 -2.36 -14.89
C2 XYP T . 44.98 -1.57 -14.51
C3 XYP T . 45.28 -1.02 -13.09
C4 XYP T . 45.38 -2.20 -12.06
C5 XYP T . 45.78 -3.56 -12.71
O2 XYP T . 44.65 -0.53 -15.48
O3 XYP T . 44.37 0.02 -12.71
O4 XYP T . 46.38 -1.89 -11.08
O5 XYP T . 46.58 -3.52 -13.97
C TRS U . 12.19 7.35 30.44
C1 TRS U . 13.50 6.60 30.11
C2 TRS U . 11.15 6.40 31.02
C3 TRS U . 11.68 7.92 29.12
N TRS U . 12.46 8.41 31.45
O1 TRS U . 14.40 7.58 29.62
O2 TRS U . 11.51 6.15 32.38
O3 TRS U . 10.49 8.67 29.25
C TRS V . 5.21 23.27 23.29
C1 TRS V . 5.87 24.59 22.96
C2 TRS V . 4.33 23.51 24.53
C3 TRS V . 6.25 22.25 23.71
N TRS V . 4.47 22.83 22.10
O1 TRS V . 7.06 24.28 22.31
O2 TRS V . 4.21 24.89 24.82
O3 TRS V . 5.58 21.18 24.31
O1 XYP W . 9.15 21.46 19.86
C1 XYP W . 8.12 21.71 18.83
C2 XYP W . 6.82 22.40 19.36
C3 XYP W . 5.77 22.56 18.24
C4 XYP W . 6.37 23.39 17.07
C5 XYP W . 7.69 22.79 16.56
O2 XYP W . 6.30 21.69 20.47
O3 XYP W . 4.59 23.22 18.71
O4 XYP W . 5.46 23.51 15.99
O5 XYP W . 8.62 22.54 17.71
O1 XYP X . 16.86 22.91 36.11
C1 XYP X . 15.72 21.99 36.24
C2 XYP X . 14.57 22.32 35.25
C3 XYP X . 13.32 21.41 35.49
C4 XYP X . 13.70 19.92 35.69
C5 XYP X . 14.96 19.73 36.59
O2 XYP X . 14.26 23.76 35.23
O3 XYP X . 12.44 21.53 34.37
O4 XYP X . 12.60 19.07 36.16
O5 XYP X . 16.07 20.52 36.07
O1 XYP Y . 0.27 32.89 4.46
C1 XYP Y . -0.81 32.06 4.09
C2 XYP Y . -1.23 31.03 5.19
C3 XYP Y . -2.59 30.37 4.81
C4 XYP Y . -3.68 31.48 4.70
C5 XYP Y . -3.30 32.54 3.64
O2 XYP Y . -0.22 30.03 5.36
O3 XYP Y . -2.94 29.31 5.70
O4 XYP Y . -4.94 30.94 4.32
O5 XYP Y . -1.88 32.98 3.59
O1 XYP Z . 13.49 30.40 46.67
C1 XYP Z . 14.44 29.30 47.05
C2 XYP Z . 14.26 27.89 46.38
C3 XYP Z . 15.29 26.85 46.93
C4 XYP Z . 16.72 27.41 46.93
C5 XYP Z . 16.79 28.87 47.35
O2 XYP Z . 12.99 27.39 46.71
O3 XYP Z . 15.21 25.51 46.28
O4 XYP Z . 17.53 26.68 47.85
O5 XYP Z . 15.80 29.76 46.83
C TRS AA . -8.33 -2.29 32.60
C1 TRS AA . -8.73 -2.56 31.12
C2 TRS AA . -8.42 -0.77 32.77
C3 TRS AA . -6.95 -2.85 32.94
N TRS AA . -9.27 -2.94 33.54
O1 TRS AA . -8.94 -3.91 30.89
O2 TRS AA . -9.78 -0.33 32.58
O3 TRS AA . -6.64 -2.67 34.32
C TRS BA . -19.92 -13.37 23.26
C1 TRS BA . -19.71 -14.65 24.10
C2 TRS BA . -19.24 -12.18 23.95
C3 TRS BA . -21.42 -13.11 23.30
N TRS BA . -19.43 -13.52 21.86
O1 TRS BA . -20.81 -15.53 23.91
O2 TRS BA . -18.02 -12.61 24.50
O3 TRS BA . -21.69 -12.04 22.41
O1 XYP CA . -20.68 -8.49 21.08
C1 XYP CA . -20.52 -9.09 19.77
C2 XYP CA . -20.35 -10.64 19.77
C3 XYP CA . -20.22 -11.14 18.33
C4 XYP CA . -21.41 -10.64 17.48
C5 XYP CA . -21.63 -9.14 17.53
O2 XYP CA . -19.20 -11.09 20.49
O3 XYP CA . -20.13 -12.60 18.30
O4 XYP CA . -21.16 -11.00 16.15
O5 XYP CA . -21.71 -8.75 18.92
O1 XYP DA . -19.52 -6.94 39.32
C1 XYP DA . -20.55 -7.63 38.63
C2 XYP DA . -20.11 -9.01 38.16
C3 XYP DA . -21.12 -9.29 37.04
C4 XYP DA . -22.58 -9.47 37.70
C5 XYP DA . -22.96 -8.27 38.63
O2 XYP DA . -18.69 -9.11 37.77
O3 XYP DA . -20.64 -10.34 36.19
O4 XYP DA . -23.69 -9.62 36.78
O5 XYP DA . -21.82 -7.74 39.40
C TRS EA . 9.83 -15.20 28.46
C1 TRS EA . 8.65 -16.15 28.60
C2 TRS EA . 9.54 -13.85 29.12
C3 TRS EA . 10.22 -15.01 26.98
N TRS EA . 10.94 -15.85 29.18
O1 TRS EA . 8.98 -17.31 27.84
O2 TRS EA . 9.64 -13.97 30.53
O3 TRS EA . 11.52 -14.43 26.84
C TRS FA . 23.65 -16.65 16.18
C1 TRS FA . 25.11 -17.13 16.38
C2 TRS FA . 23.08 -15.81 17.33
C3 TRS FA . 22.90 -17.97 16.03
N TRS FA . 23.48 -15.86 14.94
O1 TRS FA . 25.93 -16.50 17.33
O2 TRS FA . 22.18 -16.55 18.12
O3 TRS FA . 23.66 -18.76 15.13
O1 XYP GA . 19.67 -19.17 13.58
C1 XYP GA . 19.98 -18.39 12.40
C2 XYP GA . 21.25 -17.59 12.72
C3 XYP GA . 21.56 -16.60 11.62
C4 XYP GA . 21.72 -17.37 10.32
C5 XYP GA . 20.45 -18.21 9.98
O2 XYP GA . 21.08 -16.88 13.95
O3 XYP GA . 22.75 -15.83 11.88
O4 XYP GA . 22.05 -16.41 9.30
O5 XYP GA . 20.17 -19.13 11.11
#